data_6Z11
#
_entry.id   6Z11
#
_cell.length_a   1.00
_cell.length_b   1.00
_cell.length_c   1.00
_cell.angle_alpha   90.00
_cell.angle_beta   90.00
_cell.angle_gamma   90.00
#
_symmetry.space_group_name_H-M   'P 1'
#
loop_
_entity.id
_entity.type
_entity.pdbx_description
1 polymer 'DNA-directed RNA polymerase subunit alpha'
2 polymer 'DNA-directed RNA polymerase subunit beta'
3 polymer "DNA-directed RNA polymerase subunit beta'"
4 polymer 'DNA-directed RNA polymerase subunit omega'
5 polymer 'RNA polymerase-associated transcription factor HelD'
6 non-polymer 'ZINC ION'
7 non-polymer 'MAGNESIUM ION'
#
loop_
_entity_poly.entity_id
_entity_poly.type
_entity_poly.pdbx_seq_one_letter_code
_entity_poly.pdbx_strand_id
1 'polypeptide(L)'
;MLISQRPTLSEETVAENRSRFVIEPLEPGFGYTLGNSLRRTLLSSIPGAAVTSIRIDGVLHEFTTVPGVKEDVTDIILNL
KGLVVSSDDDEPVTMYLRKQGPGVVTAGDIVPPAGVTVHNPDMHIATLNDKGKLEVELVVERGRGYVPAVQNKASGAEIG
RIPVDSIYSPVLKVTYKVEATRVEQRTDFDKLIIDVETKNSISPRDALASAGGTLVELFGLARELNADSEHIEIGPSPAE
ADHIASFALPIDDLDLTVRSYNCLKREGVHTVGELVARTESDLLDIRNFGQKSIDEVKIKLHQLGLSLKDSPATFDPSEV
AGYDAATGTWTSDAGYDLDDNQDYAETEQL
;
A,B
2 'polypeptide(L)'
;MLEGCILAVSSQSKSNAITNNSVPGAPNRVSFAKLREPLEVPGLLDVQTDSFEWLVGSDRWRQAAIDRGEENPVGGLEEV
LAELSPIEDFSGSMSLSFSDPRFDEVKASVDECKDKDMTYAAPLFVTAEFINNNTGEIKSQTVFMGDFPMMTEKGTFIIN
GTERVVVSQLVRSPGVYFDETIDKSTEKTLHSVKVIPGRGAWLEFDVDKRDTVGVRIDRKRRQPVTVLLKALGWTNEQIV
ERFGFSEIMMGTLEKDTTSGTDEALLDIYRKLRPGEPPTKESAQTLLENLFFKEKRYDLARVGRYKVNKKLGLNAGKPIT
SSTLTEEDVVATIEYLVRLHEGQTSMTVPGGVEVPVEVDDIDHFGNRRLRTVGELIQNQIRVGLSRMERVVRERMTTQDV
EAITPQTLINIRPVVAAIKEFFGTSQLSQFMDQNNPLSGLTHKRRLSALGPGGLSRERAGLEVRDVHPSHYGRMCPIETP
EGPNIGLIGSLSVYARVNPFGFIETPYRKVENGVVTDQIDYLTADEEDRHVVAQANSPTDENGRFTEDRVMVRKKGGEVE
FVSADQVDYMDVSPRQMVSVATAMIPFLEHDDANRALMGANMQRQAVPLVRSEAPLVGTGMELRAAIDAGDVVVADKTGV
IEEVSADYITVMADDGTRQSYRLRKFARSNHGTCANQRPIVDAGQRVEAGQVIADGPCTQNGEMALGKNLLVAIMPWEGH
NYEDAIILSNRLVEEDVLTSIHIEEHEIDARDTKLGAEEITRDIPNVSDEVLADLDERGIVRIGAEVRDGDILVGKVTPK
GETELTPEERLLRAIFGEKAREVRDTSLKVPHGESGKVIGIRVFSREDDDELPAGVNELVRVYVAQKRKISDGDKLAGRH
GNKGVIGKILPVEDMPFLPDGTPVDIILNTHGVPRRMNIGQILETHLGWVAKAGWNIDVAAGVPDWASKLPEELYSAPAD
STVATPVFDGAQEGELAGLLGSTLPNRDGEVMVDADGKSTLFDGRSGEPFPYPVTVGYMYILKLHHLVDDKIHARSTGPY
SMITQQPLGGKAQFGGQRFGEMECWAMQAYGAAYTLQELLTIKSDDTVGRVKVYEAIVKGENIPEPGIPESFKVLLKELQ
SLCLNVEVLSSDGAAIEMRDGDDEDLERAAANLGINLSRNESASVEDLA
;
C
3 'polypeptide(L)'
;MLDVNFFDELRIGLATADDIRNWSYGEVKKPETINYRTLKPEKDGLFCEKIFGPTRDWECYCGKYKRVRFKGIICERCGV
EVTRAKVRRERMGHIELAAPVTHIWYFKGVPSRLGYLLDLAPKDLEKIIYFAAYVITSVDDEMRHNELSTLEAEMAVEKK
AVEDQRDADLEARAQKLEADLAELEAEGAKSDVRRKVRDSGEREMRQLRDRAQRELDRLDEIWNTFTKLAPKQLIVDEVL
YRELQDRYGEYFTGAMGAESIKKLIENFDIDAEAESLREVIRSGKGQKKLRALKRLKVVAAFQQSGNSPMGMVLDAVPVI
PPELRPMVQLDGGRFATSDLNDLYRRVINRNNRLKRLIDLGAPEIIVNNEKRMLQESVDALFDNGRRGRPVTGPGNRPLK
SLSDLLKGKQGRFRQNLLGKRVDYSGRSVIVVGPQLKLHQCGLPKLMALELFKPFVMKRLVDLNHAQNIKSAKRMVERQR
PQVWDVLEEVIAEHPVLLNRAPTLHRLGIQAFEPQLVEGKAIQLHPLVCEAFNADFDGDQMAVHLPLSAEAQAEARILML
SSNNILSPASGKPLAMPRLDMVTGLYYLTTLVEGATGEYQAATKDAPEQGVYSSPAEAIMAMDRGALSVRAKIKVRLTEL
RPPTDLEAQLFENGWKPGDAWTAETTLGRVMFNELLPKSYPFVNEQMHKKVQARIINDLAERFPMIVVAQTVDKLKDAGF
YWATRSGVTVSMADVLVPPQKQEILERHEAEADAIERKYQRGALNHTERNESLVKIWQDATEEVGKALEEFYPADNPIIT
IVKSGATGNLTQTRTLAGMKGLVTNPKGEFIPRPIKSSFREGLTVLEYFINTHGARKGLADTALRTADSGYLTRRLVDVS
QDVIVREHDCETERGINVTLAERGPDGTLIRDAHVETSAFARTLATDAVDANGNVIIERGHDLGDPAIDALLAAGITTVK
VRSVLTCTSATGVCAMCYGRSMATGKLVDIGEAVGIVAAQSIGEPGTQLTMRTFHQGGVTGGADIVGGLPRVQELFEARV
PRNKAPIADVAGRVRLEESDKFFKITIVPDDGGEEVVYDKLSKRQRLRVITHEDGTEGVLSDGDHVEVGDQLMEGAADPH
EVLRVQGPREVQIHLVKEVQEVYRAQGVSIHDKHIEVIVRQMLRRVTIIDSGSTEFLPGSLTERAEFEAENRRVVAEGGE
PAAGRPVLMGITKASLATDSWLSAASFQETTRVLTDAAINCRSDKLNGLKENVIIGKLIPAGTGISRYRNIQVQPTEEAR
AAAYTIPSYEDQYYSPDFGQATGAAVPLDDYGYSDYR
;
D
4 'polypeptide(L)'
;MSTPHADAQLNAADDLGIDSSAASAYDTPLGITNPPIDELLSRASSKYALVIYAAKRARQINDYYNQLGDGILEYVGPLV
EPGLQEKPLSIALREIHGDLLEHTEGE
;
E
5 'polypeptide(L)'
;MSGRDYEDELQSERDYVAGLYARLDAERAQSQRRYAAALREHGGTAVERDAEVRALAKDIARLNVADNGLCFGRLDTLDD
ARLYIGRLGIFDRDNDFEPLLLDWRAPMARPFYVATAANPENMRRRRQFHTLGRKVVDFTDEILGRPTGAEHDATNDAAL
LAAVNAPRGEGMRDIVATIQAEQDQVIRLDHTGVLVIEGGPGTGKTVVALHRVAYLLYTYRKQMERHGVLVVGPTPAFLD
HIGRVLPSLGESDAVFMTPGDFVPGLHVTAEDTPEAAEVKGSLKILDVLKAAVADRQELPSEPIPIDLSDVTMRIDAETA
KWARDEARKTGLPHNEARAEFVDVVTYVVTERAVARIGRGWLTRDDKHAWEKMRADVVGELEDHEQFNAALDALWPILTP
EDVLAQLYTSHERLRAAGAPECLWRADGEAWTVSDVPLLDELVDLLGRNKAADEAAERERREEEAYAAGVLDLMVDREDL
MDDEDHLLAQDLIDAEELADRFKEQDNRELSERAAADREWTYGHVVVDEAQELSEMDWRLLMRRCPRRSFTIVGDLAQRR
SPAGARSWGAMLDSYVPGRWVYKSLSVNYRTPAEIMAVAAAVLAEFAPDATPPDSVRACGVAPWARQVTDDDIASAIAEF
VSEEAGREGTSVVIGPPDVPGTVPPSETKGLEFDAVLVVEPERILADGPRGAAELYVALTRATQRLGVLYRDALPQALAG
LAEGDAAATVEQRTSA
;
H
#
loop_
_chem_comp.id
_chem_comp.type
_chem_comp.name
_chem_comp.formula
MG non-polymer 'MAGNESIUM ION' 'Mg 2'
ZN non-polymer 'ZINC ION' 'Zn 2'
#
# COMPACT_ATOMS: atom_id res chain seq x y z
N MET A 1 56.49 25.43 -25.48
CA MET A 1 56.61 26.45 -26.56
C MET A 1 55.81 27.68 -26.16
N LEU A 2 56.46 28.58 -25.42
CA LEU A 2 55.76 29.70 -24.83
C LEU A 2 55.17 30.60 -25.92
N ILE A 3 54.08 31.28 -25.56
CA ILE A 3 53.29 32.04 -26.50
C ILE A 3 53.33 33.52 -26.12
N SER A 4 53.44 34.37 -27.15
CA SER A 4 53.37 35.81 -26.97
C SER A 4 52.13 36.40 -27.61
N GLN A 5 51.32 35.59 -28.27
CA GLN A 5 50.07 36.04 -28.89
C GLN A 5 48.95 35.98 -27.87
N ARG A 6 48.04 36.93 -27.95
CA ARG A 6 46.92 37.07 -27.03
C ARG A 6 45.60 36.89 -27.76
N PRO A 7 44.51 36.68 -27.02
CA PRO A 7 43.20 36.56 -27.65
C PRO A 7 42.60 37.92 -27.97
N THR A 8 41.55 37.88 -28.79
CA THR A 8 40.85 39.08 -29.20
C THR A 8 39.45 38.69 -29.66
N LEU A 9 38.63 39.69 -29.93
CA LEU A 9 37.21 39.48 -30.18
C LEU A 9 36.83 39.87 -31.60
N SER A 10 35.53 39.70 -31.88
CA SER A 10 34.91 40.07 -33.13
C SER A 10 33.41 39.89 -32.94
N GLU A 11 32.63 40.32 -33.92
CA GLU A 11 31.17 40.33 -33.79
C GLU A 11 30.49 39.43 -34.80
N GLU A 12 30.84 39.52 -36.08
CA GLU A 12 30.22 38.69 -37.11
C GLU A 12 28.71 38.81 -37.07
N THR A 13 28.23 40.06 -37.08
CA THR A 13 26.81 40.34 -36.93
C THR A 13 25.97 39.50 -37.87
N VAL A 14 24.85 39.02 -37.36
CA VAL A 14 23.89 38.21 -38.12
C VAL A 14 22.63 39.00 -38.43
N ALA A 15 21.92 39.46 -37.40
CA ALA A 15 20.67 40.17 -37.56
C ALA A 15 20.65 41.32 -36.55
N GLU A 16 19.48 41.94 -36.41
CA GLU A 16 19.37 43.11 -35.54
C GLU A 16 19.44 42.72 -34.06
N ASN A 17 18.95 41.54 -33.71
CA ASN A 17 18.85 41.14 -32.32
C ASN A 17 19.95 40.19 -31.87
N ARG A 18 20.54 39.43 -32.78
CA ARG A 18 21.52 38.42 -32.42
C ARG A 18 22.87 38.75 -33.04
N SER A 19 23.86 37.97 -32.62
CA SER A 19 25.25 38.19 -33.00
C SER A 19 26.03 36.92 -32.70
N ARG A 20 27.29 36.91 -33.16
CA ARG A 20 28.13 35.73 -33.06
C ARG A 20 29.57 36.20 -32.84
N PHE A 21 29.95 36.30 -31.57
CA PHE A 21 31.29 36.76 -31.24
C PHE A 21 32.28 35.62 -31.37
N VAL A 22 33.55 35.97 -31.53
CA VAL A 22 34.63 35.02 -31.69
C VAL A 22 35.77 35.43 -30.77
N ILE A 23 36.33 34.45 -30.06
CA ILE A 23 37.47 34.67 -29.18
C ILE A 23 38.54 33.66 -29.54
N GLU A 24 39.74 34.15 -29.88
CA GLU A 24 40.78 33.29 -30.40
C GLU A 24 42.11 34.00 -30.24
N PRO A 25 43.20 33.29 -29.89
CA PRO A 25 43.27 31.85 -29.59
C PRO A 25 43.16 31.56 -28.09
N LEU A 26 42.96 30.28 -27.76
CA LEU A 26 42.83 29.85 -26.39
C LEU A 26 43.49 28.49 -26.22
N GLU A 27 43.93 28.21 -24.99
CA GLU A 27 44.49 26.91 -24.69
C GLU A 27 43.36 25.88 -24.57
N PRO A 28 43.63 24.63 -24.95
CA PRO A 28 42.56 23.62 -24.95
C PRO A 28 41.94 23.47 -23.57
N GLY A 29 40.65 23.12 -23.55
CA GLY A 29 39.89 23.03 -22.34
C GLY A 29 39.47 24.36 -21.75
N PHE A 30 40.17 25.43 -22.08
CA PHE A 30 39.88 26.76 -21.57
C PHE A 30 38.95 27.54 -22.49
N GLY A 31 38.27 26.86 -23.42
CA GLY A 31 37.33 27.50 -24.31
C GLY A 31 35.89 27.24 -23.93
N TYR A 32 35.57 26.00 -23.60
CA TYR A 32 34.20 25.65 -23.23
C TYR A 32 33.76 26.42 -22.00
N THR A 33 34.63 26.50 -20.99
CA THR A 33 34.21 27.05 -19.71
C THR A 33 33.98 28.55 -19.78
N LEU A 34 34.73 29.27 -20.62
CA LEU A 34 34.44 30.68 -20.81
C LEU A 34 33.04 30.86 -21.40
N GLY A 35 32.72 30.07 -22.42
CA GLY A 35 31.38 30.11 -22.98
C GLY A 35 30.33 29.82 -21.95
N ASN A 36 30.60 28.86 -21.06
CA ASN A 36 29.60 28.51 -20.06
C ASN A 36 29.43 29.62 -19.04
N SER A 37 30.53 30.22 -18.59
CA SER A 37 30.44 31.33 -17.65
C SER A 37 29.65 32.49 -18.25
N LEU A 38 29.98 32.85 -19.49
CA LEU A 38 29.29 33.97 -20.12
C LEU A 38 27.82 33.65 -20.37
N ARG A 39 27.52 32.44 -20.84
CA ARG A 39 26.14 32.03 -21.04
C ARG A 39 25.35 32.13 -19.73
N ARG A 40 25.90 31.54 -18.67
CA ARG A 40 25.23 31.54 -17.38
C ARG A 40 25.01 32.95 -16.87
N THR A 41 26.02 33.81 -16.98
CA THR A 41 25.90 35.17 -16.47
C THR A 41 25.02 36.04 -17.35
N LEU A 42 24.80 35.65 -18.61
CA LEU A 42 23.94 36.39 -19.50
C LEU A 42 22.49 35.97 -19.36
N LEU A 43 22.24 34.71 -19.04
CA LEU A 43 20.88 34.25 -18.81
C LEU A 43 20.40 34.58 -17.41
N SER A 44 21.32 34.72 -16.45
CA SER A 44 20.93 34.84 -15.05
C SER A 44 21.02 36.26 -14.51
N SER A 45 22.03 37.04 -14.90
CA SER A 45 22.39 38.26 -14.19
C SER A 45 22.59 39.42 -15.16
N ILE A 46 21.64 39.64 -16.05
CA ILE A 46 21.66 40.80 -16.95
C ILE A 46 20.48 41.69 -16.57
N PRO A 47 20.70 42.98 -16.31
CA PRO A 47 19.60 43.84 -15.90
C PRO A 47 18.54 44.03 -16.97
N GLY A 48 17.49 44.75 -16.62
CA GLY A 48 16.41 45.00 -17.56
C GLY A 48 15.28 45.73 -16.86
N ALA A 49 14.14 45.79 -17.55
CA ALA A 49 12.94 46.40 -17.03
C ALA A 49 11.72 45.64 -17.52
N ALA A 50 10.67 45.65 -16.72
CA ALA A 50 9.43 44.97 -17.08
C ALA A 50 8.30 45.56 -16.25
N VAL A 51 7.13 44.94 -16.37
CA VAL A 51 5.91 45.41 -15.72
C VAL A 51 5.84 44.76 -14.34
N THR A 52 5.97 45.59 -13.30
CA THR A 52 5.84 45.10 -11.93
C THR A 52 4.38 44.94 -11.51
N SER A 53 3.45 45.65 -12.15
CA SER A 53 2.06 45.64 -11.72
C SER A 53 1.23 46.46 -12.71
N ILE A 54 -0.09 46.34 -12.57
CA ILE A 54 -1.04 47.10 -13.36
C ILE A 54 -2.21 47.48 -12.46
N ARG A 55 -3.10 48.30 -13.01
CA ARG A 55 -4.27 48.75 -12.24
C ARG A 55 -5.35 49.13 -13.25
N ILE A 56 -6.32 48.25 -13.45
CA ILE A 56 -7.43 48.53 -14.33
C ILE A 56 -8.56 49.16 -13.54
N ASP A 57 -9.43 49.88 -14.23
CA ASP A 57 -10.46 50.67 -13.57
C ASP A 57 -11.63 49.81 -13.12
N GLY A 58 -12.28 49.14 -14.05
CA GLY A 58 -13.53 48.46 -13.76
C GLY A 58 -13.39 47.21 -12.90
N VAL A 59 -12.20 46.61 -12.86
CA VAL A 59 -12.02 45.33 -12.21
C VAL A 59 -11.19 45.52 -10.94
N LEU A 60 -11.22 44.49 -10.09
CA LEU A 60 -10.53 44.50 -8.81
C LEU A 60 -9.51 43.38 -8.65
N HIS A 61 -9.67 42.27 -9.37
CA HIS A 61 -8.72 41.18 -9.32
C HIS A 61 -8.57 40.60 -10.73
N GLU A 62 -7.72 39.58 -10.85
CA GLU A 62 -7.39 38.98 -12.12
C GLU A 62 -8.24 37.75 -12.42
N PHE A 63 -9.34 37.57 -11.70
CA PHE A 63 -10.20 36.40 -11.85
C PHE A 63 -11.59 36.79 -12.33
N THR A 64 -11.67 37.83 -13.15
CA THR A 64 -12.93 38.31 -13.66
C THR A 64 -12.74 38.70 -15.13
N THR A 65 -13.72 39.41 -15.67
CA THR A 65 -13.67 39.83 -17.06
C THR A 65 -13.92 41.33 -17.18
N VAL A 66 -14.10 41.80 -18.41
CA VAL A 66 -14.43 43.19 -18.66
C VAL A 66 -15.64 43.20 -19.59
N PRO A 67 -16.60 44.11 -19.41
CA PRO A 67 -17.73 44.16 -20.33
C PRO A 67 -17.27 44.53 -21.73
N GLY A 68 -17.71 43.75 -22.71
CA GLY A 68 -17.35 43.96 -24.10
C GLY A 68 -16.04 43.31 -24.50
N VAL A 69 -15.02 43.44 -23.65
CA VAL A 69 -13.72 42.89 -24.00
C VAL A 69 -13.82 41.40 -24.29
N LYS A 70 -12.88 40.91 -25.08
CA LYS A 70 -12.83 39.52 -25.51
C LYS A 70 -12.11 38.64 -24.49
N GLU A 71 -10.85 38.97 -24.21
CA GLU A 71 -10.01 38.17 -23.34
C GLU A 71 -10.22 38.56 -21.88
N ASP A 72 -10.26 37.55 -21.00
CA ASP A 72 -10.32 37.81 -19.58
C ASP A 72 -8.99 38.40 -19.10
N VAL A 73 -8.92 38.67 -17.79
CA VAL A 73 -7.76 39.39 -17.27
C VAL A 73 -6.53 38.50 -17.18
N THR A 74 -6.71 37.20 -16.98
CA THR A 74 -5.56 36.30 -16.96
C THR A 74 -4.85 36.31 -18.32
N ASP A 75 -5.62 36.20 -19.40
CA ASP A 75 -5.02 36.23 -20.74
C ASP A 75 -4.31 37.56 -20.98
N ILE A 76 -4.86 38.66 -20.47
CA ILE A 76 -4.23 39.95 -20.67
C ILE A 76 -2.92 40.02 -19.89
N ILE A 77 -2.91 39.53 -18.65
CA ILE A 77 -1.70 39.55 -17.86
C ILE A 77 -0.67 38.56 -18.39
N LEU A 78 -1.11 37.59 -19.20
CA LEU A 78 -0.17 36.67 -19.83
C LEU A 78 0.38 37.21 -21.13
N ASN A 79 -0.40 38.02 -21.85
CA ASN A 79 0.09 38.67 -23.05
C ASN A 79 0.86 39.94 -22.77
N LEU A 80 0.74 40.49 -21.55
CA LEU A 80 1.54 41.63 -21.16
C LEU A 80 2.94 41.23 -20.70
N LYS A 81 3.09 40.08 -20.05
CA LYS A 81 4.41 39.60 -19.71
C LYS A 81 5.27 39.40 -20.94
N GLY A 82 4.66 39.19 -22.10
CA GLY A 82 5.38 39.22 -23.35
C GLY A 82 5.82 40.59 -23.80
N LEU A 83 5.42 41.64 -23.08
CA LEU A 83 5.82 43.00 -23.43
C LEU A 83 7.31 43.19 -23.16
N VAL A 84 7.92 44.04 -23.98
CA VAL A 84 9.35 44.33 -23.89
C VAL A 84 9.50 45.83 -23.69
N VAL A 85 10.33 46.21 -22.71
CA VAL A 85 10.47 47.61 -22.32
C VAL A 85 11.94 47.92 -22.14
N SER A 86 12.26 49.21 -22.22
CA SER A 86 13.62 49.69 -22.01
C SER A 86 13.52 51.03 -21.28
N SER A 87 13.86 51.01 -19.99
CA SER A 87 13.77 52.19 -19.15
C SER A 87 15.17 52.74 -18.86
N ASP A 88 15.18 53.96 -18.31
CA ASP A 88 16.43 54.67 -18.05
C ASP A 88 16.58 55.18 -16.62
N ASP A 89 15.53 55.12 -15.81
CA ASP A 89 15.57 55.68 -14.46
C ASP A 89 15.43 54.55 -13.44
N ASP A 90 16.29 54.59 -12.42
CA ASP A 90 16.22 53.65 -11.31
C ASP A 90 15.09 54.06 -10.37
N GLU A 91 13.88 54.09 -10.92
CA GLU A 91 12.71 54.57 -10.19
C GLU A 91 11.48 53.99 -10.85
N PRO A 92 10.47 53.58 -10.08
CA PRO A 92 9.25 53.06 -10.70
C PRO A 92 8.51 54.16 -11.45
N VAL A 93 8.23 53.91 -12.73
CA VAL A 93 7.46 54.83 -13.54
C VAL A 93 6.12 54.18 -13.88
N THR A 94 5.24 54.98 -14.47
CA THR A 94 3.89 54.53 -14.79
C THR A 94 3.57 54.85 -16.24
N MET A 95 2.86 53.94 -16.89
CA MET A 95 2.41 54.08 -18.26
C MET A 95 0.90 53.93 -18.31
N TYR A 96 0.30 54.39 -19.39
CA TYR A 96 -1.14 54.44 -19.50
C TYR A 96 -1.58 53.89 -20.85
N LEU A 97 -2.70 53.17 -20.86
CA LEU A 97 -3.28 52.62 -22.07
C LEU A 97 -4.77 52.89 -22.06
N ARG A 98 -5.32 53.29 -23.20
CA ARG A 98 -6.73 53.63 -23.28
C ARG A 98 -7.24 53.33 -24.68
N LYS A 99 -8.46 52.80 -24.76
CA LYS A 99 -9.08 52.58 -26.06
C LYS A 99 -10.57 52.32 -25.90
N GLN A 100 -11.32 52.76 -26.90
CA GLN A 100 -12.76 52.60 -26.99
C GLN A 100 -13.13 52.17 -28.40
N GLY A 101 -13.93 51.12 -28.50
CA GLY A 101 -14.56 50.76 -29.76
C GLY A 101 -14.07 49.45 -30.34
N PRO A 102 -14.67 49.05 -31.45
CA PRO A 102 -14.33 47.78 -32.09
C PRO A 102 -12.95 47.84 -32.75
N GLY A 103 -12.03 47.07 -32.21
CA GLY A 103 -10.68 47.08 -32.74
C GLY A 103 -9.81 46.06 -32.04
N VAL A 104 -8.50 46.27 -32.13
CA VAL A 104 -7.51 45.39 -31.55
C VAL A 104 -6.55 46.25 -30.75
N VAL A 105 -6.57 46.08 -29.43
CA VAL A 105 -5.66 46.78 -28.55
C VAL A 105 -4.32 46.06 -28.58
N THR A 106 -3.35 46.66 -29.24
CA THR A 106 -1.97 46.19 -29.28
C THR A 106 -1.14 47.00 -28.30
N ALA A 107 0.18 46.85 -28.37
CA ALA A 107 1.10 47.61 -27.54
C ALA A 107 1.53 48.91 -28.18
N GLY A 108 0.92 49.29 -29.30
CA GLY A 108 1.21 50.57 -29.92
C GLY A 108 0.30 51.65 -29.40
N ASP A 109 -0.83 51.25 -28.83
CA ASP A 109 -1.81 52.14 -28.25
C ASP A 109 -1.38 52.69 -26.90
N ILE A 110 -0.13 52.43 -26.50
CA ILE A 110 0.37 52.88 -25.22
C ILE A 110 1.02 54.25 -25.38
N VAL A 111 1.09 54.99 -24.28
CA VAL A 111 1.71 56.31 -24.27
C VAL A 111 2.79 56.32 -23.19
N PRO A 112 4.02 55.98 -23.52
CA PRO A 112 5.06 55.91 -22.51
C PRO A 112 5.66 57.28 -22.23
N PRO A 113 6.12 57.52 -21.00
CA PRO A 113 6.69 58.84 -20.68
C PRO A 113 8.16 58.96 -21.07
N ALA A 114 8.77 60.08 -20.70
CA ALA A 114 10.20 60.26 -20.93
C ALA A 114 10.98 59.27 -20.09
N GLY A 115 11.88 58.53 -20.73
CA GLY A 115 12.68 57.54 -20.06
C GLY A 115 12.20 56.12 -20.24
N VAL A 116 11.30 55.87 -21.18
CA VAL A 116 10.76 54.53 -21.42
C VAL A 116 10.54 54.37 -22.92
N THR A 117 11.02 53.26 -23.47
CA THR A 117 10.78 52.90 -24.85
C THR A 117 10.18 51.50 -24.92
N VAL A 118 9.22 51.33 -25.81
CA VAL A 118 8.65 50.03 -26.12
C VAL A 118 9.04 49.68 -27.54
N HIS A 119 9.15 48.39 -27.82
CA HIS A 119 9.75 47.92 -29.06
C HIS A 119 8.83 47.05 -29.91
N ASN A 120 7.90 46.32 -29.30
CA ASN A 120 7.01 45.45 -30.07
C ASN A 120 5.61 46.03 -30.09
N PRO A 121 5.32 46.98 -30.97
CA PRO A 121 3.97 47.54 -31.06
C PRO A 121 2.98 46.67 -31.83
N ASP A 122 3.39 45.48 -32.25
CA ASP A 122 2.49 44.58 -32.95
C ASP A 122 1.91 43.50 -32.06
N MET A 123 2.40 43.37 -30.83
CA MET A 123 1.88 42.37 -29.92
C MET A 123 0.38 42.55 -29.73
N HIS A 124 -0.26 41.48 -29.26
CA HIS A 124 -1.71 41.40 -29.18
C HIS A 124 -2.12 41.40 -27.72
N ILE A 125 -2.83 42.43 -27.29
CA ILE A 125 -3.35 42.50 -25.94
C ILE A 125 -4.80 42.04 -25.94
N ALA A 126 -5.65 42.71 -26.71
CA ALA A 126 -7.06 42.38 -26.72
C ALA A 126 -7.67 42.69 -28.07
N THR A 127 -8.94 42.29 -28.23
CA THR A 127 -9.74 42.56 -29.41
C THR A 127 -11.13 42.96 -28.93
N LEU A 128 -11.45 44.24 -29.07
CA LEU A 128 -12.64 44.80 -28.47
C LEU A 128 -13.83 44.81 -29.44
N ASN A 129 -15.01 44.95 -28.87
CA ASN A 129 -16.25 45.19 -29.60
C ASN A 129 -16.75 46.59 -29.27
N ASP A 130 -17.93 46.92 -29.80
CA ASP A 130 -18.50 48.25 -29.59
C ASP A 130 -18.51 48.63 -28.12
N LYS A 131 -18.86 47.69 -27.26
CA LYS A 131 -18.93 47.95 -25.81
C LYS A 131 -17.56 47.91 -25.15
N GLY A 132 -16.49 47.82 -25.92
CA GLY A 132 -15.17 47.66 -25.36
C GLY A 132 -14.52 48.97 -24.97
N LYS A 133 -14.24 49.12 -23.68
CA LYS A 133 -13.57 50.30 -23.16
C LYS A 133 -12.51 49.84 -22.18
N LEU A 134 -11.25 50.08 -22.50
CA LEU A 134 -10.13 49.60 -21.69
C LEU A 134 -9.28 50.79 -21.27
N GLU A 135 -8.97 50.85 -19.97
CA GLU A 135 -8.23 51.95 -19.37
C GLU A 135 -7.28 51.36 -18.33
N VAL A 136 -6.03 51.12 -18.74
CA VAL A 136 -5.06 50.41 -17.92
C VAL A 136 -3.96 51.36 -17.51
N GLU A 137 -3.35 51.06 -16.35
CA GLU A 137 -2.29 51.88 -15.77
C GLU A 137 -1.18 50.92 -15.33
N LEU A 138 -0.14 50.82 -16.15
CA LEU A 138 0.96 49.91 -15.90
C LEU A 138 2.04 50.58 -15.06
N VAL A 139 2.84 49.75 -14.40
CA VAL A 139 3.99 50.20 -13.62
C VAL A 139 5.21 49.51 -14.19
N VAL A 140 6.35 50.19 -14.17
CA VAL A 140 7.58 49.69 -14.75
C VAL A 140 8.73 49.98 -13.80
N GLU A 141 9.58 48.98 -13.59
CA GLU A 141 10.72 49.06 -12.70
C GLU A 141 11.90 48.34 -13.31
N ARG A 142 13.10 48.80 -12.99
CA ARG A 142 14.30 48.09 -13.39
C ARG A 142 14.52 46.90 -12.46
N GLY A 143 15.47 46.04 -12.86
CA GLY A 143 15.81 44.89 -12.04
C GLY A 143 16.60 43.88 -12.85
N ARG A 144 16.57 42.64 -12.37
CA ARG A 144 17.30 41.57 -13.01
C ARG A 144 16.78 40.23 -12.52
N GLY A 145 16.63 39.29 -13.45
CA GLY A 145 16.21 37.95 -13.12
C GLY A 145 14.72 37.73 -13.19
N TYR A 146 14.20 36.95 -12.24
CA TYR A 146 12.78 36.64 -12.14
C TYR A 146 12.30 37.02 -10.75
N VAL A 147 11.53 38.09 -10.65
CA VAL A 147 10.99 38.57 -9.39
C VAL A 147 9.52 38.16 -9.35
N PRO A 148 9.09 37.37 -8.36
CA PRO A 148 7.70 36.91 -8.36
C PRO A 148 6.73 38.00 -7.97
N ALA A 149 5.45 37.66 -7.87
CA ALA A 149 4.42 38.64 -7.57
C ALA A 149 4.63 39.23 -6.18
N VAL A 150 4.79 40.55 -6.12
CA VAL A 150 4.84 41.27 -4.86
C VAL A 150 3.42 41.60 -4.45
N GLN A 151 2.98 41.05 -3.32
CA GLN A 151 1.58 41.14 -2.95
C GLN A 151 1.19 42.58 -2.66
N ASN A 152 -0.12 42.85 -2.75
CA ASN A 152 -0.64 44.18 -2.53
C ASN A 152 -0.76 44.51 -1.05
N LYS A 153 -0.71 43.49 -0.18
CA LYS A 153 -0.75 43.70 1.27
C LYS A 153 0.63 43.97 1.84
N ALA A 154 1.69 43.86 1.04
CA ALA A 154 3.05 44.02 1.53
C ALA A 154 3.65 45.39 1.23
N SER A 155 3.25 46.01 0.12
CA SER A 155 3.68 47.37 -0.18
C SER A 155 2.65 48.39 0.31
N GLY A 156 1.43 48.30 -0.19
CA GLY A 156 0.34 49.13 0.27
C GLY A 156 -0.99 48.57 -0.18
N ALA A 157 -1.93 48.44 0.76
CA ALA A 157 -3.22 47.79 0.47
C ALA A 157 -4.14 48.72 -0.30
N GLU A 158 -3.68 49.13 -1.48
CA GLU A 158 -4.47 49.94 -2.39
C GLU A 158 -5.24 48.98 -3.31
N ILE A 159 -6.49 48.70 -2.94
CA ILE A 159 -7.25 47.68 -3.63
C ILE A 159 -7.36 48.01 -5.12
N GLY A 160 -7.60 46.97 -5.91
CA GLY A 160 -7.68 47.10 -7.36
C GLY A 160 -6.37 46.96 -8.09
N ARG A 161 -5.26 46.79 -7.37
CA ARG A 161 -3.96 46.60 -7.99
C ARG A 161 -3.71 45.12 -8.20
N ILE A 162 -2.92 44.82 -9.23
CA ILE A 162 -2.71 43.44 -9.67
C ILE A 162 -1.22 43.23 -9.91
N PRO A 163 -0.49 42.63 -8.98
CA PRO A 163 0.92 42.32 -9.23
C PRO A 163 1.08 41.15 -10.17
N VAL A 164 2.09 41.24 -11.01
CA VAL A 164 2.39 40.21 -12.00
C VAL A 164 3.83 39.77 -11.82
N ASP A 165 4.11 38.54 -12.24
CA ASP A 165 5.48 38.05 -12.27
C ASP A 165 6.31 38.93 -13.20
N SER A 166 7.49 39.32 -12.74
CA SER A 166 8.37 40.21 -13.46
C SER A 166 9.58 39.46 -13.94
N ILE A 167 9.86 39.55 -15.24
CA ILE A 167 11.00 38.89 -15.86
C ILE A 167 11.86 39.97 -16.49
N TYR A 168 12.98 40.30 -15.84
CA TYR A 168 13.96 41.24 -16.38
C TYR A 168 15.12 40.41 -16.92
N SER A 169 15.10 40.13 -18.21
CA SER A 169 16.12 39.29 -18.81
C SER A 169 16.14 39.49 -20.32
N PRO A 170 16.76 40.57 -20.80
CA PRO A 170 16.85 40.79 -22.25
C PRO A 170 17.28 39.57 -23.04
N VAL A 171 18.20 38.78 -22.50
CA VAL A 171 18.75 37.66 -23.26
C VAL A 171 17.68 36.60 -23.46
N LEU A 172 17.76 35.93 -24.59
CA LEU A 172 16.71 35.05 -25.04
C LEU A 172 17.20 33.65 -25.37
N LYS A 173 18.38 33.53 -25.97
CA LYS A 173 18.94 32.23 -26.34
C LYS A 173 20.42 32.37 -26.66
N VAL A 174 21.25 31.62 -25.94
CA VAL A 174 22.69 31.75 -26.03
C VAL A 174 23.29 30.38 -26.29
N THR A 175 24.37 30.35 -27.08
CA THR A 175 25.07 29.11 -27.38
C THR A 175 26.55 29.41 -27.52
N TYR A 176 27.33 28.34 -27.60
CA TYR A 176 28.75 28.50 -27.85
C TYR A 176 29.31 27.24 -28.50
N LYS A 177 30.12 27.44 -29.52
CA LYS A 177 30.86 26.39 -30.19
C LYS A 177 32.36 26.59 -29.95
N VAL A 178 33.11 25.51 -30.04
CA VAL A 178 34.55 25.55 -29.85
C VAL A 178 35.20 24.73 -30.95
N GLU A 179 35.87 25.41 -31.88
CA GLU A 179 36.61 24.75 -32.94
C GLU A 179 38.05 24.52 -32.47
N ALA A 180 38.55 23.30 -32.66
CA ALA A 180 39.91 22.99 -32.25
C ALA A 180 40.90 23.64 -33.20
N THR A 181 40.92 24.97 -33.22
CA THR A 181 41.78 25.72 -34.12
C THR A 181 43.20 25.78 -33.57
N ARG A 182 44.15 25.23 -34.30
CA ARG A 182 45.56 25.39 -34.02
C ARG A 182 46.10 26.59 -34.78
N VAL A 183 47.16 27.20 -34.24
CA VAL A 183 47.75 28.37 -34.88
C VAL A 183 48.61 27.91 -36.05
N GLU A 184 48.00 27.82 -37.23
CA GLU A 184 48.70 27.43 -38.45
C GLU A 184 49.42 26.09 -38.25
N GLN A 185 48.79 25.18 -37.53
CA GLN A 185 49.30 23.83 -37.31
C GLN A 185 50.64 23.87 -36.56
N ARG A 186 50.61 24.44 -35.36
CA ARG A 186 51.76 24.46 -34.47
C ARG A 186 51.50 23.68 -33.20
N THR A 187 50.41 23.97 -32.49
CA THR A 187 50.06 23.26 -31.28
C THR A 187 48.56 23.39 -31.06
N ASP A 188 48.01 22.43 -30.32
CA ASP A 188 46.56 22.32 -30.16
C ASP A 188 46.05 23.53 -29.37
N PHE A 189 45.32 24.41 -30.04
CA PHE A 189 44.61 25.52 -29.42
C PHE A 189 43.11 25.32 -29.59
N ASP A 190 42.34 26.26 -29.05
CA ASP A 190 40.90 26.25 -29.14
C ASP A 190 40.40 27.65 -29.46
N LYS A 191 39.41 27.72 -30.35
CA LYS A 191 38.76 28.98 -30.71
C LYS A 191 37.30 28.90 -30.28
N LEU A 192 36.85 29.93 -29.58
CA LEU A 192 35.50 29.99 -29.04
C LEU A 192 34.63 30.89 -29.91
N ILE A 193 33.35 30.53 -30.00
CA ILE A 193 32.36 31.33 -30.72
C ILE A 193 31.10 31.34 -29.87
N ILE A 194 30.59 32.54 -29.59
CA ILE A 194 29.47 32.71 -28.69
C ILE A 194 28.34 33.33 -29.49
N ASP A 195 27.28 32.56 -29.70
CA ASP A 195 26.08 33.06 -30.35
C ASP A 195 25.13 33.61 -29.30
N VAL A 196 24.61 34.82 -29.55
CA VAL A 196 23.76 35.51 -28.60
C VAL A 196 22.54 36.03 -29.35
N GLU A 197 21.41 36.05 -28.65
CA GLU A 197 20.15 36.53 -29.20
C GLU A 197 19.39 37.23 -28.07
N THR A 198 18.82 38.39 -28.37
CA THR A 198 18.18 39.19 -27.33
C THR A 198 16.77 39.63 -27.73
N LYS A 199 16.21 40.54 -26.94
CA LYS A 199 14.79 40.88 -26.99
C LYS A 199 14.52 42.18 -27.74
N ASN A 200 15.56 42.79 -28.34
CA ASN A 200 15.52 44.10 -28.96
C ASN A 200 15.53 45.21 -27.91
N SER A 201 15.41 44.87 -26.63
CA SER A 201 15.54 45.89 -25.59
C SER A 201 16.93 46.49 -25.57
N ILE A 202 17.96 45.66 -25.80
CA ILE A 202 19.35 46.10 -25.83
C ILE A 202 20.09 45.25 -26.85
N SER A 203 21.34 45.63 -27.12
CA SER A 203 22.12 44.95 -28.15
C SER A 203 23.03 43.90 -27.54
N PRO A 204 23.21 42.77 -28.21
CA PRO A 204 24.06 41.70 -27.65
C PRO A 204 25.39 42.19 -27.12
N ARG A 205 25.97 43.20 -27.75
CA ARG A 205 27.26 43.72 -27.30
C ARG A 205 27.16 44.25 -25.87
N ASP A 206 26.08 44.98 -25.57
CA ASP A 206 25.92 45.52 -24.22
C ASP A 206 25.69 44.41 -23.21
N ALA A 207 25.00 43.33 -23.62
CA ALA A 207 24.80 42.20 -22.72
C ALA A 207 26.13 41.52 -22.40
N LEU A 208 26.93 41.24 -23.43
CA LEU A 208 28.25 40.67 -23.21
C LEU A 208 29.08 41.59 -22.32
N ALA A 209 28.94 42.90 -22.52
CA ALA A 209 29.69 43.85 -21.71
C ALA A 209 29.29 43.79 -20.25
N SER A 210 27.98 43.73 -19.98
CA SER A 210 27.52 43.61 -18.60
C SER A 210 28.06 42.35 -17.96
N ALA A 211 27.97 41.22 -18.67
CA ALA A 211 28.51 39.97 -18.15
C ALA A 211 30.00 40.11 -17.85
N GLY A 212 30.74 40.73 -18.76
CA GLY A 212 32.17 40.88 -18.56
C GLY A 212 32.50 41.74 -17.36
N GLY A 213 31.77 42.83 -17.17
CA GLY A 213 31.99 43.65 -16.00
C GLY A 213 31.68 42.92 -14.71
N THR A 214 30.56 42.21 -14.68
CA THR A 214 30.24 41.36 -13.55
C THR A 214 31.40 40.43 -13.21
N LEU A 215 31.81 39.63 -14.18
CA LEU A 215 32.87 38.65 -13.92
C LEU A 215 34.18 39.32 -13.54
N VAL A 216 34.49 40.48 -14.12
CA VAL A 216 35.71 41.18 -13.77
C VAL A 216 35.68 41.61 -12.31
N GLU A 217 34.55 42.16 -11.87
CA GLU A 217 34.43 42.53 -10.47
C GLU A 217 34.47 41.31 -9.57
N LEU A 218 34.04 40.15 -10.07
CA LEU A 218 34.10 38.94 -9.27
C LEU A 218 35.52 38.43 -9.12
N PHE A 219 36.32 38.50 -10.18
CA PHE A 219 37.66 37.92 -10.15
C PHE A 219 38.72 38.87 -9.61
N GLY A 220 38.53 40.18 -9.75
CA GLY A 220 39.36 41.10 -9.00
C GLY A 220 39.34 40.82 -7.52
N LEU A 221 38.34 40.07 -7.06
CA LEU A 221 38.33 39.54 -5.70
C LEU A 221 39.57 38.68 -5.46
N ALA A 222 39.77 37.68 -6.32
CA ALA A 222 40.92 36.79 -6.15
C ALA A 222 42.22 37.50 -6.46
N ARG A 223 42.22 38.37 -7.47
CA ARG A 223 43.46 39.06 -7.83
C ARG A 223 44.06 39.78 -6.63
N GLU A 224 43.30 40.68 -6.01
CA GLU A 224 43.77 41.42 -4.85
C GLU A 224 45.04 42.20 -5.17
N MET B 1 23.58 48.51 -11.59
CA MET B 1 22.95 47.82 -10.43
C MET B 1 23.95 47.66 -9.31
N LEU B 2 23.62 46.80 -8.34
CA LEU B 2 24.51 46.55 -7.22
C LEU B 2 24.13 45.21 -6.60
N ILE B 3 25.04 44.68 -5.80
CA ILE B 3 24.94 43.30 -5.33
C ILE B 3 24.03 43.22 -4.11
N SER B 4 23.52 42.01 -3.86
CA SER B 4 22.75 41.77 -2.64
C SER B 4 23.65 41.88 -1.41
N GLN B 5 24.71 41.07 -1.37
CA GLN B 5 25.73 41.16 -0.33
C GLN B 5 27.07 40.83 -0.95
N ARG B 6 28.13 41.33 -0.32
CA ARG B 6 29.44 41.17 -0.94
C ARG B 6 30.14 39.91 -0.43
N PRO B 7 30.80 39.17 -1.32
CA PRO B 7 31.65 38.06 -0.87
C PRO B 7 33.03 38.54 -0.43
N THR B 8 33.77 37.63 0.17
CA THR B 8 35.16 37.87 0.55
C THR B 8 35.94 36.57 0.41
N LEU B 9 37.25 36.70 0.26
CA LEU B 9 38.13 35.57 0.09
C LEU B 9 38.76 35.19 1.42
N SER B 10 38.85 33.88 1.65
CA SER B 10 39.52 33.35 2.84
C SER B 10 40.56 32.33 2.39
N GLU B 11 41.18 31.63 3.32
CA GLU B 11 42.20 30.66 2.95
C GLU B 11 42.59 29.83 4.16
N GLU B 12 42.69 28.53 3.95
CA GLU B 12 43.34 27.62 4.88
C GLU B 12 44.61 27.08 4.26
N THR B 13 45.54 26.65 5.10
CA THR B 13 46.84 26.14 4.66
C THR B 13 47.17 24.91 5.49
N VAL B 14 47.19 23.75 4.84
CA VAL B 14 47.22 22.47 5.55
C VAL B 14 48.59 21.82 5.51
N ALA B 15 49.25 21.80 4.34
CA ALA B 15 50.44 20.98 4.16
C ALA B 15 51.52 21.67 3.35
N GLU B 16 51.61 23.00 3.45
CA GLU B 16 52.73 23.80 2.95
C GLU B 16 52.84 23.77 1.43
N ASN B 17 52.00 22.99 0.78
CA ASN B 17 51.89 22.97 -0.67
C ASN B 17 50.45 22.81 -1.11
N ARG B 18 49.50 22.90 -0.19
CA ARG B 18 48.10 22.69 -0.44
C ARG B 18 47.32 23.75 0.31
N SER B 19 46.04 23.89 0.00
CA SER B 19 45.19 24.87 0.66
C SER B 19 43.75 24.57 0.29
N ARG B 20 42.84 25.33 0.88
CA ARG B 20 41.42 25.14 0.67
C ARG B 20 40.77 26.50 0.83
N PHE B 21 40.54 27.18 -0.29
CA PHE B 21 40.02 28.53 -0.26
C PHE B 21 38.51 28.51 -0.09
N VAL B 22 37.94 29.68 0.17
CA VAL B 22 36.52 29.82 0.43
C VAL B 22 36.05 31.18 -0.07
N ILE B 23 35.05 31.17 -0.95
CA ILE B 23 34.47 32.38 -1.50
C ILE B 23 32.99 32.34 -1.15
N GLU B 24 32.58 33.23 -0.25
CA GLU B 24 31.21 33.31 0.21
C GLU B 24 30.91 34.71 0.68
N PRO B 25 29.63 35.14 0.64
CA PRO B 25 28.47 34.47 0.05
C PRO B 25 28.18 34.95 -1.37
N LEU B 26 28.17 34.02 -2.32
CA LEU B 26 27.93 34.35 -3.72
C LEU B 26 26.46 34.21 -4.05
N GLU B 27 25.99 35.05 -4.98
CA GLU B 27 24.62 34.97 -5.42
C GLU B 27 24.37 33.61 -6.07
N PRO B 28 23.13 33.13 -6.05
CA PRO B 28 22.85 31.79 -6.59
C PRO B 28 23.31 31.65 -8.03
N GLY B 29 23.98 30.53 -8.32
CA GLY B 29 24.48 30.25 -9.64
C GLY B 29 25.93 30.64 -9.87
N PHE B 30 26.45 31.59 -9.10
CA PHE B 30 27.82 32.04 -9.26
C PHE B 30 28.82 31.18 -8.50
N GLY B 31 28.43 29.98 -8.11
CA GLY B 31 29.34 29.04 -7.49
C GLY B 31 29.86 28.05 -8.50
N TYR B 32 29.09 27.84 -9.57
CA TYR B 32 29.53 27.06 -10.70
C TYR B 32 30.10 27.92 -11.82
N THR B 33 29.57 29.13 -11.95
CA THR B 33 30.02 30.07 -12.97
C THR B 33 31.54 30.10 -13.10
N LEU B 34 32.20 30.40 -11.98
CA LEU B 34 33.63 30.68 -11.97
C LEU B 34 34.47 29.57 -11.37
N GLY B 35 33.86 28.52 -10.84
CA GLY B 35 34.61 27.41 -10.29
C GLY B 35 35.45 26.69 -11.32
N ASN B 36 34.78 26.10 -12.30
CA ASN B 36 35.50 25.39 -13.35
C ASN B 36 36.42 26.32 -14.12
N SER B 37 36.01 27.58 -14.30
CA SER B 37 36.87 28.55 -14.95
C SER B 37 38.18 28.68 -14.19
N LEU B 38 38.09 28.91 -12.89
CA LEU B 38 39.29 29.03 -12.07
C LEU B 38 40.13 27.77 -12.12
N ARG B 39 39.49 26.61 -12.06
CA ARG B 39 40.23 25.35 -12.08
C ARG B 39 41.02 25.20 -13.37
N ARG B 40 40.34 25.30 -14.50
CA ARG B 40 41.01 25.11 -15.78
C ARG B 40 42.03 26.20 -16.03
N THR B 41 41.83 27.39 -15.47
CA THR B 41 42.84 28.43 -15.55
C THR B 41 44.09 28.00 -14.80
N LEU B 42 43.96 27.78 -13.49
CA LEU B 42 45.07 27.35 -12.65
C LEU B 42 45.85 26.22 -13.31
N LEU B 43 45.14 25.30 -13.97
CA LEU B 43 45.84 24.20 -14.62
C LEU B 43 46.54 24.63 -15.90
N SER B 44 45.78 25.13 -16.87
CA SER B 44 46.28 25.35 -18.24
C SER B 44 46.45 26.83 -18.56
N SER B 45 46.87 27.64 -17.59
CA SER B 45 47.06 29.05 -17.83
C SER B 45 48.44 29.54 -17.38
N ILE B 46 48.94 29.01 -16.28
CA ILE B 46 50.13 29.56 -15.64
C ILE B 46 51.38 29.04 -16.35
N PRO B 47 52.33 29.90 -16.68
CA PRO B 47 53.59 29.42 -17.28
C PRO B 47 54.42 28.68 -16.26
N GLY B 48 55.39 27.93 -16.77
CA GLY B 48 56.28 27.15 -15.93
C GLY B 48 57.19 26.27 -16.73
N ALA B 49 58.35 25.93 -16.17
CA ALA B 49 59.34 25.09 -16.83
C ALA B 49 59.22 23.66 -16.35
N ALA B 50 59.57 22.73 -17.23
CA ALA B 50 59.58 21.32 -16.88
C ALA B 50 60.28 20.55 -17.99
N VAL B 51 60.77 19.36 -17.64
CA VAL B 51 61.50 18.56 -18.59
C VAL B 51 60.63 18.31 -19.82
N THR B 52 61.28 18.07 -20.95
CA THR B 52 60.59 17.78 -22.19
C THR B 52 61.08 16.48 -22.79
N SER B 53 62.35 16.14 -22.54
CA SER B 53 62.86 14.88 -23.07
C SER B 53 64.16 14.52 -22.36
N ILE B 54 64.64 13.31 -22.64
CA ILE B 54 65.84 12.77 -22.03
C ILE B 54 66.69 12.11 -23.10
N ARG B 55 67.94 11.85 -22.75
CA ARG B 55 68.82 11.00 -23.55
C ARG B 55 69.70 10.22 -22.59
N ILE B 56 69.54 8.90 -22.58
CA ILE B 56 70.31 8.02 -21.73
C ILE B 56 71.42 7.39 -22.56
N ASP B 57 72.65 7.44 -22.04
CA ASP B 57 73.79 6.82 -22.72
C ASP B 57 73.80 5.34 -22.38
N GLY B 58 73.45 4.50 -23.36
CA GLY B 58 73.43 3.07 -23.16
C GLY B 58 72.18 2.41 -23.73
N VAL B 59 71.29 3.20 -24.32
CA VAL B 59 70.05 2.68 -24.88
C VAL B 59 69.73 3.37 -26.19
N LEU B 60 69.96 2.67 -27.30
CA LEU B 60 69.51 3.10 -28.62
C LEU B 60 68.30 2.32 -29.11
N HIS B 61 67.96 1.22 -28.45
CA HIS B 61 66.86 0.36 -28.85
C HIS B 61 66.53 -0.55 -27.68
N GLU B 62 65.57 -1.45 -27.88
CA GLU B 62 65.16 -2.41 -26.86
C GLU B 62 64.99 -1.71 -25.51
N PHE B 63 63.99 -0.84 -25.45
CA PHE B 63 63.85 0.03 -24.29
C PHE B 63 63.38 -0.75 -23.08
N THR B 64 64.34 -1.18 -22.28
CA THR B 64 64.09 -1.90 -21.03
C THR B 64 65.24 -1.54 -20.08
N THR B 65 65.42 -2.36 -19.04
CA THR B 65 66.45 -2.12 -18.04
C THR B 65 67.76 -1.70 -18.71
N VAL B 66 68.46 -0.78 -18.07
CA VAL B 66 69.68 -0.20 -18.62
C VAL B 66 70.87 -0.90 -17.98
N PRO B 67 71.92 -1.26 -18.74
CA PRO B 67 73.08 -1.90 -18.11
C PRO B 67 73.83 -0.95 -17.20
N GLY B 68 73.76 -1.19 -15.89
CA GLY B 68 74.47 -0.36 -14.94
C GLY B 68 73.67 -0.05 -13.69
N VAL B 69 72.35 -0.11 -13.77
CA VAL B 69 71.46 0.27 -12.69
C VAL B 69 70.38 -0.79 -12.56
N LYS B 70 69.62 -0.70 -11.46
CA LYS B 70 68.56 -1.67 -11.15
C LYS B 70 67.17 -1.16 -11.49
N GLU B 71 66.98 0.15 -11.54
CA GLU B 71 65.68 0.73 -11.86
C GLU B 71 65.48 0.75 -13.38
N ASP B 72 64.29 0.32 -13.80
CA ASP B 72 63.96 0.30 -15.22
C ASP B 72 63.96 1.71 -15.79
N VAL B 73 63.75 1.82 -17.11
CA VAL B 73 63.74 3.13 -17.73
C VAL B 73 62.51 3.92 -17.30
N THR B 74 61.35 3.26 -17.27
CA THR B 74 60.11 3.94 -16.90
C THR B 74 60.22 4.57 -15.52
N ASP B 75 60.76 3.83 -14.55
CA ASP B 75 60.86 4.38 -13.21
C ASP B 75 61.74 5.62 -13.17
N ILE B 76 62.78 5.66 -14.00
CA ILE B 76 63.62 6.84 -14.07
C ILE B 76 62.86 8.00 -14.69
N ILE B 77 62.17 7.74 -15.80
CA ILE B 77 61.36 8.77 -16.44
C ILE B 77 60.36 9.34 -15.45
N LEU B 78 59.85 8.50 -14.56
CA LEU B 78 58.83 8.94 -13.61
C LEU B 78 59.44 9.70 -12.45
N ASN B 79 60.65 9.31 -12.03
CA ASN B 79 61.35 10.06 -11.00
C ASN B 79 61.81 11.42 -11.50
N LEU B 80 61.97 11.57 -12.82
CA LEU B 80 62.37 12.85 -13.38
C LEU B 80 61.18 13.74 -13.72
N LYS B 81 60.10 13.16 -14.25
CA LYS B 81 58.90 13.94 -14.53
C LYS B 81 58.48 14.78 -13.34
N GLY B 82 58.79 14.33 -12.13
CA GLY B 82 58.50 15.06 -10.93
C GLY B 82 59.53 16.12 -10.58
N LEU B 83 60.52 16.33 -11.44
CA LEU B 83 61.54 17.33 -11.19
C LEU B 83 60.91 18.71 -11.22
N VAL B 84 60.85 19.36 -10.06
CA VAL B 84 60.30 20.70 -9.94
C VAL B 84 61.42 21.67 -10.26
N VAL B 85 61.39 22.22 -11.48
CA VAL B 85 62.43 23.10 -11.98
C VAL B 85 61.78 24.38 -12.47
N SER B 86 62.60 25.41 -12.61
CA SER B 86 62.15 26.70 -13.10
C SER B 86 63.22 27.30 -14.00
N SER B 87 62.79 27.98 -15.05
CA SER B 87 63.69 28.56 -16.04
C SER B 87 63.36 30.04 -16.22
N ASP B 88 64.15 30.70 -17.07
CA ASP B 88 63.99 32.12 -17.31
C ASP B 88 64.17 32.51 -18.77
N ASP B 89 64.45 31.57 -19.66
CA ASP B 89 64.83 31.89 -21.03
C ASP B 89 63.66 31.91 -21.99
N ASP B 90 62.70 31.00 -21.82
CA ASP B 90 61.68 30.69 -22.82
C ASP B 90 62.28 29.98 -24.01
N GLU B 91 63.41 29.32 -23.82
CA GLU B 91 64.16 28.63 -24.85
C GLU B 91 64.48 27.23 -24.39
N PRO B 92 64.69 26.29 -25.31
CA PRO B 92 64.95 24.88 -24.93
C PRO B 92 66.36 24.64 -24.39
N VAL B 93 66.54 24.92 -23.11
CA VAL B 93 67.81 24.64 -22.46
C VAL B 93 68.03 23.13 -22.37
N THR B 94 69.31 22.75 -22.25
CA THR B 94 69.70 21.35 -22.12
C THR B 94 70.67 21.23 -20.95
N MET B 95 70.38 20.29 -20.05
CA MET B 95 71.17 20.05 -18.86
C MET B 95 71.79 18.65 -18.90
N TYR B 96 72.64 18.38 -17.91
CA TYR B 96 73.37 17.13 -17.84
C TYR B 96 73.32 16.59 -16.42
N LEU B 97 73.51 15.30 -16.28
CA LEU B 97 73.68 14.70 -14.95
C LEU B 97 74.67 13.55 -15.03
N ARG B 98 75.59 13.50 -14.08
CA ARG B 98 76.61 12.46 -14.04
C ARG B 98 77.00 12.19 -12.59
N LYS B 99 76.98 10.92 -12.20
CA LYS B 99 77.27 10.50 -10.83
C LYS B 99 78.19 9.29 -10.84
N GLN B 100 79.30 9.40 -11.57
CA GLN B 100 80.24 8.30 -11.71
C GLN B 100 80.49 7.58 -10.40
N GLY B 101 80.16 6.30 -10.36
CA GLY B 101 80.42 5.47 -9.20
C GLY B 101 79.16 4.91 -8.60
N PRO B 102 79.21 3.66 -8.12
CA PRO B 102 78.01 3.06 -7.51
C PRO B 102 77.55 3.82 -6.28
N GLY B 103 76.29 4.23 -6.30
CA GLY B 103 75.70 4.93 -5.19
C GLY B 103 74.30 5.38 -5.54
N VAL B 104 73.74 6.22 -4.68
CA VAL B 104 72.43 6.82 -4.91
C VAL B 104 72.65 8.17 -5.59
N VAL B 105 71.76 8.53 -6.51
CA VAL B 105 71.86 9.78 -7.25
C VAL B 105 70.59 10.58 -7.03
N THR B 106 70.75 11.87 -6.80
CA THR B 106 69.67 12.80 -6.57
C THR B 106 69.61 13.81 -7.72
N ALA B 107 68.67 14.75 -7.60
CA ALA B 107 68.60 15.83 -8.58
C ALA B 107 69.60 16.94 -8.26
N GLY B 108 69.82 17.20 -6.97
CA GLY B 108 70.82 18.16 -6.56
C GLY B 108 72.17 17.89 -7.19
N ASP B 109 72.41 16.62 -7.55
CA ASP B 109 73.63 16.23 -8.25
C ASP B 109 73.69 16.79 -9.67
N ILE B 110 72.67 17.50 -10.12
CA ILE B 110 72.64 18.02 -11.48
C ILE B 110 73.54 19.25 -11.56
N VAL B 111 74.03 19.51 -12.76
CA VAL B 111 74.84 20.69 -13.06
C VAL B 111 73.97 21.62 -13.91
N PRO B 112 73.15 22.46 -13.29
CA PRO B 112 72.23 23.30 -14.06
C PRO B 112 72.92 24.55 -14.58
N PRO B 113 72.55 25.03 -15.77
CA PRO B 113 73.12 26.28 -16.26
C PRO B 113 72.64 27.47 -15.44
N ALA B 114 73.03 28.68 -15.87
CA ALA B 114 72.77 29.87 -15.07
C ALA B 114 71.27 30.10 -14.88
N GLY B 115 70.50 29.95 -15.96
CA GLY B 115 69.11 30.33 -15.94
C GLY B 115 68.15 29.22 -15.55
N VAL B 116 68.62 28.26 -14.77
CA VAL B 116 67.80 27.16 -14.28
C VAL B 116 67.90 27.10 -12.77
N THR B 117 66.81 26.68 -12.14
CA THR B 117 66.75 26.61 -10.68
C THR B 117 65.91 25.41 -10.29
N VAL B 118 66.51 24.46 -9.58
CA VAL B 118 65.81 23.26 -9.12
C VAL B 118 65.32 23.51 -7.69
N HIS B 119 64.10 23.06 -7.41
CA HIS B 119 63.45 23.31 -6.14
C HIS B 119 63.22 22.05 -5.32
N ASN B 120 63.48 20.88 -5.88
CA ASN B 120 63.42 19.61 -5.14
C ASN B 120 64.73 18.89 -5.41
N PRO B 121 65.81 19.30 -4.75
CA PRO B 121 67.13 18.68 -4.99
C PRO B 121 67.42 17.46 -4.15
N ASP B 122 66.44 16.93 -3.42
CA ASP B 122 66.61 15.72 -2.62
C ASP B 122 65.82 14.55 -3.20
N MET B 123 65.25 14.70 -4.38
CA MET B 123 64.45 13.63 -4.97
C MET B 123 65.34 12.48 -5.41
N HIS B 124 64.85 11.26 -5.19
CA HIS B 124 65.58 10.07 -5.59
C HIS B 124 65.33 9.77 -7.06
N ILE B 125 66.39 9.55 -7.81
CA ILE B 125 66.31 9.23 -9.23
C ILE B 125 66.77 7.81 -9.50
N ALA B 126 67.82 7.35 -8.83
CA ALA B 126 68.33 6.02 -9.11
C ALA B 126 69.26 5.55 -8.00
N THR B 127 69.11 4.28 -7.63
CA THR B 127 70.08 3.57 -6.82
C THR B 127 70.87 2.65 -7.74
N LEU B 128 72.16 2.93 -7.89
CA LEU B 128 72.96 2.28 -8.91
C LEU B 128 73.28 0.84 -8.51
N ASN B 129 74.12 0.20 -9.32
CA ASN B 129 74.61 -1.14 -9.06
C ASN B 129 76.11 -1.18 -9.29
N ASP B 130 76.79 -2.06 -8.56
CA ASP B 130 78.24 -2.10 -8.54
C ASP B 130 78.80 -1.98 -9.95
N LYS B 131 79.87 -1.19 -10.09
CA LYS B 131 80.51 -0.92 -11.36
C LYS B 131 79.48 -0.48 -12.41
N GLY B 132 78.86 0.66 -12.12
CA GLY B 132 77.89 1.25 -13.02
C GLY B 132 77.81 2.75 -12.85
N LYS B 133 77.67 3.48 -13.95
CA LYS B 133 77.64 4.93 -13.91
C LYS B 133 76.43 5.43 -14.70
N LEU B 134 76.04 6.66 -14.43
CA LEU B 134 74.82 7.25 -14.97
C LEU B 134 75.17 8.54 -15.70
N GLU B 135 74.69 8.67 -16.93
CA GLU B 135 74.92 9.87 -17.73
C GLU B 135 73.67 10.14 -18.54
N VAL B 136 72.99 11.26 -18.26
CA VAL B 136 71.74 11.60 -18.92
C VAL B 136 71.75 13.06 -19.31
N GLU B 137 71.18 13.32 -20.49
CA GLU B 137 70.94 14.67 -20.99
C GLU B 137 69.45 14.98 -20.83
N LEU B 138 69.15 16.22 -20.44
CA LEU B 138 67.79 16.64 -20.10
C LEU B 138 67.40 17.81 -20.99
N VAL B 139 66.45 17.59 -21.89
CA VAL B 139 65.92 18.65 -22.74
C VAL B 139 64.76 19.30 -21.99
N VAL B 140 64.95 20.56 -21.61
CA VAL B 140 64.00 21.32 -20.80
C VAL B 140 63.47 22.49 -21.62
N GLU B 141 62.30 22.99 -21.25
CA GLU B 141 61.73 24.20 -21.84
C GLU B 141 60.50 24.59 -21.03
N ARG B 142 59.86 25.68 -21.45
CA ARG B 142 58.74 26.28 -20.75
C ARG B 142 57.44 26.08 -21.52
N GLY B 143 56.34 26.28 -20.81
CA GLY B 143 55.02 26.16 -21.42
C GLY B 143 53.94 26.25 -20.37
N ARG B 144 52.74 25.83 -20.76
CA ARG B 144 51.61 25.77 -19.85
C ARG B 144 50.81 24.51 -20.11
N GLY B 145 50.54 23.75 -19.05
CA GLY B 145 49.65 22.61 -19.13
C GLY B 145 50.35 21.32 -19.46
N TYR B 146 49.53 20.27 -19.56
CA TYR B 146 50.00 18.93 -19.89
C TYR B 146 50.15 18.83 -21.41
N VAL B 147 51.38 18.88 -21.88
CA VAL B 147 51.70 18.63 -23.29
C VAL B 147 52.27 17.22 -23.38
N PRO B 148 51.52 16.24 -23.87
CA PRO B 148 52.03 14.86 -23.84
C PRO B 148 53.15 14.64 -24.83
N ALA B 149 53.55 13.37 -24.98
CA ALA B 149 54.63 13.00 -25.89
C ALA B 149 54.58 13.81 -27.18
N VAL B 150 55.72 14.41 -27.51
CA VAL B 150 55.81 15.35 -28.62
C VAL B 150 56.59 14.71 -29.75
N GLN B 151 56.46 13.39 -29.88
CA GLN B 151 57.26 12.64 -30.85
C GLN B 151 56.74 12.90 -32.25
N ASN B 152 57.37 13.85 -32.94
CA ASN B 152 57.23 14.02 -34.39
C ASN B 152 58.59 13.88 -35.03
N LYS B 153 59.35 12.89 -34.59
CA LYS B 153 60.70 12.67 -35.10
C LYS B 153 60.65 12.43 -36.59
N ALA B 154 61.40 13.23 -37.35
CA ALA B 154 61.19 13.30 -38.79
C ALA B 154 61.32 11.92 -39.43
N SER B 155 62.53 11.40 -39.50
CA SER B 155 62.73 9.96 -39.63
C SER B 155 63.84 9.47 -38.71
N GLY B 156 64.95 10.18 -38.64
CA GLY B 156 66.00 9.94 -37.67
C GLY B 156 66.35 11.21 -36.91
N ALA B 157 67.60 11.64 -37.07
CA ALA B 157 68.09 12.93 -36.60
C ALA B 157 68.29 12.97 -35.09
N GLU B 158 67.82 11.94 -34.39
CA GLU B 158 68.12 11.78 -32.98
C GLU B 158 67.88 10.32 -32.62
N ILE B 159 68.96 9.57 -32.41
CA ILE B 159 68.89 8.13 -32.16
C ILE B 159 69.00 7.94 -30.65
N GLY B 160 67.85 7.75 -30.00
CA GLY B 160 67.80 7.53 -28.57
C GLY B 160 67.12 8.63 -27.78
N ARG B 161 66.77 9.75 -28.40
CA ARG B 161 66.08 10.81 -27.69
C ARG B 161 64.67 10.34 -27.34
N ILE B 162 64.40 10.20 -26.04
CA ILE B 162 63.12 9.69 -25.58
C ILE B 162 62.26 10.86 -25.10
N PRO B 163 61.24 11.28 -25.85
CA PRO B 163 60.35 12.32 -25.33
C PRO B 163 59.61 11.82 -24.10
N VAL B 164 58.93 12.76 -23.44
CA VAL B 164 58.21 12.45 -22.21
C VAL B 164 57.06 13.44 -22.07
N ASP B 165 56.00 12.99 -21.42
CA ASP B 165 54.91 13.89 -21.08
C ASP B 165 55.46 15.06 -20.27
N SER B 166 55.00 16.26 -20.61
CA SER B 166 55.55 17.49 -20.07
C SER B 166 54.52 18.14 -19.16
N ILE B 167 54.91 18.40 -17.91
CA ILE B 167 54.04 19.05 -16.94
C ILE B 167 54.59 20.43 -16.65
N TYR B 168 54.16 21.42 -17.41
CA TYR B 168 54.64 22.79 -17.23
C TYR B 168 53.91 23.53 -16.13
N SER B 169 52.69 23.13 -15.81
CA SER B 169 51.86 23.89 -14.88
C SER B 169 52.24 23.55 -13.44
N PRO B 170 52.73 24.50 -12.65
CA PRO B 170 52.98 24.21 -11.23
C PRO B 170 51.84 23.47 -10.57
N VAL B 171 50.63 24.00 -10.64
CA VAL B 171 49.49 23.34 -10.01
C VAL B 171 49.34 21.95 -10.61
N LEU B 172 48.99 20.99 -9.75
CA LEU B 172 48.87 19.60 -10.14
C LEU B 172 47.45 19.08 -9.99
N LYS B 173 46.80 19.38 -8.87
CA LYS B 173 45.46 18.90 -8.60
C LYS B 173 44.63 20.05 -8.05
N VAL B 174 43.40 20.16 -8.54
CA VAL B 174 42.47 21.17 -8.06
C VAL B 174 41.09 20.55 -7.99
N THR B 175 40.34 20.91 -6.96
CA THR B 175 39.01 20.34 -6.74
C THR B 175 38.09 21.44 -6.25
N TYR B 176 37.01 21.68 -7.00
CA TYR B 176 36.04 22.70 -6.64
C TYR B 176 34.74 22.04 -6.20
N LYS B 177 34.13 22.61 -5.17
CA LYS B 177 32.93 22.07 -4.55
C LYS B 177 32.08 23.23 -4.07
N VAL B 178 30.78 23.13 -4.30
CA VAL B 178 29.87 24.24 -4.05
C VAL B 178 28.88 23.84 -2.97
N GLU B 179 28.49 24.82 -2.16
CA GLU B 179 27.65 24.60 -1.00
C GLU B 179 26.68 25.77 -0.88
N ALA B 180 25.95 25.81 0.22
CA ALA B 180 24.92 26.79 0.46
C ALA B 180 25.20 27.52 1.77
N THR B 181 24.51 28.65 1.95
CA THR B 181 24.65 29.44 3.18
C THR B 181 23.33 30.17 3.41
N ARG B 182 23.33 31.06 4.42
CA ARG B 182 22.20 31.94 4.70
C ARG B 182 22.76 33.31 5.00
N VAL B 183 22.42 34.28 4.16
CA VAL B 183 23.00 35.62 4.28
C VAL B 183 22.55 36.28 5.59
N GLU B 184 21.26 36.61 5.70
CA GLU B 184 20.69 36.99 6.99
C GLU B 184 19.52 36.09 7.37
N GLN B 185 18.51 35.94 6.50
CA GLN B 185 17.38 35.07 6.77
C GLN B 185 16.84 34.37 5.54
N ARG B 186 17.47 34.53 4.37
CA ARG B 186 17.00 33.93 3.14
C ARG B 186 18.14 33.15 2.51
N THR B 187 17.90 31.86 2.25
CA THR B 187 18.93 30.94 1.80
C THR B 187 18.97 30.92 0.27
N ASP B 188 19.61 29.89 -0.29
CA ASP B 188 19.80 29.68 -1.72
C ASP B 188 21.01 30.44 -2.25
N PHE B 189 21.73 31.19 -1.43
CA PHE B 189 23.03 31.69 -1.85
C PHE B 189 23.98 30.52 -2.00
N ASP B 190 25.19 30.81 -2.45
CA ASP B 190 26.17 29.77 -2.76
C ASP B 190 27.50 30.09 -2.12
N LYS B 191 28.26 29.02 -1.87
CA LYS B 191 29.60 29.12 -1.32
C LYS B 191 30.53 28.25 -2.16
N LEU B 192 31.72 28.76 -2.45
CA LEU B 192 32.68 28.06 -3.29
C LEU B 192 33.87 27.63 -2.45
N ILE B 193 34.25 26.36 -2.59
CA ILE B 193 35.40 25.79 -1.92
C ILE B 193 36.31 25.23 -3.00
N ILE B 194 37.60 25.50 -2.90
CA ILE B 194 38.52 25.05 -3.92
C ILE B 194 39.84 24.64 -3.29
N ASP B 195 40.21 23.38 -3.47
CA ASP B 195 41.46 22.82 -2.96
C ASP B 195 42.49 22.84 -4.07
N VAL B 196 43.68 23.33 -3.75
CA VAL B 196 44.72 23.65 -4.74
C VAL B 196 46.01 23.00 -4.26
N GLU B 197 46.30 21.79 -4.75
CA GLU B 197 47.59 21.17 -4.52
C GLU B 197 48.56 21.63 -5.59
N THR B 198 49.79 21.96 -5.18
CA THR B 198 50.74 22.55 -6.09
C THR B 198 52.14 22.11 -5.68
N LYS B 199 53.15 22.80 -6.20
CA LYS B 199 54.56 22.45 -6.02
C LYS B 199 55.25 23.52 -5.20
N ASN B 200 56.51 23.23 -4.84
CA ASN B 200 57.35 24.22 -4.18
C ASN B 200 57.89 25.28 -5.12
N SER B 201 57.55 25.18 -6.41
CA SER B 201 57.92 26.20 -7.39
C SER B 201 57.05 27.44 -7.33
N ILE B 202 55.92 27.39 -6.61
CA ILE B 202 54.95 28.47 -6.63
C ILE B 202 54.09 28.36 -5.38
N SER B 203 53.51 29.48 -4.97
CA SER B 203 52.63 29.51 -3.82
C SER B 203 51.17 29.51 -4.27
N PRO B 204 50.31 28.73 -3.60
CA PRO B 204 48.91 28.65 -4.05
C PRO B 204 48.24 30.01 -4.17
N ARG B 205 48.50 30.91 -3.22
CA ARG B 205 47.93 32.26 -3.31
C ARG B 205 48.36 32.94 -4.60
N ASP B 206 49.65 32.85 -4.94
CA ASP B 206 50.13 33.45 -6.18
C ASP B 206 49.48 32.81 -7.39
N ALA B 207 49.24 31.51 -7.33
CA ALA B 207 48.56 30.82 -8.43
C ALA B 207 47.16 31.37 -8.63
N LEU B 208 46.39 31.43 -7.53
CA LEU B 208 45.06 32.02 -7.59
C LEU B 208 45.12 33.44 -8.16
N ALA B 209 46.11 34.21 -7.76
CA ALA B 209 46.23 35.59 -8.24
C ALA B 209 46.47 35.62 -9.75
N SER B 210 47.36 34.76 -10.23
CA SER B 210 47.62 34.71 -11.67
C SER B 210 46.37 34.34 -12.44
N ALA B 211 45.63 33.34 -11.96
CA ALA B 211 44.39 32.94 -12.63
C ALA B 211 43.38 34.08 -12.63
N GLY B 212 43.24 34.75 -11.50
CA GLY B 212 42.36 35.91 -11.45
C GLY B 212 42.76 36.97 -12.45
N GLY B 213 44.06 37.22 -12.59
CA GLY B 213 44.52 38.20 -13.55
C GLY B 213 44.18 37.82 -14.97
N THR B 214 44.38 36.54 -15.32
CA THR B 214 44.06 36.07 -16.66
C THR B 214 42.57 36.25 -16.96
N LEU B 215 41.72 35.75 -16.07
CA LEU B 215 40.29 35.87 -16.29
C LEU B 215 39.85 37.32 -16.32
N VAL B 216 40.50 38.18 -15.55
CA VAL B 216 40.23 39.61 -15.62
C VAL B 216 40.58 40.15 -17.00
N GLU B 217 41.72 39.76 -17.53
CA GLU B 217 42.09 40.18 -18.88
C GLU B 217 41.00 39.81 -19.88
N LEU B 218 40.52 38.57 -19.80
CA LEU B 218 39.54 38.10 -20.79
C LEU B 218 38.22 38.83 -20.64
N PHE B 219 37.62 38.77 -19.46
CA PHE B 219 36.37 39.48 -19.26
C PHE B 219 36.55 41.00 -19.33
N GLY B 220 37.79 41.48 -19.43
CA GLY B 220 38.03 42.86 -19.75
C GLY B 220 37.90 43.09 -21.23
N LEU B 221 38.51 42.20 -22.03
CA LEU B 221 38.16 42.15 -23.44
C LEU B 221 36.67 42.25 -23.61
N ALA B 222 35.93 41.60 -22.71
CA ALA B 222 34.47 41.66 -22.78
C ALA B 222 33.95 43.05 -22.42
N ARG B 223 34.29 43.55 -21.23
CA ARG B 223 33.71 44.82 -20.76
C ARG B 223 34.30 46.04 -21.44
N GLU B 224 35.19 45.87 -22.42
CA GLU B 224 35.74 47.01 -23.15
C GLU B 224 34.91 47.36 -24.38
N LEU B 225 34.03 46.45 -24.83
CA LEU B 225 33.07 46.81 -25.86
C LEU B 225 32.23 48.00 -25.44
N ASN B 226 31.77 47.99 -24.18
CA ASN B 226 30.88 49.04 -23.69
C ASN B 226 30.89 48.99 -22.16
N ALA B 227 31.30 50.07 -21.52
CA ALA B 227 31.25 50.14 -20.06
C ALA B 227 29.85 50.57 -19.63
N ASP B 228 29.02 49.60 -19.22
CA ASP B 228 27.63 49.91 -18.89
C ASP B 228 27.04 48.82 -18.01
N SER B 229 26.61 49.19 -16.80
CA SER B 229 25.64 48.44 -16.01
C SER B 229 26.13 47.01 -15.73
N GLU B 230 27.20 46.94 -14.93
CA GLU B 230 27.71 45.69 -14.42
C GLU B 230 27.56 45.66 -12.91
N HIS B 231 27.11 44.52 -12.38
CA HIS B 231 27.09 44.30 -10.93
C HIS B 231 28.36 44.83 -10.29
N ILE B 232 28.18 45.62 -9.24
CA ILE B 232 29.30 46.30 -8.59
C ILE B 232 29.51 45.71 -7.21
N GLU B 233 30.78 45.59 -6.83
CA GLU B 233 31.18 45.18 -5.49
C GLU B 233 31.91 46.37 -4.87
N ILE B 234 31.31 46.93 -3.81
CA ILE B 234 31.64 48.25 -3.31
C ILE B 234 33.14 48.51 -3.33
N GLY B 235 33.93 47.57 -2.83
CA GLY B 235 35.38 47.73 -2.79
C GLY B 235 35.91 47.87 -1.38
N ASN C 21 -15.74 17.37 -43.26
CA ASN C 21 -16.26 16.04 -43.56
C ASN C 21 -17.02 15.47 -42.36
N SER C 22 -16.28 15.11 -41.33
CA SER C 22 -16.88 14.56 -40.11
C SER C 22 -17.20 15.63 -39.08
N VAL C 23 -16.24 16.53 -38.81
CA VAL C 23 -16.45 17.61 -37.84
C VAL C 23 -15.89 18.89 -38.41
N PRO C 24 -16.61 20.02 -38.35
CA PRO C 24 -16.16 21.24 -39.05
C PRO C 24 -14.90 21.87 -38.49
N GLY C 25 -14.88 22.12 -37.19
CA GLY C 25 -13.77 22.81 -36.57
C GLY C 25 -12.69 21.85 -36.11
N ALA C 26 -12.25 20.99 -37.03
CA ALA C 26 -11.30 19.94 -36.71
C ALA C 26 -9.89 20.41 -37.08
N PRO C 27 -9.11 20.94 -36.16
CA PRO C 27 -7.72 21.31 -36.49
C PRO C 27 -6.99 20.13 -37.12
N ASN C 28 -6.27 20.40 -38.20
CA ASN C 28 -5.61 19.33 -38.94
C ASN C 28 -4.70 18.56 -38.01
N ARG C 29 -5.08 17.30 -37.74
CA ARG C 29 -4.34 16.41 -36.85
C ARG C 29 -4.04 15.15 -37.67
N VAL C 30 -2.88 15.15 -38.32
CA VAL C 30 -2.46 14.09 -39.21
C VAL C 30 -2.61 12.74 -38.52
N SER C 31 -2.95 11.71 -39.27
CA SER C 31 -3.22 10.39 -38.73
C SER C 31 -2.28 9.37 -39.38
N PHE C 32 -1.61 8.59 -38.53
CA PHE C 32 -0.76 7.49 -38.98
C PHE C 32 -1.55 6.22 -39.24
N ALA C 33 -2.88 6.30 -39.28
CA ALA C 33 -3.70 5.12 -39.41
C ALA C 33 -3.79 4.67 -40.85
N LYS C 34 -3.90 3.35 -41.03
CA LYS C 34 -3.88 2.72 -42.35
C LYS C 34 -5.22 2.14 -42.75
N LEU C 35 -6.05 1.75 -41.80
CA LEU C 35 -7.30 1.08 -42.09
C LEU C 35 -8.44 2.10 -42.22
N ARG C 36 -9.57 1.61 -42.75
CA ARG C 36 -10.75 2.42 -42.97
C ARG C 36 -11.81 2.02 -41.96
N GLU C 37 -12.29 2.99 -41.18
CA GLU C 37 -13.22 2.72 -40.09
C GLU C 37 -14.65 2.85 -40.61
N PRO C 38 -15.45 1.77 -40.61
CA PRO C 38 -16.81 1.86 -41.14
C PRO C 38 -17.83 2.32 -40.12
N LEU C 39 -17.37 2.85 -38.99
CA LEU C 39 -18.30 3.28 -37.94
C LEU C 39 -17.68 4.40 -37.14
N GLU C 40 -18.41 5.51 -37.03
CA GLU C 40 -17.97 6.62 -36.22
C GLU C 40 -18.31 6.37 -34.76
N VAL C 41 -17.54 6.99 -33.87
CA VAL C 41 -17.68 6.78 -32.44
C VAL C 41 -19.07 7.24 -32.00
N PRO C 42 -19.97 6.33 -31.62
CA PRO C 42 -21.31 6.75 -31.21
C PRO C 42 -21.27 7.76 -30.09
N GLY C 43 -22.44 8.34 -29.82
CA GLY C 43 -22.59 9.22 -28.68
C GLY C 43 -21.99 8.59 -27.44
N LEU C 44 -20.93 9.20 -26.92
CA LEU C 44 -20.15 8.55 -25.87
C LEU C 44 -20.90 8.45 -24.56
N LEU C 45 -21.89 9.31 -24.34
CA LEU C 45 -22.74 9.24 -23.17
C LEU C 45 -24.21 9.12 -23.56
N ASP C 46 -24.48 8.44 -24.68
CA ASP C 46 -25.85 8.29 -25.14
C ASP C 46 -26.64 7.29 -24.32
N VAL C 47 -25.97 6.47 -23.51
CA VAL C 47 -26.68 5.48 -22.71
C VAL C 47 -27.56 6.16 -21.67
N GLN C 48 -27.00 7.13 -20.95
CA GLN C 48 -27.76 7.84 -19.93
C GLN C 48 -28.99 8.51 -20.53
N THR C 49 -28.79 9.27 -21.60
CA THR C 49 -29.89 10.01 -22.20
C THR C 49 -30.92 9.07 -22.79
N ASP C 50 -30.49 7.99 -23.43
CA ASP C 50 -31.44 7.03 -23.98
C ASP C 50 -32.27 6.39 -22.88
N SER C 51 -31.63 6.00 -21.78
CA SER C 51 -32.37 5.39 -20.68
C SER C 51 -33.39 6.36 -20.11
N PHE C 52 -32.99 7.61 -19.88
CA PHE C 52 -33.95 8.59 -19.38
C PHE C 52 -35.11 8.75 -20.34
N GLU C 53 -34.82 9.10 -21.60
CA GLU C 53 -35.87 9.27 -22.59
C GLU C 53 -36.76 8.04 -22.69
N TRP C 54 -36.27 6.88 -22.27
CA TRP C 54 -37.13 5.72 -22.15
C TRP C 54 -37.96 5.77 -20.86
N LEU C 55 -37.43 6.42 -19.83
CA LEU C 55 -38.15 6.54 -18.57
C LEU C 55 -39.27 7.55 -18.62
N VAL C 56 -39.32 8.40 -19.65
CA VAL C 56 -40.35 9.42 -19.78
C VAL C 56 -41.03 9.35 -21.14
N GLY C 57 -40.93 8.21 -21.83
CA GLY C 57 -41.62 8.00 -23.08
C GLY C 57 -41.45 9.13 -24.08
N SER C 58 -40.32 9.83 -24.03
CA SER C 58 -40.10 10.95 -24.92
C SER C 58 -40.30 10.52 -26.38
N ASP C 59 -40.55 11.52 -27.24
CA ASP C 59 -40.97 11.24 -28.60
C ASP C 59 -39.82 10.70 -29.46
N ARG C 60 -38.60 11.22 -29.26
CA ARG C 60 -37.46 10.71 -30.01
C ARG C 60 -37.31 9.21 -29.82
N TRP C 61 -37.32 8.76 -28.56
CA TRP C 61 -37.28 7.33 -28.29
C TRP C 61 -38.50 6.63 -28.87
N ARG C 62 -39.64 7.32 -28.94
CA ARG C 62 -40.83 6.75 -29.54
C ARG C 62 -40.57 6.38 -31.00
N GLN C 63 -40.10 7.35 -31.79
CA GLN C 63 -39.79 7.08 -33.18
C GLN C 63 -38.71 6.01 -33.29
N ALA C 64 -37.72 6.04 -32.40
CA ALA C 64 -36.68 5.03 -32.42
C ALA C 64 -37.28 3.63 -32.29
N ALA C 65 -38.14 3.44 -31.30
CA ALA C 65 -38.73 2.12 -31.05
C ALA C 65 -39.63 1.69 -32.20
N ILE C 66 -40.48 2.61 -32.68
CA ILE C 66 -41.41 2.24 -33.74
C ILE C 66 -40.66 1.85 -35.00
N ASP C 67 -39.66 2.66 -35.37
CA ASP C 67 -38.88 2.38 -36.57
C ASP C 67 -38.19 1.02 -36.48
N ARG C 68 -38.06 0.46 -35.29
CA ARG C 68 -37.33 -0.79 -35.07
C ARG C 68 -38.15 -1.70 -34.17
N GLY C 69 -38.88 -2.62 -34.77
CA GLY C 69 -39.52 -3.71 -34.03
C GLY C 69 -40.95 -3.35 -33.63
N GLU C 70 -41.22 -3.36 -32.32
CA GLU C 70 -42.56 -3.22 -31.81
C GLU C 70 -43.21 -1.94 -32.32
N GLU C 71 -44.55 -1.93 -32.30
CA GLU C 71 -45.35 -0.78 -32.71
C GLU C 71 -46.20 -0.24 -31.57
N ASN C 72 -46.20 -0.90 -30.41
CA ASN C 72 -46.81 -0.38 -29.18
C ASN C 72 -45.68 -0.16 -28.18
N PRO C 73 -44.83 0.85 -28.41
CA PRO C 73 -43.65 1.03 -27.57
C PRO C 73 -43.94 1.68 -26.23
N VAL C 74 -44.33 0.89 -25.24
CA VAL C 74 -44.58 1.45 -23.92
C VAL C 74 -43.32 2.10 -23.36
N GLY C 75 -43.51 3.12 -22.54
CA GLY C 75 -42.39 3.81 -21.92
C GLY C 75 -41.85 3.06 -20.72
N GLY C 76 -41.43 3.81 -19.70
CA GLY C 76 -40.91 3.21 -18.48
C GLY C 76 -41.69 3.63 -17.25
N LEU C 77 -42.31 4.81 -17.31
CA LEU C 77 -43.22 5.23 -16.26
C LEU C 77 -44.59 4.58 -16.44
N GLU C 78 -45.10 4.63 -17.67
CA GLU C 78 -46.39 4.01 -17.97
C GLU C 78 -46.42 2.55 -17.57
N GLU C 79 -45.29 1.84 -17.72
CA GLU C 79 -45.25 0.45 -17.28
C GLU C 79 -45.55 0.35 -15.79
N VAL C 80 -44.98 1.25 -15.00
CA VAL C 80 -45.24 1.25 -13.56
C VAL C 80 -46.70 1.57 -13.29
N LEU C 81 -47.16 2.73 -13.78
CA LEU C 81 -48.53 3.15 -13.53
C LEU C 81 -49.55 2.15 -14.08
N ALA C 82 -49.14 1.25 -14.96
CA ALA C 82 -50.07 0.29 -15.55
C ALA C 82 -50.06 -1.04 -14.78
N GLU C 83 -48.90 -1.64 -14.60
CA GLU C 83 -48.82 -2.87 -13.81
C GLU C 83 -49.53 -2.70 -12.48
N LEU C 84 -49.51 -1.49 -11.92
CA LEU C 84 -50.26 -1.21 -10.71
C LEU C 84 -51.75 -1.08 -11.01
N SER C 85 -52.09 -0.42 -12.11
CA SER C 85 -53.48 -0.08 -12.39
C SER C 85 -54.20 -1.24 -13.06
N PRO C 86 -55.49 -1.44 -12.76
CA PRO C 86 -56.29 -0.66 -11.82
C PRO C 86 -56.04 -1.04 -10.37
N ILE C 87 -56.72 -0.36 -9.45
CA ILE C 87 -56.55 -0.57 -8.01
C ILE C 87 -57.92 -0.53 -7.36
N GLU C 88 -58.12 -1.41 -6.39
CA GLU C 88 -59.40 -1.50 -5.69
C GLU C 88 -59.19 -2.18 -4.35
N ASP C 89 -60.21 -2.10 -3.50
CA ASP C 89 -60.19 -2.75 -2.21
C ASP C 89 -60.53 -4.24 -2.37
N PHE C 90 -60.63 -4.94 -1.24
CA PHE C 90 -60.97 -6.36 -1.28
C PHE C 90 -62.41 -6.56 -1.72
N SER C 91 -63.33 -5.71 -1.25
CA SER C 91 -64.73 -5.82 -1.65
C SER C 91 -64.96 -5.49 -3.12
N GLY C 92 -63.97 -4.89 -3.79
CA GLY C 92 -64.04 -4.66 -5.22
C GLY C 92 -65.06 -3.67 -5.68
N SER C 93 -65.96 -3.20 -4.81
CA SER C 93 -67.02 -2.31 -5.24
C SER C 93 -66.46 -1.07 -5.95
N MET C 94 -65.46 -0.44 -5.35
CA MET C 94 -64.89 0.79 -5.88
C MET C 94 -63.45 0.58 -6.29
N SER C 95 -63.10 1.11 -7.47
CA SER C 95 -61.76 0.95 -8.01
C SER C 95 -61.19 2.28 -8.52
N LEU C 96 -59.95 2.24 -8.97
CA LEU C 96 -59.22 3.43 -9.39
C LEU C 96 -58.15 2.99 -10.37
N SER C 97 -57.69 3.93 -11.20
CA SER C 97 -56.71 3.56 -12.21
C SER C 97 -56.09 4.81 -12.81
N PHE C 98 -54.77 4.78 -12.99
CA PHE C 98 -54.02 5.88 -13.59
C PHE C 98 -53.87 5.67 -15.09
N SER C 99 -53.36 6.69 -15.76
CA SER C 99 -53.08 6.65 -17.18
C SER C 99 -52.51 8.00 -17.61
N ASP C 100 -51.99 8.02 -18.83
CA ASP C 100 -51.57 9.25 -19.50
C ASP C 100 -50.68 10.11 -18.62
N PRO C 101 -49.43 9.72 -18.39
CA PRO C 101 -48.48 10.63 -17.78
C PRO C 101 -48.17 11.78 -18.72
N ARG C 102 -47.50 12.80 -18.20
CA ARG C 102 -47.26 14.00 -18.98
C ARG C 102 -46.35 14.93 -18.19
N PHE C 103 -45.61 15.77 -18.92
CA PHE C 103 -44.55 16.58 -18.34
C PHE C 103 -44.74 18.04 -18.72
N ASP C 104 -44.36 18.91 -17.80
CA ASP C 104 -44.45 20.35 -17.98
C ASP C 104 -43.10 20.92 -18.41
N GLU C 105 -43.00 22.24 -18.44
CA GLU C 105 -41.76 22.93 -18.74
C GLU C 105 -41.01 23.23 -17.45
N VAL C 106 -39.70 23.09 -17.50
CA VAL C 106 -38.85 23.28 -16.33
C VAL C 106 -39.11 24.65 -15.71
N LYS C 107 -38.96 24.75 -14.39
CA LYS C 107 -39.20 26.00 -13.69
C LYS C 107 -37.99 26.92 -13.71
N ALA C 108 -36.80 26.37 -13.91
CA ALA C 108 -35.57 27.16 -13.86
C ALA C 108 -34.51 26.50 -14.72
N SER C 109 -33.61 27.32 -15.24
CA SER C 109 -32.53 26.84 -16.10
C SER C 109 -31.47 26.17 -15.22
N VAL C 110 -30.32 25.88 -15.83
CA VAL C 110 -29.29 25.12 -15.14
C VAL C 110 -28.47 26.01 -14.23
N ASP C 111 -27.79 27.01 -14.81
CA ASP C 111 -27.02 27.93 -14.00
C ASP C 111 -27.93 28.74 -13.08
N GLU C 112 -29.15 28.99 -13.52
CA GLU C 112 -30.11 29.67 -12.66
C GLU C 112 -30.47 28.82 -11.46
N CYS C 113 -30.34 27.49 -11.58
CA CYS C 113 -30.53 26.62 -10.42
C CYS C 113 -29.28 26.57 -9.55
N LYS C 114 -28.10 26.55 -10.18
CA LYS C 114 -26.86 26.52 -9.42
C LYS C 114 -26.72 27.77 -8.55
N ASP C 115 -26.89 28.95 -9.16
CA ASP C 115 -26.60 30.21 -8.47
C ASP C 115 -27.45 30.42 -7.23
N LYS C 116 -28.46 29.58 -6.98
CA LYS C 116 -29.26 29.72 -5.77
C LYS C 116 -29.62 28.37 -5.17
N ASP C 117 -28.84 27.33 -5.45
CA ASP C 117 -29.01 26.00 -4.85
C ASP C 117 -30.37 25.38 -5.18
N MET C 118 -31.04 25.88 -6.20
CA MET C 118 -32.31 25.28 -6.61
C MET C 118 -32.05 23.93 -7.26
N THR C 119 -33.12 23.31 -7.75
CA THR C 119 -33.05 21.99 -8.33
C THR C 119 -33.62 22.02 -9.73
N TYR C 120 -33.08 21.14 -10.59
CA TYR C 120 -33.50 21.03 -11.97
C TYR C 120 -34.58 19.96 -12.05
N ALA C 121 -35.80 20.36 -12.39
CA ALA C 121 -36.92 19.45 -12.37
C ALA C 121 -38.04 20.01 -13.24
N ALA C 122 -39.10 19.23 -13.37
CA ALA C 122 -40.25 19.56 -14.20
C ALA C 122 -41.52 19.11 -13.47
N PRO C 123 -42.55 19.94 -13.40
CA PRO C 123 -43.82 19.47 -12.83
C PRO C 123 -44.32 18.24 -13.58
N LEU C 124 -44.72 17.23 -12.82
CA LEU C 124 -45.23 15.99 -13.37
C LEU C 124 -46.72 15.90 -13.12
N PHE C 125 -47.46 15.48 -14.14
CA PHE C 125 -48.91 15.34 -14.06
C PHE C 125 -49.31 13.90 -14.31
N VAL C 126 -50.58 13.62 -14.04
CA VAL C 126 -51.15 12.29 -14.19
C VAL C 126 -52.56 12.45 -14.70
N THR C 127 -53.24 11.34 -14.97
CA THR C 127 -54.65 11.35 -15.33
C THR C 127 -55.28 10.10 -14.75
N ALA C 128 -55.80 10.20 -13.54
CA ALA C 128 -56.40 9.07 -12.84
C ALA C 128 -57.91 9.12 -12.98
N GLU C 129 -58.53 7.99 -12.62
CA GLU C 129 -59.98 7.85 -12.71
C GLU C 129 -60.46 6.93 -11.61
N PHE C 130 -61.51 7.38 -10.91
CA PHE C 130 -62.19 6.58 -9.89
C PHE C 130 -63.50 6.06 -10.45
N ILE C 131 -63.88 4.85 -10.03
CA ILE C 131 -65.11 4.22 -10.47
C ILE C 131 -65.71 3.44 -9.30
N ASN C 132 -67.01 3.19 -9.38
CA ASN C 132 -67.72 2.44 -8.36
C ASN C 132 -68.62 1.41 -9.04
N ASN C 133 -68.54 0.16 -8.58
CA ASN C 133 -69.24 -0.93 -9.26
C ASN C 133 -70.75 -0.90 -9.01
N ASN C 134 -71.19 -0.39 -7.87
CA ASN C 134 -72.63 -0.34 -7.60
C ASN C 134 -73.30 0.81 -8.34
N THR C 135 -72.61 1.95 -8.42
CA THR C 135 -73.12 3.09 -9.17
C THR C 135 -72.66 3.10 -10.61
N GLY C 136 -71.52 2.49 -10.91
CA GLY C 136 -71.00 2.46 -12.25
C GLY C 136 -70.62 3.83 -12.75
N GLU C 137 -69.92 4.59 -11.90
CA GLU C 137 -69.58 5.98 -12.19
C GLU C 137 -68.12 6.09 -12.62
N ILE C 138 -67.79 7.27 -13.15
CA ILE C 138 -66.43 7.56 -13.59
C ILE C 138 -66.10 9.00 -13.27
N LYS C 139 -65.03 9.23 -12.52
CA LYS C 139 -64.51 10.57 -12.25
C LYS C 139 -63.04 10.54 -12.62
N SER C 140 -62.71 11.10 -13.78
CA SER C 140 -61.37 11.04 -14.33
C SER C 140 -60.80 12.47 -14.38
N GLN C 141 -59.77 12.70 -13.58
CA GLN C 141 -59.15 14.02 -13.47
C GLN C 141 -57.64 13.89 -13.54
N THR C 142 -56.99 15.00 -13.89
CA THR C 142 -55.54 15.04 -13.94
C THR C 142 -54.99 15.47 -12.58
N VAL C 143 -53.97 14.76 -12.12
CA VAL C 143 -53.39 15.00 -10.81
C VAL C 143 -51.98 15.54 -10.99
N PHE C 144 -51.38 16.00 -9.88
CA PHE C 144 -50.03 16.53 -9.84
C PHE C 144 -49.23 15.72 -8.85
N MET C 145 -48.13 15.13 -9.31
CA MET C 145 -47.30 14.26 -8.49
C MET C 145 -45.92 14.87 -8.22
N GLY C 146 -45.84 16.19 -8.12
CA GLY C 146 -44.66 16.84 -7.62
C GLY C 146 -43.76 17.39 -8.72
N ASP C 147 -42.49 17.53 -8.36
CA ASP C 147 -41.46 18.03 -9.26
C ASP C 147 -40.47 16.90 -9.53
N PHE C 148 -40.48 16.39 -10.75
CA PHE C 148 -39.65 15.27 -11.14
C PHE C 148 -38.30 15.79 -11.58
N PRO C 149 -37.20 15.47 -10.91
CA PRO C 149 -35.88 15.84 -11.42
C PRO C 149 -35.71 15.38 -12.86
N MET C 150 -34.79 16.03 -13.57
CA MET C 150 -34.64 15.79 -15.00
C MET C 150 -33.17 15.89 -15.38
N MET C 151 -32.86 15.31 -16.54
CA MET C 151 -31.50 15.23 -17.03
C MET C 151 -31.23 16.33 -18.05
N THR C 152 -29.99 16.79 -18.09
CA THR C 152 -29.58 17.87 -18.96
C THR C 152 -29.07 17.30 -20.28
N GLU C 153 -28.48 18.16 -21.11
CA GLU C 153 -27.87 17.71 -22.34
C GLU C 153 -26.59 16.92 -22.11
N LYS C 154 -26.05 16.94 -20.89
CA LYS C 154 -24.78 16.29 -20.60
C LYS C 154 -24.98 14.85 -20.12
N GLY C 155 -25.90 14.65 -19.18
CA GLY C 155 -26.12 13.36 -18.58
C GLY C 155 -26.11 13.42 -17.07
N THR C 156 -26.15 14.64 -16.53
CA THR C 156 -26.05 14.88 -15.10
C THR C 156 -27.38 15.41 -14.57
N PHE C 157 -27.90 14.76 -13.54
CA PHE C 157 -28.99 15.32 -12.77
C PHE C 157 -28.43 16.33 -11.78
N ILE C 158 -29.07 17.47 -11.68
CA ILE C 158 -28.68 18.47 -10.69
C ILE C 158 -29.55 18.30 -9.46
N ILE C 159 -28.92 18.38 -8.29
CA ILE C 159 -29.61 18.16 -7.03
C ILE C 159 -29.14 19.19 -6.01
N ASN C 160 -29.97 20.22 -5.79
CA ASN C 160 -29.69 21.25 -4.79
C ASN C 160 -28.35 21.94 -5.08
N GLY C 161 -28.29 22.56 -6.25
CA GLY C 161 -27.12 23.34 -6.64
C GLY C 161 -26.00 22.52 -7.26
N THR C 162 -25.82 21.29 -6.79
CA THR C 162 -24.72 20.45 -7.22
C THR C 162 -25.04 19.75 -8.53
N GLU C 163 -23.99 19.39 -9.25
CA GLU C 163 -24.10 18.58 -10.46
C GLU C 163 -23.75 17.14 -10.10
N ARG C 164 -24.64 16.22 -10.43
CA ARG C 164 -24.59 14.86 -9.92
C ARG C 164 -24.61 13.87 -11.07
N VAL C 165 -24.47 12.59 -10.73
CA VAL C 165 -24.46 11.52 -11.70
C VAL C 165 -25.11 10.29 -11.07
N VAL C 166 -25.69 9.45 -11.92
CA VAL C 166 -26.34 8.21 -11.50
C VAL C 166 -25.75 7.11 -12.37
N VAL C 167 -24.80 6.37 -11.84
CA VAL C 167 -24.03 5.42 -12.61
C VAL C 167 -24.85 4.16 -12.84
N SER C 168 -24.39 3.30 -13.73
CA SER C 168 -25.06 2.05 -14.01
C SER C 168 -24.77 1.07 -12.87
N GLN C 169 -25.12 -0.19 -13.06
CA GLN C 169 -24.93 -1.19 -12.01
C GLN C 169 -25.01 -2.56 -12.65
N LEU C 170 -23.93 -3.34 -12.51
CA LEU C 170 -23.91 -4.71 -13.01
C LEU C 170 -24.60 -5.62 -12.01
N VAL C 171 -25.53 -6.44 -12.50
CA VAL C 171 -26.23 -7.41 -11.66
C VAL C 171 -26.48 -8.67 -12.47
N ARG C 172 -27.00 -9.68 -11.81
CA ARG C 172 -27.36 -10.92 -12.49
C ARG C 172 -28.72 -10.78 -13.14
N SER C 173 -28.90 -11.52 -14.23
CA SER C 173 -30.19 -11.46 -14.90
C SER C 173 -31.12 -12.53 -14.34
N PRO C 174 -32.38 -12.20 -14.07
CA PRO C 174 -33.33 -13.23 -13.64
C PRO C 174 -33.42 -14.35 -14.68
N GLY C 175 -33.38 -15.58 -14.20
CA GLY C 175 -33.47 -16.73 -15.07
C GLY C 175 -32.71 -17.91 -14.48
N VAL C 176 -33.02 -19.09 -15.01
CA VAL C 176 -32.38 -20.31 -14.53
C VAL C 176 -30.87 -20.16 -14.61
N TYR C 177 -30.19 -20.62 -13.56
CA TYR C 177 -28.73 -20.67 -13.54
C TYR C 177 -28.31 -21.96 -12.85
N PHE C 178 -27.55 -22.78 -13.58
CA PHE C 178 -27.13 -24.09 -13.11
C PHE C 178 -25.65 -24.09 -12.79
N ASP C 179 -25.26 -24.93 -11.83
CA ASP C 179 -23.88 -24.93 -11.34
C ASP C 179 -23.61 -26.23 -10.61
N GLU C 180 -22.65 -27.01 -11.11
CA GLU C 180 -22.23 -28.22 -10.43
C GLU C 180 -21.44 -27.89 -9.17
N THR C 181 -21.66 -28.67 -8.12
CA THR C 181 -21.00 -28.46 -6.84
C THR C 181 -20.52 -29.80 -6.30
N ILE C 182 -19.23 -29.88 -6.00
CA ILE C 182 -18.61 -31.11 -5.53
C ILE C 182 -18.66 -31.15 -4.01
N ASP C 183 -19.28 -32.19 -3.46
CA ASP C 183 -19.21 -32.41 -2.02
C ASP C 183 -17.75 -32.66 -1.63
N LYS C 184 -17.26 -31.87 -0.67
CA LYS C 184 -15.85 -31.96 -0.29
C LYS C 184 -15.50 -33.27 0.39
N SER C 185 -16.49 -34.07 0.80
CA SER C 185 -16.24 -35.36 1.41
C SER C 185 -16.25 -36.47 0.37
N THR C 186 -17.35 -36.62 -0.35
CA THR C 186 -17.49 -37.59 -1.42
C THR C 186 -17.45 -36.82 -2.74
N GLU C 187 -16.34 -36.98 -3.47
CA GLU C 187 -16.11 -36.20 -4.68
C GLU C 187 -16.99 -36.69 -5.83
N LYS C 188 -18.30 -36.45 -5.71
CA LYS C 188 -19.27 -36.86 -6.73
C LYS C 188 -19.95 -35.61 -7.27
N THR C 189 -19.68 -35.29 -8.53
CA THR C 189 -20.28 -34.12 -9.17
C THR C 189 -21.79 -34.25 -9.22
N LEU C 190 -22.48 -33.30 -8.61
CA LEU C 190 -23.93 -33.23 -8.64
C LEU C 190 -24.34 -31.82 -9.05
N HIS C 191 -25.24 -31.72 -10.02
CA HIS C 191 -25.65 -30.44 -10.55
C HIS C 191 -26.65 -29.77 -9.60
N SER C 192 -27.27 -28.69 -10.06
CA SER C 192 -28.19 -27.92 -9.23
C SER C 192 -29.02 -27.04 -10.16
N VAL C 193 -29.83 -26.17 -9.55
CA VAL C 193 -30.74 -25.31 -10.29
C VAL C 193 -31.03 -24.10 -9.42
N LYS C 194 -31.42 -23.00 -10.06
CA LYS C 194 -31.94 -21.86 -9.31
C LYS C 194 -32.73 -20.93 -10.22
N VAL C 195 -34.03 -20.80 -9.97
CA VAL C 195 -34.86 -19.83 -10.66
C VAL C 195 -34.82 -18.53 -9.86
N ILE C 196 -34.30 -17.48 -10.48
CA ILE C 196 -33.97 -16.25 -9.76
C ILE C 196 -34.78 -15.09 -10.32
N PRO C 197 -36.10 -15.09 -10.17
CA PRO C 197 -36.89 -13.96 -10.67
C PRO C 197 -36.49 -12.66 -9.98
N GLY C 198 -36.96 -11.56 -10.55
CA GLY C 198 -36.71 -10.26 -9.96
C GLY C 198 -37.19 -10.20 -8.54
N ARG C 199 -38.21 -11.01 -8.23
CA ARG C 199 -38.76 -11.16 -6.89
C ARG C 199 -39.82 -12.23 -6.95
N GLY C 200 -40.15 -12.78 -5.78
CA GLY C 200 -41.18 -13.80 -5.67
C GLY C 200 -40.63 -15.06 -5.03
N ALA C 201 -41.11 -16.20 -5.53
CA ALA C 201 -40.70 -17.50 -4.98
C ALA C 201 -39.23 -17.76 -5.25
N TRP C 202 -38.40 -17.60 -4.22
CA TRP C 202 -36.98 -17.94 -4.35
C TRP C 202 -36.83 -19.45 -4.20
N LEU C 203 -36.13 -20.06 -5.16
CA LEU C 203 -36.26 -21.49 -5.38
C LEU C 203 -34.94 -22.05 -5.87
N GLU C 204 -34.77 -23.35 -5.67
CA GLU C 204 -33.63 -24.06 -6.25
C GLU C 204 -33.93 -25.55 -6.29
N PHE C 205 -33.97 -26.12 -7.50
CA PHE C 205 -33.98 -27.55 -7.66
C PHE C 205 -32.53 -28.06 -7.67
N ASP C 206 -32.38 -29.38 -7.61
CA ASP C 206 -31.04 -29.96 -7.59
C ASP C 206 -31.16 -31.47 -7.64
N VAL C 207 -30.01 -32.12 -7.84
CA VAL C 207 -29.86 -33.56 -7.67
C VAL C 207 -29.26 -33.76 -6.28
N ASP C 208 -30.08 -34.27 -5.35
CA ASP C 208 -29.61 -34.41 -3.98
C ASP C 208 -28.40 -35.33 -3.93
N LYS C 209 -27.77 -35.39 -2.76
CA LYS C 209 -26.62 -36.25 -2.57
C LYS C 209 -26.95 -37.70 -2.90
N ARG C 210 -28.23 -38.07 -2.83
CA ARG C 210 -28.69 -39.37 -3.28
C ARG C 210 -29.21 -39.26 -4.71
N ASP C 211 -29.43 -40.42 -5.34
CA ASP C 211 -29.99 -40.45 -6.68
C ASP C 211 -31.25 -39.60 -6.79
N THR C 212 -31.94 -39.36 -5.67
CA THR C 212 -33.18 -38.59 -5.70
C THR C 212 -32.91 -37.16 -6.14
N VAL C 213 -33.99 -36.48 -6.50
CA VAL C 213 -33.95 -35.07 -6.91
C VAL C 213 -34.93 -34.30 -6.05
N GLY C 214 -34.41 -33.63 -5.03
CA GLY C 214 -35.25 -32.80 -4.17
C GLY C 214 -35.32 -31.37 -4.65
N VAL C 215 -36.21 -30.61 -4.02
CA VAL C 215 -36.35 -29.19 -4.29
C VAL C 215 -35.98 -28.44 -3.02
N ARG C 216 -35.92 -27.11 -3.13
CA ARG C 216 -35.83 -26.22 -1.97
C ARG C 216 -36.52 -24.92 -2.37
N ILE C 217 -37.76 -24.77 -1.95
CA ILE C 217 -38.58 -23.63 -2.32
C ILE C 217 -38.46 -22.58 -1.23
N ASP C 218 -38.69 -21.31 -1.60
CA ASP C 218 -38.57 -20.19 -0.67
C ASP C 218 -37.21 -20.19 0.03
N ARG C 219 -36.23 -20.89 -0.55
CA ARG C 219 -34.92 -21.07 0.07
C ARG C 219 -35.06 -21.73 1.44
N LYS C 220 -35.74 -22.87 1.46
CA LYS C 220 -36.11 -23.53 2.71
C LYS C 220 -35.92 -25.04 2.63
N ARG C 221 -36.45 -25.77 3.62
CA ARG C 221 -36.34 -27.22 3.70
C ARG C 221 -36.62 -27.89 2.36
N ARG C 222 -36.00 -29.03 2.13
CA ARG C 222 -36.13 -29.71 0.84
C ARG C 222 -37.27 -30.73 0.87
N GLN C 223 -37.77 -31.03 -0.32
CA GLN C 223 -38.86 -31.98 -0.51
C GLN C 223 -38.66 -32.65 -1.85
N PRO C 224 -39.38 -33.73 -2.13
CA PRO C 224 -39.33 -34.31 -3.48
C PRO C 224 -39.72 -33.28 -4.53
N VAL C 225 -39.50 -33.65 -5.78
CA VAL C 225 -39.77 -32.73 -6.89
C VAL C 225 -40.97 -33.23 -7.67
N THR C 226 -41.25 -34.54 -7.59
CA THR C 226 -42.50 -35.05 -8.12
C THR C 226 -43.69 -34.58 -7.28
N VAL C 227 -43.44 -34.26 -6.01
CA VAL C 227 -44.48 -33.67 -5.16
C VAL C 227 -45.05 -32.43 -5.83
N LEU C 228 -44.19 -31.44 -6.08
CA LEU C 228 -44.65 -30.22 -6.75
C LEU C 228 -45.23 -30.51 -8.13
N LEU C 229 -44.75 -31.57 -8.79
CA LEU C 229 -45.30 -31.91 -10.09
C LEU C 229 -46.77 -32.27 -9.98
N LYS C 230 -47.09 -33.24 -9.12
CA LYS C 230 -48.49 -33.59 -8.92
C LYS C 230 -49.24 -32.57 -8.07
N ALA C 231 -48.57 -31.51 -7.62
CA ALA C 231 -49.25 -30.43 -6.92
C ALA C 231 -50.02 -29.55 -7.90
N LEU C 232 -49.42 -29.26 -9.05
CA LEU C 232 -50.08 -28.45 -10.07
C LEU C 232 -51.32 -29.10 -10.64
N GLY C 233 -51.58 -30.37 -10.30
CA GLY C 233 -52.71 -31.10 -10.85
C GLY C 233 -52.27 -32.11 -11.88
N TRP C 234 -51.16 -32.78 -11.61
CA TRP C 234 -50.58 -33.76 -12.51
C TRP C 234 -50.53 -35.13 -11.85
N THR C 235 -50.17 -36.14 -12.63
CA THR C 235 -50.21 -37.53 -12.22
C THR C 235 -48.90 -38.20 -12.64
N ASN C 236 -48.64 -39.39 -12.06
CA ASN C 236 -47.40 -40.09 -12.33
C ASN C 236 -47.33 -40.63 -13.76
N GLU C 237 -48.49 -40.93 -14.37
CA GLU C 237 -48.49 -41.50 -15.72
C GLU C 237 -47.92 -40.51 -16.72
N GLN C 238 -48.42 -39.27 -16.70
CA GLN C 238 -47.89 -38.26 -17.61
C GLN C 238 -46.43 -37.96 -17.32
N ILE C 239 -46.03 -38.07 -16.06
CA ILE C 239 -44.63 -37.84 -15.70
C ILE C 239 -43.74 -38.89 -16.37
N VAL C 240 -44.00 -40.17 -16.08
CA VAL C 240 -43.25 -41.25 -16.70
C VAL C 240 -43.44 -41.27 -18.21
N GLU C 241 -44.44 -40.55 -18.74
CA GLU C 241 -44.60 -40.46 -20.18
C GLU C 241 -43.63 -39.46 -20.77
N ARG C 242 -43.67 -38.20 -20.30
CA ARG C 242 -42.80 -37.18 -20.86
C ARG C 242 -41.37 -37.30 -20.36
N PHE C 243 -41.14 -37.99 -19.24
CA PHE C 243 -39.77 -38.28 -18.82
C PHE C 243 -39.83 -39.39 -17.77
N GLY C 244 -39.24 -40.54 -18.11
CA GLY C 244 -39.13 -41.65 -17.17
C GLY C 244 -37.86 -42.44 -17.38
N PHE C 245 -36.87 -41.83 -18.03
CA PHE C 245 -35.72 -42.53 -18.56
C PHE C 245 -34.44 -42.27 -17.80
N SER C 246 -34.49 -41.57 -16.68
CA SER C 246 -33.32 -41.32 -15.85
C SER C 246 -33.51 -41.94 -14.47
N GLU C 247 -32.44 -42.56 -13.96
CA GLU C 247 -32.54 -43.28 -12.69
C GLU C 247 -33.07 -42.38 -11.58
N ILE C 248 -32.66 -41.11 -11.58
CA ILE C 248 -33.00 -40.18 -10.50
C ILE C 248 -34.50 -40.11 -10.33
N MET C 249 -35.25 -40.44 -11.39
CA MET C 249 -36.70 -40.51 -11.29
C MET C 249 -37.11 -41.49 -10.19
N MET C 250 -36.74 -42.76 -10.36
CA MET C 250 -37.16 -43.79 -9.41
C MET C 250 -36.85 -43.38 -7.98
N GLY C 251 -35.62 -42.95 -7.73
CA GLY C 251 -35.25 -42.52 -6.39
C GLY C 251 -36.26 -41.55 -5.79
N THR C 252 -36.62 -40.53 -6.56
CA THR C 252 -37.62 -39.56 -6.10
C THR C 252 -39.04 -39.96 -6.49
N LEU C 253 -39.21 -40.94 -7.39
CA LEU C 253 -40.53 -41.44 -7.68
C LEU C 253 -40.98 -42.51 -6.69
N GLU C 254 -40.03 -43.27 -6.16
CA GLU C 254 -40.31 -44.27 -5.12
C GLU C 254 -40.29 -43.56 -3.77
N LYS C 255 -41.37 -42.82 -3.50
CA LYS C 255 -41.59 -42.23 -2.20
C LYS C 255 -42.77 -42.84 -1.46
N ASP C 256 -43.57 -43.67 -2.13
CA ASP C 256 -44.79 -44.22 -1.56
C ASP C 256 -45.63 -43.11 -0.93
N THR C 257 -45.66 -41.96 -1.61
CA THR C 257 -46.42 -40.81 -1.19
C THR C 257 -47.85 -40.90 -1.72
N THR C 258 -48.78 -40.42 -0.91
CA THR C 258 -50.18 -40.36 -1.34
C THR C 258 -50.25 -39.65 -2.69
N SER C 259 -50.70 -40.36 -3.72
CA SER C 259 -50.77 -39.75 -5.04
C SER C 259 -51.68 -38.54 -5.04
N GLY C 260 -52.82 -38.62 -4.34
CA GLY C 260 -53.65 -37.46 -4.12
C GLY C 260 -52.93 -36.46 -3.23
N THR C 261 -52.47 -35.37 -3.80
CA THR C 261 -51.71 -34.38 -3.06
C THR C 261 -52.61 -33.57 -2.15
N ASP C 262 -52.72 -33.98 -0.89
CA ASP C 262 -53.55 -33.30 0.10
C ASP C 262 -52.81 -32.90 1.36
N GLU C 263 -51.71 -33.55 1.69
CA GLU C 263 -50.94 -33.25 2.90
C GLU C 263 -49.58 -32.64 2.60
N ALA C 264 -48.78 -33.27 1.74
CA ALA C 264 -47.45 -32.74 1.44
C ALA C 264 -47.51 -31.27 1.05
N LEU C 265 -48.57 -30.89 0.33
CA LEU C 265 -48.81 -29.47 0.08
C LEU C 265 -49.08 -28.75 1.39
N LEU C 266 -50.01 -29.28 2.19
CA LEU C 266 -50.26 -28.72 3.50
C LEU C 266 -49.02 -28.77 4.39
N ASP C 267 -48.16 -29.78 4.18
CA ASP C 267 -46.91 -29.83 4.94
C ASP C 267 -46.02 -28.67 4.58
N ILE C 268 -45.80 -28.45 3.28
CA ILE C 268 -45.04 -27.29 2.83
C ILE C 268 -45.63 -26.02 3.46
N TYR C 269 -46.96 -25.87 3.38
CA TYR C 269 -47.60 -24.69 3.95
C TYR C 269 -47.24 -24.53 5.42
N ARG C 270 -47.61 -25.54 6.23
CA ARG C 270 -47.31 -25.51 7.66
C ARG C 270 -45.84 -25.23 7.93
N LYS C 271 -44.97 -25.56 6.97
CA LYS C 271 -43.57 -25.15 7.09
C LYS C 271 -43.40 -23.66 6.82
N LEU C 272 -44.24 -23.10 5.95
CA LEU C 272 -44.16 -21.67 5.65
C LEU C 272 -44.66 -20.84 6.84
N ARG C 273 -45.89 -21.08 7.28
CA ARG C 273 -46.54 -20.29 8.32
C ARG C 273 -47.09 -21.24 9.39
N PRO C 274 -46.21 -21.87 10.17
CA PRO C 274 -46.68 -22.77 11.23
C PRO C 274 -47.78 -22.19 12.08
N GLY C 275 -48.93 -22.87 12.11
CA GLY C 275 -50.06 -22.42 12.92
C GLY C 275 -51.27 -22.01 12.10
N GLU C 276 -51.48 -22.67 10.95
CA GLU C 276 -52.58 -22.33 10.07
C GLU C 276 -53.68 -23.39 10.16
N PRO C 277 -54.96 -23.00 10.07
CA PRO C 277 -56.03 -23.99 9.85
C PRO C 277 -55.79 -24.74 8.55
N PRO C 278 -55.78 -26.07 8.58
CA PRO C 278 -55.38 -26.82 7.38
C PRO C 278 -56.52 -26.92 6.37
N THR C 279 -56.14 -26.85 5.09
CA THR C 279 -57.10 -26.93 4.00
C THR C 279 -56.38 -27.14 2.68
N LYS C 280 -56.82 -28.13 1.89
CA LYS C 280 -56.24 -28.32 0.57
C LYS C 280 -56.31 -27.05 -0.26
N GLU C 281 -57.42 -26.32 -0.15
CA GLU C 281 -57.56 -25.06 -0.87
C GLU C 281 -56.48 -24.06 -0.44
N SER C 282 -56.10 -24.09 0.83
CA SER C 282 -55.08 -23.15 1.30
C SER C 282 -53.75 -23.37 0.58
N ALA C 283 -53.25 -24.60 0.59
CA ALA C 283 -51.99 -24.90 -0.09
C ALA C 283 -52.13 -24.71 -1.60
N GLN C 284 -53.28 -25.07 -2.17
CA GLN C 284 -53.52 -24.83 -3.59
C GLN C 284 -53.34 -23.36 -3.93
N THR C 285 -54.03 -22.49 -3.19
CA THR C 285 -53.94 -21.05 -3.45
C THR C 285 -52.52 -20.54 -3.22
N LEU C 286 -51.86 -21.01 -2.15
CA LEU C 286 -50.51 -20.56 -1.89
C LEU C 286 -49.57 -20.91 -3.05
N LEU C 287 -49.68 -22.15 -3.56
CA LEU C 287 -48.80 -22.57 -4.64
C LEU C 287 -49.12 -21.83 -5.93
N GLU C 288 -50.40 -21.64 -6.23
CA GLU C 288 -50.78 -20.94 -7.45
C GLU C 288 -50.60 -19.44 -7.36
N ASN C 289 -50.33 -18.90 -6.17
CA ASN C 289 -50.16 -17.46 -5.97
C ASN C 289 -48.72 -17.05 -5.78
N LEU C 290 -47.90 -17.90 -5.16
CA LEU C 290 -46.52 -17.55 -4.86
C LEU C 290 -45.56 -17.93 -5.98
N PHE C 291 -45.99 -18.77 -6.91
CA PHE C 291 -45.16 -19.20 -8.03
C PHE C 291 -45.76 -18.91 -9.39
N PHE C 292 -47.03 -18.52 -9.46
CA PHE C 292 -47.72 -18.40 -10.75
C PHE C 292 -48.60 -17.16 -10.82
N LYS C 293 -48.29 -16.12 -10.05
CA LYS C 293 -49.06 -14.89 -10.11
C LYS C 293 -48.18 -13.72 -9.69
N GLU C 294 -48.59 -12.52 -10.11
CA GLU C 294 -47.82 -11.30 -9.87
C GLU C 294 -47.65 -10.99 -8.39
N LYS C 295 -48.45 -11.60 -7.51
CA LYS C 295 -48.35 -11.28 -6.08
C LYS C 295 -46.92 -11.45 -5.59
N ARG C 296 -46.39 -12.67 -5.68
CA ARG C 296 -45.01 -12.97 -5.32
C ARG C 296 -44.36 -13.84 -6.38
N TYR C 297 -44.52 -13.45 -7.65
CA TYR C 297 -43.83 -14.11 -8.75
C TYR C 297 -43.93 -13.19 -9.96
N ASP C 298 -42.79 -12.66 -10.42
CA ASP C 298 -42.77 -11.83 -11.61
C ASP C 298 -41.35 -11.88 -12.20
N LEU C 299 -41.18 -12.71 -13.22
CA LEU C 299 -39.96 -12.68 -14.03
C LEU C 299 -40.10 -11.51 -14.98
N ALA C 300 -39.56 -10.35 -14.58
CA ALA C 300 -39.59 -9.20 -15.46
C ALA C 300 -39.12 -9.61 -16.85
N ARG C 301 -39.60 -8.88 -17.86
CA ARG C 301 -39.45 -9.31 -19.25
C ARG C 301 -38.03 -9.79 -19.53
N VAL C 302 -37.05 -9.20 -18.85
CA VAL C 302 -35.68 -9.68 -18.99
C VAL C 302 -35.59 -11.15 -18.58
N GLY C 303 -36.27 -11.53 -17.50
CA GLY C 303 -36.16 -12.87 -16.97
C GLY C 303 -36.98 -13.87 -17.74
N ARG C 304 -38.22 -13.50 -18.08
CA ARG C 304 -39.01 -14.33 -18.96
C ARG C 304 -38.30 -14.54 -20.29
N TYR C 305 -37.55 -13.54 -20.75
CA TYR C 305 -36.80 -13.68 -22.00
C TYR C 305 -35.56 -14.53 -21.83
N LYS C 306 -34.93 -14.47 -20.66
CA LYS C 306 -33.80 -15.34 -20.38
C LYS C 306 -34.23 -16.80 -20.28
N VAL C 307 -35.46 -17.04 -19.81
CA VAL C 307 -35.98 -18.41 -19.73
C VAL C 307 -36.63 -18.85 -21.03
N ASN C 308 -36.99 -17.91 -21.91
CA ASN C 308 -37.46 -18.27 -23.23
C ASN C 308 -36.29 -18.61 -24.15
N LYS C 309 -35.29 -17.73 -24.22
CA LYS C 309 -34.11 -18.00 -25.03
C LYS C 309 -33.50 -19.35 -24.69
N LYS C 310 -33.67 -19.81 -23.45
CA LYS C 310 -33.24 -21.12 -23.03
C LYS C 310 -34.44 -22.04 -22.92
N LEU C 311 -34.20 -23.34 -23.09
CA LEU C 311 -35.26 -24.34 -23.04
C LEU C 311 -36.14 -24.28 -24.28
N GLY C 312 -35.94 -23.27 -25.13
CA GLY C 312 -36.78 -23.09 -26.31
C GLY C 312 -38.26 -23.15 -26.00
N LEU C 313 -38.77 -22.16 -25.27
CA LEU C 313 -40.17 -22.08 -24.93
C LEU C 313 -40.82 -20.91 -25.65
N ASN C 314 -42.01 -21.14 -26.20
CA ASN C 314 -42.77 -20.10 -26.90
C ASN C 314 -41.88 -19.32 -27.86
N ALA C 315 -41.36 -20.05 -28.84
CA ALA C 315 -40.43 -19.47 -29.80
C ALA C 315 -41.15 -18.55 -30.78
N GLY C 316 -40.60 -17.36 -30.99
CA GLY C 316 -41.16 -16.42 -31.94
C GLY C 316 -42.54 -15.95 -31.54
N LYS C 317 -42.69 -15.46 -30.32
CA LYS C 317 -43.97 -15.10 -29.77
C LYS C 317 -43.79 -13.99 -28.75
N PRO C 318 -44.68 -12.99 -28.70
CA PRO C 318 -44.51 -11.89 -27.75
C PRO C 318 -44.26 -12.35 -26.32
N ILE C 319 -43.73 -11.44 -25.50
CA ILE C 319 -43.28 -11.77 -24.15
C ILE C 319 -43.96 -10.91 -23.09
N THR C 320 -44.92 -10.07 -23.48
CA THR C 320 -45.52 -9.09 -22.57
C THR C 320 -45.86 -9.72 -21.21
N SER C 321 -46.79 -10.69 -21.21
CA SER C 321 -47.35 -11.22 -19.97
C SER C 321 -47.23 -12.74 -19.96
N SER C 322 -46.04 -13.22 -19.59
CA SER C 322 -45.85 -14.61 -19.23
C SER C 322 -44.90 -14.72 -18.04
N THR C 323 -44.88 -13.70 -17.19
CA THR C 323 -44.03 -13.74 -16.00
C THR C 323 -44.36 -14.95 -15.15
N LEU C 324 -45.58 -15.00 -14.62
CA LEU C 324 -46.11 -16.27 -14.13
C LEU C 324 -46.06 -17.29 -15.26
N THR C 325 -45.87 -18.56 -14.89
CA THR C 325 -45.61 -19.58 -15.89
C THR C 325 -45.83 -20.96 -15.30
N GLU C 326 -46.53 -21.81 -16.06
CA GLU C 326 -46.75 -23.20 -15.69
C GLU C 326 -45.93 -24.17 -16.51
N GLU C 327 -45.27 -23.70 -17.58
CA GLU C 327 -44.41 -24.53 -18.41
C GLU C 327 -42.94 -24.16 -18.31
N ASP C 328 -42.61 -22.88 -18.05
CA ASP C 328 -41.22 -22.54 -17.80
C ASP C 328 -40.70 -23.16 -16.50
N VAL C 329 -41.59 -23.72 -15.69
CA VAL C 329 -41.18 -24.37 -14.45
C VAL C 329 -40.97 -25.86 -14.63
N VAL C 330 -41.51 -26.46 -15.68
CA VAL C 330 -41.48 -27.91 -15.83
C VAL C 330 -40.31 -28.35 -16.68
N ALA C 331 -39.94 -27.56 -17.69
CA ALA C 331 -38.81 -27.89 -18.55
C ALA C 331 -37.47 -27.71 -17.84
N THR C 332 -37.46 -27.01 -16.70
CA THR C 332 -36.21 -26.80 -15.98
C THR C 332 -35.71 -28.11 -15.37
N ILE C 333 -36.61 -28.89 -14.80
CA ILE C 333 -36.24 -30.19 -14.26
C ILE C 333 -35.76 -31.11 -15.38
N GLU C 334 -36.36 -30.99 -16.57
CA GLU C 334 -35.88 -31.77 -17.72
C GLU C 334 -34.47 -31.35 -18.08
N TYR C 335 -34.20 -30.05 -18.15
CA TYR C 335 -32.85 -29.58 -18.38
C TYR C 335 -31.89 -30.18 -17.36
N LEU C 336 -32.26 -30.11 -16.08
CA LEU C 336 -31.37 -30.57 -15.02
C LEU C 336 -31.06 -32.06 -15.16
N VAL C 337 -32.10 -32.89 -15.35
CA VAL C 337 -31.86 -34.32 -15.49
C VAL C 337 -31.00 -34.59 -16.73
N ARG C 338 -31.44 -34.10 -17.89
CA ARG C 338 -30.71 -34.39 -19.12
C ARG C 338 -29.29 -33.85 -19.08
N LEU C 339 -29.01 -32.90 -18.19
CA LEU C 339 -27.65 -32.43 -17.99
C LEU C 339 -26.90 -33.34 -17.02
N HIS C 340 -27.61 -33.99 -16.10
CA HIS C 340 -26.96 -34.93 -15.19
C HIS C 340 -25.99 -35.84 -15.94
N GLU C 341 -26.50 -36.59 -16.91
CA GLU C 341 -25.64 -37.46 -17.71
C GLU C 341 -24.91 -36.67 -18.79
N GLY C 342 -25.54 -35.65 -19.35
CA GLY C 342 -24.90 -34.83 -20.36
C GLY C 342 -25.55 -34.89 -21.72
N GLN C 343 -26.86 -35.10 -21.78
CA GLN C 343 -27.58 -35.03 -23.05
C GLN C 343 -27.33 -33.65 -23.65
N THR C 344 -26.60 -33.59 -24.76
CA THR C 344 -25.99 -32.35 -25.23
C THR C 344 -26.96 -31.50 -26.06
N SER C 345 -28.27 -31.73 -25.98
CA SER C 345 -29.22 -30.87 -26.66
C SER C 345 -30.62 -31.21 -26.18
N MET C 346 -31.56 -30.33 -26.49
CA MET C 346 -32.94 -30.48 -26.05
C MET C 346 -33.86 -29.89 -27.11
N THR C 347 -35.15 -30.17 -26.95
CA THR C 347 -36.19 -29.57 -27.77
C THR C 347 -37.52 -29.70 -27.05
N VAL C 348 -38.21 -28.58 -26.86
CA VAL C 348 -39.53 -28.58 -26.27
C VAL C 348 -40.51 -29.08 -27.33
N PRO C 349 -41.56 -29.82 -26.96
CA PRO C 349 -42.52 -30.26 -27.99
C PRO C 349 -43.29 -29.11 -28.58
N GLY C 350 -42.60 -28.27 -29.36
CA GLY C 350 -43.23 -27.13 -29.97
C GLY C 350 -42.33 -25.91 -30.05
N GLY C 351 -41.16 -25.99 -29.44
CA GLY C 351 -40.25 -24.85 -29.41
C GLY C 351 -39.09 -24.98 -30.38
N VAL C 352 -37.88 -24.73 -29.88
CA VAL C 352 -36.66 -24.78 -30.68
C VAL C 352 -35.67 -25.72 -30.01
N GLU C 353 -34.50 -25.85 -30.63
CA GLU C 353 -33.44 -26.72 -30.14
C GLU C 353 -32.33 -25.87 -29.54
N VAL C 354 -31.94 -26.20 -28.30
CA VAL C 354 -30.87 -25.48 -27.62
C VAL C 354 -30.01 -26.48 -26.88
N PRO C 355 -28.73 -26.15 -26.70
CA PRO C 355 -27.79 -27.10 -26.10
C PRO C 355 -27.98 -27.23 -24.60
N VAL C 356 -27.24 -28.17 -24.02
CA VAL C 356 -27.24 -28.39 -22.59
C VAL C 356 -25.88 -28.02 -22.04
N GLU C 357 -25.77 -26.79 -21.54
CA GLU C 357 -24.54 -26.24 -20.99
C GLU C 357 -24.76 -25.89 -19.52
N VAL C 358 -23.75 -25.25 -18.93
CA VAL C 358 -23.87 -24.67 -17.60
C VAL C 358 -23.77 -23.15 -17.74
N ASP C 359 -24.08 -22.45 -16.67
CA ASP C 359 -24.20 -21.00 -16.70
C ASP C 359 -23.19 -20.37 -15.75
N ASP C 360 -22.33 -19.51 -16.30
CA ASP C 360 -21.40 -18.75 -15.50
C ASP C 360 -22.09 -17.53 -14.90
N ILE C 361 -21.49 -17.01 -13.83
CA ILE C 361 -22.08 -15.88 -13.12
C ILE C 361 -21.62 -14.55 -13.71
N ASP C 362 -20.46 -14.51 -14.35
CA ASP C 362 -19.92 -13.28 -14.90
C ASP C 362 -20.28 -13.08 -16.37
N HIS C 363 -20.60 -14.15 -17.08
CA HIS C 363 -20.92 -14.05 -18.49
C HIS C 363 -22.04 -13.05 -18.73
N PHE C 364 -21.78 -12.09 -19.61
CA PHE C 364 -22.69 -10.96 -19.76
C PHE C 364 -24.01 -11.35 -20.41
N GLY C 365 -24.08 -12.50 -21.06
CA GLY C 365 -25.37 -13.06 -21.42
C GLY C 365 -26.21 -13.43 -20.22
N ASN C 366 -25.62 -13.41 -19.03
CA ASN C 366 -26.32 -13.68 -17.78
C ASN C 366 -26.30 -12.50 -16.83
N ARG C 367 -25.40 -11.54 -17.01
CA ARG C 367 -25.44 -10.29 -16.27
C ARG C 367 -26.24 -9.26 -17.05
N ARG C 368 -26.39 -8.08 -16.46
CA ARG C 368 -27.18 -7.02 -17.07
C ARG C 368 -26.92 -5.73 -16.31
N LEU C 369 -27.49 -4.65 -16.84
CA LEU C 369 -27.12 -3.29 -16.48
C LEU C 369 -28.36 -2.54 -16.01
N ARG C 370 -28.43 -2.27 -14.70
CA ARG C 370 -29.49 -1.44 -14.14
C ARG C 370 -29.16 0.02 -14.41
N THR C 371 -29.48 0.46 -15.62
CA THR C 371 -29.30 1.86 -15.95
C THR C 371 -30.12 2.76 -15.03
N VAL C 372 -29.82 4.06 -15.09
CA VAL C 372 -30.46 5.02 -14.21
C VAL C 372 -31.98 4.94 -14.33
N GLY C 373 -32.49 4.81 -15.55
CA GLY C 373 -33.92 4.71 -15.75
C GLY C 373 -34.56 3.65 -14.87
N GLU C 374 -33.89 2.50 -14.74
CA GLU C 374 -34.47 1.39 -14.01
C GLU C 374 -34.42 1.63 -12.50
N LEU C 375 -33.32 2.22 -12.01
CA LEU C 375 -33.25 2.58 -10.60
C LEU C 375 -34.36 3.54 -10.22
N ILE C 376 -34.56 4.57 -11.02
CA ILE C 376 -35.61 5.54 -10.73
C ILE C 376 -36.98 4.88 -10.84
N GLN C 377 -37.17 4.06 -11.87
CA GLN C 377 -38.40 3.30 -11.98
C GLN C 377 -38.70 2.53 -10.70
N ASN C 378 -37.67 1.92 -10.12
CA ASN C 378 -37.89 1.08 -8.94
C ASN C 378 -38.23 1.91 -7.72
N GLN C 379 -37.50 3.01 -7.51
CA GLN C 379 -37.81 3.87 -6.37
C GLN C 379 -39.22 4.47 -6.50
N ILE C 380 -39.60 4.79 -7.74
CA ILE C 380 -40.96 5.28 -7.98
C ILE C 380 -41.97 4.19 -7.68
N ARG C 381 -41.67 2.96 -8.08
CA ARG C 381 -42.52 1.83 -7.74
C ARG C 381 -42.75 1.75 -6.25
N VAL C 382 -41.70 1.94 -5.46
CA VAL C 382 -41.83 1.86 -4.00
C VAL C 382 -42.70 2.99 -3.47
N GLY C 383 -42.42 4.21 -3.93
CA GLY C 383 -43.25 5.33 -3.51
C GLY C 383 -44.72 5.13 -3.86
N LEU C 384 -44.97 4.55 -5.03
CA LEU C 384 -46.34 4.31 -5.45
C LEU C 384 -46.97 3.18 -4.66
N SER C 385 -46.18 2.22 -4.20
CA SER C 385 -46.71 1.21 -3.30
C SER C 385 -47.15 1.82 -1.98
N ARG C 386 -46.36 2.76 -1.46
CA ARG C 386 -46.77 3.44 -0.23
C ARG C 386 -48.03 4.26 -0.45
N MET C 387 -48.10 5.00 -1.56
CA MET C 387 -49.32 5.70 -1.91
C MET C 387 -50.49 4.74 -2.06
N GLU C 388 -50.22 3.56 -2.61
CA GLU C 388 -51.26 2.54 -2.77
C GLU C 388 -51.82 2.14 -1.43
N ARG C 389 -50.96 1.86 -0.44
CA ARG C 389 -51.45 1.50 0.89
C ARG C 389 -52.25 2.64 1.48
N VAL C 390 -51.74 3.87 1.37
CA VAL C 390 -52.47 5.04 1.86
C VAL C 390 -53.88 5.05 1.30
N VAL C 391 -54.02 4.87 -0.02
CA VAL C 391 -55.33 5.02 -0.63
C VAL C 391 -56.20 3.81 -0.35
N ARG C 392 -55.63 2.62 -0.22
CA ARG C 392 -56.39 1.47 0.26
C ARG C 392 -57.06 1.83 1.59
N GLU C 393 -56.30 2.40 2.51
CA GLU C 393 -56.87 2.78 3.80
C GLU C 393 -57.95 3.83 3.62
N ARG C 394 -57.63 4.94 2.94
CA ARG C 394 -58.61 6.00 2.74
C ARG C 394 -59.87 5.53 2.02
N MET C 395 -59.80 4.41 1.30
CA MET C 395 -60.90 3.98 0.44
C MET C 395 -61.80 2.93 1.09
N THR C 396 -61.25 2.10 1.97
CA THR C 396 -62.05 1.18 2.76
C THR C 396 -62.45 1.76 4.11
N THR C 397 -62.24 3.07 4.31
CA THR C 397 -62.53 3.72 5.56
C THR C 397 -63.42 4.94 5.34
N GLN C 398 -63.25 5.63 4.22
CA GLN C 398 -63.99 6.85 3.94
C GLN C 398 -65.29 6.53 3.21
N ASP C 399 -66.25 7.43 3.35
CA ASP C 399 -67.59 7.21 2.84
C ASP C 399 -67.70 7.65 1.38
N VAL C 400 -68.39 6.82 0.57
CA VAL C 400 -68.51 7.11 -0.84
C VAL C 400 -69.24 8.43 -1.05
N GLU C 401 -69.11 8.96 -2.26
CA GLU C 401 -69.69 10.22 -2.74
C GLU C 401 -68.91 11.42 -2.23
N ALA C 402 -67.91 11.23 -1.37
CA ALA C 402 -67.04 12.31 -0.91
C ALA C 402 -65.59 12.11 -1.32
N ILE C 403 -65.26 10.99 -1.96
CA ILE C 403 -63.89 10.68 -2.35
C ILE C 403 -63.79 10.64 -3.87
N THR C 404 -62.92 11.48 -4.41
CA THR C 404 -62.60 11.49 -5.84
C THR C 404 -61.13 11.85 -5.95
N PRO C 405 -60.54 11.78 -7.15
CA PRO C 405 -59.08 11.57 -7.24
C PRO C 405 -58.25 12.46 -6.32
N GLN C 406 -58.47 13.78 -6.36
CA GLN C 406 -57.63 14.68 -5.57
C GLN C 406 -57.68 14.37 -4.08
N THR C 407 -58.62 13.54 -3.63
CA THR C 407 -58.71 13.15 -2.24
C THR C 407 -58.12 11.76 -1.97
N LEU C 408 -57.92 10.96 -3.01
CA LEU C 408 -57.43 9.59 -2.87
C LEU C 408 -55.95 9.46 -3.20
N ILE C 409 -55.17 10.52 -2.95
CA ILE C 409 -53.77 10.53 -3.37
C ILE C 409 -52.92 11.30 -2.36
N ASN C 410 -51.93 10.61 -1.80
CA ASN C 410 -50.93 11.22 -0.91
C ASN C 410 -49.57 11.02 -1.57
N ILE C 411 -49.00 12.10 -2.08
CA ILE C 411 -47.83 11.98 -2.94
C ILE C 411 -46.52 11.92 -2.15
N ARG C 412 -46.47 12.54 -0.98
CA ARG C 412 -45.24 12.74 -0.22
C ARG C 412 -44.32 11.51 -0.24
N PRO C 413 -44.86 10.29 -0.10
CA PRO C 413 -43.99 9.11 -0.22
C PRO C 413 -43.17 9.08 -1.50
N VAL C 414 -43.77 9.41 -2.64
CA VAL C 414 -43.08 9.33 -3.92
C VAL C 414 -41.91 10.31 -3.95
N VAL C 415 -42.21 11.59 -3.74
CA VAL C 415 -41.16 12.62 -3.71
C VAL C 415 -40.07 12.23 -2.72
N ALA C 416 -40.47 11.74 -1.55
CA ALA C 416 -39.49 11.40 -0.53
C ALA C 416 -38.59 10.26 -0.97
N ALA C 417 -39.16 9.28 -1.66
CA ALA C 417 -38.35 8.18 -2.18
C ALA C 417 -37.37 8.68 -3.21
N ILE C 418 -37.83 9.49 -4.15
CA ILE C 418 -36.95 10.00 -5.19
C ILE C 418 -35.79 10.79 -4.57
N LYS C 419 -36.10 11.65 -3.60
CA LYS C 419 -35.07 12.47 -3.00
C LYS C 419 -34.11 11.62 -2.17
N GLU C 420 -34.64 10.64 -1.42
CA GLU C 420 -33.78 9.72 -0.69
C GLU C 420 -32.79 9.05 -1.63
N PHE C 421 -33.29 8.54 -2.76
CA PHE C 421 -32.39 7.91 -3.72
C PHE C 421 -31.33 8.90 -4.20
N PHE C 422 -31.77 10.05 -4.72
CA PHE C 422 -30.83 11.01 -5.29
C PHE C 422 -29.87 11.59 -4.26
N GLY C 423 -30.16 11.46 -2.98
CA GLY C 423 -29.30 12.02 -1.96
C GLY C 423 -28.34 11.03 -1.34
N THR C 424 -28.86 9.87 -0.93
CA THR C 424 -28.10 8.91 -0.16
C THR C 424 -27.49 7.80 -1.02
N SER C 425 -28.29 7.15 -1.85
CA SER C 425 -27.86 5.98 -2.61
C SER C 425 -26.46 6.18 -3.18
N GLN C 426 -25.60 5.17 -2.97
CA GLN C 426 -24.23 5.25 -3.43
C GLN C 426 -24.12 5.41 -4.94
N LEU C 427 -25.20 5.20 -5.67
CA LEU C 427 -25.20 5.41 -7.12
C LEU C 427 -25.48 6.86 -7.50
N SER C 428 -25.98 7.67 -6.57
CA SER C 428 -26.22 9.09 -6.82
C SER C 428 -25.01 9.86 -6.33
N GLN C 429 -23.98 9.89 -7.17
CA GLN C 429 -22.66 10.35 -6.78
C GLN C 429 -22.39 11.74 -7.32
N PHE C 430 -21.55 12.47 -6.60
CA PHE C 430 -21.08 13.76 -7.11
C PHE C 430 -20.31 13.56 -8.40
N MET C 431 -20.29 14.59 -9.22
CA MET C 431 -19.63 14.50 -10.51
C MET C 431 -18.12 14.66 -10.33
N ASP C 432 -17.36 13.67 -10.81
CA ASP C 432 -15.91 13.71 -10.71
C ASP C 432 -15.44 14.78 -11.70
N GLN C 433 -15.38 16.01 -11.21
CA GLN C 433 -15.34 17.19 -12.06
C GLN C 433 -13.98 17.89 -11.98
N ASN C 434 -12.93 17.05 -11.95
CA ASN C 434 -11.57 17.57 -12.12
C ASN C 434 -11.40 18.13 -13.54
N ASN C 435 -11.67 17.30 -14.54
CA ASN C 435 -11.52 17.68 -15.94
C ASN C 435 -12.57 16.93 -16.74
N PRO C 436 -12.83 17.38 -17.98
CA PRO C 436 -13.89 16.74 -18.77
C PRO C 436 -13.83 15.22 -18.79
N LEU C 437 -12.63 14.65 -18.83
CA LEU C 437 -12.52 13.20 -18.91
C LEU C 437 -12.96 12.54 -17.62
N SER C 438 -12.63 13.13 -16.47
CA SER C 438 -13.08 12.59 -15.20
C SER C 438 -14.60 12.48 -15.19
N GLY C 439 -15.29 13.57 -15.48
CA GLY C 439 -16.74 13.52 -15.52
C GLY C 439 -17.27 12.53 -16.55
N LEU C 440 -16.66 12.52 -17.74
CA LEU C 440 -17.14 11.66 -18.80
C LEU C 440 -16.93 10.18 -18.49
N THR C 441 -15.99 9.85 -17.60
CA THR C 441 -15.82 8.47 -17.17
C THR C 441 -16.69 8.13 -15.98
N HIS C 442 -16.91 9.08 -15.06
CA HIS C 442 -17.89 8.85 -14.01
C HIS C 442 -19.24 8.47 -14.61
N LYS C 443 -19.54 8.97 -15.79
CA LYS C 443 -20.57 8.40 -16.64
C LYS C 443 -19.93 7.33 -17.50
N ARG C 444 -20.70 6.29 -17.79
CA ARG C 444 -20.21 5.07 -18.42
C ARG C 444 -19.44 4.20 -17.44
N ARG C 445 -19.60 4.43 -16.15
CA ARG C 445 -18.92 3.65 -15.13
C ARG C 445 -19.84 2.53 -14.68
N LEU C 446 -19.35 1.30 -14.75
CA LEU C 446 -20.12 0.11 -14.40
C LEU C 446 -19.71 -0.32 -13.00
N SER C 447 -20.65 -0.22 -12.06
CA SER C 447 -20.39 -0.43 -10.65
C SER C 447 -21.11 -1.70 -10.20
N ALA C 448 -20.33 -2.72 -9.88
CA ALA C 448 -20.87 -3.99 -9.40
C ALA C 448 -21.08 -3.99 -7.90
N LEU C 449 -21.23 -2.83 -7.29
CA LEU C 449 -21.48 -2.72 -5.86
C LEU C 449 -22.58 -1.69 -5.64
N GLY C 450 -23.55 -2.05 -4.81
CA GLY C 450 -24.63 -1.15 -4.49
C GLY C 450 -25.87 -1.91 -4.06
N PRO C 451 -26.92 -1.19 -3.66
CA PRO C 451 -28.17 -1.86 -3.32
C PRO C 451 -28.66 -2.75 -4.44
N GLY C 452 -28.70 -4.06 -4.21
CA GLY C 452 -29.12 -5.03 -5.19
C GLY C 452 -28.00 -5.88 -5.75
N GLY C 453 -26.74 -5.52 -5.48
CA GLY C 453 -25.61 -6.30 -5.96
C GLY C 453 -24.80 -6.91 -4.83
N LEU C 454 -23.50 -7.05 -5.04
CA LEU C 454 -22.61 -7.67 -4.06
C LEU C 454 -21.84 -6.60 -3.31
N SER C 455 -21.68 -6.80 -2.00
CA SER C 455 -20.89 -5.89 -1.18
C SER C 455 -19.95 -6.64 -0.25
N ARG C 456 -20.30 -7.86 0.13
CA ARG C 456 -19.56 -8.59 1.16
C ARG C 456 -19.02 -9.93 0.69
N GLU C 457 -19.79 -10.70 -0.08
CA GLU C 457 -19.45 -12.10 -0.31
C GLU C 457 -18.44 -12.26 -1.44
N ARG C 458 -18.77 -11.78 -2.63
CA ARG C 458 -17.97 -12.03 -3.81
C ARG C 458 -16.79 -11.09 -3.94
N ALA C 459 -16.43 -10.36 -2.89
CA ALA C 459 -15.27 -9.47 -2.92
C ALA C 459 -13.98 -10.28 -2.83
N GLY C 460 -13.83 -11.21 -3.77
CA GLY C 460 -12.67 -12.09 -3.83
C GLY C 460 -11.91 -11.95 -5.12
N LEU C 461 -11.91 -13.03 -5.92
CA LEU C 461 -11.20 -13.05 -7.19
C LEU C 461 -12.06 -13.64 -8.31
N GLU C 462 -13.35 -13.87 -8.06
CA GLU C 462 -14.26 -14.38 -9.07
C GLU C 462 -15.06 -13.28 -9.75
N VAL C 463 -15.06 -12.08 -9.18
CA VAL C 463 -15.67 -10.92 -9.82
C VAL C 463 -14.68 -9.78 -10.02
N ARG C 464 -13.55 -9.80 -9.33
CA ARG C 464 -12.50 -8.81 -9.50
C ARG C 464 -11.51 -9.17 -10.60
N ASP C 465 -11.92 -10.01 -11.54
CA ASP C 465 -11.05 -10.49 -12.60
C ASP C 465 -11.71 -10.22 -13.95
N VAL C 466 -10.98 -10.53 -15.01
CA VAL C 466 -11.43 -10.27 -16.37
C VAL C 466 -12.05 -11.54 -16.94
N HIS C 467 -12.97 -11.36 -17.87
CA HIS C 467 -13.68 -12.45 -18.50
C HIS C 467 -13.69 -12.24 -20.00
N PRO C 468 -13.58 -13.30 -20.81
CA PRO C 468 -13.50 -13.12 -22.27
C PRO C 468 -14.73 -12.45 -22.87
N SER C 469 -15.82 -12.32 -22.14
CA SER C 469 -16.98 -11.59 -22.62
C SER C 469 -16.90 -10.10 -22.35
N HIS C 470 -15.79 -9.61 -21.83
CA HIS C 470 -15.59 -8.19 -21.61
C HIS C 470 -15.02 -7.49 -22.84
N TYR C 471 -15.15 -8.10 -24.01
CA TYR C 471 -14.53 -7.59 -25.23
C TYR C 471 -15.56 -6.76 -25.99
N GLY C 472 -15.46 -5.44 -25.85
CA GLY C 472 -16.43 -4.53 -26.43
C GLY C 472 -17.52 -4.10 -25.48
N ARG C 473 -17.42 -4.45 -24.22
CA ARG C 473 -18.41 -4.13 -23.20
C ARG C 473 -17.80 -3.48 -21.99
N MET C 474 -16.60 -3.88 -21.59
CA MET C 474 -15.87 -3.23 -20.52
C MET C 474 -14.39 -3.24 -20.85
N CYS C 475 -13.71 -2.18 -20.42
CA CYS C 475 -12.27 -2.09 -20.66
C CYS C 475 -11.53 -2.89 -19.60
N PRO C 476 -10.77 -3.91 -19.97
CA PRO C 476 -10.05 -4.69 -18.96
C PRO C 476 -8.95 -3.93 -18.26
N ILE C 477 -8.70 -2.68 -18.64
CA ILE C 477 -7.64 -1.86 -18.07
C ILE C 477 -8.20 -0.82 -17.13
N GLU C 478 -9.03 0.08 -17.63
CA GLU C 478 -9.59 1.14 -16.80
C GLU C 478 -10.41 0.57 -15.67
N THR C 479 -9.94 0.74 -14.45
CA THR C 479 -10.70 0.36 -13.26
C THR C 479 -10.03 1.02 -12.06
N PRO C 480 -10.79 1.71 -11.19
CA PRO C 480 -10.17 2.39 -10.05
C PRO C 480 -9.19 1.50 -9.30
N GLU C 481 -8.22 2.12 -8.64
CA GLU C 481 -7.14 1.39 -7.98
C GLU C 481 -7.39 1.17 -6.50
N GLY C 482 -8.38 1.83 -5.92
CA GLY C 482 -8.63 1.71 -4.50
C GLY C 482 -9.28 0.39 -4.16
N PRO C 483 -10.24 0.39 -3.23
CA PRO C 483 -10.88 -0.87 -2.84
C PRO C 483 -11.67 -1.54 -3.95
N ASN C 484 -11.84 -0.88 -5.08
CA ASN C 484 -12.77 -1.31 -6.12
C ASN C 484 -12.05 -1.71 -7.40
N ILE C 485 -10.92 -2.42 -7.28
CA ILE C 485 -10.22 -2.94 -8.45
C ILE C 485 -10.97 -4.19 -8.90
N GLY C 486 -11.86 -4.02 -9.88
CA GLY C 486 -12.64 -5.12 -10.44
C GLY C 486 -14.13 -4.94 -10.25
N LEU C 487 -14.54 -4.27 -9.19
CA LEU C 487 -15.94 -3.96 -8.96
C LEU C 487 -16.39 -2.74 -9.72
N ILE C 488 -15.48 -2.02 -10.36
CA ILE C 488 -15.79 -0.80 -11.09
C ILE C 488 -14.94 -0.79 -12.36
N GLY C 489 -15.60 -0.78 -13.51
CA GLY C 489 -14.91 -0.70 -14.78
C GLY C 489 -15.26 0.56 -15.53
N SER C 490 -15.36 0.46 -16.86
CA SER C 490 -15.75 1.60 -17.68
C SER C 490 -16.21 1.06 -19.03
N LEU C 491 -17.45 1.36 -19.39
CA LEU C 491 -17.99 0.89 -20.65
C LEU C 491 -17.13 1.36 -21.81
N SER C 492 -17.08 0.55 -22.87
CA SER C 492 -16.21 0.83 -24.00
C SER C 492 -16.86 1.87 -24.91
N VAL C 493 -16.24 2.12 -26.06
CA VAL C 493 -16.67 3.19 -26.95
C VAL C 493 -17.73 2.69 -27.93
N TYR C 494 -17.42 1.66 -28.70
CA TYR C 494 -18.38 1.07 -29.63
C TYR C 494 -19.24 0.06 -28.88
N ALA C 495 -20.16 0.59 -28.07
CA ALA C 495 -21.02 -0.25 -27.26
C ALA C 495 -22.35 0.46 -27.03
N ARG C 496 -23.38 -0.34 -26.81
CA ARG C 496 -24.69 0.18 -26.46
C ARG C 496 -25.37 -0.84 -25.55
N VAL C 497 -26.61 -0.56 -25.18
CA VAL C 497 -27.34 -1.39 -24.24
C VAL C 497 -28.69 -1.76 -24.81
N ASN C 498 -28.98 -3.04 -24.85
CA ASN C 498 -30.31 -3.56 -25.17
C ASN C 498 -31.35 -2.86 -24.31
N PRO C 499 -32.59 -2.72 -24.78
CA PRO C 499 -33.66 -2.28 -23.89
C PRO C 499 -33.72 -3.10 -22.62
N PHE C 500 -33.25 -4.35 -22.70
CA PHE C 500 -33.26 -5.27 -21.57
C PHE C 500 -32.09 -5.06 -20.62
N GLY C 501 -31.15 -4.18 -20.96
CA GLY C 501 -29.98 -3.94 -20.14
C GLY C 501 -28.76 -4.75 -20.54
N PHE C 502 -28.92 -5.73 -21.42
CA PHE C 502 -27.79 -6.53 -21.89
C PHE C 502 -26.94 -5.72 -22.85
N ILE C 503 -25.63 -5.69 -22.59
CA ILE C 503 -24.74 -4.85 -23.36
C ILE C 503 -24.53 -5.46 -24.75
N GLU C 504 -24.23 -4.60 -25.72
CA GLU C 504 -24.11 -4.97 -27.12
C GLU C 504 -22.89 -4.29 -27.71
N THR C 505 -22.17 -5.03 -28.54
CA THR C 505 -21.04 -4.52 -29.28
C THR C 505 -21.21 -4.85 -30.76
N PRO C 506 -20.75 -3.97 -31.65
CA PRO C 506 -20.99 -4.18 -33.07
C PRO C 506 -19.98 -5.14 -33.69
N TYR C 507 -20.40 -5.73 -34.80
CA TYR C 507 -19.59 -6.68 -35.54
C TYR C 507 -19.99 -6.63 -37.00
N ARG C 508 -18.99 -6.69 -37.88
CA ARG C 508 -19.25 -6.68 -39.31
C ARG C 508 -19.52 -8.08 -39.80
N LYS C 509 -20.67 -8.26 -40.45
CA LYS C 509 -21.02 -9.55 -41.00
C LYS C 509 -20.04 -9.93 -42.11
N VAL C 510 -19.90 -11.24 -42.32
CA VAL C 510 -18.94 -11.75 -43.29
C VAL C 510 -19.40 -13.14 -43.71
N GLU C 511 -19.33 -13.40 -45.01
CA GLU C 511 -19.85 -14.64 -45.57
C GLU C 511 -19.01 -15.03 -46.78
N ASN C 512 -18.61 -16.30 -46.83
CA ASN C 512 -17.87 -16.90 -47.93
C ASN C 512 -16.42 -16.44 -47.97
N GLY C 513 -16.02 -15.51 -47.10
CA GLY C 513 -14.68 -14.96 -47.11
C GLY C 513 -14.60 -13.54 -47.60
N VAL C 514 -15.72 -12.93 -47.96
CA VAL C 514 -15.78 -11.54 -48.40
C VAL C 514 -16.46 -10.74 -47.30
N VAL C 515 -15.75 -9.75 -46.74
CA VAL C 515 -16.33 -8.90 -45.73
C VAL C 515 -17.44 -8.06 -46.34
N THR C 516 -18.31 -7.55 -45.47
CA THR C 516 -19.47 -6.78 -45.88
C THR C 516 -19.53 -5.50 -45.08
N ASP C 517 -20.36 -4.56 -45.54
CA ASP C 517 -20.59 -3.30 -44.84
C ASP C 517 -21.75 -3.38 -43.87
N GLN C 518 -22.33 -4.56 -43.68
CA GLN C 518 -23.38 -4.74 -42.70
C GLN C 518 -22.77 -4.74 -41.30
N ILE C 519 -23.61 -4.41 -40.32
CA ILE C 519 -23.16 -4.28 -38.94
C ILE C 519 -24.28 -4.75 -38.03
N ASP C 520 -23.93 -5.59 -37.06
CA ASP C 520 -24.88 -6.16 -36.13
C ASP C 520 -24.39 -5.94 -34.70
N TYR C 521 -25.25 -5.40 -33.86
CA TYR C 521 -24.93 -5.16 -32.45
C TYR C 521 -25.28 -6.42 -31.67
N LEU C 522 -24.29 -7.26 -31.42
CA LEU C 522 -24.50 -8.56 -30.80
C LEU C 522 -24.25 -8.49 -29.30
N THR C 523 -24.82 -9.48 -28.61
CA THR C 523 -24.57 -9.72 -27.20
C THR C 523 -23.98 -11.12 -27.03
N ALA C 524 -23.30 -11.33 -25.91
CA ALA C 524 -22.48 -12.53 -25.76
C ALA C 524 -23.26 -13.80 -26.00
N ASP C 525 -24.56 -13.80 -25.71
CA ASP C 525 -25.38 -14.97 -26.00
C ASP C 525 -25.59 -15.17 -27.51
N GLU C 526 -25.15 -14.23 -28.33
CA GLU C 526 -25.26 -14.33 -29.78
C GLU C 526 -23.89 -14.29 -30.46
N GLU C 527 -22.82 -14.35 -29.69
CA GLU C 527 -21.45 -14.28 -30.21
C GLU C 527 -20.64 -15.53 -29.88
N ASP C 528 -20.82 -16.09 -28.68
CA ASP C 528 -20.17 -17.36 -28.37
C ASP C 528 -20.66 -18.47 -29.28
N ARG C 529 -21.84 -18.30 -29.87
CA ARG C 529 -22.41 -19.25 -30.81
C ARG C 529 -21.78 -19.14 -32.20
N HIS C 530 -20.95 -18.13 -32.43
CA HIS C 530 -20.40 -17.87 -33.76
C HIS C 530 -18.88 -17.77 -33.70
N VAL C 531 -18.25 -17.37 -34.80
CA VAL C 531 -16.81 -17.23 -34.89
C VAL C 531 -16.51 -15.82 -35.36
N VAL C 532 -15.84 -15.05 -34.52
CA VAL C 532 -15.54 -13.65 -34.79
C VAL C 532 -14.07 -13.52 -35.14
N ALA C 533 -13.80 -12.71 -36.17
CA ALA C 533 -12.44 -12.49 -36.63
C ALA C 533 -11.84 -11.29 -35.90
N GLN C 534 -10.72 -10.80 -36.40
CA GLN C 534 -10.02 -9.66 -35.82
C GLN C 534 -10.06 -8.49 -36.79
N ALA C 535 -9.77 -7.30 -36.28
CA ALA C 535 -9.84 -6.10 -37.11
C ALA C 535 -8.72 -6.10 -38.16
N ASN C 536 -7.48 -6.26 -37.72
CA ASN C 536 -6.35 -6.20 -38.64
C ASN C 536 -6.31 -7.34 -39.64
N SER C 537 -7.25 -8.28 -39.61
CA SER C 537 -7.27 -9.32 -40.63
C SER C 537 -7.37 -8.63 -41.98
N PRO C 538 -6.29 -8.60 -42.75
CA PRO C 538 -6.25 -7.72 -43.92
C PRO C 538 -7.23 -8.16 -45.00
N THR C 539 -7.55 -7.20 -45.88
CA THR C 539 -8.47 -7.42 -46.98
C THR C 539 -7.95 -6.64 -48.18
N ASP C 540 -7.80 -7.33 -49.30
CA ASP C 540 -7.19 -6.70 -50.47
C ASP C 540 -8.05 -5.52 -50.95
N GLU C 541 -9.28 -5.80 -51.36
CA GLU C 541 -10.20 -4.79 -51.85
C GLU C 541 -11.49 -5.50 -52.21
N ASN C 542 -12.57 -4.72 -52.30
CA ASN C 542 -13.92 -5.20 -52.61
C ASN C 542 -14.53 -5.98 -51.45
N GLY C 543 -13.78 -6.22 -50.37
CA GLY C 543 -14.27 -6.96 -49.23
C GLY C 543 -13.62 -8.30 -49.02
N ARG C 544 -12.74 -8.72 -49.92
CA ARG C 544 -12.13 -10.04 -49.86
C ARG C 544 -10.89 -10.00 -48.96
N PHE C 545 -10.63 -11.13 -48.30
CA PHE C 545 -9.48 -11.24 -47.43
C PHE C 545 -8.20 -11.26 -48.25
N THR C 546 -7.07 -11.39 -47.56
CA THR C 546 -5.76 -11.43 -48.18
C THR C 546 -5.03 -12.75 -47.98
N GLU C 547 -5.35 -13.48 -46.92
CA GLU C 547 -4.74 -14.76 -46.62
C GLU C 547 -5.78 -15.87 -46.74
N ASP C 548 -5.36 -17.09 -46.42
CA ASP C 548 -6.25 -18.23 -46.30
C ASP C 548 -6.46 -18.66 -44.86
N ARG C 549 -5.57 -18.28 -43.96
CA ARG C 549 -5.69 -18.58 -42.53
C ARG C 549 -5.52 -17.29 -41.74
N VAL C 550 -6.44 -17.03 -40.84
CA VAL C 550 -6.48 -15.81 -40.04
C VAL C 550 -6.57 -16.18 -38.57
N MET C 551 -6.66 -15.16 -37.72
CA MET C 551 -6.84 -15.33 -36.29
C MET C 551 -8.26 -14.97 -35.91
N VAL C 552 -8.81 -15.68 -34.92
CA VAL C 552 -10.19 -15.49 -34.49
C VAL C 552 -10.31 -15.83 -33.01
N ARG C 553 -11.40 -15.37 -32.41
CA ARG C 553 -11.83 -15.82 -31.10
C ARG C 553 -12.93 -16.85 -31.25
N LYS C 554 -13.34 -17.41 -30.11
CA LYS C 554 -14.29 -18.51 -30.10
C LYS C 554 -15.10 -18.44 -28.81
N LYS C 555 -15.81 -19.53 -28.50
CA LYS C 555 -16.69 -19.55 -27.34
C LYS C 555 -15.93 -19.23 -26.06
N GLY C 556 -15.00 -20.10 -25.67
CA GLY C 556 -14.32 -19.97 -24.39
C GLY C 556 -13.10 -19.09 -24.45
N GLY C 557 -13.16 -18.00 -25.21
CA GLY C 557 -12.02 -17.11 -25.33
C GLY C 557 -10.79 -17.79 -25.88
N GLU C 558 -10.95 -18.91 -26.58
CA GLU C 558 -9.83 -19.67 -27.10
C GLU C 558 -9.49 -19.12 -28.48
N VAL C 559 -8.45 -18.28 -28.53
CA VAL C 559 -7.99 -17.73 -29.80
C VAL C 559 -7.46 -18.85 -30.67
N GLU C 560 -7.54 -18.66 -31.99
CA GLU C 560 -7.18 -19.72 -32.92
C GLU C 560 -6.68 -19.13 -34.23
N PHE C 561 -5.72 -19.82 -34.83
CA PHE C 561 -5.40 -19.66 -36.25
C PHE C 561 -6.25 -20.66 -37.02
N VAL C 562 -7.21 -20.16 -37.81
CA VAL C 562 -8.20 -21.00 -38.46
C VAL C 562 -8.44 -20.49 -39.88
N SER C 563 -9.38 -21.14 -40.56
CA SER C 563 -9.65 -20.92 -41.97
C SER C 563 -10.16 -19.52 -42.26
N ALA C 564 -10.38 -19.22 -43.54
CA ALA C 564 -10.80 -17.89 -43.98
C ALA C 564 -12.27 -17.82 -44.37
N ASP C 565 -12.96 -18.95 -44.45
CA ASP C 565 -14.38 -18.98 -44.77
C ASP C 565 -15.23 -19.53 -43.64
N GLN C 566 -14.67 -20.43 -42.82
CA GLN C 566 -15.38 -20.91 -41.63
C GLN C 566 -15.94 -19.75 -40.82
N VAL C 567 -15.28 -18.59 -40.86
CA VAL C 567 -15.75 -17.44 -40.10
C VAL C 567 -17.19 -17.10 -40.50
N ASP C 568 -17.89 -16.44 -39.58
CA ASP C 568 -19.25 -15.99 -39.78
C ASP C 568 -19.46 -14.51 -39.51
N TYR C 569 -18.66 -13.92 -38.62
CA TYR C 569 -18.72 -12.50 -38.30
C TYR C 569 -17.31 -11.94 -38.30
N MET C 570 -17.19 -10.65 -37.99
CA MET C 570 -15.90 -10.00 -38.01
C MET C 570 -15.99 -8.72 -37.18
N ASP C 571 -14.87 -8.34 -36.59
CA ASP C 571 -14.85 -7.14 -35.76
C ASP C 571 -15.09 -5.92 -36.64
N VAL C 572 -15.11 -4.74 -36.02
CA VAL C 572 -15.37 -3.50 -36.73
C VAL C 572 -14.21 -2.53 -36.63
N SER C 573 -13.29 -2.73 -35.71
CA SER C 573 -12.16 -1.85 -35.51
C SER C 573 -11.25 -2.39 -34.41
N PRO C 574 -10.00 -1.96 -34.36
CA PRO C 574 -9.25 -2.08 -33.10
C PRO C 574 -9.90 -1.20 -32.06
N ARG C 575 -9.27 -1.04 -30.90
CA ARG C 575 -9.76 -0.14 -29.85
C ARG C 575 -11.24 -0.35 -29.58
N GLN C 576 -11.73 -1.56 -29.84
CA GLN C 576 -13.14 -1.87 -29.62
C GLN C 576 -13.39 -2.28 -28.18
N MET C 577 -12.38 -2.81 -27.51
CA MET C 577 -12.48 -3.24 -26.12
C MET C 577 -12.01 -2.19 -25.13
N VAL C 578 -11.30 -1.18 -25.58
CA VAL C 578 -10.71 -0.19 -24.69
C VAL C 578 -11.74 0.90 -24.42
N SER C 579 -11.60 1.52 -23.25
CA SER C 579 -12.46 2.64 -22.87
C SER C 579 -11.95 3.90 -23.56
N VAL C 580 -12.45 5.05 -23.12
CA VAL C 580 -12.01 6.32 -23.68
C VAL C 580 -10.63 6.67 -23.17
N ALA C 581 -10.49 6.81 -21.85
CA ALA C 581 -9.22 7.22 -21.27
C ALA C 581 -8.07 6.32 -21.69
N THR C 582 -8.36 5.07 -22.03
CA THR C 582 -7.34 4.16 -22.52
C THR C 582 -7.14 4.27 -24.03
N ALA C 583 -8.10 4.86 -24.74
CA ALA C 583 -7.96 5.11 -26.17
C ALA C 583 -7.30 6.43 -26.47
N MET C 584 -6.81 7.13 -25.45
CA MET C 584 -6.09 8.38 -25.61
C MET C 584 -4.61 8.22 -25.34
N ILE C 585 -4.15 7.02 -24.99
CA ILE C 585 -2.74 6.76 -24.73
C ILE C 585 -2.11 6.27 -26.03
N PRO C 586 -1.21 7.03 -26.64
CA PRO C 586 -0.55 6.54 -27.85
C PRO C 586 0.46 5.45 -27.51
N PHE C 587 0.72 4.60 -28.49
CA PHE C 587 1.70 3.53 -28.33
C PHE C 587 1.37 2.67 -27.12
N LEU C 588 0.08 2.60 -26.78
CA LEU C 588 -0.37 1.77 -25.67
C LEU C 588 0.12 0.34 -25.80
N GLU C 589 -0.11 -0.27 -26.96
CA GLU C 589 0.22 -1.68 -27.15
C GLU C 589 1.68 -1.98 -26.83
N HIS C 590 2.55 -0.98 -26.80
CA HIS C 590 3.94 -1.17 -26.43
C HIS C 590 4.15 -1.08 -24.93
N ASP C 591 3.09 -0.94 -24.15
CA ASP C 591 3.16 -0.83 -22.70
C ASP C 591 2.66 -2.12 -22.06
N ASP C 592 2.55 -2.11 -20.73
CA ASP C 592 2.04 -3.23 -19.97
C ASP C 592 0.74 -2.82 -19.29
N ALA C 593 -0.21 -3.76 -19.24
CA ALA C 593 -1.56 -3.44 -18.78
C ALA C 593 -1.55 -2.64 -17.48
N ASN C 594 -0.58 -2.89 -16.60
CA ASN C 594 -0.56 -2.21 -15.31
C ASN C 594 -0.23 -0.73 -15.47
N ARG C 595 0.74 -0.42 -16.32
CA ARG C 595 1.11 0.97 -16.50
C ARG C 595 0.06 1.73 -17.30
N ALA C 596 -0.61 1.06 -18.24
CA ALA C 596 -1.72 1.70 -18.92
C ALA C 596 -2.88 1.94 -17.97
N LEU C 597 -3.12 1.02 -17.04
CA LEU C 597 -4.10 1.24 -15.98
C LEU C 597 -3.74 2.47 -15.17
N MET C 598 -2.47 2.58 -14.76
CA MET C 598 -2.03 3.76 -14.03
C MET C 598 -2.26 5.02 -14.84
N GLY C 599 -1.95 4.99 -16.13
CA GLY C 599 -2.10 6.18 -16.95
C GLY C 599 -3.55 6.62 -17.09
N ALA C 600 -4.42 5.67 -17.43
CA ALA C 600 -5.85 5.94 -17.43
C ALA C 600 -6.29 6.59 -16.13
N ASN C 601 -6.00 5.94 -15.00
CA ASN C 601 -6.44 6.45 -13.71
C ASN C 601 -5.71 7.71 -13.29
N MET C 602 -4.68 8.12 -14.01
CA MET C 602 -3.94 9.34 -13.69
C MET C 602 -4.20 10.46 -14.69
N GLN C 603 -4.99 10.21 -15.74
CA GLN C 603 -5.51 11.31 -16.54
C GLN C 603 -6.76 11.92 -15.92
N ARG C 604 -7.50 11.13 -15.13
CA ARG C 604 -8.71 11.64 -14.51
C ARG C 604 -8.40 12.62 -13.40
N GLN C 605 -7.33 12.38 -12.65
CA GLN C 605 -6.89 13.31 -11.60
C GLN C 605 -5.80 14.24 -12.13
N ALA C 606 -6.15 14.95 -13.21
CA ALA C 606 -5.33 16.01 -13.75
C ALA C 606 -6.06 17.33 -13.60
N VAL C 607 -5.33 18.36 -13.21
CA VAL C 607 -5.95 19.64 -12.85
C VAL C 607 -5.94 20.55 -14.07
N PRO C 608 -7.00 21.31 -14.31
CA PRO C 608 -6.98 22.27 -15.41
C PRO C 608 -5.95 23.36 -15.19
N LEU C 609 -5.36 23.81 -16.28
CA LEU C 609 -4.33 24.83 -16.29
C LEU C 609 -4.85 26.10 -16.94
N VAL C 610 -4.10 27.19 -16.74
CA VAL C 610 -4.52 28.48 -17.27
C VAL C 610 -4.61 28.42 -18.79
N ARG C 611 -3.54 27.97 -19.44
CA ARG C 611 -3.49 27.82 -20.89
C ARG C 611 -3.42 26.33 -21.21
N SER C 612 -4.42 25.84 -21.94
CA SER C 612 -4.46 24.45 -22.35
C SER C 612 -3.83 24.31 -23.72
N GLU C 613 -2.84 23.42 -23.82
CA GLU C 613 -2.07 23.21 -25.04
C GLU C 613 -2.35 21.81 -25.55
N ALA C 614 -2.80 21.72 -26.80
CA ALA C 614 -3.17 20.45 -27.37
C ALA C 614 -1.97 19.51 -27.40
N PRO C 615 -2.22 18.20 -27.46
CA PRO C 615 -1.12 17.24 -27.40
C PRO C 615 -0.48 17.09 -28.78
N LEU C 616 0.84 17.26 -28.82
CA LEU C 616 1.57 17.20 -30.08
C LEU C 616 1.40 15.83 -30.73
N VAL C 617 1.79 14.79 -30.03
CA VAL C 617 1.58 13.41 -30.46
C VAL C 617 0.41 12.86 -29.68
N GLY C 618 -0.71 12.66 -30.36
CA GLY C 618 -1.91 12.21 -29.69
C GLY C 618 -2.59 11.05 -30.37
N THR C 619 -3.83 10.78 -29.97
CA THR C 619 -4.65 9.76 -30.59
C THR C 619 -5.95 10.41 -31.06
N GLY C 620 -6.55 9.81 -32.10
CA GLY C 620 -7.73 10.39 -32.69
C GLY C 620 -8.83 10.69 -31.70
N MET C 621 -8.94 9.89 -30.64
CA MET C 621 -9.98 10.08 -29.63
C MET C 621 -9.57 11.16 -28.65
N GLU C 622 -9.48 12.39 -29.16
CA GLU C 622 -9.20 13.56 -28.35
C GLU C 622 -10.14 14.71 -28.64
N LEU C 623 -10.85 14.68 -29.76
CA LEU C 623 -11.83 15.71 -30.10
C LEU C 623 -13.20 15.35 -29.55
N ARG C 624 -13.69 14.17 -29.92
CA ARG C 624 -14.98 13.70 -29.42
C ARG C 624 -15.04 13.75 -27.89
N ALA C 625 -13.94 13.40 -27.23
CA ALA C 625 -13.92 13.36 -25.77
C ALA C 625 -14.25 14.71 -25.15
N ALA C 626 -14.18 15.80 -25.92
CA ALA C 626 -14.59 17.11 -25.44
C ALA C 626 -15.89 17.59 -26.07
N ILE C 627 -16.19 17.14 -27.28
CA ILE C 627 -17.50 17.40 -27.87
C ILE C 627 -18.57 16.66 -27.09
N ASP C 628 -18.24 15.47 -26.59
CA ASP C 628 -19.18 14.59 -25.90
C ASP C 628 -18.97 14.58 -24.40
N ALA C 629 -18.63 15.73 -23.82
CA ALA C 629 -18.43 15.84 -22.37
C ALA C 629 -19.09 17.05 -21.76
N GLY C 630 -19.55 18.01 -22.54
CA GLY C 630 -20.27 19.16 -22.01
C GLY C 630 -19.38 20.18 -21.33
N ASP C 631 -18.16 20.38 -21.83
CA ASP C 631 -17.34 21.49 -21.39
C ASP C 631 -16.90 22.39 -22.54
N VAL C 632 -17.36 22.11 -23.75
CA VAL C 632 -17.18 23.00 -24.89
C VAL C 632 -18.55 23.56 -25.26
N VAL C 633 -18.59 24.84 -25.59
CA VAL C 633 -19.82 25.50 -26.00
C VAL C 633 -19.85 25.49 -27.52
N VAL C 634 -20.76 24.72 -28.09
CA VAL C 634 -20.85 24.54 -29.52
C VAL C 634 -22.07 25.29 -30.04
N ALA C 635 -22.15 25.41 -31.36
CA ALA C 635 -23.29 26.02 -32.00
C ALA C 635 -24.46 25.04 -32.01
N ASP C 636 -25.59 25.49 -32.53
CA ASP C 636 -26.76 24.65 -32.72
C ASP C 636 -27.37 24.76 -34.09
N LYS C 637 -27.12 25.84 -34.83
CA LYS C 637 -27.64 25.99 -36.18
C LYS C 637 -26.63 26.79 -37.00
N THR C 638 -26.21 26.23 -38.13
CA THR C 638 -25.31 26.89 -39.05
C THR C 638 -25.68 28.36 -39.18
N GLY C 639 -24.68 29.22 -39.00
CA GLY C 639 -24.94 30.65 -39.01
C GLY C 639 -23.70 31.52 -39.01
N VAL C 640 -23.81 32.69 -38.39
CA VAL C 640 -22.73 33.68 -38.39
C VAL C 640 -22.61 34.27 -37.01
N ILE C 641 -21.38 34.31 -36.50
CA ILE C 641 -21.10 35.05 -35.27
C ILE C 641 -21.45 36.52 -35.49
N GLU C 642 -22.23 37.08 -34.57
CA GLU C 642 -22.65 38.47 -34.64
C GLU C 642 -22.02 39.33 -33.55
N GLU C 643 -21.97 38.85 -32.32
CA GLU C 643 -21.36 39.59 -31.23
C GLU C 643 -20.56 38.64 -30.37
N VAL C 644 -19.38 39.09 -29.95
CA VAL C 644 -18.43 38.27 -29.20
C VAL C 644 -18.02 39.01 -27.95
N SER C 645 -17.60 38.25 -26.94
CA SER C 645 -17.12 38.82 -25.69
C SER C 645 -16.55 37.66 -24.87
N ALA C 646 -16.11 37.99 -23.66
CA ALA C 646 -15.54 36.98 -22.78
C ALA C 646 -16.63 36.12 -22.15
N ASP C 647 -17.76 36.73 -21.78
CA ASP C 647 -18.84 36.02 -21.13
C ASP C 647 -19.86 35.48 -22.14
N TYR C 648 -20.47 36.37 -22.90
CA TYR C 648 -21.60 36.04 -23.75
C TYR C 648 -21.21 36.06 -25.22
N ILE C 649 -21.90 35.23 -26.00
CA ILE C 649 -21.78 35.20 -27.45
C ILE C 649 -23.18 35.31 -28.03
N THR C 650 -23.28 35.97 -29.18
CA THR C 650 -24.56 36.21 -29.84
C THR C 650 -24.42 35.81 -31.31
N VAL C 651 -25.02 34.70 -31.67
CA VAL C 651 -25.01 34.19 -33.02
C VAL C 651 -26.24 34.73 -33.77
N MET C 652 -26.11 34.79 -35.09
CA MET C 652 -27.22 35.16 -35.98
C MET C 652 -27.35 34.02 -36.99
N ALA C 653 -28.17 33.03 -36.65
CA ALA C 653 -28.35 31.88 -37.54
C ALA C 653 -28.83 32.35 -38.91
N ASP C 654 -28.62 31.48 -39.90
CA ASP C 654 -29.04 31.78 -41.27
C ASP C 654 -30.52 31.49 -41.50
N ASP C 655 -31.24 31.04 -40.48
CA ASP C 655 -32.68 30.83 -40.59
C ASP C 655 -33.48 32.07 -40.20
N GLY C 656 -32.86 33.03 -39.52
CA GLY C 656 -33.54 34.23 -39.10
C GLY C 656 -33.43 34.49 -37.62
N THR C 657 -33.14 33.45 -36.86
CA THR C 657 -33.11 33.54 -35.41
C THR C 657 -31.79 34.14 -34.94
N ARG C 658 -31.61 34.21 -33.62
CA ARG C 658 -30.37 34.70 -33.00
C ARG C 658 -30.16 33.90 -31.72
N GLN C 659 -29.38 32.82 -31.83
CA GLN C 659 -29.02 32.07 -30.65
C GLN C 659 -27.98 32.82 -29.83
N SER C 660 -28.13 32.77 -28.51
CA SER C 660 -27.23 33.42 -27.59
C SER C 660 -26.69 32.38 -26.63
N TYR C 661 -25.37 32.29 -26.54
CA TYR C 661 -24.70 31.35 -25.65
C TYR C 661 -24.04 32.11 -24.52
N ARG C 662 -24.03 31.51 -23.33
CA ARG C 662 -23.51 32.13 -22.13
C ARG C 662 -22.42 31.23 -21.57
N LEU C 663 -21.24 31.81 -21.35
CA LEU C 663 -20.07 31.07 -20.89
C LEU C 663 -19.90 31.25 -19.40
N ARG C 664 -19.53 30.16 -18.72
CA ARG C 664 -19.33 30.19 -17.27
C ARG C 664 -17.86 30.44 -16.98
N LYS C 665 -17.56 31.63 -16.47
CA LYS C 665 -16.20 32.08 -16.25
C LYS C 665 -15.87 31.94 -14.76
N PHE C 666 -14.81 31.20 -14.45
CA PHE C 666 -14.33 31.04 -13.09
C PHE C 666 -15.43 30.47 -12.19
N ALA C 667 -15.82 29.24 -12.50
CA ALA C 667 -16.82 28.50 -11.74
C ALA C 667 -16.14 27.36 -11.02
N ARG C 668 -16.25 27.33 -9.70
CA ARG C 668 -15.65 26.27 -8.92
C ARG C 668 -16.28 24.94 -9.25
N SER C 669 -15.45 23.96 -9.59
CA SER C 669 -15.91 22.60 -9.80
C SER C 669 -16.21 21.93 -8.46
N ASN C 670 -16.51 20.65 -8.51
CA ASN C 670 -16.79 19.89 -7.30
C ASN C 670 -15.54 19.39 -6.60
N HIS C 671 -14.36 19.84 -7.03
CA HIS C 671 -13.11 19.39 -6.45
C HIS C 671 -12.12 20.52 -6.18
N GLY C 672 -12.44 21.76 -6.54
CA GLY C 672 -11.60 22.90 -6.28
C GLY C 672 -11.07 23.58 -7.52
N THR C 673 -11.19 22.95 -8.69
CA THR C 673 -10.59 23.45 -9.90
C THR C 673 -11.50 24.45 -10.60
N CYS C 674 -10.90 25.22 -11.51
CA CYS C 674 -11.62 26.25 -12.24
C CYS C 674 -12.33 25.65 -13.45
N ALA C 675 -13.14 26.50 -14.10
CA ALA C 675 -13.92 26.08 -15.26
C ALA C 675 -13.91 27.16 -16.34
N ASN C 676 -12.92 28.04 -16.32
CA ASN C 676 -12.83 29.12 -17.28
C ASN C 676 -13.06 28.65 -18.70
N GLN C 677 -14.11 29.19 -19.33
CA GLN C 677 -14.35 29.02 -20.75
C GLN C 677 -13.89 30.25 -21.50
N ARG C 678 -13.25 30.03 -22.65
CA ARG C 678 -12.80 31.12 -23.49
C ARG C 678 -13.22 30.86 -24.93
N PRO C 679 -13.61 31.89 -25.67
CA PRO C 679 -14.05 31.69 -27.04
C PRO C 679 -12.89 31.58 -28.03
N ILE C 680 -13.10 30.75 -29.05
CA ILE C 680 -12.11 30.51 -30.10
C ILE C 680 -12.50 31.19 -31.40
N VAL C 681 -13.49 32.08 -31.38
CA VAL C 681 -14.02 32.69 -32.59
C VAL C 681 -13.84 34.21 -32.51
N ASP C 682 -14.11 34.86 -33.64
CA ASP C 682 -14.11 36.31 -33.71
C ASP C 682 -15.44 36.77 -34.30
N ALA C 683 -15.57 38.06 -34.59
CA ALA C 683 -16.81 38.60 -35.12
C ALA C 683 -16.86 38.41 -36.63
N GLY C 684 -18.02 38.00 -37.13
CA GLY C 684 -18.22 37.73 -38.54
C GLY C 684 -17.88 36.33 -38.97
N GLN C 685 -17.16 35.57 -38.14
CA GLN C 685 -16.75 34.22 -38.53
C GLN C 685 -17.96 33.34 -38.76
N ARG C 686 -18.02 32.74 -39.94
CA ARG C 686 -19.03 31.73 -40.21
C ARG C 686 -18.77 30.48 -39.41
N VAL C 687 -19.84 29.81 -38.99
CA VAL C 687 -19.77 28.58 -38.24
C VAL C 687 -20.76 27.58 -38.85
N GLU C 688 -20.84 26.42 -38.22
CA GLU C 688 -21.69 25.34 -38.71
C GLU C 688 -22.08 24.48 -37.52
N ALA C 689 -23.38 24.21 -37.38
CA ALA C 689 -23.88 23.44 -36.25
C ALA C 689 -22.97 22.26 -35.96
N GLY C 690 -22.62 22.11 -34.68
CA GLY C 690 -21.60 21.18 -34.27
C GLY C 690 -20.20 21.77 -34.24
N GLN C 691 -20.01 22.96 -34.79
CA GLN C 691 -18.70 23.59 -34.78
C GLN C 691 -18.47 24.25 -33.43
N VAL C 692 -17.34 23.91 -32.80
CA VAL C 692 -17.03 24.47 -31.50
C VAL C 692 -16.99 25.99 -31.57
N ILE C 693 -17.35 26.63 -30.47
CA ILE C 693 -17.34 28.08 -30.35
C ILE C 693 -16.39 28.55 -29.25
N ALA C 694 -16.42 27.89 -28.09
CA ALA C 694 -15.56 28.22 -26.97
C ALA C 694 -14.96 26.96 -26.40
N ASP C 695 -13.67 27.01 -26.08
CA ASP C 695 -13.01 25.90 -25.43
C ASP C 695 -13.54 25.75 -24.01
N GLY C 696 -13.01 24.75 -23.32
CA GLY C 696 -13.33 24.53 -21.93
C GLY C 696 -12.10 24.70 -21.05
N PRO C 697 -12.09 24.02 -19.92
CA PRO C 697 -10.91 24.06 -19.05
C PRO C 697 -9.69 23.43 -19.69
N CYS C 698 -9.85 22.20 -20.17
CA CYS C 698 -8.74 21.39 -20.64
C CYS C 698 -8.86 21.08 -22.13
N THR C 699 -9.16 22.08 -22.95
CA THR C 699 -9.30 21.88 -24.38
C THR C 699 -8.66 23.04 -25.13
N GLN C 700 -8.19 22.74 -26.35
CA GLN C 700 -7.57 23.73 -27.23
C GLN C 700 -8.17 23.55 -28.62
N ASN C 701 -9.12 24.40 -28.98
CA ASN C 701 -9.79 24.44 -30.28
C ASN C 701 -10.75 23.28 -30.48
N GLY C 702 -10.91 22.40 -29.50
CA GLY C 702 -11.92 21.36 -29.60
C GLY C 702 -11.42 19.98 -29.26
N GLU C 703 -10.18 19.85 -28.80
CA GLU C 703 -9.58 18.56 -28.51
C GLU C 703 -8.95 18.58 -27.14
N MET C 704 -9.03 17.43 -26.46
CA MET C 704 -8.69 17.35 -25.06
C MET C 704 -7.22 17.65 -24.83
N ALA C 705 -6.94 18.58 -23.94
CA ALA C 705 -5.59 18.93 -23.54
C ALA C 705 -5.55 18.97 -22.02
N LEU C 706 -4.93 17.95 -21.42
CA LEU C 706 -4.90 17.81 -19.98
C LEU C 706 -3.59 18.28 -19.37
N GLY C 707 -2.52 18.28 -20.14
CA GLY C 707 -1.22 18.72 -19.66
C GLY C 707 -0.50 19.45 -20.77
N LYS C 708 0.84 19.43 -20.75
CA LYS C 708 1.60 20.18 -21.74
C LYS C 708 2.74 19.35 -22.31
N ASN C 709 3.13 19.69 -23.53
CA ASN C 709 4.29 19.10 -24.18
C ASN C 709 5.55 19.78 -23.66
N LEU C 710 6.55 18.98 -23.30
CA LEU C 710 7.76 19.49 -22.70
C LEU C 710 8.97 18.83 -23.35
N LEU C 711 10.01 19.63 -23.52
CA LEU C 711 11.28 19.14 -24.06
C LEU C 711 11.94 18.25 -23.04
N VAL C 712 12.18 17.00 -23.43
CA VAL C 712 12.58 15.94 -22.52
C VAL C 712 13.96 15.45 -22.89
N ALA C 713 14.81 15.30 -21.87
CA ALA C 713 16.01 14.50 -21.94
C ALA C 713 15.82 13.31 -21.01
N ILE C 714 16.47 12.20 -21.32
CA ILE C 714 16.37 10.97 -20.55
C ILE C 714 17.78 10.59 -20.12
N MET C 715 18.08 10.84 -18.86
CA MET C 715 19.44 10.68 -18.35
C MET C 715 19.45 10.85 -16.84
N PRO C 716 20.35 10.17 -16.13
CA PRO C 716 20.48 10.38 -14.69
C PRO C 716 21.32 11.60 -14.40
N TRP C 717 20.71 12.60 -13.78
CA TRP C 717 21.42 13.84 -13.44
C TRP C 717 22.13 13.61 -12.11
N GLU C 718 22.60 14.68 -11.49
CA GLU C 718 23.49 14.53 -10.34
C GLU C 718 22.70 14.21 -9.07
N GLY C 719 21.83 13.20 -9.16
CA GLY C 719 21.21 12.66 -7.98
C GLY C 719 19.93 13.32 -7.54
N HIS C 720 19.15 13.85 -8.48
CA HIS C 720 17.90 14.51 -8.14
C HIS C 720 16.69 13.90 -8.81
N ASN C 721 16.88 13.06 -9.83
CA ASN C 721 15.83 12.21 -10.38
C ASN C 721 15.94 10.79 -9.87
N TYR C 722 16.60 10.61 -8.72
CA TYR C 722 16.79 9.28 -8.15
C TYR C 722 15.47 8.68 -7.70
N GLU C 723 15.20 7.45 -8.16
CA GLU C 723 14.08 6.66 -7.66
C GLU C 723 12.75 7.34 -7.98
N ASP C 724 12.49 7.51 -9.27
CA ASP C 724 11.25 7.97 -9.86
C ASP C 724 11.02 9.47 -9.67
N ALA C 725 11.85 10.17 -8.91
CA ALA C 725 11.75 11.62 -8.88
C ALA C 725 12.25 12.21 -10.18
N ILE C 726 11.98 13.49 -10.39
CA ILE C 726 12.32 14.13 -11.65
C ILE C 726 12.70 15.58 -11.40
N ILE C 727 13.13 16.26 -12.46
CA ILE C 727 13.66 17.61 -12.39
C ILE C 727 12.89 18.47 -13.36
N LEU C 728 12.97 19.78 -13.16
CA LEU C 728 12.34 20.73 -14.06
C LEU C 728 13.22 21.97 -14.15
N SER C 729 12.75 22.94 -14.92
CA SER C 729 13.45 24.19 -15.13
C SER C 729 12.57 25.33 -14.63
N ASN C 730 13.21 26.35 -14.07
CA ASN C 730 12.45 27.46 -13.52
C ASN C 730 11.63 28.17 -14.58
N ARG C 731 11.82 27.85 -15.86
CA ARG C 731 11.00 28.44 -16.92
C ARG C 731 9.53 28.10 -16.71
N LEU C 732 9.25 26.87 -16.31
CA LEU C 732 7.89 26.43 -16.03
C LEU C 732 7.29 27.11 -14.83
N VAL C 733 8.06 28.03 -14.23
CA VAL C 733 7.55 28.90 -13.17
C VAL C 733 7.51 30.35 -13.60
N GLU C 734 8.27 30.76 -14.61
CA GLU C 734 8.21 32.12 -15.10
C GLU C 734 7.08 32.29 -16.11
N GLU C 735 7.07 31.46 -17.14
CA GLU C 735 6.08 31.56 -18.21
C GLU C 735 4.71 31.04 -17.80
N ASP C 736 4.54 30.61 -16.55
CA ASP C 736 3.27 30.10 -16.06
C ASP C 736 2.78 28.97 -16.96
N VAL C 737 3.62 27.96 -17.12
CA VAL C 737 3.30 26.83 -17.96
C VAL C 737 2.43 25.84 -17.22
N LEU C 738 2.97 25.26 -16.14
CA LEU C 738 2.23 24.34 -15.29
C LEU C 738 1.53 25.02 -14.13
N THR C 739 1.20 26.29 -14.29
CA THR C 739 0.44 27.01 -13.27
C THR C 739 -1.02 26.59 -13.31
N SER C 740 -1.64 26.52 -12.14
CA SER C 740 -3.02 26.09 -12.03
C SER C 740 -3.74 26.92 -10.98
N ILE C 741 -5.02 27.17 -11.24
CA ILE C 741 -5.86 27.96 -10.35
C ILE C 741 -6.71 27.00 -9.53
N HIS C 742 -6.89 27.32 -8.25
CA HIS C 742 -7.66 26.49 -7.35
C HIS C 742 -8.59 27.39 -6.56
N ILE C 743 -9.85 26.99 -6.44
CA ILE C 743 -10.88 27.81 -5.84
C ILE C 743 -11.48 27.07 -4.65
N GLU C 744 -11.71 27.80 -3.58
CA GLU C 744 -12.22 27.23 -2.34
C GLU C 744 -13.47 27.98 -1.91
N GLU C 745 -14.41 27.25 -1.33
CA GLU C 745 -15.72 27.77 -0.95
C GLU C 745 -15.87 27.58 0.56
N HIS C 746 -15.78 28.68 1.31
CA HIS C 746 -16.05 28.68 2.73
C HIS C 746 -17.44 29.24 2.96
N GLU C 747 -18.05 28.86 4.07
CA GLU C 747 -19.42 29.31 4.32
C GLU C 747 -19.75 29.19 5.79
N ILE C 748 -20.79 29.94 6.19
CA ILE C 748 -21.39 29.83 7.51
C ILE C 748 -22.88 30.09 7.41
N ASP C 749 -23.58 29.84 8.51
CA ASP C 749 -25.03 29.92 8.59
C ASP C 749 -25.39 30.75 9.82
N ALA C 750 -26.34 31.66 9.67
CA ALA C 750 -26.86 32.46 10.76
C ALA C 750 -28.24 31.94 11.12
N ARG C 751 -28.41 31.52 12.37
CA ARG C 751 -29.63 30.85 12.81
C ARG C 751 -29.99 31.37 14.21
N ASP C 752 -30.87 30.65 14.88
CA ASP C 752 -31.34 31.00 16.22
C ASP C 752 -30.82 30.00 17.24
N THR C 753 -30.91 30.38 18.51
CA THR C 753 -30.38 29.57 19.61
C THR C 753 -31.24 29.81 20.85
N LYS C 754 -30.74 29.37 22.00
CA LYS C 754 -31.44 29.57 23.26
C LYS C 754 -31.30 31.01 23.74
N LEU C 755 -30.09 31.55 23.68
CA LEU C 755 -29.78 32.86 24.21
C LEU C 755 -30.22 34.00 23.29
N GLY C 756 -31.10 33.74 22.34
CA GLY C 756 -31.53 34.76 21.41
C GLY C 756 -31.43 34.35 19.96
N ALA C 757 -30.56 35.02 19.20
CA ALA C 757 -30.45 34.78 17.77
C ALA C 757 -29.05 35.12 17.30
N GLU C 758 -28.67 34.53 16.17
CA GLU C 758 -27.38 34.80 15.56
C GLU C 758 -27.52 35.91 14.52
N GLU C 759 -26.47 36.71 14.40
CA GLU C 759 -26.44 37.81 13.46
C GLU C 759 -25.08 37.84 12.75
N ILE C 760 -25.05 38.54 11.63
CA ILE C 760 -23.84 38.70 10.83
C ILE C 760 -23.56 40.20 10.76
N THR C 761 -22.55 40.64 11.51
CA THR C 761 -22.28 42.06 11.69
C THR C 761 -20.79 42.32 11.55
N ARG C 762 -20.45 43.58 11.32
CA ARG C 762 -19.06 44.01 11.41
C ARG C 762 -18.66 44.32 12.85
N ASP C 763 -19.58 44.82 13.66
CA ASP C 763 -19.30 45.06 15.07
C ASP C 763 -18.75 43.79 15.70
N ILE C 764 -17.49 43.83 16.11
CA ILE C 764 -16.79 42.66 16.64
C ILE C 764 -16.36 42.99 18.06
N PRO C 765 -16.60 42.11 19.05
CA PRO C 765 -16.25 42.44 20.43
C PRO C 765 -14.76 42.60 20.68
N ASN C 766 -14.34 43.82 21.02
CA ASN C 766 -13.04 44.08 21.62
C ASN C 766 -11.90 43.53 20.76
N VAL C 767 -11.75 44.12 19.58
CA VAL C 767 -10.64 43.83 18.68
C VAL C 767 -10.08 45.15 18.16
N SER C 768 -9.08 45.07 17.30
CA SER C 768 -8.48 46.23 16.67
C SER C 768 -9.15 46.46 15.32
N ASP C 769 -8.69 47.48 14.61
CA ASP C 769 -9.25 47.82 13.30
C ASP C 769 -8.44 47.27 12.14
N GLU C 770 -7.18 46.90 12.36
CA GLU C 770 -6.41 46.25 11.31
C GLU C 770 -7.15 45.05 10.76
N VAL C 771 -7.81 44.29 11.65
CA VAL C 771 -8.60 43.15 11.22
C VAL C 771 -9.71 43.59 10.27
N LEU C 772 -10.58 44.48 10.75
CA LEU C 772 -11.78 44.86 10.01
C LEU C 772 -11.48 45.71 8.79
N ALA C 773 -10.24 46.21 8.64
CA ALA C 773 -9.94 47.14 7.56
C ALA C 773 -10.30 46.58 6.19
N ASP C 774 -10.40 45.27 6.05
CA ASP C 774 -10.76 44.66 4.78
C ASP C 774 -12.24 44.43 4.62
N LEU C 775 -13.01 44.43 5.71
CA LEU C 775 -14.44 44.19 5.64
C LEU C 775 -15.18 45.45 5.22
N ASP C 776 -16.48 45.28 4.98
CA ASP C 776 -17.34 46.35 4.50
C ASP C 776 -18.32 46.73 5.61
N GLU C 777 -19.28 47.59 5.26
CA GLU C 777 -20.27 48.10 6.20
C GLU C 777 -21.33 47.06 6.56
N ARG C 778 -21.15 45.80 6.16
CA ARG C 778 -22.14 44.77 6.36
C ARG C 778 -21.62 43.53 7.07
N GLY C 779 -20.31 43.28 7.05
CA GLY C 779 -19.72 42.13 7.73
C GLY C 779 -18.93 41.21 6.82
N ILE C 780 -18.95 41.40 5.51
CA ILE C 780 -18.31 40.49 4.57
C ILE C 780 -17.13 41.21 3.93
N VAL C 781 -16.08 40.44 3.65
CA VAL C 781 -14.86 41.02 3.09
C VAL C 781 -15.15 41.70 1.77
N ARG C 782 -14.46 42.82 1.53
CA ARG C 782 -14.58 43.54 0.27
C ARG C 782 -13.90 42.73 -0.83
N ILE C 783 -14.65 42.40 -1.88
CA ILE C 783 -14.08 41.66 -3.00
C ILE C 783 -12.81 42.33 -3.47
N GLY C 784 -11.83 41.52 -3.86
CA GLY C 784 -10.53 42.02 -4.21
C GLY C 784 -9.53 42.00 -3.06
N ALA C 785 -9.91 41.45 -1.92
CA ALA C 785 -9.04 41.45 -0.77
C ALA C 785 -7.96 40.38 -0.90
N GLU C 786 -7.04 40.39 0.06
CA GLU C 786 -5.93 39.45 0.12
C GLU C 786 -5.91 38.87 1.52
N VAL C 787 -6.27 37.60 1.66
CA VAL C 787 -6.50 37.02 2.98
C VAL C 787 -5.45 35.97 3.30
N ARG C 788 -5.48 35.47 4.53
CA ARG C 788 -4.55 34.47 5.01
C ARG C 788 -5.00 34.02 6.38
N ASP C 789 -4.44 32.90 6.84
CA ASP C 789 -4.78 32.36 8.15
C ASP C 789 -4.78 33.45 9.20
N GLY C 790 -5.94 33.68 9.81
CA GLY C 790 -6.13 34.78 10.72
C GLY C 790 -6.87 35.96 10.13
N ASP C 791 -7.70 35.74 9.12
CA ASP C 791 -8.42 36.80 8.43
C ASP C 791 -9.91 36.52 8.46
N ILE C 792 -10.70 37.57 8.67
CA ILE C 792 -12.13 37.44 8.88
C ILE C 792 -12.81 37.49 7.51
N LEU C 793 -13.30 36.34 7.05
CA LEU C 793 -14.04 36.29 5.79
C LEU C 793 -15.45 36.85 5.95
N VAL C 794 -16.06 36.66 7.11
CA VAL C 794 -17.39 37.19 7.38
C VAL C 794 -17.55 37.30 8.89
N GLY C 795 -18.08 38.43 9.33
CA GLY C 795 -18.23 38.69 10.76
C GLY C 795 -19.58 38.27 11.30
N LYS C 796 -19.61 37.16 12.03
CA LYS C 796 -20.81 36.71 12.71
C LYS C 796 -20.67 36.96 14.20
N VAL C 797 -21.82 37.10 14.86
CA VAL C 797 -21.88 37.38 16.29
C VAL C 797 -22.90 36.44 16.90
N THR C 798 -22.51 35.76 17.98
CA THR C 798 -23.36 34.81 18.64
C THR C 798 -23.63 35.31 20.07
N PRO C 799 -24.90 35.35 20.51
CA PRO C 799 -25.20 36.00 21.78
C PRO C 799 -24.43 35.39 22.94
N LYS C 800 -24.42 36.13 24.05
CA LYS C 800 -23.70 35.72 25.25
C LYS C 800 -22.22 35.54 24.99
N GLU C 822 -22.52 40.00 26.55
CA GLU C 822 -23.73 40.26 25.76
C GLU C 822 -23.71 39.45 24.48
N VAL C 823 -22.51 39.19 23.95
CA VAL C 823 -22.34 38.44 22.71
C VAL C 823 -21.09 37.59 22.78
N ARG C 824 -20.86 36.79 21.75
CA ARG C 824 -19.69 35.92 21.65
C ARG C 824 -18.91 36.29 20.40
N ASP C 825 -17.59 36.19 20.51
CA ASP C 825 -16.70 36.47 19.37
C ASP C 825 -16.58 35.19 18.55
N THR C 826 -17.44 35.06 17.54
CA THR C 826 -17.42 33.90 16.66
C THR C 826 -17.75 34.39 15.25
N SER C 827 -16.70 34.70 14.50
CA SER C 827 -16.78 35.01 13.08
C SER C 827 -16.17 33.85 12.30
N LEU C 828 -16.13 34.01 10.98
CA LEU C 828 -15.48 33.04 10.12
C LEU C 828 -14.05 33.49 9.87
N LYS C 829 -13.16 32.51 9.77
CA LYS C 829 -11.74 32.79 9.67
C LYS C 829 -11.09 31.79 8.72
N VAL C 830 -10.04 32.24 8.06
CA VAL C 830 -9.38 31.42 7.04
C VAL C 830 -8.54 30.36 7.74
N PRO C 831 -8.64 29.09 7.35
CA PRO C 831 -7.91 28.04 8.06
C PRO C 831 -6.40 28.12 7.90
N HIS C 832 -5.70 27.14 8.46
CA HIS C 832 -4.25 27.08 8.39
C HIS C 832 -3.82 26.48 7.05
N GLY C 833 -3.10 27.25 6.25
CA GLY C 833 -2.62 26.81 4.97
C GLY C 833 -3.37 27.35 3.78
N GLU C 834 -4.42 28.14 4.00
CA GLU C 834 -5.20 28.73 2.92
C GLU C 834 -4.86 30.20 2.78
N SER C 835 -5.03 30.72 1.56
CA SER C 835 -4.71 32.11 1.28
C SER C 835 -5.11 32.40 -0.16
N GLY C 836 -5.39 33.66 -0.42
CA GLY C 836 -5.60 34.11 -1.78
C GLY C 836 -6.47 35.36 -1.82
N LYS C 837 -7.04 35.57 -3.01
CA LYS C 837 -7.90 36.71 -3.28
C LYS C 837 -9.33 36.23 -3.42
N VAL C 838 -10.26 37.04 -2.94
CA VAL C 838 -11.67 36.71 -2.97
C VAL C 838 -12.22 36.96 -4.37
N ILE C 839 -13.28 36.22 -4.72
CA ILE C 839 -13.96 36.36 -6.00
C ILE C 839 -15.43 36.69 -5.81
N GLY C 840 -16.11 35.93 -4.95
CA GLY C 840 -17.55 36.05 -4.82
C GLY C 840 -18.04 35.91 -3.40
N ILE C 841 -19.00 36.76 -3.03
CA ILE C 841 -19.71 36.66 -1.77
C ILE C 841 -21.18 36.45 -2.09
N ARG C 842 -21.75 35.36 -1.60
CA ARG C 842 -23.13 34.98 -1.90
C ARG C 842 -23.89 34.88 -0.59
N VAL C 843 -24.89 35.72 -0.41
CA VAL C 843 -25.67 35.79 0.81
C VAL C 843 -27.11 35.46 0.47
N PHE C 844 -27.61 34.35 1.01
CA PHE C 844 -28.99 33.93 0.84
C PHE C 844 -29.74 34.24 2.13
N SER C 845 -30.82 35.00 2.01
CA SER C 845 -31.53 35.55 3.16
C SER C 845 -32.95 35.00 3.22
N ARG C 846 -33.38 34.62 4.42
CA ARG C 846 -34.76 34.19 4.61
C ARG C 846 -35.71 35.36 4.56
N GLU C 847 -35.27 36.53 5.02
CA GLU C 847 -36.10 37.73 4.97
C GLU C 847 -36.51 38.08 3.54
N ASP C 848 -35.76 37.62 2.54
CA ASP C 848 -36.02 37.94 1.15
C ASP C 848 -36.38 36.69 0.35
N ASP C 849 -37.15 35.79 0.97
CA ASP C 849 -37.82 34.69 0.28
C ASP C 849 -36.81 33.79 -0.44
N ASP C 850 -35.99 33.12 0.36
CA ASP C 850 -35.08 32.09 -0.13
C ASP C 850 -35.32 30.80 0.64
N GLU C 851 -35.27 29.67 -0.07
CA GLU C 851 -35.58 28.37 0.51
C GLU C 851 -34.42 27.86 1.37
N LEU C 852 -34.12 28.64 2.40
CA LEU C 852 -33.07 28.30 3.34
C LEU C 852 -33.51 27.14 4.22
N PRO C 853 -32.62 26.61 5.06
CA PRO C 853 -33.02 25.55 5.98
C PRO C 853 -33.99 26.06 7.05
N ALA C 854 -34.35 25.19 7.98
CA ALA C 854 -35.34 25.56 8.99
C ALA C 854 -34.72 26.42 10.07
N GLY C 855 -33.75 25.89 10.80
CA GLY C 855 -33.05 26.66 11.81
C GLY C 855 -32.00 27.54 11.18
N VAL C 856 -32.43 28.55 10.44
CA VAL C 856 -31.50 29.42 9.72
C VAL C 856 -32.19 30.75 9.46
N ASN C 857 -31.40 31.82 9.53
CA ASN C 857 -31.83 33.14 9.07
C ASN C 857 -31.05 33.62 7.86
N GLU C 858 -29.80 33.20 7.71
CA GLU C 858 -28.97 33.62 6.59
C GLU C 858 -27.96 32.52 6.26
N LEU C 859 -27.43 32.59 5.04
CA LEU C 859 -26.38 31.68 4.59
C LEU C 859 -25.36 32.49 3.81
N VAL C 860 -24.09 32.42 4.21
CA VAL C 860 -23.04 33.21 3.58
C VAL C 860 -21.99 32.26 3.03
N ARG C 861 -21.64 32.47 1.76
CA ARG C 861 -20.64 31.66 1.07
C ARG C 861 -19.62 32.58 0.40
N VAL C 862 -18.38 32.46 0.81
CA VAL C 862 -17.28 33.19 0.20
C VAL C 862 -16.48 32.23 -0.68
N TYR C 863 -16.03 32.73 -1.82
CA TYR C 863 -15.14 32.00 -2.71
C TYR C 863 -13.80 32.70 -2.76
N VAL C 864 -12.73 31.96 -2.49
CA VAL C 864 -11.37 32.47 -2.62
C VAL C 864 -10.64 31.65 -3.67
N ALA C 865 -9.52 32.18 -4.13
CA ALA C 865 -8.78 31.54 -5.21
C ALA C 865 -7.30 31.73 -5.01
N GLN C 866 -6.54 30.74 -5.46
CA GLN C 866 -5.10 30.74 -5.36
C GLN C 866 -4.52 30.30 -6.69
N LYS C 867 -3.50 31.02 -7.17
CA LYS C 867 -2.83 30.71 -8.41
C LYS C 867 -1.55 29.96 -8.06
N ARG C 868 -1.69 28.64 -7.91
CA ARG C 868 -0.59 27.81 -7.43
C ARG C 868 0.32 27.46 -8.59
N LYS C 869 1.62 27.58 -8.36
CA LYS C 869 2.65 27.23 -9.32
C LYS C 869 3.19 25.84 -9.02
N ILE C 870 3.89 25.27 -10.00
CA ILE C 870 4.57 24.01 -9.78
C ILE C 870 5.71 24.24 -8.79
N SER C 871 5.95 23.26 -7.93
CA SER C 871 6.93 23.42 -6.86
C SER C 871 7.41 22.05 -6.42
N ASP C 872 8.51 22.05 -5.67
CA ASP C 872 9.03 20.82 -5.12
C ASP C 872 7.95 20.06 -4.37
N GLY C 873 7.92 18.75 -4.56
CA GLY C 873 6.94 17.89 -3.94
C GLY C 873 5.72 17.62 -4.81
N ASP C 874 5.30 18.60 -5.62
CA ASP C 874 4.16 18.39 -6.49
C ASP C 874 4.40 17.19 -7.39
N LYS C 875 3.31 16.66 -7.92
CA LYS C 875 3.35 15.41 -8.67
C LYS C 875 3.13 15.69 -10.16
N LEU C 876 3.79 14.88 -10.98
CA LEU C 876 3.67 14.93 -12.42
C LEU C 876 3.59 13.51 -12.94
N ALA C 877 3.05 13.37 -14.15
CA ALA C 877 2.94 12.08 -14.78
C ALA C 877 2.56 12.26 -16.23
N GLY C 878 3.16 11.45 -17.10
CA GLY C 878 2.76 11.36 -18.48
C GLY C 878 1.52 10.52 -18.62
N ARG C 879 1.44 9.80 -19.73
CA ARG C 879 0.28 8.98 -20.05
C ARG C 879 0.58 7.49 -19.94
N HIS C 880 1.81 7.11 -19.61
CA HIS C 880 2.20 5.71 -19.49
C HIS C 880 2.69 5.39 -18.07
N GLY C 881 2.03 5.95 -17.07
CA GLY C 881 2.39 5.63 -15.70
C GLY C 881 3.75 6.10 -15.28
N ASN C 882 4.35 7.05 -16.00
CA ASN C 882 5.64 7.61 -15.65
C ASN C 882 5.42 8.79 -14.70
N LYS C 883 5.14 8.47 -13.45
CA LYS C 883 4.81 9.47 -12.45
C LYS C 883 6.02 9.76 -11.57
N GLY C 884 5.94 10.89 -10.87
CA GLY C 884 7.02 11.32 -10.03
C GLY C 884 6.81 12.66 -9.38
N VAL C 885 7.35 12.84 -8.18
CA VAL C 885 7.28 14.12 -7.48
C VAL C 885 8.55 14.89 -7.76
N ILE C 886 8.38 16.13 -8.24
CA ILE C 886 9.51 17.02 -8.43
C ILE C 886 10.39 17.03 -7.19
N GLY C 887 11.70 16.95 -7.41
CA GLY C 887 12.66 16.98 -6.33
C GLY C 887 13.57 18.18 -6.44
N LYS C 888 13.59 18.80 -7.62
CA LYS C 888 14.38 19.99 -7.83
C LYS C 888 13.69 20.86 -8.87
N ILE C 889 14.06 22.14 -8.87
CA ILE C 889 13.64 23.09 -9.88
C ILE C 889 14.88 23.92 -10.20
N LEU C 890 15.43 23.72 -11.39
CA LEU C 890 16.78 24.20 -11.65
C LEU C 890 16.76 25.48 -12.48
N PRO C 891 17.61 26.44 -12.13
CA PRO C 891 17.75 27.62 -13.00
C PRO C 891 18.11 27.21 -14.42
N VAL C 892 17.38 27.77 -15.38
CA VAL C 892 17.56 27.39 -16.79
C VAL C 892 19.03 27.41 -17.19
N GLU C 893 19.83 28.28 -16.57
CA GLU C 893 21.23 28.40 -16.95
C GLU C 893 22.05 27.17 -16.58
N ASP C 894 21.49 26.21 -15.84
CA ASP C 894 22.22 25.01 -15.43
C ASP C 894 21.55 23.75 -15.95
N MET C 895 20.68 23.87 -16.95
CA MET C 895 20.04 22.72 -17.54
C MET C 895 20.77 22.30 -18.82
N PRO C 896 20.96 21.01 -19.04
CA PRO C 896 21.61 20.58 -20.29
C PRO C 896 20.88 21.14 -21.49
N PHE C 897 21.63 21.78 -22.37
CA PHE C 897 21.09 22.50 -23.50
C PHE C 897 21.69 21.98 -24.80
N LEU C 898 20.86 21.90 -25.82
CA LEU C 898 21.33 21.54 -27.14
C LEU C 898 22.25 22.64 -27.67
N PRO C 899 23.08 22.31 -28.67
CA PRO C 899 23.95 23.34 -29.24
C PRO C 899 23.23 24.60 -29.66
N ASP C 900 21.95 24.52 -29.99
CA ASP C 900 21.18 25.70 -30.34
C ASP C 900 20.76 26.52 -29.14
N GLY C 901 21.18 26.13 -27.93
CA GLY C 901 20.84 26.84 -26.73
C GLY C 901 19.54 26.43 -26.08
N THR C 902 18.70 25.66 -26.76
CA THR C 902 17.42 25.25 -26.20
C THR C 902 17.68 24.53 -24.88
N PRO C 903 17.32 25.13 -23.74
CA PRO C 903 17.60 24.48 -22.46
C PRO C 903 16.50 23.47 -22.13
N VAL C 904 16.88 22.20 -22.05
CA VAL C 904 15.93 21.15 -21.75
C VAL C 904 15.13 21.51 -20.51
N ASP C 905 13.85 21.16 -20.52
CA ASP C 905 12.92 21.56 -19.47
C ASP C 905 12.84 20.52 -18.36
N ILE C 906 12.49 19.29 -18.73
CA ILE C 906 12.35 18.18 -17.79
C ILE C 906 13.41 17.15 -18.09
N ILE C 907 13.88 16.47 -17.05
CA ILE C 907 14.91 15.45 -17.14
C ILE C 907 14.39 14.21 -16.42
N LEU C 908 14.13 13.15 -17.17
CA LEU C 908 13.69 11.89 -16.61
C LEU C 908 14.91 11.03 -16.33
N ASN C 909 14.69 9.74 -16.07
CA ASN C 909 15.77 8.83 -15.73
C ASN C 909 15.66 7.55 -16.55
N THR C 910 16.80 6.90 -16.72
CA THR C 910 16.88 5.68 -17.53
C THR C 910 16.40 4.45 -16.78
N HIS C 911 16.64 4.38 -15.47
CA HIS C 911 16.40 3.19 -14.68
C HIS C 911 14.94 2.97 -14.35
N GLY C 912 14.03 3.64 -15.05
CA GLY C 912 12.61 3.49 -14.76
C GLY C 912 11.81 2.93 -15.92
N VAL C 913 12.35 3.02 -17.12
CA VAL C 913 11.63 2.61 -18.33
C VAL C 913 11.65 1.09 -18.48
N PRO C 914 12.83 0.44 -18.49
CA PRO C 914 12.85 -0.97 -18.87
C PRO C 914 12.26 -1.89 -17.81
N ARG C 915 12.52 -1.62 -16.54
CA ARG C 915 12.03 -2.46 -15.45
C ARG C 915 10.56 -2.23 -15.15
N ARG C 916 9.86 -1.46 -15.99
CA ARG C 916 8.44 -1.18 -15.81
C ARG C 916 7.61 -1.43 -17.06
N MET C 917 8.22 -1.50 -18.24
CA MET C 917 7.51 -1.77 -19.48
C MET C 917 6.54 -0.64 -19.81
N ASN C 918 7.01 0.58 -19.65
CA ASN C 918 6.33 1.77 -20.13
C ASN C 918 7.12 2.41 -21.27
N ILE C 919 7.72 1.56 -22.11
CA ILE C 919 8.59 2.03 -23.18
C ILE C 919 7.85 2.97 -24.12
N GLY C 920 6.52 2.89 -24.16
CA GLY C 920 5.77 3.71 -25.09
C GLY C 920 6.17 5.17 -25.06
N GLN C 921 6.48 5.71 -23.87
CA GLN C 921 6.84 7.11 -23.77
C GLN C 921 8.02 7.44 -24.66
N ILE C 922 9.03 6.57 -24.66
CA ILE C 922 10.17 6.73 -25.57
C ILE C 922 9.67 7.04 -26.98
N LEU C 923 8.79 6.21 -27.50
CA LEU C 923 8.24 6.48 -28.83
C LEU C 923 7.48 7.81 -28.82
N GLU C 924 6.59 7.99 -27.86
CA GLU C 924 5.91 9.28 -27.72
C GLU C 924 6.92 10.42 -27.72
N THR C 925 8.10 10.18 -27.16
CA THR C 925 9.15 11.19 -27.19
C THR C 925 9.60 11.46 -28.62
N HIS C 926 10.10 10.42 -29.30
CA HIS C 926 10.69 10.63 -30.60
C HIS C 926 9.73 11.30 -31.56
N LEU C 927 8.58 10.66 -31.82
CA LEU C 927 7.56 11.27 -32.65
C LEU C 927 7.34 12.73 -32.29
N GLY C 928 7.27 13.04 -31.00
CA GLY C 928 7.08 14.42 -30.60
C GLY C 928 8.07 15.35 -31.25
N TRP C 929 9.37 15.06 -31.10
CA TRP C 929 10.39 15.89 -31.73
C TRP C 929 10.09 16.08 -33.20
N VAL C 930 9.78 14.99 -33.90
CA VAL C 930 9.40 15.08 -35.31
C VAL C 930 8.25 16.05 -35.48
N ALA C 931 7.16 15.83 -34.74
CA ALA C 931 6.00 16.71 -34.83
C ALA C 931 6.34 18.16 -34.51
N LYS C 932 7.46 18.40 -33.83
CA LYS C 932 7.85 19.78 -33.52
C LYS C 932 8.68 20.37 -34.65
N ALA C 933 9.71 19.65 -35.07
CA ALA C 933 10.50 20.00 -36.25
C ALA C 933 10.10 19.00 -37.34
N GLY C 934 9.20 19.43 -38.21
CA GLY C 934 8.59 18.54 -39.17
C GLY C 934 9.58 17.88 -40.10
N TRP C 935 9.07 17.15 -41.09
CA TRP C 935 9.90 16.34 -41.97
C TRP C 935 9.49 16.53 -43.42
N ASN C 936 10.38 16.11 -44.32
CA ASN C 936 10.11 16.03 -45.75
C ASN C 936 10.89 14.84 -46.30
N ILE C 937 10.22 13.69 -46.37
CA ILE C 937 10.81 12.46 -46.87
C ILE C 937 11.39 12.69 -48.26
N ASP C 938 12.59 12.18 -48.49
CA ASP C 938 13.23 12.29 -49.79
C ASP C 938 12.61 11.31 -50.77
N VAL C 939 11.55 11.74 -51.47
CA VAL C 939 10.94 10.92 -52.52
C VAL C 939 11.57 11.17 -53.87
N ALA C 940 12.46 12.16 -53.99
CA ALA C 940 13.11 12.49 -55.25
C ALA C 940 13.60 11.23 -55.96
N ALA C 941 14.16 10.29 -55.19
CA ALA C 941 14.55 9.00 -55.77
C ALA C 941 13.35 8.05 -55.82
N GLY C 942 12.77 7.73 -54.66
CA GLY C 942 11.61 6.88 -54.58
C GLY C 942 11.23 6.57 -53.15
N VAL C 943 9.95 6.36 -52.89
CA VAL C 943 9.47 6.15 -51.52
C VAL C 943 10.18 4.92 -50.95
N PRO C 944 10.99 5.07 -49.91
CA PRO C 944 11.65 3.90 -49.32
C PRO C 944 10.65 2.82 -48.93
N ASP C 945 11.16 1.61 -48.74
CA ASP C 945 10.30 0.48 -48.42
C ASP C 945 9.52 0.72 -47.14
N TRP C 946 10.12 1.43 -46.17
CA TRP C 946 9.44 1.65 -44.90
C TRP C 946 8.30 2.65 -45.02
N ALA C 947 8.34 3.53 -46.01
CA ALA C 947 7.25 4.48 -46.24
C ALA C 947 6.22 3.95 -47.22
N SER C 948 6.28 2.67 -47.57
CA SER C 948 5.28 2.09 -48.46
C SER C 948 3.90 2.14 -47.83
N LYS C 949 3.74 1.51 -46.67
CA LYS C 949 2.46 1.48 -45.99
C LYS C 949 2.01 2.86 -45.53
N LEU C 950 2.92 3.82 -45.45
CA LEU C 950 2.53 5.16 -45.03
C LEU C 950 1.54 5.74 -46.04
N PRO C 951 0.47 6.38 -45.58
CA PRO C 951 -0.41 7.09 -46.50
C PRO C 951 0.12 8.49 -46.79
N GLU C 952 -0.27 9.00 -47.96
CA GLU C 952 0.11 10.34 -48.34
C GLU C 952 -0.39 11.35 -47.30
N GLU C 953 0.11 12.58 -47.44
CA GLU C 953 -0.02 13.67 -46.48
C GLU C 953 0.92 13.49 -45.30
N LEU C 954 1.65 12.37 -45.22
CA LEU C 954 2.69 12.19 -44.23
C LEU C 954 4.09 12.31 -44.82
N TYR C 955 4.23 12.25 -46.15
CA TYR C 955 5.51 12.43 -46.80
C TYR C 955 6.09 13.83 -46.60
N SER C 956 5.38 14.71 -45.91
CA SER C 956 5.84 16.09 -45.71
C SER C 956 4.97 16.73 -44.64
N ALA C 957 5.57 17.63 -43.89
CA ALA C 957 4.84 18.34 -42.84
C ALA C 957 5.63 19.54 -42.34
N PRO C 958 4.96 20.56 -41.84
CA PRO C 958 5.68 21.73 -41.29
C PRO C 958 6.12 21.51 -39.86
N ALA C 959 6.66 22.55 -39.23
CA ALA C 959 7.11 22.47 -37.86
C ALA C 959 5.97 22.79 -36.91
N ASP C 960 6.05 22.19 -35.72
CA ASP C 960 4.98 22.27 -34.73
C ASP C 960 3.65 21.83 -35.34
N SER C 961 3.65 20.59 -35.82
CA SER C 961 2.50 19.99 -36.50
C SER C 961 1.97 18.84 -35.66
N THR C 962 0.72 18.96 -35.22
CA THR C 962 0.12 17.89 -34.46
C THR C 962 0.09 16.61 -35.28
N VAL C 963 -0.10 15.49 -34.58
CA VAL C 963 -0.08 14.15 -35.17
C VAL C 963 -1.09 13.29 -34.43
N ALA C 964 -1.31 12.09 -34.95
CA ALA C 964 -2.25 11.16 -34.33
C ALA C 964 -1.80 9.75 -34.64
N THR C 965 -1.37 9.01 -33.61
CA THR C 965 -0.97 7.62 -33.73
C THR C 965 -1.95 6.79 -32.91
N PRO C 966 -3.05 6.34 -33.53
CA PRO C 966 -4.03 5.54 -32.79
C PRO C 966 -3.42 4.31 -32.14
N VAL C 967 -4.20 3.62 -31.31
CA VAL C 967 -3.62 2.66 -30.39
C VAL C 967 -3.08 1.44 -31.13
N PHE C 968 -3.95 0.71 -31.82
CA PHE C 968 -3.55 -0.54 -32.46
C PHE C 968 -3.52 -0.44 -33.98
N ASP C 969 -3.56 0.78 -34.51
CA ASP C 969 -3.42 1.03 -35.93
C ASP C 969 -2.55 2.25 -36.15
N GLY C 970 -1.50 2.38 -35.34
CA GLY C 970 -0.68 3.56 -35.29
C GLY C 970 0.62 3.43 -36.06
N ALA C 971 1.58 4.26 -35.67
CA ALA C 971 2.86 4.32 -36.36
C ALA C 971 3.78 3.23 -35.83
N GLN C 972 4.01 2.21 -36.63
CA GLN C 972 4.86 1.11 -36.22
C GLN C 972 6.30 1.61 -36.02
N GLU C 973 7.17 0.72 -35.55
CA GLU C 973 8.53 1.10 -35.22
C GLU C 973 9.43 1.26 -36.44
N GLY C 974 8.97 0.87 -37.62
CA GLY C 974 9.79 0.99 -38.81
C GLY C 974 9.51 2.27 -39.57
N GLU C 975 8.26 2.74 -39.50
CA GLU C 975 7.89 4.04 -40.04
C GLU C 975 8.30 5.18 -39.12
N LEU C 976 9.12 4.90 -38.12
CA LEU C 976 9.53 5.90 -37.14
C LEU C 976 11.04 5.91 -37.03
N ALA C 977 11.68 4.76 -37.20
CA ALA C 977 13.13 4.66 -37.20
C ALA C 977 13.74 5.05 -38.54
N GLY C 978 12.94 5.65 -39.42
CA GLY C 978 13.43 6.23 -40.65
C GLY C 978 12.79 7.58 -40.88
N LEU C 979 11.95 7.98 -39.93
CA LEU C 979 11.34 9.31 -39.93
C LEU C 979 12.23 10.31 -39.22
N LEU C 980 12.81 9.90 -38.08
CA LEU C 980 13.76 10.74 -37.37
C LEU C 980 14.87 11.24 -38.29
N GLY C 981 15.18 10.49 -39.35
CA GLY C 981 16.20 10.93 -40.26
C GLY C 981 15.91 12.30 -40.86
N SER C 982 14.69 12.48 -41.35
CA SER C 982 14.32 13.71 -42.02
C SER C 982 14.41 14.92 -41.09
N THR C 983 13.53 14.98 -40.09
CA THR C 983 13.70 15.85 -38.93
C THR C 983 14.24 17.23 -39.33
N LEU C 984 13.47 18.02 -40.07
CA LEU C 984 13.91 19.27 -40.65
C LEU C 984 14.83 20.04 -39.71
N PRO C 985 15.86 20.71 -40.24
CA PRO C 985 16.82 21.40 -39.37
C PRO C 985 16.21 22.64 -38.75
N ASN C 986 16.99 23.25 -37.86
CA ASN C 986 16.60 24.52 -37.24
C ASN C 986 16.83 25.65 -38.24
N ARG C 987 16.66 26.88 -37.78
CA ARG C 987 16.87 28.04 -38.66
C ARG C 987 18.31 28.09 -39.16
N ASP C 988 19.27 27.72 -38.31
CA ASP C 988 20.68 27.78 -38.67
C ASP C 988 21.12 26.61 -39.54
N GLY C 989 20.19 25.81 -40.05
CA GLY C 989 20.51 24.76 -40.99
C GLY C 989 20.96 23.45 -40.38
N GLU C 990 21.19 23.40 -39.07
CA GLU C 990 21.73 22.22 -38.42
C GLU C 990 20.62 21.34 -37.86
N VAL C 991 20.90 20.06 -37.76
CA VAL C 991 20.03 19.11 -37.09
C VAL C 991 20.53 18.95 -35.67
N MET C 992 19.67 19.22 -34.70
CA MET C 992 19.99 19.05 -33.29
C MET C 992 19.69 17.64 -32.80
N VAL C 993 19.60 16.67 -33.70
CA VAL C 993 19.22 15.31 -33.36
C VAL C 993 19.85 14.36 -34.38
N ASP C 994 20.05 13.12 -33.96
CA ASP C 994 20.66 12.09 -34.79
C ASP C 994 19.57 11.24 -35.44
N ALA C 995 20.00 10.20 -36.14
CA ALA C 995 19.09 9.24 -36.74
C ALA C 995 18.62 8.18 -35.76
N ASP C 996 18.95 8.34 -34.48
CA ASP C 996 18.54 7.41 -33.44
C ASP C 996 17.67 8.06 -32.38
N GLY C 997 17.48 9.38 -32.43
CA GLY C 997 16.69 10.08 -31.45
C GLY C 997 17.49 10.84 -30.43
N LYS C 998 18.81 10.83 -30.52
CA LYS C 998 19.68 11.36 -29.49
C LYS C 998 20.41 12.59 -29.98
N SER C 999 20.84 13.41 -29.02
CA SER C 999 21.58 14.63 -29.28
C SER C 999 22.83 14.65 -28.41
N THR C 1000 23.66 15.66 -28.64
CA THR C 1000 24.92 15.81 -27.91
C THR C 1000 24.75 17.02 -26.99
N LEU C 1001 24.21 16.75 -25.81
CA LEU C 1001 23.90 17.80 -24.85
C LEU C 1001 25.16 18.34 -24.21
N PHE C 1002 25.06 19.55 -23.69
CA PHE C 1002 26.10 20.16 -22.89
C PHE C 1002 25.65 20.21 -21.43
N ASP C 1003 26.53 20.71 -20.58
CA ASP C 1003 26.24 20.93 -19.17
C ASP C 1003 26.28 22.41 -18.89
N GLY C 1004 25.36 22.88 -18.06
CA GLY C 1004 25.28 24.30 -17.78
C GLY C 1004 26.19 24.69 -16.63
N ARG C 1005 26.47 23.75 -15.74
CA ARG C 1005 27.36 24.02 -14.62
C ARG C 1005 28.82 23.87 -15.01
N SER C 1006 29.22 22.67 -15.44
CA SER C 1006 30.60 22.43 -15.81
C SER C 1006 30.96 23.02 -17.17
N GLY C 1007 29.97 23.30 -18.01
CA GLY C 1007 30.24 23.83 -19.34
C GLY C 1007 30.65 22.76 -20.33
N GLU C 1008 31.49 21.82 -19.88
CA GLU C 1008 31.98 20.80 -20.76
C GLU C 1008 30.82 20.03 -21.39
N PRO C 1009 30.99 19.53 -22.61
CA PRO C 1009 29.91 18.76 -23.23
C PRO C 1009 29.68 17.44 -22.53
N PHE C 1010 28.69 16.68 -23.00
CA PHE C 1010 28.51 15.35 -22.47
C PHE C 1010 29.09 14.33 -23.42
N PRO C 1011 29.76 13.30 -22.90
CA PRO C 1011 30.54 12.40 -23.77
C PRO C 1011 29.72 11.66 -24.79
N TYR C 1012 28.66 11.02 -24.35
CA TYR C 1012 27.87 10.20 -25.25
C TYR C 1012 26.60 10.94 -25.68
N PRO C 1013 26.06 10.61 -26.86
CA PRO C 1013 24.80 11.21 -27.27
C PRO C 1013 23.67 10.78 -26.33
N VAL C 1014 22.72 11.70 -26.14
CA VAL C 1014 21.66 11.51 -25.16
C VAL C 1014 20.32 11.67 -25.85
N THR C 1015 19.32 10.96 -25.34
CA THR C 1015 17.98 11.01 -25.90
C THR C 1015 17.36 12.38 -25.64
N VAL C 1016 16.53 12.81 -26.59
CA VAL C 1016 15.87 14.11 -26.51
C VAL C 1016 14.59 14.04 -27.32
N GLY C 1017 13.58 14.77 -26.88
CA GLY C 1017 12.33 14.81 -27.59
C GLY C 1017 11.29 15.69 -26.92
N TYR C 1018 10.02 15.38 -27.12
CA TYR C 1018 8.92 16.19 -26.60
C TYR C 1018 7.86 15.24 -26.07
N MET C 1019 7.69 15.20 -24.75
CA MET C 1019 6.76 14.28 -24.12
C MET C 1019 5.67 15.09 -23.42
N TYR C 1020 4.46 14.54 -23.42
CA TYR C 1020 3.27 15.24 -22.94
C TYR C 1020 3.02 14.81 -21.51
N ILE C 1021 3.26 15.71 -20.56
CA ILE C 1021 3.10 15.42 -19.17
C ILE C 1021 1.83 16.08 -18.65
N LEU C 1022 1.43 15.69 -17.44
CA LEU C 1022 0.22 16.18 -16.81
C LEU C 1022 0.58 16.70 -15.42
N LYS C 1023 -0.29 17.56 -14.90
CA LYS C 1023 -0.22 17.99 -13.51
C LYS C 1023 -1.38 17.36 -12.76
N LEU C 1024 -1.09 16.84 -11.57
CA LEU C 1024 -2.04 16.07 -10.80
C LEU C 1024 -2.49 16.86 -9.58
N HIS C 1025 -3.59 16.40 -8.98
CA HIS C 1025 -4.14 17.03 -7.80
C HIS C 1025 -3.47 16.55 -6.51
N HIS C 1026 -2.30 15.94 -6.62
CA HIS C 1026 -1.55 15.46 -5.46
C HIS C 1026 -0.52 16.50 -5.03
N LEU C 1027 -1.04 17.67 -4.65
CA LEU C 1027 -0.19 18.81 -4.32
C LEU C 1027 0.19 18.81 -2.86
N VAL C 1028 1.43 19.23 -2.59
CA VAL C 1028 1.92 19.33 -1.21
C VAL C 1028 0.99 20.21 -0.39
N ASP C 1029 0.61 21.36 -0.94
CA ASP C 1029 -0.23 22.30 -0.20
C ASP C 1029 -1.51 21.66 0.33
N ASP C 1030 -1.91 20.51 -0.23
CA ASP C 1030 -3.05 19.75 0.26
C ASP C 1030 -2.64 18.51 1.03
N LYS C 1031 -1.34 18.22 1.13
CA LYS C 1031 -0.83 17.03 1.76
C LYS C 1031 -0.04 17.30 3.03
N ILE C 1032 0.65 18.43 3.10
CA ILE C 1032 1.43 18.76 4.30
C ILE C 1032 0.48 18.90 5.49
N HIS C 1033 0.99 18.56 6.67
CA HIS C 1033 0.20 18.56 7.88
C HIS C 1033 1.15 18.47 9.07
N ALA C 1034 0.83 19.20 10.13
CA ALA C 1034 1.66 19.23 11.32
C ALA C 1034 0.79 19.47 12.54
N ARG C 1035 1.41 19.40 13.71
CA ARG C 1035 0.70 19.66 14.95
C ARG C 1035 1.67 19.69 16.11
N SER C 1036 1.45 20.61 17.03
CA SER C 1036 2.10 20.61 18.34
C SER C 1036 1.08 20.44 19.46
N THR C 1037 0.06 21.29 19.51
CA THR C 1037 -1.00 21.18 20.52
C THR C 1037 -2.25 21.82 19.94
N GLY C 1038 -3.33 21.05 19.82
CA GLY C 1038 -4.55 21.54 19.24
C GLY C 1038 -5.81 20.96 19.87
N PRO C 1039 -6.77 20.56 19.05
CA PRO C 1039 -8.03 20.05 19.57
C PRO C 1039 -8.00 18.54 19.81
N TYR C 1040 -8.79 18.12 20.79
CA TYR C 1040 -8.81 16.74 21.25
C TYR C 1040 -10.21 16.15 21.06
N SER C 1041 -10.37 14.89 21.50
CA SER C 1041 -11.54 14.10 21.16
C SER C 1041 -12.76 14.42 22.01
N MET C 1042 -12.58 14.54 23.32
CA MET C 1042 -13.62 14.73 24.33
C MET C 1042 -14.27 13.40 24.70
N ILE C 1043 -13.90 12.31 24.06
CA ILE C 1043 -14.48 10.99 24.31
C ILE C 1043 -13.42 9.98 24.74
N THR C 1044 -12.32 9.91 24.00
CA THR C 1044 -11.17 9.11 24.37
C THR C 1044 -10.00 9.95 24.87
N GLN C 1045 -10.09 11.27 24.78
CA GLN C 1045 -9.02 12.18 25.21
C GLN C 1045 -7.74 11.88 24.43
N GLN C 1046 -7.86 11.95 23.10
CA GLN C 1046 -6.75 11.77 22.19
C GLN C 1046 -6.75 12.91 21.18
N PRO C 1047 -5.58 13.39 20.78
CA PRO C 1047 -5.52 14.34 19.67
C PRO C 1047 -6.35 13.84 18.50
N LEU C 1048 -7.06 14.78 17.86
CA LEU C 1048 -7.95 14.40 16.78
C LEU C 1048 -7.16 13.95 15.56
N GLY C 1049 -7.84 13.23 14.67
CA GLY C 1049 -7.22 12.71 13.48
C GLY C 1049 -7.66 13.40 12.21
N GLY C 1050 -6.74 14.07 11.53
CA GLY C 1050 -7.02 14.64 10.23
C GLY C 1050 -6.58 16.08 10.05
N LYS C 1051 -5.87 16.34 8.96
CA LYS C 1051 -5.56 17.73 8.60
C LYS C 1051 -6.82 18.57 8.51
N ALA C 1052 -7.92 17.97 8.03
CA ALA C 1052 -9.18 18.70 7.96
C ALA C 1052 -9.54 19.36 9.28
N GLN C 1053 -9.09 18.78 10.40
CA GLN C 1053 -9.42 19.27 11.73
C GLN C 1053 -8.17 19.33 12.60
N PHE C 1054 -7.04 19.72 12.00
CA PHE C 1054 -5.79 19.95 12.72
C PHE C 1054 -5.50 18.80 13.69
N GLY C 1055 -5.28 17.63 13.12
CA GLY C 1055 -5.13 16.41 13.87
C GLY C 1055 -3.68 16.00 14.05
N GLY C 1056 -3.49 14.73 14.41
CA GLY C 1056 -2.18 14.22 14.74
C GLY C 1056 -1.92 12.92 14.00
N GLN C 1057 -0.69 12.44 14.12
CA GLN C 1057 -0.24 11.25 13.42
C GLN C 1057 -0.39 10.03 14.30
N ARG C 1058 -0.61 8.89 13.66
CA ARG C 1058 -1.01 7.66 14.32
C ARG C 1058 0.20 6.78 14.56
N PHE C 1059 0.48 6.49 15.83
CA PHE C 1059 1.60 5.65 16.23
C PHE C 1059 1.03 4.27 16.55
N GLY C 1060 0.90 3.46 15.51
CA GLY C 1060 0.24 2.17 15.64
C GLY C 1060 1.02 1.15 16.44
N GLU C 1061 0.77 -0.13 16.17
CA GLU C 1061 1.44 -1.21 16.88
C GLU C 1061 2.79 -1.56 16.24
N MET C 1062 2.81 -1.70 14.91
CA MET C 1062 4.07 -1.97 14.21
C MET C 1062 5.16 -1.02 14.67
N GLU C 1063 4.81 0.24 14.90
CA GLU C 1063 5.80 1.21 15.35
C GLU C 1063 6.25 0.91 16.78
N CYS C 1064 5.30 0.57 17.65
CA CYS C 1064 5.67 0.13 18.99
C CYS C 1064 6.70 -0.98 18.93
N TRP C 1065 6.46 -1.98 18.08
CA TRP C 1065 7.42 -3.06 17.90
C TRP C 1065 8.76 -2.52 17.44
N ALA C 1066 8.78 -1.83 16.30
CA ALA C 1066 10.01 -1.29 15.76
C ALA C 1066 10.76 -0.43 16.76
N MET C 1067 10.09 0.04 17.80
CA MET C 1067 10.77 0.77 18.86
C MET C 1067 11.33 -0.18 19.92
N GLN C 1068 10.48 -1.07 20.45
CA GLN C 1068 10.95 -2.06 21.41
C GLN C 1068 12.20 -2.78 20.92
N ALA C 1069 12.25 -3.08 19.62
CA ALA C 1069 13.39 -3.78 19.06
C ALA C 1069 14.69 -3.01 19.31
N TYR C 1070 14.62 -1.69 19.34
CA TYR C 1070 15.82 -0.90 19.60
C TYR C 1070 16.22 -0.98 21.06
N GLY C 1071 15.27 -0.89 21.97
CA GLY C 1071 15.51 -0.66 23.36
C GLY C 1071 15.07 0.69 23.84
N ALA C 1072 14.24 1.37 23.06
CA ALA C 1072 13.77 2.71 23.42
C ALA C 1072 12.50 2.57 24.22
N ALA C 1073 12.57 2.94 25.50
CA ALA C 1073 11.44 2.82 26.41
C ALA C 1073 10.96 4.14 26.95
N TYR C 1074 11.78 5.18 26.94
CA TYR C 1074 11.31 6.51 27.32
C TYR C 1074 10.59 7.20 26.17
N THR C 1075 11.07 7.01 24.95
CA THR C 1075 10.41 7.58 23.79
C THR C 1075 9.02 6.97 23.61
N LEU C 1076 8.88 5.68 23.88
CA LEU C 1076 7.58 5.04 23.76
C LEU C 1076 6.65 5.50 24.88
N GLN C 1077 7.17 5.60 26.10
CA GLN C 1077 6.39 6.18 27.19
C GLN C 1077 5.85 7.55 26.79
N GLU C 1078 6.72 8.38 26.22
CA GLU C 1078 6.28 9.68 25.71
C GLU C 1078 5.15 9.51 24.71
N LEU C 1079 5.42 8.83 23.60
CA LEU C 1079 4.46 8.75 22.50
C LEU C 1079 3.17 8.05 22.91
N LEU C 1080 3.10 7.45 24.09
CA LEU C 1080 1.86 6.83 24.54
C LEU C 1080 1.19 7.53 25.71
N THR C 1081 1.90 8.38 26.46
CA THR C 1081 1.32 8.97 27.66
C THR C 1081 1.16 10.49 27.58
N ILE C 1082 2.24 11.24 27.36
CA ILE C 1082 2.18 12.69 27.42
C ILE C 1082 2.03 13.31 26.03
N LYS C 1083 1.58 12.52 25.07
CA LYS C 1083 1.28 13.01 23.73
C LYS C 1083 -0.10 12.60 23.25
N SER C 1084 -0.73 11.60 23.86
CA SER C 1084 -2.03 11.13 23.45
C SER C 1084 -3.08 11.25 24.54
N ASP C 1085 -2.83 10.71 25.72
CA ASP C 1085 -3.88 10.52 26.73
C ASP C 1085 -3.69 11.34 27.99
N ASP C 1086 -2.52 11.26 28.63
CA ASP C 1086 -2.31 11.94 29.90
C ASP C 1086 -2.79 13.39 29.83
N THR C 1087 -3.80 13.70 30.65
CA THR C 1087 -4.53 14.95 30.49
C THR C 1087 -3.85 16.12 31.19
N VAL C 1088 -3.00 15.84 32.18
CA VAL C 1088 -2.28 16.90 32.89
C VAL C 1088 -0.83 16.89 32.42
N GLY C 1089 -0.33 15.72 32.06
CA GLY C 1089 1.04 15.63 31.59
C GLY C 1089 1.30 16.52 30.39
N ARG C 1090 0.40 16.48 29.40
CA ARG C 1090 0.59 17.28 28.19
C ARG C 1090 0.75 18.75 28.51
N VAL C 1091 -0.10 19.28 29.39
CA VAL C 1091 -0.09 20.71 29.67
C VAL C 1091 1.10 21.10 30.54
N LYS C 1092 1.38 20.28 31.56
CA LYS C 1092 2.58 20.52 32.36
C LYS C 1092 3.83 20.49 31.48
N VAL C 1093 3.84 19.64 30.46
CA VAL C 1093 4.99 19.52 29.58
C VAL C 1093 5.12 20.77 28.72
N TYR C 1094 4.04 21.16 28.05
CA TYR C 1094 4.05 22.40 27.29
C TYR C 1094 4.56 23.55 28.13
N GLU C 1095 4.06 23.66 29.36
CA GLU C 1095 4.39 24.80 30.20
C GLU C 1095 5.85 24.76 30.63
N ALA C 1096 6.33 23.59 31.07
CA ALA C 1096 7.73 23.45 31.43
C ALA C 1096 8.62 23.81 30.26
N ILE C 1097 8.31 23.30 29.07
CA ILE C 1097 9.08 23.65 27.88
C ILE C 1097 9.16 25.17 27.73
N VAL C 1098 8.01 25.83 27.64
CA VAL C 1098 8.01 27.27 27.43
C VAL C 1098 8.68 27.99 28.59
N LYS C 1099 8.87 27.33 29.73
CA LYS C 1099 9.59 27.92 30.85
C LYS C 1099 11.07 27.56 30.85
N GLY C 1100 11.47 26.57 30.07
CA GLY C 1100 12.85 26.12 30.04
C GLY C 1100 13.16 25.00 31.01
N GLU C 1101 12.24 24.68 31.91
CA GLU C 1101 12.48 23.62 32.89
C GLU C 1101 12.71 22.28 32.19
N ASN C 1102 13.12 21.30 32.98
CA ASN C 1102 13.21 19.93 32.50
C ASN C 1102 11.89 19.23 32.76
N ILE C 1103 11.41 18.50 31.76
CA ILE C 1103 10.03 18.05 31.74
C ILE C 1103 9.86 16.90 32.71
N PRO C 1104 8.68 16.72 33.29
CA PRO C 1104 8.49 15.65 34.29
C PRO C 1104 8.19 14.30 33.66
N GLU C 1105 7.89 13.32 34.50
CA GLU C 1105 7.50 12.00 34.02
C GLU C 1105 6.00 11.91 33.89
N PRO C 1106 5.50 10.90 33.15
CA PRO C 1106 4.06 10.73 33.03
C PRO C 1106 3.38 10.41 34.35
N GLY C 1107 2.05 10.32 34.33
CA GLY C 1107 1.27 9.89 35.46
C GLY C 1107 0.66 8.53 35.20
N ILE C 1108 -0.65 8.50 35.02
CA ILE C 1108 -1.37 7.30 34.59
C ILE C 1108 -2.21 7.67 33.37
N PRO C 1109 -2.09 6.93 32.27
CA PRO C 1109 -2.91 7.26 31.09
C PRO C 1109 -4.39 7.20 31.39
N GLU C 1110 -5.18 7.64 30.41
CA GLU C 1110 -6.62 7.60 30.52
C GLU C 1110 -7.20 6.27 30.06
N SER C 1111 -6.52 5.59 29.14
CA SER C 1111 -6.96 4.28 28.70
C SER C 1111 -6.90 3.27 29.84
N PHE C 1112 -5.81 3.28 30.61
CA PHE C 1112 -5.69 2.38 31.74
C PHE C 1112 -6.73 2.71 32.81
N LYS C 1113 -6.90 3.99 33.12
CA LYS C 1113 -7.94 4.41 34.05
C LYS C 1113 -9.30 3.88 33.63
N VAL C 1114 -9.63 4.05 32.34
CA VAL C 1114 -10.88 3.51 31.82
C VAL C 1114 -10.95 2.01 32.02
N LEU C 1115 -9.88 1.30 31.71
CA LEU C 1115 -9.86 -0.14 31.89
C LEU C 1115 -10.16 -0.52 33.33
N LEU C 1116 -9.60 0.22 34.27
CA LEU C 1116 -9.73 -0.12 35.67
C LEU C 1116 -11.15 0.16 36.17
N LYS C 1117 -11.68 1.33 35.86
CA LYS C 1117 -13.03 1.69 36.25
C LYS C 1117 -14.08 1.05 35.35
N GLU C 1118 -13.67 0.21 34.41
CA GLU C 1118 -14.58 -0.65 33.66
C GLU C 1118 -14.56 -2.07 34.19
N LEU C 1119 -13.38 -2.58 34.56
CA LEU C 1119 -13.30 -3.85 35.28
C LEU C 1119 -14.08 -3.78 36.58
N GLN C 1120 -13.85 -2.72 37.38
CA GLN C 1120 -14.57 -2.57 38.63
C GLN C 1120 -16.08 -2.62 38.44
N SER C 1121 -16.57 -2.35 37.23
CA SER C 1121 -18.00 -2.46 36.98
C SER C 1121 -18.48 -3.90 37.07
N LEU C 1122 -17.63 -4.85 36.71
CA LEU C 1122 -17.96 -6.27 36.76
C LEU C 1122 -17.81 -6.85 38.17
N CYS C 1123 -17.59 -6.00 39.16
CA CYS C 1123 -17.36 -6.42 40.55
C CYS C 1123 -16.04 -7.17 40.69
N LEU C 1124 -15.07 -6.82 39.88
CA LEU C 1124 -13.70 -7.29 40.02
C LEU C 1124 -12.88 -6.18 40.66
N ASN C 1125 -12.11 -6.51 41.69
CA ASN C 1125 -11.35 -5.52 42.45
C ASN C 1125 -9.90 -5.61 42.04
N VAL C 1126 -9.50 -4.79 41.07
CA VAL C 1126 -8.10 -4.64 40.71
C VAL C 1126 -7.46 -3.72 41.74
N GLU C 1127 -6.61 -4.28 42.59
CA GLU C 1127 -5.97 -3.54 43.68
C GLU C 1127 -4.46 -3.51 43.41
N VAL C 1128 -3.99 -2.37 42.91
CA VAL C 1128 -2.57 -2.23 42.64
C VAL C 1128 -1.75 -2.49 43.91
N LEU C 1129 -0.48 -2.83 43.71
CA LEU C 1129 0.42 -3.16 44.80
C LEU C 1129 1.74 -2.42 44.61
N SER C 1130 2.75 -2.78 45.40
CA SER C 1130 4.07 -2.17 45.30
C SER C 1130 5.04 -2.80 46.28
N VAL D 4 4.16 7.39 41.60
CA VAL D 4 3.21 6.85 40.64
C VAL D 4 3.97 6.20 39.50
N ASN D 5 3.32 5.23 38.85
CA ASN D 5 3.98 4.34 37.89
C ASN D 5 5.26 3.74 38.48
N PHE D 6 5.29 3.62 39.80
CA PHE D 6 6.24 2.75 40.49
C PHE D 6 5.61 1.40 40.83
N PHE D 7 4.51 1.06 40.15
CA PHE D 7 3.79 -0.16 40.44
C PHE D 7 4.69 -1.38 40.28
N ASP D 8 4.30 -2.47 40.94
CA ASP D 8 5.02 -3.73 40.83
C ASP D 8 4.12 -4.93 40.63
N GLU D 9 2.84 -4.87 41.00
CA GLU D 9 1.94 -6.00 40.86
C GLU D 9 0.52 -5.49 40.84
N LEU D 10 -0.34 -6.21 40.12
CA LEU D 10 -1.78 -5.92 40.06
C LEU D 10 -2.54 -7.14 40.55
N ARG D 11 -2.93 -7.14 41.83
CA ARG D 11 -3.69 -8.24 42.39
C ARG D 11 -5.16 -8.04 42.05
N ILE D 12 -5.75 -9.00 41.35
CA ILE D 12 -7.15 -8.97 40.99
C ILE D 12 -7.90 -9.92 41.92
N GLY D 13 -9.22 -9.80 41.92
CA GLY D 13 -10.05 -10.71 42.68
C GLY D 13 -11.46 -10.20 42.75
N LEU D 14 -12.28 -10.94 43.49
CA LEU D 14 -13.66 -10.53 43.69
C LEU D 14 -13.74 -9.36 44.66
N ALA D 15 -14.91 -8.75 44.71
CA ALA D 15 -15.16 -7.61 45.58
C ALA D 15 -16.35 -7.93 46.48
N THR D 16 -16.08 -8.09 47.77
CA THR D 16 -17.16 -8.22 48.74
C THR D 16 -18.02 -6.97 48.69
N ALA D 17 -19.34 -7.17 48.68
CA ALA D 17 -20.29 -6.12 48.34
C ALA D 17 -20.05 -4.82 49.10
N ASP D 18 -19.35 -4.89 50.24
CA ASP D 18 -19.03 -3.67 50.98
C ASP D 18 -17.96 -2.86 50.25
N ASP D 19 -17.02 -3.53 49.59
CA ASP D 19 -16.03 -2.82 48.80
C ASP D 19 -16.69 -1.87 47.82
N ILE D 20 -17.78 -2.32 47.20
CA ILE D 20 -18.53 -1.46 46.27
C ILE D 20 -18.98 -0.19 46.98
N ARG D 21 -19.70 -0.35 48.10
CA ARG D 21 -20.11 0.80 48.88
C ARG D 21 -18.94 1.73 49.15
N ASN D 22 -17.75 1.16 49.36
CA ASN D 22 -16.59 2.00 49.65
C ASN D 22 -16.14 2.77 48.41
N TRP D 23 -16.11 2.10 47.25
CA TRP D 23 -15.74 2.76 46.01
C TRP D 23 -16.58 4.00 45.75
N SER D 24 -17.85 3.96 46.13
CA SER D 24 -18.82 4.94 45.66
C SER D 24 -18.86 6.17 46.55
N TYR D 25 -19.35 7.27 45.96
CA TYR D 25 -19.64 8.48 46.70
C TYR D 25 -21.12 8.62 47.02
N GLY D 26 -21.97 7.82 46.39
CA GLY D 26 -23.39 7.83 46.67
C GLY D 26 -24.07 6.66 45.98
N GLU D 27 -25.37 6.55 46.22
CA GLU D 27 -26.17 5.47 45.68
C GLU D 27 -26.99 5.97 44.49
N VAL D 28 -27.89 5.12 44.00
CA VAL D 28 -28.81 5.45 42.92
C VAL D 28 -30.20 4.96 43.31
N LYS D 29 -31.20 5.84 43.16
CA LYS D 29 -32.55 5.52 43.60
C LYS D 29 -33.63 5.94 42.61
N LYS D 30 -33.27 6.57 41.50
CA LYS D 30 -34.26 7.11 40.56
C LYS D 30 -33.99 6.54 39.18
N PRO D 31 -34.93 5.78 38.58
CA PRO D 31 -34.74 5.22 37.24
C PRO D 31 -35.10 6.18 36.11
N GLU D 32 -34.61 7.40 36.19
CA GLU D 32 -34.89 8.45 35.21
C GLU D 32 -33.56 8.91 34.64
N THR D 33 -33.21 8.38 33.47
CA THR D 33 -31.94 8.73 32.83
C THR D 33 -31.84 10.24 32.62
N ILE D 34 -32.84 10.83 31.98
CA ILE D 34 -32.83 12.27 31.70
C ILE D 34 -34.27 12.72 31.52
N ASN D 35 -34.49 14.03 31.62
CA ASN D 35 -35.74 14.65 31.22
C ASN D 35 -35.49 15.50 29.99
N TYR D 36 -36.30 15.31 28.95
CA TYR D 36 -36.22 16.10 27.73
C TYR D 36 -36.02 17.57 28.06
N ARG D 37 -36.71 18.06 29.09
CA ARG D 37 -36.65 19.45 29.47
C ARG D 37 -35.39 19.75 30.27
N THR D 38 -35.01 21.03 30.27
CA THR D 38 -33.95 21.53 31.14
C THR D 38 -32.57 21.08 30.66
N LEU D 39 -32.53 20.21 29.65
CA LEU D 39 -31.28 19.64 29.18
C LEU D 39 -30.41 19.21 30.34
N LYS D 40 -31.02 18.70 31.40
CA LYS D 40 -30.33 18.35 32.63
C LYS D 40 -30.79 16.97 33.10
N PRO D 41 -29.88 16.04 33.36
CA PRO D 41 -30.31 14.75 33.94
C PRO D 41 -31.03 14.95 35.26
N GLU D 42 -31.83 13.96 35.63
CA GLU D 42 -32.61 14.02 36.86
C GLU D 42 -31.69 13.98 38.07
N LYS D 43 -32.30 14.06 39.24
CA LYS D 43 -31.59 14.04 40.51
C LYS D 43 -31.63 12.64 41.10
N ASP D 44 -30.54 12.24 41.75
CA ASP D 44 -30.43 10.93 42.39
C ASP D 44 -30.81 9.81 41.43
N GLY D 45 -30.50 10.00 40.15
CA GLY D 45 -30.84 9.03 39.13
C GLY D 45 -29.64 8.60 38.31
N LEU D 46 -29.89 8.12 37.10
CA LEU D 46 -28.82 7.79 36.18
C LEU D 46 -28.35 9.03 35.45
N PHE D 47 -27.07 9.04 35.08
CA PHE D 47 -26.46 10.23 34.50
C PHE D 47 -26.63 11.43 35.42
N CYS D 48 -26.70 11.16 36.72
CA CYS D 48 -27.08 12.15 37.70
C CYS D 48 -25.97 13.20 37.86
N GLU D 49 -26.21 14.13 38.80
CA GLU D 49 -25.28 15.21 39.07
C GLU D 49 -24.92 15.29 40.55
N LYS D 50 -25.38 14.34 41.37
CA LYS D 50 -25.07 14.31 42.79
C LYS D 50 -23.81 13.50 43.06
N ILE D 51 -23.76 12.26 42.57
CA ILE D 51 -22.55 11.46 42.70
C ILE D 51 -21.59 11.81 41.57
N PHE D 52 -22.11 11.90 40.35
CA PHE D 52 -21.30 12.08 39.16
C PHE D 52 -20.95 13.55 38.94
N GLY D 53 -20.20 14.10 39.90
CA GLY D 53 -19.47 15.32 39.69
C GLY D 53 -20.33 16.52 39.32
N PRO D 54 -19.72 17.71 39.34
CA PRO D 54 -20.39 18.89 38.78
C PRO D 54 -20.28 18.88 37.27
N THR D 55 -21.43 19.05 36.60
CA THR D 55 -21.50 18.77 35.17
C THR D 55 -20.49 19.59 34.38
N ARG D 56 -20.61 20.93 34.42
CA ARG D 56 -19.89 21.77 33.46
C ARG D 56 -18.54 22.24 33.98
N ASP D 57 -18.55 23.05 35.04
CA ASP D 57 -17.32 23.61 35.61
C ASP D 57 -17.65 24.15 37.00
N TRP D 58 -17.09 23.55 38.03
CA TRP D 58 -17.27 24.03 39.40
C TRP D 58 -18.73 24.42 39.65
N GLU D 59 -19.66 23.74 39.02
CA GLU D 59 -21.04 24.19 38.93
C GLU D 59 -21.96 23.36 39.79
N CYS D 60 -22.96 24.02 40.36
CA CYS D 60 -24.08 23.37 41.03
C CYS D 60 -25.27 23.29 40.09
N TYR D 61 -26.27 22.52 40.50
CA TYR D 61 -27.55 22.53 39.82
C TYR D 61 -28.46 23.62 40.37
N CYS D 62 -28.38 23.86 41.68
CA CYS D 62 -29.05 25.01 42.28
C CYS D 62 -28.64 26.30 41.58
N GLY D 63 -27.35 26.64 41.63
CA GLY D 63 -26.86 27.90 41.13
C GLY D 63 -26.44 28.82 42.25
N LYS D 64 -25.92 28.23 43.33
CA LYS D 64 -25.49 29.00 44.50
C LYS D 64 -24.02 29.38 44.42
N TYR D 65 -23.14 28.37 44.38
CA TYR D 65 -21.70 28.58 44.33
C TYR D 65 -21.18 28.08 42.99
N LYS D 66 -21.27 28.93 41.98
CA LYS D 66 -20.54 28.77 40.74
C LYS D 66 -19.18 29.45 40.80
N ARG D 67 -18.85 30.06 41.95
CA ARG D 67 -17.62 30.84 42.11
C ARG D 67 -16.44 29.89 42.18
N VAL D 68 -15.59 29.93 41.16
CA VAL D 68 -14.40 29.10 41.13
C VAL D 68 -13.44 29.45 42.26
N ARG D 69 -13.55 30.66 42.83
CA ARG D 69 -12.72 31.04 43.97
C ARG D 69 -12.69 29.92 45.01
N PHE D 70 -13.86 29.59 45.55
CA PHE D 70 -13.95 28.47 46.49
C PHE D 70 -13.74 27.15 45.74
N LYS D 71 -13.60 26.08 46.51
CA LYS D 71 -13.41 24.76 45.92
C LYS D 71 -13.61 23.69 46.98
N GLY D 72 -14.32 22.64 46.62
CA GLY D 72 -14.56 21.54 47.52
C GLY D 72 -15.73 21.70 48.47
N ILE D 73 -16.72 22.53 48.11
CA ILE D 73 -17.89 22.74 48.93
C ILE D 73 -19.06 22.03 48.27
N ILE D 74 -19.71 21.13 49.02
CA ILE D 74 -20.94 20.51 48.55
C ILE D 74 -22.09 21.46 48.85
N CYS D 75 -23.14 21.37 48.04
CA CYS D 75 -24.28 22.27 48.14
C CYS D 75 -25.40 21.59 48.91
N GLU D 76 -25.85 22.22 49.99
CA GLU D 76 -26.92 21.68 50.81
C GLU D 76 -28.29 21.79 50.17
N ARG D 77 -28.38 22.31 48.93
CA ARG D 77 -29.62 22.32 48.18
C ARG D 77 -29.64 21.29 47.06
N CYS D 78 -28.50 21.03 46.42
CA CYS D 78 -28.42 20.06 45.33
C CYS D 78 -27.36 19.00 45.54
N GLY D 79 -26.39 19.21 46.43
CA GLY D 79 -25.45 18.15 46.78
C GLY D 79 -24.47 17.78 45.68
N VAL D 80 -23.53 18.68 45.37
CA VAL D 80 -22.46 18.38 44.44
C VAL D 80 -21.26 19.26 44.79
N GLU D 81 -20.07 18.73 44.54
CA GLU D 81 -18.81 19.37 44.92
C GLU D 81 -18.14 19.95 43.69
N VAL D 82 -17.74 21.22 43.79
CA VAL D 82 -17.14 21.94 42.66
C VAL D 82 -15.70 21.48 42.53
N THR D 83 -15.44 20.64 41.52
CA THR D 83 -14.10 20.15 41.23
C THR D 83 -13.94 20.06 39.71
N ARG D 84 -12.71 19.82 39.27
CA ARG D 84 -12.35 19.85 37.86
C ARG D 84 -11.88 18.48 37.39
N ALA D 85 -11.37 18.44 36.17
CA ALA D 85 -10.95 17.21 35.49
C ALA D 85 -12.13 16.32 35.13
N LYS D 86 -13.32 16.90 35.00
CA LYS D 86 -14.54 16.16 34.72
C LYS D 86 -14.59 14.89 35.56
N VAL D 87 -14.64 15.10 36.89
CA VAL D 87 -14.67 13.99 37.83
C VAL D 87 -15.85 13.06 37.58
N ARG D 88 -16.76 13.45 36.69
CA ARG D 88 -17.84 12.58 36.23
C ARG D 88 -17.31 11.28 35.66
N ARG D 89 -16.01 11.20 35.38
CA ARG D 89 -15.43 10.01 34.79
C ARG D 89 -14.92 9.02 35.83
N GLU D 90 -14.33 9.51 36.91
CA GLU D 90 -13.89 8.64 38.00
C GLU D 90 -14.85 8.71 39.20
N ARG D 91 -16.10 8.27 38.98
CA ARG D 91 -17.08 8.28 40.07
C ARG D 91 -18.17 7.27 39.76
N MET D 92 -18.24 6.20 40.55
CA MET D 92 -19.24 5.16 40.43
C MET D 92 -20.16 5.18 41.64
N GLY D 93 -21.28 4.48 41.54
CA GLY D 93 -22.27 4.49 42.60
C GLY D 93 -22.77 3.09 42.89
N HIS D 94 -23.18 2.88 44.14
CA HIS D 94 -23.65 1.57 44.57
C HIS D 94 -25.17 1.53 44.54
N ILE D 95 -25.72 0.68 43.67
CA ILE D 95 -27.10 0.25 43.83
C ILE D 95 -27.17 -0.73 45.00
N GLU D 96 -28.18 -0.57 45.84
CA GLU D 96 -28.31 -1.38 47.05
C GLU D 96 -29.76 -1.84 47.13
N LEU D 97 -30.00 -3.07 46.68
CA LEU D 97 -31.32 -3.68 46.68
C LEU D 97 -31.43 -4.66 47.85
N ALA D 98 -32.52 -5.42 47.87
CA ALA D 98 -32.74 -6.42 48.90
C ALA D 98 -33.07 -7.79 48.31
N ALA D 99 -32.91 -7.97 47.01
CA ALA D 99 -33.20 -9.22 46.32
C ALA D 99 -31.91 -9.75 45.71
N PRO D 100 -31.17 -10.60 46.42
CA PRO D 100 -29.89 -11.08 45.90
C PRO D 100 -30.03 -11.72 44.53
N VAL D 101 -28.89 -11.79 43.83
CA VAL D 101 -28.82 -12.36 42.49
C VAL D 101 -27.48 -13.07 42.32
N THR D 102 -27.29 -13.71 41.18
CA THR D 102 -26.11 -14.53 40.92
C THR D 102 -25.33 -13.97 39.75
N HIS D 103 -24.00 -13.94 39.90
CA HIS D 103 -23.13 -13.46 38.83
C HIS D 103 -23.11 -14.48 37.70
N ILE D 104 -23.59 -14.06 36.52
CA ILE D 104 -23.72 -14.97 35.40
C ILE D 104 -22.40 -15.63 35.05
N TRP D 105 -21.28 -14.95 35.33
CA TRP D 105 -19.99 -15.49 34.95
C TRP D 105 -19.70 -16.82 35.64
N TYR D 106 -20.13 -16.96 36.88
CA TYR D 106 -19.69 -18.06 37.72
C TYR D 106 -20.67 -19.23 37.75
N PHE D 107 -21.80 -19.13 37.06
CA PHE D 107 -22.66 -20.28 36.80
C PHE D 107 -22.94 -20.46 35.32
N LYS D 108 -22.30 -19.66 34.46
CA LYS D 108 -22.41 -19.80 33.02
C LYS D 108 -21.02 -19.72 32.39
N GLY D 109 -20.07 -20.45 32.98
CA GLY D 109 -18.71 -20.46 32.51
C GLY D 109 -18.42 -21.44 31.37
N VAL D 110 -19.36 -22.34 31.09
CA VAL D 110 -19.23 -23.30 29.99
C VAL D 110 -17.84 -23.93 30.02
N PRO D 111 -17.55 -24.82 30.98
CA PRO D 111 -18.49 -25.32 31.99
C PRO D 111 -18.63 -24.38 33.18
N SER D 112 -19.69 -24.56 33.96
CA SER D 112 -19.95 -23.68 35.09
C SER D 112 -18.84 -23.79 36.13
N ARG D 113 -18.85 -22.87 37.07
CA ARG D 113 -17.83 -22.80 38.11
C ARG D 113 -18.43 -22.69 39.51
N LEU D 114 -19.61 -22.08 39.64
CA LEU D 114 -20.26 -21.99 40.95
C LEU D 114 -20.50 -23.37 41.54
N GLY D 115 -20.90 -24.32 40.71
CA GLY D 115 -21.27 -25.64 41.18
C GLY D 115 -20.11 -26.51 41.61
N TYR D 116 -18.88 -26.05 41.47
CA TYR D 116 -17.72 -26.86 41.81
C TYR D 116 -17.18 -26.59 43.21
N LEU D 117 -17.58 -25.47 43.83
CA LEU D 117 -17.35 -25.29 45.25
C LEU D 117 -18.44 -25.94 46.09
N LEU D 118 -19.58 -26.25 45.47
CA LEU D 118 -20.67 -26.98 46.10
C LEU D 118 -20.70 -28.45 45.71
N ASP D 119 -19.85 -28.87 44.78
CA ASP D 119 -19.87 -30.23 44.25
C ASP D 119 -21.23 -30.58 43.68
N LEU D 120 -21.93 -29.60 43.13
CA LEU D 120 -23.28 -29.78 42.59
C LEU D 120 -23.23 -29.86 41.08
N ALA D 121 -24.08 -30.74 40.52
CA ALA D 121 -24.15 -30.92 39.09
C ALA D 121 -24.53 -29.61 38.40
N PRO D 122 -24.24 -29.50 37.11
CA PRO D 122 -24.72 -28.34 36.33
C PRO D 122 -26.13 -28.60 35.80
N LYS D 123 -26.71 -27.55 35.23
CA LYS D 123 -28.06 -27.52 34.66
C LYS D 123 -29.11 -27.48 35.77
N ASP D 124 -28.72 -27.58 37.04
CA ASP D 124 -29.65 -27.52 38.15
C ASP D 124 -29.73 -26.13 38.76
N LEU D 125 -28.60 -25.45 38.93
CA LEU D 125 -28.63 -24.05 39.34
C LEU D 125 -29.43 -23.21 38.35
N GLU D 126 -29.33 -23.52 37.07
CA GLU D 126 -30.09 -22.80 36.04
C GLU D 126 -31.56 -22.69 36.44
N LYS D 127 -32.17 -23.82 36.79
CA LYS D 127 -33.58 -23.81 37.17
C LYS D 127 -33.76 -23.36 38.62
N ILE D 128 -32.73 -23.53 39.46
CA ILE D 128 -32.84 -23.14 40.85
C ILE D 128 -33.03 -21.62 40.96
N ILE D 129 -32.04 -20.87 40.47
CA ILE D 129 -32.15 -19.41 40.51
C ILE D 129 -33.29 -18.94 39.61
N TYR D 130 -33.71 -19.77 38.66
CA TYR D 130 -34.93 -19.53 37.92
C TYR D 130 -36.15 -20.11 38.62
N PHE D 131 -36.01 -20.47 39.89
CA PHE D 131 -37.12 -20.57 40.84
C PHE D 131 -38.14 -21.63 40.44
N ALA D 132 -37.67 -22.88 40.42
CA ALA D 132 -38.55 -24.05 40.38
C ALA D 132 -38.06 -25.10 41.37
N ALA D 133 -37.54 -24.65 42.52
CA ALA D 133 -37.04 -25.58 43.53
C ALA D 133 -37.01 -24.88 44.87
N TYR D 134 -37.90 -25.27 45.78
CA TYR D 134 -37.90 -24.78 47.15
C TYR D 134 -36.82 -25.55 47.92
N VAL D 135 -35.58 -25.09 47.75
CA VAL D 135 -34.42 -25.85 48.19
C VAL D 135 -34.10 -25.57 49.65
N ILE D 136 -33.31 -26.44 50.26
CA ILE D 136 -32.87 -26.30 51.64
C ILE D 136 -31.36 -26.09 51.68
N THR D 137 -30.82 -25.89 52.88
CA THR D 137 -29.38 -25.88 53.08
C THR D 137 -28.88 -27.27 53.47
N SER D 138 -29.44 -27.84 54.52
CA SER D 138 -29.15 -29.20 54.96
C SER D 138 -30.20 -29.56 56.01
N VAL D 139 -30.01 -30.70 56.68
CA VAL D 139 -30.91 -31.14 57.73
C VAL D 139 -30.08 -31.79 58.83
N ASP D 140 -30.27 -31.33 60.06
CA ASP D 140 -29.62 -31.93 61.21
C ASP D 140 -30.33 -33.23 61.61
N ASP D 141 -29.87 -33.85 62.69
CA ASP D 141 -30.38 -35.16 63.08
C ASP D 141 -30.75 -35.29 64.55
N GLU D 142 -30.22 -34.44 65.45
CA GLU D 142 -30.45 -34.62 66.87
C GLU D 142 -31.89 -34.30 67.25
N MET D 143 -32.30 -33.04 67.05
CA MET D 143 -33.72 -32.71 67.14
C MET D 143 -34.54 -33.70 66.33
N ARG D 144 -34.13 -33.95 65.09
CA ARG D 144 -34.84 -34.88 64.23
C ARG D 144 -34.80 -36.29 64.80
N HIS D 145 -33.69 -36.67 65.44
CA HIS D 145 -33.62 -37.98 66.08
C HIS D 145 -34.72 -38.14 67.11
N ASN D 146 -34.71 -37.26 68.11
CA ASN D 146 -35.64 -37.38 69.23
C ASN D 146 -37.08 -37.20 68.78
N GLU D 147 -37.31 -36.40 67.73
CA GLU D 147 -38.67 -36.21 67.23
C GLU D 147 -39.12 -37.34 66.32
N LEU D 148 -38.21 -38.01 65.62
CA LEU D 148 -38.60 -39.14 64.79
C LEU D 148 -38.91 -40.34 65.66
N SER D 149 -38.21 -40.48 66.79
CA SER D 149 -38.52 -41.50 67.78
C SER D 149 -40.03 -41.61 67.98
N THR D 150 -40.74 -40.49 67.88
CA THR D 150 -42.19 -40.45 68.02
C THR D 150 -42.92 -40.33 66.69
N LEU D 151 -42.38 -39.56 65.75
CA LEU D 151 -43.01 -39.42 64.44
C LEU D 151 -43.28 -40.79 63.80
N GLU D 152 -42.43 -41.77 64.08
CA GLU D 152 -42.68 -43.11 63.56
C GLU D 152 -44.04 -43.62 64.03
N ALA D 153 -44.29 -43.58 65.34
CA ALA D 153 -45.59 -44.01 65.86
C ALA D 153 -46.71 -43.10 65.39
N GLU D 154 -46.44 -41.80 65.20
CA GLU D 154 -47.47 -40.90 64.70
C GLU D 154 -47.94 -41.33 63.31
N MET D 155 -47.00 -41.44 62.37
CA MET D 155 -47.36 -41.91 61.03
C MET D 155 -47.98 -43.29 61.06
N ALA D 156 -47.56 -44.14 62.00
CA ALA D 156 -48.19 -45.45 62.13
C ALA D 156 -49.66 -45.33 62.50
N VAL D 157 -49.96 -44.50 63.50
CA VAL D 157 -51.34 -44.26 63.90
C VAL D 157 -52.15 -43.73 62.72
N GLU D 158 -51.55 -42.82 61.96
CA GLU D 158 -52.27 -42.24 60.82
C GLU D 158 -52.57 -43.29 59.76
N LYS D 159 -51.57 -44.12 59.43
CA LYS D 159 -51.79 -45.20 58.47
C LYS D 159 -52.89 -46.15 58.97
N LYS D 160 -52.89 -46.43 60.27
CA LYS D 160 -53.92 -47.28 60.83
C LYS D 160 -55.31 -46.69 60.62
N ALA D 161 -55.46 -45.41 60.96
CA ALA D 161 -56.77 -44.77 60.83
C ALA D 161 -57.22 -44.70 59.38
N VAL D 162 -56.29 -44.51 58.45
CA VAL D 162 -56.68 -44.37 57.05
C VAL D 162 -57.04 -45.72 56.43
N GLU D 163 -56.31 -46.79 56.78
CA GLU D 163 -56.76 -48.10 56.33
C GLU D 163 -58.11 -48.44 56.95
N ASP D 164 -58.31 -48.05 58.21
CA ASP D 164 -59.60 -48.23 58.85
C ASP D 164 -60.72 -47.57 58.06
N GLN D 165 -60.52 -46.30 57.67
CA GLN D 165 -61.59 -45.59 56.98
C GLN D 165 -61.81 -46.14 55.57
N ARG D 166 -60.73 -46.52 54.88
CA ARG D 166 -60.89 -47.21 53.60
C ARG D 166 -61.81 -48.42 53.74
N ASP D 167 -61.42 -49.35 54.62
CA ASP D 167 -62.19 -50.57 54.79
C ASP D 167 -63.63 -50.26 55.21
N ALA D 168 -63.80 -49.30 56.12
CA ALA D 168 -65.13 -48.97 56.60
C ALA D 168 -66.01 -48.43 55.48
N ASP D 169 -65.46 -47.56 54.63
CA ASP D 169 -66.24 -47.02 53.52
C ASP D 169 -66.65 -48.12 52.56
N LEU D 170 -65.69 -48.98 52.18
CA LEU D 170 -66.03 -50.05 51.24
C LEU D 170 -67.09 -50.97 51.83
N GLU D 171 -66.92 -51.36 53.10
CA GLU D 171 -67.88 -52.26 53.74
C GLU D 171 -69.24 -51.59 53.90
N ALA D 172 -69.27 -50.28 54.11
CA ALA D 172 -70.55 -49.59 54.29
C ALA D 172 -71.31 -49.50 52.97
N ARG D 173 -70.61 -49.23 51.87
CA ARG D 173 -71.28 -49.27 50.58
C ARG D 173 -71.74 -50.69 50.27
N ALA D 174 -70.93 -51.69 50.63
CA ALA D 174 -71.36 -53.07 50.47
C ALA D 174 -72.62 -53.36 51.28
N GLN D 175 -72.73 -52.77 52.47
CA GLN D 175 -73.91 -53.02 53.30
C GLN D 175 -75.13 -52.29 52.75
N LYS D 176 -74.95 -51.13 52.12
CA LYS D 176 -76.05 -50.53 51.39
C LYS D 176 -76.51 -51.45 50.27
N LEU D 177 -75.55 -52.05 49.56
CA LEU D 177 -75.90 -53.07 48.57
C LEU D 177 -76.69 -54.20 49.19
N GLU D 178 -76.25 -54.67 50.37
CA GLU D 178 -76.90 -55.78 51.04
C GLU D 178 -78.34 -55.43 51.43
N ALA D 179 -78.56 -54.20 51.91
CA ALA D 179 -79.90 -53.78 52.28
C ALA D 179 -80.79 -53.68 51.05
N ASP D 180 -80.26 -53.10 49.96
CA ASP D 180 -81.06 -52.97 48.75
C ASP D 180 -81.44 -54.34 48.19
N LEU D 181 -80.53 -55.32 48.28
CA LEU D 181 -80.86 -56.64 47.77
C LEU D 181 -81.84 -57.36 48.69
N ALA D 182 -81.61 -57.30 50.00
CA ALA D 182 -82.56 -57.89 50.94
C ALA D 182 -83.95 -57.27 50.81
N GLU D 183 -84.04 -56.03 50.31
CA GLU D 183 -85.33 -55.45 49.98
C GLU D 183 -85.80 -55.84 48.59
N LEU D 184 -84.88 -56.24 47.71
CA LEU D 184 -85.25 -56.67 46.37
C LEU D 184 -85.64 -58.14 46.35
N GLU D 185 -84.75 -59.01 46.84
CA GLU D 185 -85.04 -60.44 46.89
C GLU D 185 -86.04 -60.80 47.98
N ALA D 186 -86.63 -59.81 48.66
CA ALA D 186 -87.69 -60.11 49.62
C ALA D 186 -88.79 -60.95 48.99
N GLU D 187 -88.96 -60.85 47.67
CA GLU D 187 -89.92 -61.64 46.92
C GLU D 187 -89.19 -62.32 45.77
N GLY D 188 -89.57 -63.56 45.48
CA GLY D 188 -88.89 -64.34 44.46
C GLY D 188 -89.25 -63.92 43.05
N ALA D 189 -88.79 -62.75 42.63
CA ALA D 189 -89.08 -62.20 41.32
C ALA D 189 -87.92 -62.47 40.35
N LYS D 190 -88.01 -61.90 39.16
CA LYS D 190 -87.02 -62.14 38.13
C LYS D 190 -85.62 -61.75 38.61
N SER D 191 -84.68 -62.68 38.49
CA SER D 191 -83.30 -62.48 38.94
C SER D 191 -82.48 -61.60 38.00
N ASP D 192 -83.02 -61.21 36.85
CA ASP D 192 -82.24 -60.39 35.92
C ASP D 192 -82.03 -58.99 36.47
N VAL D 193 -83.09 -58.35 36.96
CA VAL D 193 -82.94 -57.06 37.62
C VAL D 193 -82.07 -57.19 38.85
N ARG D 194 -82.09 -58.36 39.49
CA ARG D 194 -81.19 -58.61 40.62
C ARG D 194 -79.74 -58.56 40.17
N ARG D 195 -79.42 -59.26 39.08
CA ARG D 195 -78.08 -59.18 38.52
C ARG D 195 -77.68 -57.73 38.23
N LYS D 196 -78.59 -56.99 37.60
CA LYS D 196 -78.26 -55.61 37.22
C LYS D 196 -78.00 -54.74 38.45
N VAL D 197 -78.85 -54.84 39.47
CA VAL D 197 -78.67 -53.99 40.64
C VAL D 197 -77.41 -54.38 41.39
N ARG D 198 -77.11 -55.68 41.47
CA ARG D 198 -75.87 -56.09 42.13
C ARG D 198 -74.65 -55.61 41.35
N ASP D 199 -74.73 -55.60 40.02
CA ASP D 199 -73.64 -55.07 39.22
C ASP D 199 -73.43 -53.59 39.50
N SER D 200 -74.52 -52.81 39.50
CA SER D 200 -74.42 -51.40 39.80
C SER D 200 -73.79 -51.16 41.18
N GLY D 201 -74.25 -51.92 42.18
CA GLY D 201 -73.71 -51.77 43.52
C GLY D 201 -72.23 -52.09 43.58
N GLU D 202 -71.83 -53.23 43.02
CA GLU D 202 -70.41 -53.59 43.02
C GLU D 202 -69.57 -52.57 42.27
N ARG D 203 -70.11 -51.97 41.21
CA ARG D 203 -69.35 -50.96 40.48
C ARG D 203 -69.18 -49.70 41.31
N GLU D 204 -70.23 -49.28 42.02
CA GLU D 204 -70.07 -48.16 42.94
C GLU D 204 -69.06 -48.48 44.04
N MET D 205 -69.03 -49.72 44.49
CA MET D 205 -68.04 -50.13 45.49
C MET D 205 -66.63 -50.03 44.91
N ARG D 206 -66.43 -50.50 43.69
CA ARG D 206 -65.13 -50.41 43.05
C ARG D 206 -64.71 -48.95 42.86
N GLN D 207 -65.67 -48.07 42.57
CA GLN D 207 -65.35 -46.65 42.43
C GLN D 207 -64.91 -46.06 43.78
N LEU D 208 -65.67 -46.35 44.84
CA LEU D 208 -65.26 -45.92 46.17
C LEU D 208 -63.87 -46.45 46.51
N ARG D 209 -63.58 -47.68 46.09
CA ARG D 209 -62.26 -48.26 46.35
C ARG D 209 -61.17 -47.51 45.60
N ASP D 210 -61.42 -47.17 44.33
CA ASP D 210 -60.45 -46.38 43.58
C ASP D 210 -60.21 -45.04 44.23
N ARG D 211 -61.26 -44.43 44.79
CA ARG D 211 -61.10 -43.14 45.45
C ARG D 211 -60.25 -43.27 46.72
N ALA D 212 -60.58 -44.24 47.57
CA ALA D 212 -59.72 -44.53 48.71
C ALA D 212 -58.31 -44.84 48.26
N GLN D 213 -58.16 -45.43 47.07
CA GLN D 213 -56.84 -45.72 46.53
C GLN D 213 -56.07 -44.43 46.27
N ARG D 214 -56.72 -43.46 45.61
CA ARG D 214 -56.08 -42.17 45.41
C ARG D 214 -55.65 -41.57 46.75
N GLU D 215 -56.55 -41.56 47.73
CA GLU D 215 -56.24 -40.93 49.01
C GLU D 215 -55.05 -41.60 49.69
N LEU D 216 -55.10 -42.93 49.84
CA LEU D 216 -54.02 -43.64 50.49
C LEU D 216 -52.74 -43.58 49.68
N ASP D 217 -52.84 -43.43 48.36
CA ASP D 217 -51.65 -43.26 47.55
C ASP D 217 -50.99 -41.93 47.87
N ARG D 218 -51.78 -40.87 48.01
CA ARG D 218 -51.23 -39.60 48.47
C ARG D 218 -50.54 -39.76 49.82
N LEU D 219 -51.22 -40.37 50.78
CA LEU D 219 -50.66 -40.51 52.13
C LEU D 219 -49.35 -41.29 52.12
N ASP D 220 -49.36 -42.48 51.52
CA ASP D 220 -48.16 -43.30 51.49
C ASP D 220 -47.06 -42.63 50.69
N GLU D 221 -47.41 -41.90 49.62
CA GLU D 221 -46.41 -41.16 48.87
C GLU D 221 -45.71 -40.13 49.76
N ILE D 222 -46.48 -39.32 50.48
CA ILE D 222 -45.88 -38.28 51.29
C ILE D 222 -44.99 -38.90 52.37
N TRP D 223 -45.49 -39.93 53.06
CA TRP D 223 -44.72 -40.49 54.15
C TRP D 223 -43.48 -41.23 53.65
N ASN D 224 -43.58 -41.91 52.50
CA ASN D 224 -42.42 -42.58 51.94
C ASN D 224 -41.37 -41.55 51.51
N THR D 225 -41.78 -40.54 50.74
CA THR D 225 -40.84 -39.54 50.28
C THR D 225 -40.14 -38.86 51.44
N PHE D 226 -40.88 -38.58 52.52
CA PHE D 226 -40.21 -38.05 53.71
C PHE D 226 -39.35 -39.10 54.40
N THR D 227 -39.64 -40.39 54.19
CA THR D 227 -38.80 -41.42 54.78
C THR D 227 -37.40 -41.42 54.18
N LYS D 228 -37.22 -40.76 53.04
CA LYS D 228 -35.90 -40.52 52.47
C LYS D 228 -35.44 -39.13 52.86
N LEU D 229 -34.27 -39.05 53.50
CA LEU D 229 -33.75 -37.79 54.03
C LEU D 229 -32.45 -37.47 53.34
N ALA D 230 -32.42 -36.37 52.60
CA ALA D 230 -31.26 -35.98 51.79
C ALA D 230 -30.79 -34.59 52.17
N PRO D 231 -29.60 -34.44 52.79
CA PRO D 231 -29.09 -33.09 53.06
C PRO D 231 -28.56 -32.44 51.81
N LYS D 232 -29.07 -31.23 51.53
CA LYS D 232 -28.64 -30.42 50.38
C LYS D 232 -29.14 -30.98 49.05
N GLN D 233 -30.29 -31.63 49.04
CA GLN D 233 -30.85 -32.22 47.83
C GLN D 233 -31.92 -31.30 47.28
N LEU D 234 -31.76 -30.90 46.01
CA LEU D 234 -32.74 -30.04 45.36
C LEU D 234 -34.15 -30.62 45.51
N ILE D 235 -35.09 -29.75 45.85
CA ILE D 235 -36.49 -30.13 46.04
C ILE D 235 -37.30 -29.44 44.95
N VAL D 236 -37.83 -30.22 44.02
CA VAL D 236 -38.44 -29.67 42.81
C VAL D 236 -39.95 -29.49 42.91
N ASP D 237 -40.62 -30.15 43.85
CA ASP D 237 -42.07 -30.07 43.91
C ASP D 237 -42.51 -28.75 44.54
N GLU D 238 -43.79 -28.43 44.35
CA GLU D 238 -44.38 -27.19 44.85
C GLU D 238 -45.16 -27.42 46.14
N VAL D 239 -46.15 -28.29 46.11
CA VAL D 239 -46.98 -28.53 47.28
C VAL D 239 -46.45 -29.66 48.16
N LEU D 240 -45.53 -30.48 47.66
CA LEU D 240 -44.82 -31.39 48.54
C LEU D 240 -43.98 -30.63 49.54
N TYR D 241 -43.29 -29.59 49.08
CA TYR D 241 -42.50 -28.76 49.98
C TYR D 241 -43.41 -27.99 50.94
N ARG D 242 -44.49 -27.40 50.42
CA ARG D 242 -45.43 -26.71 51.30
C ARG D 242 -46.00 -27.66 52.34
N GLU D 243 -46.24 -28.91 51.97
CA GLU D 243 -46.65 -29.93 52.93
C GLU D 243 -45.59 -30.10 54.01
N LEU D 244 -44.38 -30.49 53.61
CA LEU D 244 -43.30 -30.66 54.57
C LEU D 244 -43.15 -29.44 55.47
N GLN D 245 -43.49 -28.26 54.97
CA GLN D 245 -43.40 -27.04 55.77
C GLN D 245 -44.53 -26.97 56.79
N ASP D 246 -45.78 -26.95 56.30
CA ASP D 246 -46.92 -27.02 57.22
C ASP D 246 -46.92 -28.35 57.96
N ARG D 247 -46.88 -29.45 57.21
CA ARG D 247 -46.78 -30.79 57.80
C ARG D 247 -45.35 -31.02 58.26
N TYR D 248 -45.09 -30.74 59.54
CA TYR D 248 -43.82 -31.04 60.18
C TYR D 248 -42.66 -30.31 59.49
N GLY D 249 -42.72 -28.98 59.60
CA GLY D 249 -41.71 -28.10 59.05
C GLY D 249 -40.71 -27.53 60.04
N GLU D 250 -40.62 -28.09 61.24
CA GLU D 250 -39.67 -27.62 62.24
C GLU D 250 -38.30 -28.27 62.09
N TYR D 251 -38.10 -29.13 61.10
CA TYR D 251 -36.90 -29.94 60.97
C TYR D 251 -35.94 -29.46 59.90
N PHE D 252 -36.45 -28.96 58.78
CA PHE D 252 -35.63 -28.59 57.64
C PHE D 252 -35.71 -27.09 57.40
N THR D 253 -34.75 -26.57 56.65
CA THR D 253 -34.65 -25.15 56.39
C THR D 253 -35.64 -24.74 55.29
N GLY D 254 -35.82 -23.43 55.15
CA GLY D 254 -36.70 -22.88 54.15
C GLY D 254 -36.01 -21.91 53.22
N ALA D 255 -35.90 -22.25 51.95
CA ALA D 255 -35.17 -21.43 50.99
C ALA D 255 -35.59 -21.80 49.58
N MET D 256 -35.21 -20.96 48.63
CA MET D 256 -35.46 -21.20 47.22
C MET D 256 -34.63 -20.28 46.34
N GLY D 257 -33.93 -20.83 45.38
CA GLY D 257 -33.14 -20.04 44.45
C GLY D 257 -31.73 -19.84 44.92
N ALA D 258 -31.27 -18.59 44.90
CA ALA D 258 -29.87 -18.27 45.14
C ALA D 258 -29.60 -17.73 46.53
N GLU D 259 -30.51 -16.93 47.09
CA GLU D 259 -30.30 -16.40 48.44
C GLU D 259 -29.92 -17.51 49.41
N SER D 260 -30.48 -18.71 49.22
CA SER D 260 -30.05 -19.86 50.01
C SER D 260 -28.53 -20.03 49.97
N ILE D 261 -27.92 -19.79 48.81
CA ILE D 261 -26.47 -19.96 48.70
C ILE D 261 -25.75 -18.97 49.59
N LYS D 262 -26.32 -17.78 49.80
CA LYS D 262 -25.73 -16.82 50.72
C LYS D 262 -25.48 -17.44 52.10
N LYS D 263 -26.14 -18.56 52.39
CA LYS D 263 -25.90 -19.31 53.63
C LYS D 263 -25.04 -20.55 53.40
N LEU D 264 -25.19 -21.21 52.25
CA LEU D 264 -24.32 -22.34 51.94
C LEU D 264 -22.87 -21.92 51.90
N ILE D 265 -22.59 -20.76 51.28
CA ILE D 265 -21.26 -20.16 51.33
C ILE D 265 -20.72 -20.18 52.74
N GLU D 266 -21.58 -19.90 53.72
CA GLU D 266 -21.14 -19.86 55.11
C GLU D 266 -20.84 -21.26 55.64
N ASN D 267 -21.65 -22.24 55.27
CA ASN D 267 -21.55 -23.56 55.86
C ASN D 267 -20.28 -24.28 55.42
N PHE D 268 -20.13 -24.52 54.12
CA PHE D 268 -19.04 -25.32 53.62
C PHE D 268 -17.69 -24.76 54.07
N ASP D 269 -16.71 -25.66 54.18
CA ASP D 269 -15.35 -25.31 54.55
C ASP D 269 -14.47 -25.29 53.30
N ILE D 270 -13.43 -24.47 53.35
CA ILE D 270 -12.54 -24.29 52.20
C ILE D 270 -11.41 -25.30 52.21
N ASP D 271 -10.97 -25.72 53.41
CA ASP D 271 -9.84 -26.63 53.50
C ASP D 271 -10.25 -28.02 53.96
N ALA D 272 -11.38 -28.15 54.66
CA ALA D 272 -11.82 -29.46 55.11
C ALA D 272 -12.35 -30.29 53.94
N GLU D 273 -13.36 -29.76 53.25
CA GLU D 273 -13.82 -30.38 52.02
C GLU D 273 -12.67 -30.56 51.03
N ALA D 274 -11.76 -29.59 51.00
CA ALA D 274 -10.64 -29.67 50.06
C ALA D 274 -9.72 -30.83 50.40
N GLU D 275 -9.44 -31.04 51.70
CA GLU D 275 -8.61 -32.17 52.10
C GLU D 275 -9.33 -33.49 51.84
N SER D 276 -10.65 -33.52 52.07
CA SER D 276 -11.42 -34.71 51.76
C SER D 276 -11.26 -35.09 50.30
N LEU D 277 -11.61 -34.18 49.40
CA LEU D 277 -11.48 -34.46 47.97
C LEU D 277 -10.03 -34.69 47.57
N ARG D 278 -9.07 -34.11 48.29
CA ARG D 278 -7.65 -34.36 48.01
C ARG D 278 -7.33 -35.83 48.22
N GLU D 279 -7.60 -36.34 49.43
CA GLU D 279 -7.33 -37.75 49.70
C GLU D 279 -8.15 -38.65 48.81
N VAL D 280 -9.38 -38.23 48.47
CA VAL D 280 -10.19 -38.98 47.52
C VAL D 280 -9.60 -38.93 46.12
N ILE D 281 -8.73 -37.96 45.83
CA ILE D 281 -7.97 -37.98 44.59
C ILE D 281 -6.69 -38.79 44.73
N ARG D 282 -6.26 -39.07 45.95
CA ARG D 282 -5.16 -40.01 46.14
C ARG D 282 -5.61 -41.43 45.82
N SER D 283 -6.68 -41.88 46.47
CA SER D 283 -7.29 -43.18 46.23
C SER D 283 -8.75 -42.99 45.89
N GLY D 284 -9.36 -44.01 45.29
CA GLY D 284 -10.72 -43.87 44.79
C GLY D 284 -10.71 -43.33 43.38
N LYS D 285 -10.08 -44.05 42.47
CA LYS D 285 -9.80 -43.53 41.13
C LYS D 285 -10.98 -43.61 40.17
N GLY D 286 -11.96 -44.48 40.43
CA GLY D 286 -13.00 -44.71 39.45
C GLY D 286 -13.79 -43.47 39.11
N GLN D 287 -13.52 -42.90 37.94
CA GLN D 287 -14.25 -41.77 37.36
C GLN D 287 -14.44 -40.63 38.36
N LYS D 288 -13.68 -40.64 39.45
CA LYS D 288 -13.70 -39.57 40.44
C LYS D 288 -12.53 -38.61 40.27
N LYS D 289 -11.40 -39.12 39.77
CA LYS D 289 -10.21 -38.31 39.58
C LYS D 289 -10.53 -36.99 38.87
N LEU D 290 -11.22 -37.06 37.72
CA LEU D 290 -11.41 -35.87 36.90
C LEU D 290 -12.34 -34.86 37.56
N ARG D 291 -13.53 -35.32 37.94
CA ARG D 291 -14.47 -34.46 38.66
C ARG D 291 -13.80 -33.85 39.88
N ALA D 292 -13.05 -34.67 40.63
CA ALA D 292 -12.35 -34.18 41.80
C ALA D 292 -11.22 -33.23 41.44
N LEU D 293 -10.63 -33.34 40.24
CA LEU D 293 -9.63 -32.38 39.80
C LEU D 293 -10.27 -31.01 39.60
N LYS D 294 -11.41 -30.99 38.91
CA LYS D 294 -12.15 -29.73 38.79
C LYS D 294 -12.44 -29.16 40.18
N ARG D 295 -13.07 -29.97 41.03
CA ARG D 295 -13.35 -29.54 42.40
C ARG D 295 -12.12 -28.97 43.07
N LEU D 296 -10.98 -29.66 42.93
CA LEU D 296 -9.79 -29.29 43.68
C LEU D 296 -9.20 -27.98 43.16
N LYS D 297 -9.01 -27.87 41.86
CA LYS D 297 -8.56 -26.60 41.29
C LYS D 297 -9.43 -25.46 41.81
N VAL D 298 -10.74 -25.58 41.64
CA VAL D 298 -11.63 -24.48 41.99
C VAL D 298 -11.52 -24.16 43.49
N VAL D 299 -11.75 -25.15 44.34
CA VAL D 299 -11.80 -24.89 45.78
C VAL D 299 -10.46 -24.39 46.28
N ALA D 300 -9.37 -25.10 45.95
CA ALA D 300 -8.04 -24.66 46.37
C ALA D 300 -7.75 -23.26 45.89
N ALA D 301 -8.36 -22.83 44.78
CA ALA D 301 -8.26 -21.43 44.40
C ALA D 301 -8.60 -20.52 45.59
N PHE D 302 -9.62 -20.92 46.36
CA PHE D 302 -10.04 -20.16 47.53
C PHE D 302 -9.25 -20.52 48.79
N GLN D 303 -8.20 -21.32 48.67
CA GLN D 303 -7.45 -21.79 49.82
C GLN D 303 -6.63 -20.64 50.44
N SER D 308 -11.76 -14.52 49.84
CA SER D 308 -12.80 -15.39 50.35
C SER D 308 -13.95 -15.49 49.35
N PRO D 309 -14.68 -16.60 49.36
CA PRO D 309 -15.68 -16.83 48.31
C PRO D 309 -16.99 -16.09 48.49
N MET D 310 -16.95 -14.84 48.93
CA MET D 310 -18.14 -13.98 48.96
C MET D 310 -18.20 -13.10 47.72
N GLY D 311 -18.19 -13.72 46.55
CA GLY D 311 -18.23 -12.99 45.30
C GLY D 311 -19.26 -13.51 44.32
N MET D 312 -19.73 -14.75 44.53
CA MET D 312 -20.64 -15.38 43.59
C MET D 312 -22.05 -14.84 43.68
N VAL D 313 -22.35 -13.98 44.65
CA VAL D 313 -23.68 -13.43 44.82
C VAL D 313 -23.55 -12.04 45.41
N LEU D 314 -24.57 -11.21 45.16
CA LEU D 314 -24.50 -9.79 45.46
C LEU D 314 -25.81 -9.29 46.03
N ASP D 315 -25.72 -8.44 47.04
CA ASP D 315 -26.82 -7.60 47.48
C ASP D 315 -26.60 -6.14 47.13
N ALA D 316 -25.48 -5.82 46.49
CA ALA D 316 -25.21 -4.50 45.95
C ALA D 316 -24.69 -4.65 44.53
N VAL D 317 -24.52 -3.53 43.84
CA VAL D 317 -24.09 -3.55 42.45
C VAL D 317 -23.38 -2.23 42.12
N PRO D 318 -22.33 -2.25 41.30
CA PRO D 318 -21.69 -0.98 40.91
C PRO D 318 -22.24 -0.41 39.61
N VAL D 319 -22.32 0.91 39.59
CA VAL D 319 -22.80 1.67 38.45
C VAL D 319 -21.67 2.57 37.98
N ILE D 320 -21.32 2.45 36.70
CA ILE D 320 -20.21 3.19 36.12
C ILE D 320 -20.52 4.68 36.10
N PRO D 321 -19.56 5.52 35.72
CA PRO D 321 -19.80 6.95 35.67
C PRO D 321 -20.36 7.35 34.31
N PRO D 322 -21.03 8.50 34.22
CA PRO D 322 -21.82 8.78 33.02
C PRO D 322 -20.98 9.03 31.77
N GLU D 323 -19.88 9.78 31.91
CA GLU D 323 -19.09 10.13 30.73
C GLU D 323 -18.73 8.91 29.90
N LEU D 324 -18.65 7.74 30.52
CA LEU D 324 -18.38 6.50 29.81
C LEU D 324 -19.66 5.89 29.21
N ARG D 325 -20.76 6.63 29.20
CA ARG D 325 -22.00 6.20 28.58
C ARG D 325 -22.52 7.36 27.74
N PRO D 326 -22.29 7.35 26.42
CA PRO D 326 -22.66 8.51 25.60
C PRO D 326 -24.16 8.69 25.46
N MET D 327 -24.70 9.73 26.10
CA MET D 327 -26.10 10.13 25.96
C MET D 327 -26.13 11.65 25.97
N VAL D 328 -26.11 12.25 24.78
CA VAL D 328 -26.08 13.70 24.64
C VAL D 328 -27.27 14.14 23.80
N GLN D 329 -27.34 15.44 23.55
CA GLN D 329 -28.43 16.03 22.78
C GLN D 329 -27.92 16.50 21.41
N LEU D 330 -28.87 16.75 20.51
CA LEU D 330 -28.57 17.24 19.18
C LEU D 330 -29.48 18.41 18.84
N ASP D 331 -29.01 19.25 17.92
CA ASP D 331 -29.80 20.41 17.49
C ASP D 331 -31.16 19.95 16.99
N GLY D 332 -32.23 20.36 17.68
CA GLY D 332 -33.59 20.07 17.29
C GLY D 332 -34.39 19.36 18.37
N GLY D 333 -33.76 18.50 19.16
CA GLY D 333 -34.44 17.76 20.19
C GLY D 333 -34.34 16.26 20.02
N ARG D 334 -33.30 15.80 19.34
CA ARG D 334 -33.04 14.39 19.13
C ARG D 334 -31.80 13.98 19.91
N PHE D 335 -31.90 12.87 20.64
CA PHE D 335 -30.80 12.42 21.48
C PHE D 335 -29.72 11.73 20.65
N ALA D 336 -28.60 11.47 21.31
CA ALA D 336 -27.49 10.67 20.79
C ALA D 336 -27.18 9.69 21.90
N THR D 337 -27.74 8.49 21.78
CA THR D 337 -27.77 7.51 22.85
C THR D 337 -27.35 6.15 22.33
N SER D 338 -26.88 5.30 23.25
CA SER D 338 -26.34 3.98 22.91
C SER D 338 -27.10 2.92 23.69
N ASP D 339 -26.59 1.70 23.64
CA ASP D 339 -27.28 0.51 24.14
C ASP D 339 -26.60 -0.06 25.38
N LEU D 340 -26.15 0.83 26.28
CA LEU D 340 -25.49 0.40 27.50
C LEU D 340 -25.95 1.18 28.72
N ASN D 341 -27.04 1.94 28.62
CA ASN D 341 -27.47 2.83 29.68
C ASN D 341 -28.93 2.68 30.06
N ASP D 342 -29.78 2.11 29.21
CA ASP D 342 -31.14 1.77 29.63
C ASP D 342 -31.18 0.55 30.52
N LEU D 343 -30.05 -0.14 30.69
CA LEU D 343 -30.02 -1.36 31.48
C LEU D 343 -30.05 -1.06 32.97
N TYR D 344 -29.27 -0.07 33.41
CA TYR D 344 -29.36 0.35 34.80
C TYR D 344 -30.75 0.88 35.13
N ARG D 345 -31.35 1.62 34.19
CA ARG D 345 -32.71 2.11 34.40
C ARG D 345 -33.68 0.93 34.54
N ARG D 346 -33.55 -0.07 33.68
CA ARG D 346 -34.42 -1.25 33.78
C ARG D 346 -34.23 -1.97 35.10
N VAL D 347 -32.98 -2.09 35.55
CA VAL D 347 -32.71 -2.80 36.79
C VAL D 347 -33.27 -2.02 37.99
N ILE D 348 -33.20 -0.70 37.94
CA ILE D 348 -33.80 0.10 39.00
C ILE D 348 -35.31 -0.04 38.95
N ASN D 349 -35.90 -0.10 37.75
CA ASN D 349 -37.33 -0.32 37.63
C ASN D 349 -37.74 -1.62 38.31
N ARG D 350 -36.96 -2.69 38.10
CA ARG D 350 -37.34 -3.98 38.70
C ARG D 350 -37.09 -3.98 40.20
N ASN D 351 -35.99 -3.39 40.65
CA ASN D 351 -35.78 -3.26 42.08
C ASN D 351 -36.87 -2.42 42.73
N ASN D 352 -37.48 -1.51 41.97
CA ASN D 352 -38.62 -0.76 42.48
C ASN D 352 -39.87 -1.62 42.55
N ARG D 353 -40.16 -2.34 41.46
CA ARG D 353 -41.24 -3.31 41.48
C ARG D 353 -41.12 -4.25 42.67
N LEU D 354 -39.89 -4.48 43.15
CA LEU D 354 -39.69 -5.26 44.36
C LEU D 354 -39.77 -4.40 45.63
N LYS D 355 -39.50 -3.10 45.52
CA LYS D 355 -39.48 -2.24 46.71
C LYS D 355 -40.87 -2.06 47.31
N ARG D 356 -41.92 -2.35 46.56
CA ARG D 356 -43.29 -2.22 47.03
C ARG D 356 -43.99 -3.57 47.08
N LEU D 357 -43.21 -4.65 47.17
CA LEU D 357 -43.74 -6.01 47.11
C LEU D 357 -43.27 -6.87 48.27
N ILE D 358 -42.54 -6.29 49.24
CA ILE D 358 -42.01 -7.01 50.38
C ILE D 358 -42.52 -6.40 51.69
N ASP D 359 -42.30 -5.10 51.88
CA ASP D 359 -42.82 -4.43 53.07
C ASP D 359 -44.32 -4.15 52.93
N LEU D 360 -44.74 -3.71 51.74
CA LEU D 360 -46.16 -3.48 51.50
C LEU D 360 -46.99 -4.71 51.87
N GLY D 361 -46.42 -5.90 51.71
CA GLY D 361 -47.12 -7.13 52.01
C GLY D 361 -47.69 -7.79 50.77
N ALA D 362 -47.16 -8.96 50.42
CA ALA D 362 -47.65 -9.72 49.28
C ALA D 362 -47.16 -11.16 49.43
N PRO D 363 -47.70 -12.09 48.65
CA PRO D 363 -47.35 -13.49 48.82
C PRO D 363 -46.01 -13.85 48.21
N GLU D 364 -45.30 -14.73 48.91
CA GLU D 364 -43.96 -15.14 48.48
C GLU D 364 -43.92 -15.57 47.02
N ILE D 365 -45.02 -16.11 46.50
CA ILE D 365 -45.02 -16.59 45.11
C ILE D 365 -44.58 -15.49 44.16
N ILE D 366 -45.29 -14.36 44.19
CA ILE D 366 -45.02 -13.33 43.18
C ILE D 366 -43.75 -12.56 43.52
N VAL D 367 -43.45 -12.40 44.81
CA VAL D 367 -42.17 -11.81 45.20
C VAL D 367 -41.03 -12.61 44.58
N ASN D 368 -41.08 -13.93 44.68
CA ASN D 368 -40.01 -14.77 44.17
C ASN D 368 -39.99 -14.79 42.66
N ASN D 369 -41.15 -14.76 42.01
CA ASN D 369 -41.16 -14.69 40.55
C ASN D 369 -40.55 -13.38 40.07
N GLU D 370 -40.86 -12.27 40.73
CA GLU D 370 -40.24 -11.00 40.38
C GLU D 370 -38.76 -10.99 40.70
N LYS D 371 -38.33 -11.74 41.72
CA LYS D 371 -36.90 -11.88 41.97
C LYS D 371 -36.21 -12.61 40.82
N ARG D 372 -36.81 -13.70 40.34
CA ARG D 372 -36.28 -14.38 39.17
C ARG D 372 -36.20 -13.43 37.98
N MET D 373 -37.24 -12.60 37.80
CA MET D 373 -37.23 -11.65 36.69
C MET D 373 -36.13 -10.62 36.86
N LEU D 374 -35.94 -10.13 38.08
CA LEU D 374 -34.84 -9.21 38.36
C LEU D 374 -33.50 -9.82 38.01
N GLN D 375 -33.29 -11.09 38.36
CA GLN D 375 -32.03 -11.75 38.03
C GLN D 375 -31.87 -11.88 36.52
N GLU D 376 -32.94 -12.28 35.83
CA GLU D 376 -32.87 -12.38 34.37
C GLU D 376 -32.58 -11.02 33.73
N SER D 377 -32.99 -9.94 34.39
CA SER D 377 -32.71 -8.60 33.87
C SER D 377 -31.30 -8.15 34.21
N VAL D 378 -30.77 -8.58 35.35
CA VAL D 378 -29.39 -8.27 35.70
C VAL D 378 -28.44 -8.99 34.75
N ASP D 379 -28.82 -10.20 34.33
CA ASP D 379 -28.02 -10.92 33.35
C ASP D 379 -27.84 -10.13 32.06
N ALA D 380 -28.60 -9.05 31.86
CA ALA D 380 -28.40 -8.20 30.69
C ALA D 380 -27.29 -7.19 30.91
N LEU D 381 -27.12 -6.73 32.15
CA LEU D 381 -26.01 -5.84 32.47
C LEU D 381 -24.68 -6.53 32.19
N PHE D 382 -24.58 -7.81 32.56
CA PHE D 382 -23.38 -8.60 32.36
C PHE D 382 -23.65 -9.60 31.23
N ASP D 383 -23.46 -9.16 29.98
CA ASP D 383 -23.45 -10.05 28.83
C ASP D 383 -24.78 -10.79 28.68
N ASN D 384 -25.81 -10.00 28.35
CA ASN D 384 -27.15 -10.53 28.07
C ASN D 384 -27.11 -11.84 27.28
N GLY D 385 -26.26 -11.90 26.27
CA GLY D 385 -26.29 -12.98 25.30
C GLY D 385 -25.81 -14.33 25.79
N ARG D 386 -26.47 -14.89 26.81
CA ARG D 386 -26.19 -16.26 27.25
C ARG D 386 -27.47 -17.06 27.48
N ARG D 387 -28.57 -16.69 26.84
CA ARG D 387 -29.81 -17.44 26.94
C ARG D 387 -30.47 -17.64 25.58
N GLY D 388 -29.73 -17.47 24.50
CA GLY D 388 -30.28 -17.60 23.17
C GLY D 388 -30.74 -16.26 22.62
N ARG D 389 -32.04 -15.99 22.72
CA ARG D 389 -32.57 -14.70 22.32
C ARG D 389 -32.35 -13.69 23.44
N PRO D 390 -31.44 -12.74 23.28
CA PRO D 390 -31.13 -11.83 24.38
C PRO D 390 -32.06 -10.63 24.41
N VAL D 391 -31.83 -9.70 25.34
CA VAL D 391 -32.62 -8.48 25.37
C VAL D 391 -32.43 -7.74 24.05
N THR D 392 -33.54 -7.32 23.45
CA THR D 392 -33.52 -6.60 22.20
C THR D 392 -33.74 -5.12 22.45
N GLY D 393 -32.95 -4.29 21.78
CA GLY D 393 -33.03 -2.85 21.94
C GLY D 393 -34.39 -2.34 21.54
N PRO D 394 -34.63 -1.04 21.78
CA PRO D 394 -35.93 -0.47 21.41
C PRO D 394 -36.34 -0.74 19.97
N GLY D 395 -35.48 -0.41 19.00
CA GLY D 395 -35.86 -0.60 17.62
C GLY D 395 -35.90 -2.03 17.15
N ASN D 396 -34.73 -2.64 16.90
CA ASN D 396 -34.69 -4.04 16.48
C ASN D 396 -33.56 -4.86 17.05
N ARG D 397 -32.45 -4.27 17.50
CA ARG D 397 -31.22 -5.01 17.73
C ARG D 397 -30.87 -5.08 19.21
N PRO D 398 -30.01 -6.03 19.62
CA PRO D 398 -29.76 -6.23 21.05
C PRO D 398 -28.97 -5.10 21.67
N LEU D 399 -28.65 -5.25 22.95
CA LEU D 399 -27.95 -4.23 23.72
C LEU D 399 -26.47 -4.59 23.82
N LYS D 400 -25.66 -3.57 24.05
CA LYS D 400 -24.23 -3.75 24.29
C LYS D 400 -24.00 -3.67 25.80
N SER D 401 -23.35 -4.69 26.35
CA SER D 401 -23.21 -4.84 27.78
C SER D 401 -21.75 -4.72 28.20
N LEU D 402 -21.54 -4.64 29.51
CA LEU D 402 -20.22 -4.38 30.05
C LEU D 402 -19.21 -5.44 29.59
N SER D 403 -19.66 -6.68 29.43
CA SER D 403 -18.76 -7.73 28.99
C SER D 403 -18.46 -7.64 27.50
N ASP D 404 -19.14 -6.76 26.77
CA ASP D 404 -18.79 -6.51 25.38
C ASP D 404 -17.61 -5.56 25.27
N LEU D 405 -17.49 -4.65 26.24
CA LEU D 405 -16.39 -3.69 26.23
C LEU D 405 -15.03 -4.37 26.15
N LEU D 406 -14.95 -5.61 26.64
CA LEU D 406 -13.66 -6.29 26.79
C LEU D 406 -13.65 -7.64 26.08
N LYS D 407 -14.55 -7.89 25.12
CA LYS D 407 -14.71 -9.26 24.62
C LYS D 407 -14.60 -9.39 23.10
N GLY D 408 -15.15 -8.45 22.35
CA GLY D 408 -15.50 -8.76 20.98
C GLY D 408 -14.78 -8.02 19.88
N LYS D 409 -15.56 -7.39 19.00
CA LYS D 409 -15.01 -6.82 17.77
C LYS D 409 -13.87 -5.85 18.05
N GLN D 410 -14.17 -4.76 18.74
CA GLN D 410 -13.17 -3.73 19.05
C GLN D 410 -12.75 -3.81 20.51
N GLY D 411 -13.70 -3.72 21.43
CA GLY D 411 -13.37 -3.83 22.83
C GLY D 411 -12.42 -2.73 23.30
N ARG D 412 -11.91 -2.95 24.51
CA ARG D 412 -10.89 -2.10 25.09
C ARG D 412 -9.56 -2.81 25.28
N PHE D 413 -9.56 -4.14 25.28
CA PHE D 413 -8.31 -4.89 25.35
C PHE D 413 -7.75 -5.14 23.95
N ARG D 414 -8.61 -5.40 22.98
CA ARG D 414 -8.23 -5.51 21.58
C ARG D 414 -8.18 -4.14 20.90
N GLN D 415 -8.21 -3.07 21.69
CA GLN D 415 -8.20 -1.71 21.17
C GLN D 415 -7.19 -0.79 21.82
N ASN D 416 -6.71 -1.10 23.03
CA ASN D 416 -5.69 -0.31 23.68
C ASN D 416 -4.31 -0.54 23.09
N LEU D 417 -4.19 -1.45 22.13
CA LEU D 417 -2.96 -1.68 21.40
C LEU D 417 -3.05 -1.29 19.94
N LEU D 418 -4.23 -0.88 19.47
CA LEU D 418 -4.43 -0.45 18.09
C LEU D 418 -3.64 0.83 17.79
N GLY D 419 -2.99 1.39 18.81
CA GLY D 419 -2.17 2.57 18.62
C GLY D 419 -2.71 3.80 19.32
N LYS D 420 -2.40 4.96 18.78
CA LYS D 420 -2.74 6.23 19.40
C LYS D 420 -2.84 7.29 18.30
N ARG D 421 -2.87 8.56 18.70
CA ARG D 421 -2.86 9.68 17.78
C ARG D 421 -2.20 10.83 18.52
N VAL D 422 -0.95 11.11 18.19
CA VAL D 422 -0.05 11.81 19.07
C VAL D 422 0.07 13.28 18.65
N ASP D 423 0.65 14.08 19.53
CA ASP D 423 0.96 15.47 19.26
C ASP D 423 2.40 15.57 18.75
N TYR D 424 2.86 16.81 18.52
CA TYR D 424 4.23 17.08 18.09
C TYR D 424 4.63 16.14 16.96
N SER D 425 3.95 16.28 15.83
CA SER D 425 4.14 15.37 14.71
C SER D 425 3.78 16.10 13.42
N GLY D 426 3.79 15.35 12.32
CA GLY D 426 3.49 15.92 11.02
C GLY D 426 3.64 14.88 9.94
N ARG D 427 3.24 15.27 8.73
CA ARG D 427 3.25 14.38 7.59
C ARG D 427 3.48 15.19 6.34
N SER D 428 4.18 14.61 5.38
CA SER D 428 4.42 15.30 4.12
C SER D 428 4.99 14.32 3.11
N VAL D 429 4.97 14.72 1.84
CA VAL D 429 5.56 13.91 0.78
C VAL D 429 7.07 14.02 0.91
N ILE D 430 7.79 13.17 0.19
CA ILE D 430 9.23 13.10 0.31
C ILE D 430 9.87 13.27 -1.06
N VAL D 431 11.09 13.79 -1.04
CA VAL D 431 11.92 13.94 -2.20
C VAL D 431 13.33 13.48 -1.83
N VAL D 432 14.27 13.65 -2.75
CA VAL D 432 15.59 13.07 -2.64
C VAL D 432 16.58 14.17 -2.30
N GLY D 433 17.28 14.02 -1.19
CA GLY D 433 18.41 14.86 -0.86
C GLY D 433 19.72 14.15 -1.13
N PRO D 434 20.33 14.45 -2.26
CA PRO D 434 21.63 13.83 -2.58
C PRO D 434 22.78 14.61 -1.99
N GLN D 435 22.50 15.87 -1.65
CA GLN D 435 23.45 16.77 -1.01
C GLN D 435 23.43 16.66 0.49
N LEU D 436 23.08 15.49 1.02
CA LEU D 436 22.81 15.31 2.44
C LEU D 436 23.61 14.14 2.96
N LYS D 437 24.03 14.26 4.21
CA LYS D 437 24.68 13.16 4.92
C LYS D 437 23.63 12.31 5.61
N LEU D 438 24.00 11.05 5.86
CA LEU D 438 23.04 10.10 6.41
C LEU D 438 22.33 10.63 7.64
N HIS D 439 23.03 11.42 8.46
CA HIS D 439 22.45 11.95 9.68
C HIS D 439 21.68 13.24 9.45
N GLN D 440 21.28 13.53 8.22
CA GLN D 440 20.62 14.78 7.89
C GLN D 440 19.30 14.52 7.16
N CYS D 441 18.35 15.42 7.39
CA CYS D 441 17.08 15.42 6.68
C CYS D 441 16.68 16.87 6.43
N GLY D 442 15.61 17.04 5.66
CA GLY D 442 15.12 18.36 5.30
C GLY D 442 13.73 18.57 5.84
N LEU D 443 13.57 19.57 6.69
CA LEU D 443 12.32 19.79 7.42
C LEU D 443 11.70 21.09 6.97
N PRO D 444 10.58 21.06 6.25
CA PRO D 444 9.97 22.31 5.78
C PRO D 444 9.83 23.33 6.89
N LYS D 445 10.25 24.55 6.60
CA LYS D 445 10.08 25.67 7.53
C LYS D 445 8.71 25.66 8.20
N LEU D 446 7.66 25.51 7.40
CA LEU D 446 6.29 25.65 7.86
C LEU D 446 5.79 24.40 8.57
N MET D 447 6.66 23.45 8.86
CA MET D 447 6.37 22.35 9.76
C MET D 447 7.29 22.33 10.96
N ALA D 448 8.56 22.69 10.77
CA ALA D 448 9.46 22.87 11.91
C ALA D 448 8.96 23.99 12.81
N LEU D 449 8.28 24.99 12.24
CA LEU D 449 7.70 26.03 13.08
C LEU D 449 6.70 25.45 14.06
N GLU D 450 5.76 24.65 13.56
CA GLU D 450 4.74 24.07 14.43
C GLU D 450 5.35 23.09 15.41
N LEU D 451 6.11 22.12 14.91
CA LEU D 451 6.77 21.15 15.78
C LEU D 451 7.49 21.85 16.94
N PHE D 452 8.43 22.74 16.61
CA PHE D 452 9.25 23.42 17.59
C PHE D 452 8.63 24.72 18.09
N LYS D 453 7.30 24.82 18.03
CA LYS D 453 6.63 26.08 18.40
C LYS D 453 6.94 26.51 19.83
N PRO D 454 6.66 25.71 20.87
CA PRO D 454 6.90 26.19 22.23
C PRO D 454 8.36 26.54 22.50
N PHE D 455 9.30 25.75 21.99
CA PHE D 455 10.70 26.12 22.13
C PHE D 455 10.97 27.47 21.48
N VAL D 456 10.23 27.80 20.42
CA VAL D 456 10.40 29.09 19.78
C VAL D 456 9.85 30.19 20.67
N MET D 457 8.67 29.99 21.26
CA MET D 457 8.18 30.92 22.26
C MET D 457 9.26 31.21 23.30
N LYS D 458 9.88 30.14 23.79
CA LYS D 458 10.88 30.28 24.85
C LYS D 458 12.08 31.09 24.39
N ARG D 459 12.68 30.71 23.26
CA ARG D 459 13.84 31.42 22.75
C ARG D 459 13.50 32.80 22.25
N LEU D 460 12.22 33.12 22.07
CA LEU D 460 11.80 34.46 21.72
C LEU D 460 11.79 35.34 22.95
N VAL D 461 11.01 34.94 23.95
CA VAL D 461 11.00 35.66 25.22
C VAL D 461 12.41 35.88 25.72
N ASP D 462 13.22 34.81 25.75
CA ASP D 462 14.59 34.93 26.22
C ASP D 462 15.39 35.96 25.43
N LEU D 463 14.91 36.35 24.25
CA LEU D 463 15.57 37.37 23.44
C LEU D 463 14.86 38.71 23.45
N ASN D 464 13.68 38.78 24.04
CA ASN D 464 12.90 40.00 24.23
C ASN D 464 12.31 40.53 22.93
N HIS D 465 12.35 39.74 21.85
CA HIS D 465 11.57 40.09 20.67
C HIS D 465 10.08 40.04 20.95
N ALA D 466 9.68 39.27 21.95
CA ALA D 466 8.36 39.36 22.57
C ALA D 466 8.56 39.71 24.05
N GLN D 467 7.46 39.85 24.77
CA GLN D 467 7.54 40.09 26.20
C GLN D 467 6.80 39.06 27.02
N ASN D 468 5.61 38.65 26.58
CA ASN D 468 4.85 37.60 27.22
C ASN D 468 4.92 36.33 26.39
N ILE D 469 4.14 35.32 26.80
CA ILE D 469 4.07 34.07 26.09
C ILE D 469 3.03 34.17 24.97
N LYS D 470 1.79 34.47 25.34
CA LYS D 470 0.72 34.56 24.35
C LYS D 470 1.11 35.50 23.21
N SER D 471 1.80 36.59 23.51
CA SER D 471 2.34 37.44 22.46
C SER D 471 3.23 36.64 21.53
N ALA D 472 4.02 35.72 22.09
CA ALA D 472 4.86 34.87 21.26
C ALA D 472 4.01 33.96 20.38
N LYS D 473 2.96 33.38 20.95
CA LYS D 473 2.05 32.54 20.16
C LYS D 473 1.49 33.31 18.97
N ARG D 474 1.08 34.55 19.19
CA ARG D 474 0.46 35.31 18.10
C ARG D 474 1.50 35.88 17.16
N MET D 475 2.75 36.00 17.60
CA MET D 475 3.83 36.32 16.68
C MET D 475 4.19 35.12 15.82
N VAL D 476 3.99 33.92 16.34
CA VAL D 476 4.25 32.71 15.58
C VAL D 476 3.15 32.50 14.53
N GLU D 477 1.90 32.41 14.98
CA GLU D 477 0.80 32.20 14.05
C GLU D 477 0.83 33.23 12.92
N ARG D 478 0.90 34.51 13.27
CA ARG D 478 1.03 35.55 12.27
C ARG D 478 2.39 35.54 11.57
N GLN D 479 3.31 34.69 12.02
CA GLN D 479 4.58 34.43 11.34
C GLN D 479 5.29 35.72 10.94
N ARG D 480 5.69 36.47 11.96
CA ARG D 480 6.60 37.57 11.71
C ARG D 480 7.94 37.02 11.24
N PRO D 481 8.75 37.83 10.54
CA PRO D 481 9.93 37.28 9.86
C PRO D 481 11.10 36.99 10.80
N GLN D 482 10.91 37.13 12.11
CA GLN D 482 12.01 36.92 13.03
C GLN D 482 12.19 35.44 13.37
N VAL D 483 11.09 34.72 13.58
CA VAL D 483 11.18 33.34 14.06
C VAL D 483 11.96 32.46 13.09
N TRP D 484 11.89 32.77 11.79
CA TRP D 484 12.65 31.99 10.81
C TRP D 484 14.15 32.09 11.04
N ASP D 485 14.60 32.97 11.93
CA ASP D 485 15.99 33.04 12.35
C ASP D 485 16.22 32.34 13.66
N VAL D 486 15.22 32.34 14.55
CA VAL D 486 15.29 31.59 15.79
C VAL D 486 15.35 30.09 15.51
N LEU D 487 14.70 29.64 14.43
CA LEU D 487 14.62 28.21 14.17
C LEU D 487 16.01 27.58 14.09
N GLU D 488 16.94 28.23 13.39
CA GLU D 488 18.28 27.66 13.28
C GLU D 488 19.06 27.73 14.59
N GLU D 489 18.45 28.25 15.66
CA GLU D 489 19.04 28.24 16.98
C GLU D 489 18.28 27.36 17.96
N VAL D 490 17.05 26.98 17.63
CA VAL D 490 16.24 26.10 18.45
C VAL D 490 16.03 24.75 17.78
N ILE D 491 16.75 24.48 16.70
CA ILE D 491 16.59 23.26 15.92
C ILE D 491 17.90 22.53 15.73
N ALA D 492 19.01 23.09 16.22
CA ALA D 492 20.33 22.54 15.95
C ALA D 492 20.59 21.34 16.86
N GLU D 493 21.00 20.23 16.25
CA GLU D 493 21.36 18.99 16.93
C GLU D 493 20.15 18.30 17.55
N HIS D 494 18.94 18.84 17.38
CA HIS D 494 17.76 18.21 17.93
C HIS D 494 17.19 17.24 16.91
N PRO D 495 17.25 15.93 17.14
CA PRO D 495 16.85 14.98 16.12
C PRO D 495 15.34 14.75 16.09
N VAL D 496 14.90 14.15 14.98
CA VAL D 496 13.50 13.83 14.77
C VAL D 496 13.40 12.46 14.13
N LEU D 497 12.32 11.75 14.44
CA LEU D 497 12.09 10.43 13.91
C LEU D 497 11.26 10.51 12.63
N LEU D 498 11.55 9.60 11.71
CA LEU D 498 10.84 9.51 10.44
C LEU D 498 10.30 8.11 10.28
N ASN D 499 9.00 8.00 10.03
CA ASN D 499 8.33 6.73 9.83
C ASN D 499 7.58 6.73 8.51
N ARG D 500 7.53 5.58 7.87
CA ARG D 500 6.74 5.38 6.66
C ARG D 500 5.92 4.11 6.83
N ALA D 501 4.60 4.23 6.79
CA ALA D 501 3.77 3.05 6.84
C ALA D 501 3.83 2.31 5.51
N PRO D 502 3.86 0.97 5.52
CA PRO D 502 3.88 0.14 6.73
C PRO D 502 5.26 0.11 7.39
N THR D 503 5.30 -0.40 8.61
CA THR D 503 6.54 -0.54 9.37
C THR D 503 6.80 -2.01 9.60
N LEU D 504 7.90 -2.52 9.04
CA LEU D 504 8.16 -3.95 9.01
C LEU D 504 9.50 -4.33 9.63
N HIS D 505 10.24 -3.37 10.18
CA HIS D 505 11.45 -3.69 10.94
C HIS D 505 12.00 -2.41 11.53
N ARG D 506 12.85 -2.58 12.55
CA ARG D 506 13.35 -1.46 13.33
C ARG D 506 13.99 -0.38 12.48
N LEU D 507 14.37 -0.69 11.24
CA LEU D 507 14.93 0.33 10.35
C LEU D 507 13.86 1.03 9.54
N GLY D 508 12.59 0.67 9.71
CA GLY D 508 11.51 1.50 9.23
C GLY D 508 11.26 2.74 10.06
N ILE D 509 12.06 2.93 11.10
CA ILE D 509 12.04 4.13 11.93
C ILE D 509 13.47 4.55 12.16
N GLN D 510 13.77 5.82 11.92
CA GLN D 510 15.13 6.30 11.98
C GLN D 510 15.15 7.75 12.38
N ALA D 511 16.18 8.15 13.11
CA ALA D 511 16.33 9.50 13.62
C ALA D 511 17.31 10.27 12.76
N PHE D 512 16.92 11.47 12.36
CA PHE D 512 17.74 12.34 11.53
C PHE D 512 17.89 13.70 12.20
N GLU D 513 18.93 14.42 11.79
CA GLU D 513 19.12 15.80 12.20
C GLU D 513 18.47 16.70 11.16
N PRO D 514 17.55 17.59 11.53
CA PRO D 514 16.86 18.38 10.51
C PRO D 514 17.57 19.67 10.17
N GLN D 515 17.66 19.95 8.88
CA GLN D 515 18.01 21.26 8.37
C GLN D 515 16.74 21.88 7.79
N LEU D 516 16.84 23.14 7.39
CA LEU D 516 15.69 23.89 6.91
C LEU D 516 15.81 24.12 5.41
N VAL D 517 14.74 23.81 4.69
CA VAL D 517 14.69 23.98 3.24
C VAL D 517 13.38 24.68 2.92
N GLU D 518 13.47 25.77 2.15
CA GLU D 518 12.28 26.51 1.74
C GLU D 518 11.48 25.62 0.80
N GLY D 519 10.38 25.09 1.29
CA GLY D 519 9.57 24.19 0.48
C GLY D 519 8.44 23.61 1.30
N LYS D 520 7.86 22.54 0.76
CA LYS D 520 6.74 21.86 1.41
C LYS D 520 6.95 20.36 1.45
N ALA D 521 8.12 19.87 1.07
CA ALA D 521 8.42 18.45 1.05
C ALA D 521 9.55 18.13 2.01
N ILE D 522 9.72 16.85 2.26
CA ILE D 522 10.71 16.34 3.20
C ILE D 522 11.79 15.65 2.40
N GLN D 523 12.97 16.26 2.35
CA GLN D 523 14.08 15.60 1.70
C GLN D 523 14.42 14.32 2.46
N LEU D 524 15.35 13.55 1.89
CA LEU D 524 15.68 12.25 2.45
C LEU D 524 16.92 11.73 1.75
N HIS D 525 17.85 11.19 2.52
CA HIS D 525 19.04 10.62 1.93
C HIS D 525 18.64 9.47 1.01
N PRO D 526 19.30 9.30 -0.13
CA PRO D 526 18.87 8.27 -1.08
C PRO D 526 19.39 6.87 -0.78
N LEU D 527 20.11 6.68 0.32
CA LEU D 527 20.55 5.35 0.71
C LEU D 527 19.55 4.66 1.62
N VAL D 528 18.82 5.42 2.43
CA VAL D 528 17.83 4.84 3.34
C VAL D 528 16.54 4.46 2.64
N CYS D 529 16.44 4.69 1.33
CA CYS D 529 15.22 4.38 0.61
C CYS D 529 14.99 2.88 0.47
N GLU D 530 15.87 2.05 1.00
CA GLU D 530 15.66 0.60 1.03
C GLU D 530 15.05 0.18 2.36
N ALA D 531 15.63 0.65 3.47
CA ALA D 531 15.05 0.41 4.78
C ALA D 531 13.57 0.72 4.80
N PHE D 532 13.16 1.79 4.12
CA PHE D 532 11.78 2.25 4.13
C PHE D 532 10.95 1.68 2.99
N ASN D 533 11.58 1.06 2.00
CA ASN D 533 10.89 0.69 0.76
C ASN D 533 10.18 1.92 0.18
N ALA D 534 10.85 3.06 0.27
CA ALA D 534 10.29 4.34 -0.13
C ALA D 534 10.78 4.73 -1.51
N ASP D 535 9.85 4.97 -2.42
CA ASP D 535 10.14 5.56 -3.71
C ASP D 535 9.33 6.84 -3.84
N PHE D 536 9.86 7.78 -4.62
CA PHE D 536 9.29 9.12 -4.67
C PHE D 536 8.20 9.26 -5.72
N ASP D 537 7.50 8.18 -6.04
CA ASP D 537 6.34 8.23 -6.93
C ASP D 537 5.12 8.64 -6.12
N GLY D 538 5.26 9.77 -5.42
CA GLY D 538 4.17 10.32 -4.65
C GLY D 538 3.98 9.74 -3.27
N ASP D 539 5.01 9.14 -2.68
CA ASP D 539 4.87 8.55 -1.36
C ASP D 539 4.90 9.64 -0.29
N GLN D 540 4.66 9.22 0.95
CA GLN D 540 4.59 10.12 2.09
C GLN D 540 5.49 9.64 3.21
N MET D 541 5.60 10.48 4.22
CA MET D 541 6.44 10.23 5.37
C MET D 541 5.83 10.98 6.55
N ALA D 542 6.13 10.49 7.75
CA ALA D 542 5.60 11.02 8.99
C ALA D 542 6.75 11.33 9.92
N VAL D 543 6.62 12.42 10.66
CA VAL D 543 7.66 12.89 11.54
C VAL D 543 7.19 12.78 12.98
N HIS D 544 8.15 12.69 13.89
CA HIS D 544 7.84 12.62 15.31
C HIS D 544 8.96 13.30 16.08
N LEU D 545 8.61 14.18 16.96
CA LEU D 545 9.61 14.94 17.69
C LEU D 545 9.79 14.36 19.08
N PRO D 546 11.03 14.05 19.49
CA PRO D 546 11.28 13.73 20.89
C PRO D 546 11.51 14.99 21.73
N LEU D 547 11.07 14.92 22.98
CA LEU D 547 11.08 16.07 23.88
C LEU D 547 12.02 15.89 25.07
N SER D 548 11.89 14.78 25.79
CA SER D 548 12.78 14.53 26.91
C SER D 548 14.22 14.47 26.42
N ALA D 549 15.14 14.42 27.38
CA ALA D 549 16.55 14.23 27.03
C ALA D 549 16.87 12.77 26.81
N GLU D 550 16.25 11.88 27.59
CA GLU D 550 16.38 10.46 27.30
C GLU D 550 16.01 10.16 25.86
N ALA D 551 14.93 10.77 25.37
CA ALA D 551 14.49 10.48 24.00
C ALA D 551 15.45 11.06 22.97
N GLN D 552 15.90 12.29 23.16
CA GLN D 552 16.93 12.85 22.29
C GLN D 552 18.13 11.91 22.21
N ALA D 553 18.53 11.36 23.35
CA ALA D 553 19.70 10.48 23.37
C ALA D 553 19.42 9.17 22.65
N GLU D 554 18.26 8.57 22.91
CA GLU D 554 17.86 7.36 22.21
C GLU D 554 17.90 7.57 20.70
N ALA D 555 17.41 8.71 20.24
CA ALA D 555 17.50 9.03 18.82
C ALA D 555 18.95 9.11 18.37
N ARG D 556 19.74 9.97 19.02
CA ARG D 556 21.11 10.18 18.62
C ARG D 556 21.92 8.90 18.56
N ILE D 557 21.59 7.91 19.39
CA ILE D 557 22.48 6.80 19.69
C ILE D 557 21.94 5.48 19.16
N LEU D 558 20.71 5.14 19.52
CA LEU D 558 20.12 3.86 19.15
C LEU D 558 19.49 3.89 17.77
N MET D 559 18.91 5.02 17.38
CA MET D 559 18.03 5.10 16.22
C MET D 559 18.50 6.11 15.19
N LEU D 560 19.80 6.40 15.16
CA LEU D 560 20.31 7.33 14.17
C LEU D 560 20.52 6.61 12.85
N SER D 561 20.68 7.41 11.79
CA SER D 561 20.78 6.85 10.45
C SER D 561 22.18 6.34 10.14
N SER D 562 23.21 6.92 10.74
CA SER D 562 24.58 6.52 10.47
C SER D 562 25.00 5.34 11.33
N ASN D 563 24.41 5.19 12.51
CA ASN D 563 24.69 4.04 13.35
C ASN D 563 23.89 2.81 12.96
N ASN D 564 23.01 2.92 11.97
CA ASN D 564 22.13 1.85 11.54
C ASN D 564 22.36 1.60 10.05
N ILE D 565 23.35 0.77 9.75
CA ILE D 565 23.73 0.48 8.38
C ILE D 565 23.39 -0.95 7.96
N LEU D 566 23.22 -1.86 8.91
CA LEU D 566 23.20 -3.29 8.63
C LEU D 566 21.86 -3.88 9.04
N SER D 567 21.37 -4.80 8.23
CA SER D 567 20.07 -5.39 8.47
C SER D 567 20.17 -6.46 9.54
N PRO D 568 19.35 -6.41 10.60
CA PRO D 568 19.44 -7.39 11.69
C PRO D 568 18.77 -8.73 11.37
N ALA D 569 19.02 -9.23 10.16
CA ALA D 569 18.55 -10.55 9.76
C ALA D 569 19.71 -11.34 9.17
N SER D 570 20.65 -10.63 8.56
CA SER D 570 21.79 -11.25 7.89
C SER D 570 23.11 -10.55 8.15
N GLY D 571 23.11 -9.36 8.75
CA GLY D 571 24.33 -8.61 8.90
C GLY D 571 24.83 -7.98 7.63
N LYS D 572 24.06 -8.06 6.55
CA LYS D 572 24.44 -7.48 5.27
C LYS D 572 23.99 -6.03 5.21
N PRO D 573 24.82 -5.13 4.71
CA PRO D 573 24.46 -3.72 4.69
C PRO D 573 23.11 -3.51 4.03
N LEU D 574 22.44 -2.44 4.44
CA LEU D 574 21.13 -2.09 3.93
C LEU D 574 21.08 -0.67 3.40
N ALA D 575 22.06 0.16 3.71
CA ALA D 575 22.20 1.50 3.15
C ALA D 575 23.48 1.50 2.32
N MET D 576 23.36 1.09 1.06
CA MET D 576 24.49 1.11 0.15
C MET D 576 24.04 1.52 -1.25
N PRO D 577 24.97 1.76 -2.17
CA PRO D 577 24.59 2.17 -3.52
C PRO D 577 23.71 1.14 -4.21
N ARG D 578 22.61 1.60 -4.80
CA ARG D 578 21.60 0.71 -5.34
C ARG D 578 21.44 0.78 -6.85
N LEU D 579 21.08 1.94 -7.41
CA LEU D 579 20.56 1.99 -8.77
C LEU D 579 21.46 2.77 -9.72
N ASP D 580 21.70 4.04 -9.46
CA ASP D 580 22.50 4.90 -10.32
C ASP D 580 23.92 5.03 -9.81
N MET D 581 24.08 5.08 -8.49
CA MET D 581 25.40 5.01 -7.89
C MET D 581 26.14 3.77 -8.37
N VAL D 582 25.44 2.65 -8.47
CA VAL D 582 26.06 1.42 -8.92
C VAL D 582 26.55 1.56 -10.36
N THR D 583 25.72 2.14 -11.21
CA THR D 583 26.10 2.29 -12.61
C THR D 583 27.28 3.23 -12.75
N GLY D 584 27.30 4.30 -11.96
CA GLY D 584 28.41 5.23 -12.02
C GLY D 584 29.71 4.58 -11.60
N LEU D 585 29.69 3.85 -10.49
CA LEU D 585 30.90 3.16 -10.04
C LEU D 585 31.34 2.12 -11.04
N TYR D 586 30.42 1.28 -11.50
CA TYR D 586 30.68 0.33 -12.57
C TYR D 586 31.43 0.99 -13.73
N TYR D 587 30.82 2.00 -14.33
CA TYR D 587 31.45 2.73 -15.41
C TYR D 587 32.86 3.17 -15.03
N LEU D 588 32.96 3.90 -13.92
CA LEU D 588 34.25 4.39 -13.46
C LEU D 588 35.29 3.28 -13.35
N THR D 589 34.85 2.05 -13.11
CA THR D 589 35.77 0.97 -12.78
C THR D 589 35.95 -0.07 -13.88
N THR D 590 34.98 -0.22 -14.78
CA THR D 590 35.11 -1.23 -15.81
C THR D 590 36.31 -0.93 -16.71
N LEU D 591 36.64 -1.88 -17.56
CA LEU D 591 37.78 -1.79 -18.45
C LEU D 591 37.32 -1.74 -19.90
N VAL D 592 38.20 -1.26 -20.76
CA VAL D 592 37.91 -1.10 -22.18
C VAL D 592 39.18 -1.34 -22.96
N GLU D 593 39.11 -2.24 -23.94
CA GLU D 593 40.28 -2.62 -24.70
C GLU D 593 40.50 -1.66 -25.87
N GLY D 594 41.75 -1.57 -26.30
CA GLY D 594 42.12 -0.69 -27.39
C GLY D 594 41.64 0.73 -27.19
N ALA D 595 41.51 1.14 -25.93
CA ALA D 595 40.95 2.45 -25.62
C ALA D 595 42.02 3.53 -25.85
N THR D 596 41.72 4.74 -25.41
CA THR D 596 42.59 5.88 -25.66
C THR D 596 43.67 5.98 -24.61
N GLY D 597 44.84 6.44 -25.01
CA GLY D 597 45.96 6.66 -24.11
C GLY D 597 46.26 5.47 -23.24
N GLU D 598 46.01 4.26 -23.74
CA GLU D 598 46.17 3.05 -22.96
C GLU D 598 47.66 2.69 -22.88
N TYR D 599 47.94 1.48 -22.42
CA TYR D 599 49.30 1.03 -22.13
C TYR D 599 49.78 0.15 -23.28
N GLN D 600 50.57 0.74 -24.18
CA GLN D 600 51.24 0.00 -25.23
C GLN D 600 52.69 -0.20 -24.80
N ALA D 601 53.14 -1.45 -24.82
CA ALA D 601 54.43 -1.78 -24.24
C ALA D 601 55.57 -1.18 -25.06
N ALA D 602 56.79 -1.43 -24.60
CA ALA D 602 57.98 -0.87 -25.23
C ALA D 602 58.38 -1.72 -26.42
N THR D 603 58.30 -1.15 -27.61
CA THR D 603 58.66 -1.82 -28.85
C THR D 603 60.13 -1.56 -29.16
N LYS D 604 60.55 -1.83 -30.40
CA LYS D 604 61.89 -1.49 -30.87
C LYS D 604 62.34 -0.15 -30.31
N ASP D 605 61.44 0.83 -30.34
CA ASP D 605 61.63 2.13 -29.74
C ASP D 605 60.34 2.49 -29.02
N ALA D 606 60.20 3.77 -28.67
CA ALA D 606 58.94 4.25 -28.13
C ALA D 606 58.57 3.50 -26.85
N PRO D 607 59.27 3.75 -25.74
CA PRO D 607 58.97 3.02 -24.50
C PRO D 607 57.53 3.22 -24.05
N GLU D 608 57.15 2.56 -22.95
CA GLU D 608 55.78 2.59 -22.45
C GLU D 608 55.19 4.00 -22.55
N GLN D 609 54.05 4.12 -23.24
CA GLN D 609 53.39 5.40 -23.43
C GLN D 609 52.15 5.56 -22.57
N GLY D 610 51.80 4.54 -21.79
CA GLY D 610 50.63 4.61 -20.94
C GLY D 610 50.98 4.64 -19.46
N VAL D 611 51.99 5.41 -19.10
CA VAL D 611 52.45 5.50 -17.72
C VAL D 611 52.32 6.94 -17.25
N TYR D 612 52.26 7.11 -15.93
CA TYR D 612 52.09 8.43 -15.34
C TYR D 612 52.71 8.45 -13.94
N SER D 613 53.37 9.56 -13.63
CA SER D 613 54.04 9.70 -12.34
C SER D 613 53.07 9.71 -11.18
N SER D 614 51.79 9.98 -11.43
CA SER D 614 50.82 10.14 -10.36
C SER D 614 49.45 10.31 -10.99
N PRO D 615 48.38 10.08 -10.21
CA PRO D 615 47.04 10.30 -10.76
C PRO D 615 46.83 11.70 -11.31
N ALA D 616 47.20 12.74 -10.56
CA ALA D 616 47.00 14.11 -11.04
C ALA D 616 47.42 14.27 -12.49
N GLU D 617 48.54 13.65 -12.88
CA GLU D 617 48.96 13.71 -14.27
C GLU D 617 47.90 13.09 -15.18
N ALA D 618 47.38 11.93 -14.80
CA ALA D 618 46.33 11.29 -15.58
C ALA D 618 45.07 12.15 -15.61
N ILE D 619 44.85 12.94 -14.57
CA ILE D 619 43.67 13.81 -14.54
C ILE D 619 43.84 14.95 -15.54
N MET D 620 45.01 15.58 -15.55
CA MET D 620 45.26 16.61 -16.55
C MET D 620 45.18 16.03 -17.95
N ALA D 621 45.59 14.78 -18.12
CA ALA D 621 45.45 14.13 -19.41
C ALA D 621 43.97 13.97 -19.77
N MET D 622 43.21 13.31 -18.91
CA MET D 622 41.76 13.18 -19.10
C MET D 622 41.13 14.50 -19.47
N ASP D 623 41.64 15.60 -18.93
CA ASP D 623 41.14 16.91 -19.31
C ASP D 623 41.54 17.23 -20.75
N ARG D 624 42.82 17.06 -21.07
CA ARG D 624 43.27 17.25 -22.44
C ARG D 624 42.56 16.30 -23.40
N GLY D 625 42.17 15.12 -22.92
CA GLY D 625 41.59 14.10 -23.77
C GLY D 625 42.56 13.04 -24.22
N ALA D 626 43.75 12.97 -23.65
CA ALA D 626 44.75 12.01 -24.08
C ALA D 626 44.39 10.58 -23.71
N LEU D 627 43.45 10.38 -22.78
CA LEU D 627 43.03 9.04 -22.40
C LEU D 627 41.62 9.10 -21.86
N SER D 628 41.12 7.94 -21.46
CA SER D 628 39.83 7.79 -20.81
C SER D 628 40.03 7.38 -19.37
N VAL D 629 38.92 7.30 -18.64
CA VAL D 629 38.94 6.89 -17.25
C VAL D 629 38.76 5.38 -17.19
N ARG D 630 38.91 4.72 -18.34
CA ARG D 630 38.68 3.29 -18.46
C ARG D 630 39.76 2.64 -19.31
N ALA D 631 40.99 3.17 -19.25
CA ALA D 631 42.09 2.73 -20.08
C ALA D 631 43.20 2.17 -19.20
N LYS D 632 43.68 0.98 -19.55
CA LYS D 632 44.74 0.36 -18.77
C LYS D 632 46.01 1.20 -18.82
N ILE D 633 46.61 1.42 -17.66
CA ILE D 633 47.81 2.23 -17.52
C ILE D 633 48.65 1.71 -16.37
N LYS D 634 49.83 2.30 -16.20
CA LYS D 634 50.68 2.08 -15.04
C LYS D 634 50.82 3.41 -14.32
N VAL D 635 50.34 3.47 -13.08
CA VAL D 635 50.40 4.68 -12.28
C VAL D 635 51.41 4.46 -11.16
N ARG D 636 51.89 5.56 -10.62
CA ARG D 636 52.84 5.55 -9.50
C ARG D 636 52.14 6.18 -8.30
N LEU D 637 51.70 5.33 -7.39
CA LEU D 637 50.89 5.76 -6.26
C LEU D 637 51.73 5.85 -4.99
N THR D 638 51.39 6.82 -4.14
CA THR D 638 52.06 7.04 -2.88
C THR D 638 51.13 6.87 -1.69
N GLU D 639 49.97 7.53 -1.71
CA GLU D 639 49.05 7.57 -0.57
C GLU D 639 48.00 6.48 -0.63
N LEU D 640 48.30 5.37 -1.31
CA LEU D 640 47.40 4.23 -1.37
C LEU D 640 48.16 2.97 -0.96
N ARG D 641 47.49 2.10 -0.25
CA ARG D 641 48.13 0.87 0.21
C ARG D 641 47.83 -0.26 -0.77
N PRO D 642 48.82 -1.07 -1.15
CA PRO D 642 48.59 -2.10 -2.15
C PRO D 642 47.95 -3.33 -1.54
N PRO D 643 47.62 -4.32 -2.35
CA PRO D 643 46.91 -5.50 -1.83
C PRO D 643 47.71 -6.26 -0.79
N THR D 644 47.10 -7.31 -0.23
CA THR D 644 47.75 -8.09 0.81
C THR D 644 48.84 -9.00 0.26
N ASP D 645 48.86 -9.22 -1.06
CA ASP D 645 49.84 -10.11 -1.67
C ASP D 645 51.02 -9.33 -2.25
N LEU D 646 50.73 -8.32 -3.09
CA LEU D 646 51.77 -7.57 -3.78
C LEU D 646 52.50 -6.60 -2.85
N GLU D 647 52.15 -6.55 -1.57
CA GLU D 647 52.88 -5.74 -0.61
C GLU D 647 54.08 -6.49 -0.04
N ALA D 648 53.89 -7.77 0.27
CA ALA D 648 55.01 -8.58 0.75
C ALA D 648 56.09 -8.68 -0.31
N GLN D 649 55.70 -8.91 -1.56
CA GLN D 649 56.64 -9.02 -2.67
C GLN D 649 57.49 -7.76 -2.86
N LEU D 650 57.16 -6.66 -2.19
CA LEU D 650 57.76 -5.37 -2.50
C LEU D 650 58.42 -4.68 -1.32
N PHE D 651 57.93 -4.89 -0.09
CA PHE D 651 58.44 -4.20 1.07
C PHE D 651 59.06 -5.15 2.09
N GLU D 652 58.33 -6.17 2.52
CA GLU D 652 58.77 -7.12 3.54
C GLU D 652 59.06 -6.45 4.88
N ASN D 653 58.70 -5.18 5.04
CA ASN D 653 58.83 -4.49 6.32
C ASN D 653 57.61 -3.68 6.70
N GLY D 654 56.69 -3.40 5.79
CA GLY D 654 55.49 -2.65 6.10
C GLY D 654 55.33 -1.41 5.25
N TRP D 655 54.24 -1.34 4.50
CA TRP D 655 53.97 -0.17 3.69
C TRP D 655 53.57 1.02 4.56
N LYS D 656 54.16 2.17 4.26
CA LYS D 656 53.83 3.41 4.95
C LYS D 656 53.51 4.49 3.94
N PRO D 657 52.65 5.44 4.29
CA PRO D 657 52.32 6.52 3.36
C PRO D 657 53.57 7.27 2.92
N GLY D 658 53.57 7.67 1.65
CA GLY D 658 54.74 8.24 1.03
C GLY D 658 55.61 7.23 0.32
N ASP D 659 55.61 5.98 0.79
CA ASP D 659 56.35 4.92 0.12
C ASP D 659 55.71 4.62 -1.22
N ALA D 660 56.35 5.04 -2.30
CA ALA D 660 55.76 4.98 -3.62
C ALA D 660 55.90 3.58 -4.22
N TRP D 661 54.85 3.17 -4.92
CA TRP D 661 54.86 1.91 -5.66
C TRP D 661 54.18 2.16 -7.00
N THR D 662 54.06 1.09 -7.78
CA THR D 662 53.55 1.18 -9.15
C THR D 662 52.44 0.17 -9.32
N ALA D 663 51.39 0.56 -10.04
CA ALA D 663 50.19 -0.24 -10.17
C ALA D 663 49.72 -0.25 -11.61
N GLU D 664 49.58 -1.45 -12.18
CA GLU D 664 48.90 -1.63 -13.45
C GLU D 664 47.39 -1.66 -13.17
N THR D 665 46.71 -0.58 -13.53
CA THR D 665 45.31 -0.41 -13.18
C THR D 665 44.70 0.60 -14.15
N THR D 666 43.52 1.09 -13.83
CA THR D 666 42.91 2.19 -14.55
C THR D 666 42.97 3.44 -13.69
N LEU D 667 42.56 4.56 -14.29
CA LEU D 667 42.50 5.80 -13.53
C LEU D 667 41.28 5.84 -12.63
N GLY D 668 40.12 5.44 -13.16
CA GLY D 668 38.92 5.43 -12.34
C GLY D 668 39.11 4.71 -11.03
N ARG D 669 39.55 3.45 -11.08
CA ARG D 669 39.78 2.69 -9.86
C ARG D 669 40.66 3.45 -8.88
N VAL D 670 41.54 4.31 -9.39
CA VAL D 670 42.36 5.12 -8.49
C VAL D 670 41.53 6.20 -7.83
N MET D 671 40.51 6.70 -8.51
CA MET D 671 39.64 7.72 -7.93
C MET D 671 38.50 7.12 -7.13
N PHE D 672 38.32 5.81 -7.20
CA PHE D 672 37.41 5.08 -6.32
C PHE D 672 38.12 4.70 -5.02
N ASN D 673 39.25 4.01 -5.13
CA ASN D 673 40.02 3.66 -3.95
C ASN D 673 40.45 4.88 -3.15
N GLU D 674 40.43 6.07 -3.76
CA GLU D 674 40.68 7.30 -3.01
C GLU D 674 39.48 7.74 -2.22
N LEU D 675 38.40 6.97 -2.23
CA LEU D 675 37.22 7.21 -1.42
C LEU D 675 37.20 6.37 -0.15
N LEU D 676 37.57 5.11 -0.28
CA LEU D 676 37.69 4.19 0.84
C LEU D 676 38.62 4.77 1.89
N PRO D 677 38.66 4.18 3.09
CA PRO D 677 39.53 4.71 4.14
C PRO D 677 40.98 4.79 3.68
N LYS D 678 41.79 5.45 4.50
CA LYS D 678 43.16 5.78 4.13
C LYS D 678 44.09 4.58 4.20
N SER D 679 43.63 3.44 4.73
CA SER D 679 44.50 2.29 4.92
C SER D 679 43.84 0.99 4.47
N TYR D 680 42.86 1.07 3.57
CA TYR D 680 42.25 -0.13 3.01
C TYR D 680 42.93 -0.48 1.71
N PRO D 681 43.41 -1.72 1.53
CA PRO D 681 44.21 -2.03 0.35
C PRO D 681 43.55 -1.68 -0.97
N PHE D 682 44.37 -1.56 -2.02
CA PHE D 682 43.85 -1.43 -3.36
C PHE D 682 42.97 -2.62 -3.70
N VAL D 683 42.15 -2.47 -4.73
CA VAL D 683 41.20 -3.51 -5.11
C VAL D 683 41.44 -3.92 -6.56
N ASN D 684 41.30 -2.96 -7.48
CA ASN D 684 41.46 -3.23 -8.91
C ASN D 684 40.46 -4.28 -9.39
N GLU D 685 39.19 -3.94 -9.29
CA GLU D 685 38.10 -4.85 -9.65
C GLU D 685 36.84 -4.04 -9.91
N GLN D 686 36.06 -4.49 -10.89
CA GLN D 686 34.78 -3.85 -11.17
C GLN D 686 33.91 -3.81 -9.93
N MET D 687 33.27 -2.67 -9.69
CA MET D 687 32.42 -2.50 -8.52
C MET D 687 30.99 -2.97 -8.79
N HIS D 688 30.87 -4.19 -9.29
CA HIS D 688 29.59 -4.88 -9.31
C HIS D 688 28.99 -4.84 -7.91
N LYS D 689 27.65 -4.86 -7.85
CA LYS D 689 26.94 -4.72 -6.58
C LYS D 689 27.54 -5.62 -5.50
N LYS D 690 27.75 -6.89 -5.84
CA LYS D 690 28.26 -7.85 -4.86
C LYS D 690 29.63 -7.42 -4.33
N VAL D 691 30.49 -6.91 -5.21
CA VAL D 691 31.80 -6.43 -4.78
C VAL D 691 31.64 -5.31 -3.77
N GLN D 692 30.75 -4.36 -4.05
CA GLN D 692 30.52 -3.25 -3.14
C GLN D 692 30.05 -3.76 -1.78
N ALA D 693 29.08 -4.68 -1.78
CA ALA D 693 28.57 -5.22 -0.53
C ALA D 693 29.68 -5.90 0.26
N ARG D 694 30.48 -6.71 -0.42
CA ARG D 694 31.63 -7.35 0.22
C ARG D 694 32.55 -6.32 0.86
N ILE D 695 32.88 -5.27 0.11
CA ILE D 695 33.81 -4.27 0.59
C ILE D 695 33.26 -3.58 1.83
N ILE D 696 31.96 -3.28 1.83
CA ILE D 696 31.41 -2.56 2.98
C ILE D 696 31.29 -3.48 4.19
N ASN D 697 30.96 -4.74 3.97
CA ASN D 697 31.03 -5.72 5.05
C ASN D 697 32.42 -5.73 5.68
N ASP D 698 33.45 -5.77 4.85
CA ASP D 698 34.81 -5.69 5.36
C ASP D 698 35.00 -4.44 6.19
N LEU D 699 34.82 -3.27 5.56
CA LEU D 699 34.99 -2.01 6.26
C LEU D 699 34.29 -2.00 7.61
N ALA D 700 33.15 -2.67 7.71
CA ALA D 700 32.44 -2.71 9.00
C ALA D 700 33.13 -3.64 9.98
N GLU D 701 33.65 -4.77 9.49
CA GLU D 701 34.30 -5.73 10.38
C GLU D 701 35.63 -5.20 10.90
N ARG D 702 36.37 -4.48 10.06
CA ARG D 702 37.73 -4.07 10.38
C ARG D 702 37.82 -2.66 10.92
N PHE D 703 36.97 -1.75 10.47
CA PHE D 703 36.98 -0.36 10.87
C PHE D 703 35.76 -0.04 11.72
N PRO D 704 35.71 1.15 12.31
CA PRO D 704 34.50 1.55 13.04
C PRO D 704 33.32 1.73 12.11
N MET D 705 32.19 2.15 12.66
CA MET D 705 30.99 2.37 11.88
C MET D 705 30.80 3.84 11.49
N ILE D 706 31.59 4.75 12.04
CA ILE D 706 31.51 6.16 11.68
C ILE D 706 32.38 6.50 10.48
N VAL D 707 33.12 5.53 9.94
CA VAL D 707 33.93 5.75 8.75
C VAL D 707 33.19 5.09 7.59
N VAL D 708 32.49 4.00 7.88
CA VAL D 708 31.65 3.36 6.87
C VAL D 708 30.65 4.35 6.30
N ALA D 709 30.14 5.24 7.14
CA ALA D 709 29.14 6.20 6.69
C ALA D 709 29.76 7.22 5.74
N GLN D 710 30.88 7.82 6.15
CA GLN D 710 31.57 8.74 5.25
C GLN D 710 31.94 8.06 3.96
N THR D 711 32.30 6.78 4.02
CA THR D 711 32.68 6.05 2.83
C THR D 711 31.51 5.88 1.88
N VAL D 712 30.35 5.46 2.40
CA VAL D 712 29.20 5.30 1.52
C VAL D 712 28.74 6.64 0.97
N ASP D 713 28.92 7.72 1.74
CA ASP D 713 28.56 9.04 1.23
C ASP D 713 29.47 9.43 0.07
N LYS D 714 30.78 9.23 0.23
CA LYS D 714 31.69 9.49 -0.88
C LYS D 714 31.34 8.64 -2.09
N LEU D 715 30.96 7.38 -1.84
CA LEU D 715 30.62 6.47 -2.93
C LEU D 715 29.39 6.96 -3.68
N LYS D 716 28.36 7.40 -2.96
CA LYS D 716 27.17 7.91 -3.63
C LYS D 716 27.49 9.17 -4.41
N ASP D 717 28.32 10.06 -3.86
CA ASP D 717 28.69 11.26 -4.57
C ASP D 717 29.36 10.92 -5.90
N ALA D 718 30.35 10.02 -5.86
CA ALA D 718 31.04 9.64 -7.09
C ALA D 718 30.09 8.94 -8.05
N GLY D 719 29.24 8.04 -7.55
CA GLY D 719 28.34 7.31 -8.40
C GLY D 719 27.33 8.19 -9.09
N PHE D 720 26.88 9.24 -8.41
CA PHE D 720 25.97 10.19 -9.04
C PHE D 720 26.69 11.10 -10.01
N TYR D 721 27.96 11.43 -9.73
CA TYR D 721 28.71 12.22 -10.70
C TYR D 721 28.97 11.43 -11.98
N TRP D 722 29.14 10.11 -11.88
CA TRP D 722 29.52 9.31 -13.02
C TRP D 722 28.35 8.64 -13.72
N ALA D 723 27.21 8.48 -13.05
CA ALA D 723 26.01 8.03 -13.74
C ALA D 723 25.58 9.04 -14.79
N THR D 724 25.76 10.33 -14.49
CA THR D 724 25.51 11.36 -15.48
C THR D 724 26.42 11.21 -16.69
N ARG D 725 27.62 10.70 -16.49
CA ARG D 725 28.62 10.58 -17.55
C ARG D 725 28.59 9.23 -18.24
N SER D 726 27.92 8.23 -17.66
CA SER D 726 27.91 6.88 -18.22
C SER D 726 27.26 6.81 -19.59
N GLY D 727 26.65 7.90 -20.06
CA GLY D 727 25.85 7.84 -21.27
C GLY D 727 24.99 6.61 -21.27
N VAL D 728 24.20 6.45 -20.21
CA VAL D 728 23.37 5.28 -20.02
C VAL D 728 21.92 5.72 -20.13
N THR D 729 21.36 5.62 -21.33
CA THR D 729 20.02 6.10 -21.61
C THR D 729 19.20 4.98 -22.21
N VAL D 730 18.00 5.30 -22.67
CA VAL D 730 17.10 4.32 -23.26
C VAL D 730 16.42 4.96 -24.45
N SER D 731 16.56 4.34 -25.61
CA SER D 731 16.00 4.87 -26.84
C SER D 731 15.96 3.79 -27.90
N MET D 732 14.77 3.51 -28.44
CA MET D 732 14.65 2.58 -29.54
C MET D 732 15.77 2.82 -30.54
N ALA D 733 16.28 1.74 -31.13
CA ALA D 733 17.60 1.61 -31.74
C ALA D 733 18.66 1.31 -30.68
N ASP D 734 18.32 1.28 -29.39
CA ASP D 734 19.11 0.60 -28.39
C ASP D 734 18.41 -0.62 -27.83
N VAL D 735 17.08 -0.69 -27.93
CA VAL D 735 16.31 -1.90 -27.61
C VAL D 735 16.39 -2.79 -28.84
N LEU D 736 17.27 -3.79 -28.79
CA LEU D 736 17.60 -4.57 -29.97
C LEU D 736 16.86 -5.90 -29.96
N VAL D 737 16.45 -6.33 -31.15
CA VAL D 737 15.80 -7.62 -31.34
C VAL D 737 16.81 -8.57 -31.96
N PRO D 738 16.97 -9.79 -31.45
CA PRO D 738 17.89 -10.73 -32.06
C PRO D 738 17.32 -11.28 -33.34
N PRO D 739 18.17 -11.63 -34.31
CA PRO D 739 17.66 -12.11 -35.61
C PRO D 739 17.50 -13.62 -35.72
N GLN D 740 17.88 -14.38 -34.70
CA GLN D 740 17.67 -15.82 -34.65
C GLN D 740 16.33 -16.18 -34.04
N LYS D 741 15.35 -15.28 -34.11
CA LYS D 741 14.10 -15.44 -33.37
C LYS D 741 13.00 -16.06 -34.21
N GLN D 742 12.85 -15.66 -35.46
CA GLN D 742 11.74 -16.14 -36.26
C GLN D 742 11.91 -17.62 -36.61
N GLU D 743 13.11 -18.02 -37.03
CA GLU D 743 13.45 -19.43 -37.15
C GLU D 743 12.94 -20.22 -35.95
N ILE D 744 13.29 -19.76 -34.75
CA ILE D 744 12.91 -20.45 -33.52
C ILE D 744 11.40 -20.64 -33.47
N LEU D 745 10.65 -19.55 -33.68
CA LEU D 745 9.21 -19.62 -33.52
C LEU D 745 8.59 -20.53 -34.57
N GLU D 746 9.10 -20.52 -35.80
CA GLU D 746 8.55 -21.41 -36.81
C GLU D 746 8.82 -22.86 -36.46
N ARG D 747 10.04 -23.16 -36.01
CA ARG D 747 10.39 -24.50 -35.56
C ARG D 747 9.43 -24.98 -34.49
N HIS D 748 9.24 -24.17 -33.44
CA HIS D 748 8.43 -24.61 -32.32
C HIS D 748 6.95 -24.64 -32.67
N GLU D 749 6.52 -23.80 -33.60
CA GLU D 749 5.14 -23.87 -34.07
C GLU D 749 4.90 -25.14 -34.86
N ALA D 750 5.90 -25.59 -35.62
CA ALA D 750 5.80 -26.89 -36.28
C ALA D 750 5.67 -28.01 -35.25
N GLU D 751 6.49 -27.96 -34.21
CA GLU D 751 6.34 -28.93 -33.11
C GLU D 751 4.91 -28.91 -32.54
N ALA D 752 4.39 -27.70 -32.29
CA ALA D 752 3.05 -27.58 -31.75
C ALA D 752 2.01 -28.17 -32.72
N ASP D 753 2.24 -28.01 -34.02
CA ASP D 753 1.35 -28.61 -35.00
C ASP D 753 1.39 -30.13 -34.89
N ALA D 754 2.58 -30.69 -34.73
CA ALA D 754 2.70 -32.14 -34.53
C ALA D 754 1.88 -32.57 -33.31
N ILE D 755 1.92 -31.79 -32.24
CA ILE D 755 1.14 -32.14 -31.07
C ILE D 755 -0.35 -32.03 -31.34
N GLU D 756 -0.75 -30.98 -32.07
CA GLU D 756 -2.15 -30.85 -32.46
C GLU D 756 -2.61 -32.11 -33.18
N ARG D 757 -1.77 -32.61 -34.09
CA ARG D 757 -2.07 -33.88 -34.74
C ARG D 757 -2.24 -35.00 -33.72
N LYS D 758 -1.25 -35.19 -32.85
CA LYS D 758 -1.33 -36.24 -31.85
C LYS D 758 -2.53 -36.08 -30.93
N TYR D 759 -3.19 -34.92 -30.95
CA TYR D 759 -4.43 -34.76 -30.21
C TYR D 759 -5.64 -35.12 -31.06
N GLN D 760 -5.64 -34.72 -32.33
CA GLN D 760 -6.74 -35.04 -33.22
C GLN D 760 -6.74 -36.52 -33.61
N ARG D 761 -5.58 -37.17 -33.53
CA ARG D 761 -5.44 -38.57 -33.91
C ARG D 761 -5.78 -39.52 -32.77
N GLY D 762 -6.53 -39.07 -31.77
CA GLY D 762 -6.89 -39.93 -30.67
C GLY D 762 -5.73 -40.44 -29.85
N ALA D 763 -4.54 -39.86 -30.03
CA ALA D 763 -3.33 -40.34 -29.37
C ALA D 763 -3.00 -39.58 -28.10
N LEU D 764 -3.86 -38.67 -27.64
CA LEU D 764 -3.51 -37.86 -26.48
C LEU D 764 -4.76 -37.18 -25.94
N ASN D 765 -4.63 -36.65 -24.73
CA ASN D 765 -5.71 -35.98 -24.02
C ASN D 765 -5.45 -34.47 -23.98
N HIS D 766 -6.52 -33.73 -23.71
CA HIS D 766 -6.48 -32.27 -23.75
C HIS D 766 -5.39 -31.70 -22.84
N THR D 767 -5.51 -31.95 -21.54
CA THR D 767 -4.65 -31.25 -20.59
C THR D 767 -3.19 -31.65 -20.75
N GLU D 768 -2.92 -32.92 -21.07
CA GLU D 768 -1.53 -33.32 -21.31
C GLU D 768 -1.00 -32.65 -22.57
N ARG D 769 -1.86 -32.45 -23.57
CA ARG D 769 -1.48 -31.68 -24.74
C ARG D 769 -1.07 -30.27 -24.36
N ASN D 770 -1.89 -29.61 -23.54
CA ASN D 770 -1.57 -28.25 -23.14
C ASN D 770 -0.27 -28.21 -22.33
N GLU D 771 -0.04 -29.22 -21.51
CA GLU D 771 1.23 -29.32 -20.79
C GLU D 771 2.41 -29.43 -21.75
N SER D 772 2.27 -30.25 -22.79
CA SER D 772 3.35 -30.39 -23.77
C SER D 772 3.64 -29.06 -24.46
N LEU D 773 2.59 -28.40 -24.92
CA LEU D 773 2.75 -27.09 -25.54
C LEU D 773 3.46 -26.12 -24.60
N VAL D 774 3.06 -26.11 -23.33
CA VAL D 774 3.72 -25.27 -22.35
C VAL D 774 5.21 -25.57 -22.30
N LYS D 775 5.57 -26.85 -22.20
CA LYS D 775 6.97 -27.24 -22.19
C LYS D 775 7.70 -26.64 -23.37
N ILE D 776 7.14 -26.81 -24.57
CA ILE D 776 7.81 -26.39 -25.79
C ILE D 776 8.04 -24.90 -25.79
N TRP D 777 7.02 -24.13 -25.40
CA TRP D 777 7.14 -22.68 -25.48
C TRP D 777 8.04 -22.13 -24.40
N GLN D 778 8.07 -22.77 -23.22
CA GLN D 778 9.07 -22.40 -22.22
C GLN D 778 10.48 -22.61 -22.76
N ASP D 779 10.71 -23.75 -23.41
CA ASP D 779 12.02 -23.98 -24.02
C ASP D 779 12.34 -22.91 -25.05
N ALA D 780 11.35 -22.52 -25.85
CA ALA D 780 11.57 -21.50 -26.86
C ALA D 780 11.92 -20.16 -26.24
N THR D 781 11.25 -19.81 -25.14
CA THR D 781 11.57 -18.56 -24.46
C THR D 781 12.98 -18.59 -23.90
N GLU D 782 13.39 -19.73 -23.35
CA GLU D 782 14.77 -19.84 -22.86
C GLU D 782 15.77 -19.66 -24.00
N GLU D 783 15.49 -20.29 -25.15
CA GLU D 783 16.36 -20.12 -26.31
C GLU D 783 16.45 -18.65 -26.72
N VAL D 784 15.30 -17.98 -26.79
CA VAL D 784 15.29 -16.57 -27.14
C VAL D 784 16.14 -15.77 -26.17
N GLY D 785 16.00 -16.05 -24.87
CA GLY D 785 16.79 -15.33 -23.89
C GLY D 785 18.28 -15.50 -24.08
N LYS D 786 18.71 -16.76 -24.26
CA LYS D 786 20.14 -17.00 -24.41
C LYS D 786 20.67 -16.35 -25.68
N ALA D 787 19.90 -16.41 -26.77
CA ALA D 787 20.34 -15.79 -28.01
C ALA D 787 20.43 -14.28 -27.85
N LEU D 788 19.41 -13.68 -27.24
CA LEU D 788 19.40 -12.25 -27.01
C LEU D 788 20.65 -11.81 -26.25
N GLU D 789 20.90 -12.41 -25.09
CA GLU D 789 22.06 -12.00 -24.32
C GLU D 789 23.36 -12.50 -24.92
N GLU D 790 23.30 -13.33 -25.96
CA GLU D 790 24.47 -13.66 -26.77
C GLU D 790 24.67 -12.69 -27.93
N PHE D 791 23.69 -11.85 -28.22
CA PHE D 791 23.76 -10.91 -29.33
C PHE D 791 23.96 -9.46 -28.91
N TYR D 792 23.39 -9.05 -27.78
CA TYR D 792 23.56 -7.68 -27.33
C TYR D 792 25.04 -7.38 -27.14
N PRO D 793 25.46 -6.14 -27.41
CA PRO D 793 26.84 -5.77 -27.11
C PRO D 793 27.12 -5.76 -25.61
N ALA D 794 28.35 -5.41 -25.24
CA ALA D 794 28.72 -5.30 -23.85
C ALA D 794 28.56 -3.89 -23.30
N ASP D 795 28.41 -2.90 -24.16
CA ASP D 795 28.31 -1.50 -23.75
C ASP D 795 26.88 -0.97 -23.83
N ASN D 796 25.91 -1.82 -24.15
CA ASN D 796 24.54 -1.35 -24.27
C ASN D 796 24.08 -0.75 -22.95
N PRO D 797 23.29 0.33 -22.98
CA PRO D 797 22.78 0.88 -21.72
C PRO D 797 21.98 -0.10 -20.90
N ILE D 798 21.07 -0.83 -21.55
CA ILE D 798 20.19 -1.74 -20.83
C ILE D 798 20.99 -2.87 -20.17
N ILE D 799 21.76 -3.59 -20.98
CA ILE D 799 22.57 -4.68 -20.45
C ILE D 799 23.51 -4.20 -19.36
N THR D 800 23.91 -2.93 -19.41
CA THR D 800 24.79 -2.38 -18.38
C THR D 800 24.01 -2.03 -17.13
N ILE D 801 22.76 -1.60 -17.31
CA ILE D 801 21.87 -1.35 -16.17
C ILE D 801 21.57 -2.64 -15.45
N VAL D 802 21.58 -3.76 -16.17
CA VAL D 802 21.21 -5.04 -15.58
C VAL D 802 22.44 -5.73 -14.97
N LYS D 803 23.45 -5.99 -15.80
CA LYS D 803 24.59 -6.77 -15.36
C LYS D 803 25.29 -6.16 -14.15
N SER D 804 25.16 -4.87 -13.93
CA SER D 804 25.70 -4.23 -12.74
C SER D 804 24.81 -4.40 -11.53
N GLY D 805 23.79 -5.25 -11.61
CA GLY D 805 22.92 -5.53 -10.50
C GLY D 805 22.10 -4.34 -10.04
N ALA D 806 22.23 -3.21 -10.72
CA ALA D 806 21.48 -2.03 -10.35
C ALA D 806 19.98 -2.30 -10.37
N THR D 807 19.44 -2.57 -11.55
CA THR D 807 18.01 -2.77 -11.72
C THR D 807 17.74 -3.90 -12.70
N GLY D 808 16.68 -4.64 -12.43
CA GLY D 808 16.08 -5.49 -13.44
C GLY D 808 16.68 -6.88 -13.50
N ASN D 809 16.10 -7.66 -14.41
CA ASN D 809 16.55 -9.01 -14.70
C ASN D 809 16.78 -9.14 -16.20
N LEU D 810 17.00 -10.37 -16.67
CA LEU D 810 17.00 -10.65 -18.09
C LEU D 810 15.68 -11.24 -18.57
N THR D 811 14.70 -11.37 -17.67
CA THR D 811 13.36 -11.71 -18.08
C THR D 811 12.62 -10.47 -18.59
N GLN D 812 12.72 -9.37 -17.83
CA GLN D 812 12.17 -8.10 -18.29
C GLN D 812 12.73 -7.73 -19.66
N THR D 813 14.05 -7.84 -19.82
CA THR D 813 14.67 -7.46 -21.09
C THR D 813 14.21 -8.38 -22.21
N ARG D 814 14.20 -9.70 -21.95
CA ARG D 814 13.70 -10.64 -22.94
C ARG D 814 12.29 -10.29 -23.39
N THR D 815 11.43 -9.93 -22.43
CA THR D 815 10.06 -9.59 -22.75
C THR D 815 9.96 -8.27 -23.51
N LEU D 816 10.88 -7.36 -23.24
CA LEU D 816 10.89 -6.06 -23.91
C LEU D 816 11.43 -6.15 -25.33
N ALA D 817 12.26 -7.15 -25.62
CA ALA D 817 12.87 -7.29 -26.93
C ALA D 817 12.68 -8.65 -27.58
N GLY D 818 12.35 -9.68 -26.81
CA GLY D 818 12.15 -11.00 -27.35
C GLY D 818 10.68 -11.34 -27.50
N MET D 819 10.13 -12.07 -26.53
CA MET D 819 8.74 -12.47 -26.58
C MET D 819 8.24 -12.63 -25.16
N LYS D 820 7.21 -11.85 -24.80
CA LYS D 820 6.60 -11.93 -23.48
C LYS D 820 6.43 -13.38 -23.03
N GLY D 821 5.91 -14.23 -23.92
CA GLY D 821 5.78 -15.63 -23.63
C GLY D 821 4.39 -15.99 -23.15
N LEU D 822 4.28 -17.24 -22.68
CA LEU D 822 3.03 -17.72 -22.14
C LEU D 822 2.51 -16.80 -21.05
N VAL D 823 1.20 -16.81 -20.86
CA VAL D 823 0.53 -16.07 -19.82
C VAL D 823 -0.60 -16.94 -19.27
N THR D 824 -1.29 -16.42 -18.26
CA THR D 824 -2.17 -17.23 -17.43
C THR D 824 -3.63 -16.91 -17.67
N ASN D 825 -4.46 -17.94 -17.53
CA ASN D 825 -5.90 -17.78 -17.39
C ASN D 825 -6.17 -17.06 -16.08
N PRO D 826 -7.42 -16.65 -15.81
CA PRO D 826 -7.73 -16.13 -14.48
C PRO D 826 -7.69 -17.19 -13.40
N LYS D 827 -7.62 -18.47 -13.77
CA LYS D 827 -7.52 -19.56 -12.82
C LYS D 827 -6.09 -20.01 -12.59
N GLY D 828 -5.11 -19.17 -12.94
CA GLY D 828 -3.71 -19.52 -12.77
C GLY D 828 -3.16 -20.33 -13.92
N GLU D 829 -3.98 -21.22 -14.48
CA GLU D 829 -3.53 -22.11 -15.54
C GLU D 829 -2.89 -21.30 -16.67
N PHE D 830 -1.93 -21.93 -17.34
CA PHE D 830 -1.30 -21.34 -18.50
C PHE D 830 -2.21 -21.46 -19.71
N ILE D 831 -1.80 -20.81 -20.80
CA ILE D 831 -2.51 -20.94 -22.08
C ILE D 831 -1.49 -21.38 -23.12
N PRO D 832 -1.83 -22.34 -23.99
CA PRO D 832 -0.88 -22.78 -25.02
C PRO D 832 -0.77 -21.82 -26.19
N ARG D 833 -1.53 -20.72 -26.19
CA ARG D 833 -1.39 -19.68 -27.19
C ARG D 833 -0.50 -18.60 -26.59
N PRO D 834 0.77 -18.54 -26.95
CA PRO D 834 1.70 -17.63 -26.27
C PRO D 834 1.61 -16.23 -26.85
N ILE D 835 2.49 -15.37 -26.35
CA ILE D 835 2.61 -14.00 -26.83
C ILE D 835 3.94 -13.88 -27.57
N LYS D 836 3.90 -14.09 -28.88
CA LYS D 836 5.10 -14.10 -29.71
C LYS D 836 5.54 -12.70 -30.11
N SER D 837 5.07 -11.67 -29.43
CA SER D 837 5.38 -10.30 -29.75
C SER D 837 5.81 -9.55 -28.50
N SER D 838 6.80 -8.68 -28.64
CA SER D 838 7.38 -7.97 -27.52
C SER D 838 6.73 -6.60 -27.35
N PHE D 839 7.15 -5.90 -26.31
CA PHE D 839 6.71 -4.54 -26.05
C PHE D 839 7.41 -3.52 -26.96
N ARG D 840 8.22 -3.99 -27.90
CA ARG D 840 8.87 -3.14 -28.90
C ARG D 840 8.33 -3.39 -30.29
N GLU D 841 8.29 -4.65 -30.72
CA GLU D 841 7.62 -5.02 -31.95
C GLU D 841 6.15 -4.65 -31.92
N GLY D 842 5.59 -4.45 -30.74
CA GLY D 842 4.20 -4.08 -30.61
C GLY D 842 3.28 -5.26 -30.49
N LEU D 843 2.53 -5.32 -29.39
CA LEU D 843 1.56 -6.39 -29.20
C LEU D 843 0.35 -6.17 -30.08
N THR D 844 -0.30 -7.26 -30.44
CA THR D 844 -1.58 -7.22 -31.13
C THR D 844 -2.67 -6.97 -30.10
N VAL D 845 -3.92 -7.15 -30.51
CA VAL D 845 -5.04 -6.98 -29.58
C VAL D 845 -5.19 -8.23 -28.71
N LEU D 846 -5.34 -9.38 -29.35
CA LEU D 846 -5.61 -10.60 -28.59
C LEU D 846 -4.37 -11.12 -27.89
N GLU D 847 -3.19 -10.70 -28.33
CA GLU D 847 -2.00 -10.91 -27.51
C GLU D 847 -1.90 -9.89 -26.39
N TYR D 848 -2.92 -9.04 -26.25
CA TYR D 848 -2.96 -8.00 -25.24
C TYR D 848 -4.17 -8.10 -24.34
N PHE D 849 -5.22 -8.81 -24.75
CA PHE D 849 -6.38 -9.04 -23.91
C PHE D 849 -6.22 -10.26 -23.02
N ILE D 850 -5.14 -11.02 -23.19
CA ILE D 850 -4.84 -12.14 -22.29
C ILE D 850 -3.73 -11.79 -21.31
N ASN D 851 -3.08 -10.66 -21.49
CA ASN D 851 -2.04 -10.17 -20.58
C ASN D 851 -2.61 -9.41 -19.39
N THR D 852 -3.90 -9.12 -19.40
CA THR D 852 -4.54 -8.38 -18.31
C THR D 852 -4.90 -9.27 -17.14
N HIS D 853 -5.46 -10.44 -17.43
CA HIS D 853 -5.92 -11.36 -16.39
C HIS D 853 -4.93 -11.43 -15.24
N GLY D 854 -3.69 -11.83 -15.54
CA GLY D 854 -2.69 -11.96 -14.50
C GLY D 854 -2.36 -10.65 -13.84
N ALA D 855 -2.45 -9.54 -14.57
CA ALA D 855 -2.14 -8.25 -13.99
C ALA D 855 -3.13 -7.90 -12.88
N ARG D 856 -4.42 -7.95 -13.19
CA ARG D 856 -5.42 -7.71 -12.16
C ARG D 856 -5.30 -8.73 -11.03
N LYS D 857 -5.08 -10.00 -11.38
CA LYS D 857 -4.91 -11.04 -10.38
C LYS D 857 -3.82 -10.68 -9.39
N GLY D 858 -2.71 -10.14 -9.88
CA GLY D 858 -1.58 -9.82 -9.03
C GLY D 858 -1.83 -8.57 -8.20
N LEU D 859 -2.46 -7.58 -8.82
CA LEU D 859 -2.77 -6.35 -8.11
C LEU D 859 -3.80 -6.60 -7.01
N ALA D 860 -4.53 -7.71 -7.09
CA ALA D 860 -5.37 -8.10 -5.97
C ALA D 860 -4.66 -9.02 -4.98
N ASP D 861 -3.74 -9.87 -5.47
CA ASP D 861 -3.05 -10.79 -4.59
C ASP D 861 -2.08 -10.09 -3.65
N THR D 862 -1.56 -8.93 -4.06
CA THR D 862 -0.59 -8.23 -3.22
C THR D 862 -1.13 -8.01 -1.80
N ALA D 863 -2.39 -7.59 -1.71
CA ALA D 863 -2.96 -7.27 -0.40
C ALA D 863 -3.10 -8.51 0.46
N LEU D 864 -3.59 -9.61 -0.12
CA LEU D 864 -3.70 -10.84 0.64
C LEU D 864 -2.34 -11.33 1.11
N ARG D 865 -1.31 -11.14 0.28
CA ARG D 865 0.04 -11.48 0.71
C ARG D 865 0.44 -10.67 1.93
N THR D 866 0.22 -9.36 1.88
CA THR D 866 0.53 -8.52 3.03
C THR D 866 -0.24 -8.97 4.27
N ALA D 867 -1.48 -9.43 4.08
CA ALA D 867 -2.29 -9.85 5.21
C ALA D 867 -1.73 -11.10 5.86
N ASP D 868 -1.41 -12.12 5.06
CA ASP D 868 -0.83 -13.33 5.62
C ASP D 868 0.51 -13.04 6.29
N SER D 869 1.28 -12.11 5.73
CA SER D 869 2.53 -11.72 6.36
C SER D 869 2.29 -11.10 7.73
N GLY D 870 1.36 -10.14 7.79
CA GLY D 870 1.02 -9.54 9.07
C GLY D 870 0.55 -10.57 10.07
N TYR D 871 -0.19 -11.58 9.62
CA TYR D 871 -0.66 -12.64 10.49
C TYR D 871 0.51 -13.39 11.11
N LEU D 872 1.36 -13.96 10.25
CA LEU D 872 2.55 -14.65 10.73
C LEU D 872 3.35 -13.79 11.69
N THR D 873 3.49 -12.51 11.38
CA THR D 873 4.34 -11.65 12.19
C THR D 873 3.72 -11.38 13.55
N ARG D 874 2.44 -11.05 13.59
CA ARG D 874 1.78 -10.84 14.88
C ARG D 874 1.86 -12.09 15.73
N ARG D 875 1.75 -13.27 15.11
CA ARG D 875 1.85 -14.50 15.88
C ARG D 875 3.26 -14.66 16.46
N LEU D 876 4.28 -14.53 15.61
CA LEU D 876 5.65 -14.69 16.08
C LEU D 876 6.01 -13.67 17.14
N VAL D 877 5.36 -12.50 17.11
CA VAL D 877 5.59 -11.53 18.18
C VAL D 877 4.81 -11.90 19.43
N ASP D 878 3.64 -12.52 19.26
CA ASP D 878 2.87 -12.97 20.42
C ASP D 878 3.67 -13.99 21.22
N VAL D 879 4.25 -14.99 20.56
CA VAL D 879 5.02 -15.99 21.28
C VAL D 879 6.30 -15.37 21.84
N SER D 880 7.00 -14.61 21.01
CA SER D 880 8.16 -13.83 21.43
C SER D 880 7.64 -12.57 22.14
N GLN D 881 8.49 -11.56 22.27
CA GLN D 881 8.18 -10.31 22.96
C GLN D 881 8.41 -10.41 24.45
N ASP D 882 9.02 -11.51 24.93
CA ASP D 882 9.46 -11.60 26.31
C ASP D 882 10.80 -12.33 26.40
N VAL D 883 11.65 -12.18 25.38
CA VAL D 883 12.88 -12.95 25.27
C VAL D 883 14.07 -12.03 25.48
N ILE D 884 13.87 -11.01 26.31
CA ILE D 884 14.92 -10.04 26.57
C ILE D 884 16.15 -10.74 27.12
N VAL D 885 17.31 -10.47 26.52
CA VAL D 885 18.58 -10.85 27.11
C VAL D 885 18.67 -10.26 28.51
N ARG D 886 19.03 -11.09 29.49
CA ARG D 886 19.07 -10.69 30.88
C ARG D 886 20.41 -10.92 31.57
N GLU D 887 21.27 -11.78 31.02
CA GLU D 887 22.52 -12.12 31.67
C GLU D 887 23.61 -12.22 30.61
N HIS D 888 24.84 -11.86 31.01
CA HIS D 888 25.96 -11.91 30.09
C HIS D 888 26.22 -13.33 29.61
N ASP D 889 26.60 -14.22 30.52
CA ASP D 889 26.96 -15.59 30.19
C ASP D 889 26.16 -16.55 31.07
N CYS D 890 25.53 -17.53 30.44
CA CYS D 890 24.80 -18.56 31.17
C CYS D 890 25.72 -19.48 31.95
N GLU D 891 27.03 -19.40 31.74
CA GLU D 891 28.01 -20.22 32.46
C GLU D 891 27.76 -21.72 32.21
N THR D 892 27.86 -22.10 30.93
CA THR D 892 27.64 -23.48 30.53
C THR D 892 28.62 -23.84 29.42
N GLU D 893 28.48 -25.07 28.91
CA GLU D 893 29.38 -25.57 27.87
C GLU D 893 28.60 -26.11 26.68
N ARG D 894 27.45 -26.74 26.93
CA ARG D 894 26.74 -27.44 25.89
C ARG D 894 26.33 -26.49 24.77
N GLY D 895 26.40 -26.98 23.54
CA GLY D 895 26.06 -26.19 22.38
C GLY D 895 25.40 -26.99 21.28
N ILE D 896 25.86 -26.82 20.04
CA ILE D 896 25.32 -27.53 18.89
C ILE D 896 26.44 -27.72 17.87
N ASN D 897 26.33 -28.78 17.09
CA ASN D 897 27.32 -29.11 16.07
C ASN D 897 27.01 -28.34 14.79
N VAL D 898 28.06 -27.82 14.16
CA VAL D 898 27.95 -27.03 12.94
C VAL D 898 28.98 -27.56 11.95
N THR D 899 28.53 -27.93 10.76
CA THR D 899 29.40 -28.41 9.69
C THR D 899 29.89 -27.21 8.88
N LEU D 900 31.02 -26.64 9.32
CA LEU D 900 31.56 -25.46 8.66
C LEU D 900 31.92 -25.72 7.20
N ALA D 901 32.17 -26.96 6.82
CA ALA D 901 32.58 -27.31 5.46
C ALA D 901 32.48 -28.82 5.34
N GLU D 902 32.99 -29.36 4.22
CA GLU D 902 32.92 -30.79 3.97
C GLU D 902 34.12 -31.17 3.10
N ARG D 903 34.30 -32.47 2.92
CA ARG D 903 35.35 -32.96 2.04
C ARG D 903 34.74 -33.37 0.69
N GLY D 904 35.60 -33.75 -0.24
CA GLY D 904 35.18 -34.16 -1.55
C GLY D 904 35.92 -35.41 -2.00
N PRO D 905 36.17 -35.53 -3.30
CA PRO D 905 36.86 -36.72 -3.82
C PRO D 905 38.37 -36.60 -3.91
N ASP D 906 38.97 -35.55 -3.34
CA ASP D 906 40.39 -35.29 -3.44
C ASP D 906 40.93 -34.93 -2.06
N GLY D 907 42.21 -34.54 -2.02
CA GLY D 907 42.78 -33.99 -0.81
C GLY D 907 42.24 -32.62 -0.46
N THR D 908 41.63 -31.94 -1.44
CA THR D 908 41.01 -30.65 -1.19
C THR D 908 39.74 -30.81 -0.36
N LEU D 909 39.30 -29.69 0.21
CA LEU D 909 38.03 -29.60 0.92
C LEU D 909 37.14 -28.57 0.23
N ILE D 910 35.84 -28.70 0.46
CA ILE D 910 34.84 -27.86 -0.18
C ILE D 910 34.04 -27.14 0.90
N ARG D 911 33.97 -25.81 0.78
CA ARG D 911 33.25 -25.02 1.76
C ARG D 911 31.75 -25.17 1.57
N ASP D 912 31.01 -25.04 2.66
CA ASP D 912 29.57 -25.22 2.64
C ASP D 912 28.88 -23.90 2.35
N ALA D 913 27.74 -23.98 1.68
CA ALA D 913 27.02 -22.79 1.25
C ALA D 913 26.10 -22.24 2.32
N HIS D 914 25.72 -23.06 3.31
CA HIS D 914 24.84 -22.65 4.39
C HIS D 914 25.61 -22.24 5.64
N VAL D 915 26.78 -21.63 5.47
CA VAL D 915 27.68 -21.35 6.57
C VAL D 915 27.60 -19.89 7.01
N GLU D 916 27.31 -18.98 6.08
CA GLU D 916 27.20 -17.57 6.44
C GLU D 916 26.05 -17.33 7.40
N THR D 917 25.17 -18.31 7.58
CA THR D 917 24.10 -18.26 8.58
C THR D 917 24.40 -19.12 9.79
N SER D 918 24.67 -20.41 9.56
CA SER D 918 24.76 -21.36 10.68
C SER D 918 25.88 -20.98 11.66
N ALA D 919 27.06 -20.64 11.15
CA ALA D 919 28.22 -20.40 12.01
C ALA D 919 28.59 -18.93 12.11
N PHE D 920 28.62 -18.22 10.99
CA PHE D 920 28.92 -16.79 10.99
C PHE D 920 28.16 -16.10 12.11
N ALA D 921 28.89 -15.32 12.91
CA ALA D 921 28.38 -14.51 14.02
C ALA D 921 28.17 -15.29 15.31
N ARG D 922 28.42 -16.59 15.35
CA ARG D 922 28.22 -17.39 16.55
C ARG D 922 29.54 -17.59 17.30
N THR D 923 29.40 -17.96 18.57
CA THR D 923 30.53 -18.15 19.46
C THR D 923 31.01 -19.60 19.40
N LEU D 924 31.90 -19.97 20.33
CA LEU D 924 32.39 -21.33 20.47
C LEU D 924 32.40 -21.70 21.94
N ALA D 925 31.91 -22.89 22.25
CA ALA D 925 31.95 -23.43 23.61
C ALA D 925 33.00 -24.52 23.76
N THR D 926 33.95 -24.60 22.84
CA THR D 926 35.02 -25.57 22.88
C THR D 926 36.30 -24.89 22.40
N ASP D 927 37.30 -25.70 22.10
CA ASP D 927 38.55 -25.24 21.53
C ASP D 927 38.72 -25.87 20.15
N ALA D 928 39.15 -25.07 19.19
CA ALA D 928 39.26 -25.55 17.81
C ALA D 928 40.44 -26.50 17.68
N VAL D 929 40.32 -27.70 18.27
CA VAL D 929 41.40 -28.68 18.25
C VAL D 929 41.53 -29.26 16.86
N ASP D 930 42.62 -29.98 16.62
CA ASP D 930 42.84 -30.66 15.35
C ASP D 930 43.78 -31.82 15.59
N ALA D 931 43.96 -32.65 14.56
CA ALA D 931 44.91 -33.75 14.65
C ALA D 931 46.29 -33.26 15.07
N ASN D 932 46.63 -32.02 14.73
CA ASN D 932 47.89 -31.42 15.16
C ASN D 932 47.89 -31.06 16.64
N GLY D 933 46.73 -31.10 17.30
CA GLY D 933 46.65 -30.80 18.71
C GLY D 933 46.58 -29.31 19.00
N ASN D 934 47.22 -28.50 18.17
CA ASN D 934 47.17 -27.06 18.35
C ASN D 934 45.77 -26.53 18.12
N VAL D 935 45.29 -25.71 19.05
CA VAL D 935 43.99 -25.08 18.94
C VAL D 935 44.14 -23.76 18.20
N ILE D 936 43.27 -23.53 17.22
CA ILE D 936 43.34 -22.30 16.44
C ILE D 936 42.42 -21.23 17.00
N ILE D 937 41.26 -21.63 17.54
CA ILE D 937 40.30 -20.71 18.14
C ILE D 937 39.84 -21.31 19.45
N GLU D 938 39.85 -20.52 20.52
CA GLU D 938 39.46 -20.97 21.84
C GLU D 938 38.11 -20.35 22.21
N ARG D 939 37.35 -21.08 23.02
CA ARG D 939 36.02 -20.63 23.39
C ARG D 939 36.07 -19.20 23.94
N GLY D 940 34.96 -18.49 23.78
CA GLY D 940 34.92 -17.08 24.11
C GLY D 940 35.36 -16.18 22.98
N HIS D 941 35.16 -16.59 21.74
CA HIS D 941 35.60 -15.83 20.58
C HIS D 941 34.58 -15.98 19.46
N ASP D 942 34.12 -14.84 18.93
CA ASP D 942 33.17 -14.85 17.84
C ASP D 942 33.78 -15.55 16.62
N LEU D 943 32.93 -15.82 15.64
CA LEU D 943 33.32 -16.47 14.39
C LEU D 943 33.08 -15.50 13.24
N GLY D 944 34.12 -14.73 12.90
CA GLY D 944 34.08 -13.90 11.71
C GLY D 944 34.72 -14.60 10.52
N ASP D 945 34.64 -13.92 9.38
CA ASP D 945 35.26 -14.48 8.17
C ASP D 945 36.75 -14.75 8.35
N PRO D 946 37.53 -13.92 9.02
CA PRO D 946 38.95 -14.26 9.21
C PRO D 946 39.16 -15.55 9.98
N ALA D 947 38.49 -15.70 11.12
CA ALA D 947 38.62 -16.93 11.89
C ALA D 947 38.19 -18.14 11.09
N ILE D 948 37.13 -18.01 10.30
CA ILE D 948 36.67 -19.14 9.51
C ILE D 948 37.68 -19.49 8.43
N ASP D 949 38.28 -18.48 7.80
CA ASP D 949 39.32 -18.74 6.81
C ASP D 949 40.51 -19.45 7.44
N ALA D 950 40.90 -19.01 8.64
CA ALA D 950 42.03 -19.66 9.32
C ALA D 950 41.68 -21.07 9.73
N LEU D 951 40.40 -21.33 10.02
CA LEU D 951 39.96 -22.67 10.35
C LEU D 951 39.91 -23.55 9.12
N LEU D 952 39.73 -22.95 7.95
CA LEU D 952 39.83 -23.69 6.70
C LEU D 952 41.28 -24.05 6.41
N ALA D 953 42.17 -23.05 6.45
CA ALA D 953 43.59 -23.29 6.21
C ALA D 953 44.12 -24.44 7.05
N ALA D 954 43.50 -24.72 8.19
CA ALA D 954 43.97 -25.77 9.10
C ALA D 954 43.13 -27.03 9.02
N GLY D 955 42.18 -27.11 8.10
CA GLY D 955 41.49 -28.36 7.82
C GLY D 955 40.62 -28.89 8.94
N ILE D 956 39.57 -28.16 9.29
CA ILE D 956 38.55 -28.66 10.19
C ILE D 956 37.30 -28.97 9.36
N THR D 957 36.49 -29.90 9.88
CA THR D 957 35.28 -30.33 9.20
C THR D 957 34.00 -30.06 10.00
N THR D 958 34.11 -29.72 11.28
CA THR D 958 32.96 -29.37 12.08
C THR D 958 33.44 -28.60 13.31
N VAL D 959 32.49 -27.98 14.00
CA VAL D 959 32.76 -27.24 15.23
C VAL D 959 31.54 -27.38 16.13
N LYS D 960 31.68 -26.91 17.36
CA LYS D 960 30.60 -26.94 18.34
C LYS D 960 30.43 -25.53 18.88
N VAL D 961 29.33 -24.88 18.52
CA VAL D 961 29.10 -23.48 18.81
C VAL D 961 28.00 -23.38 19.86
N ARG D 962 27.81 -22.17 20.38
CA ARG D 962 26.73 -21.89 21.30
C ARG D 962 25.41 -21.78 20.54
N SER D 963 24.33 -21.64 21.30
CA SER D 963 23.02 -21.47 20.71
C SER D 963 22.03 -21.12 21.82
N VAL D 964 20.90 -20.53 21.41
CA VAL D 964 19.82 -20.24 22.35
C VAL D 964 18.91 -21.44 22.55
N LEU D 965 19.12 -22.52 21.81
CA LEU D 965 18.40 -23.76 22.07
C LEU D 965 18.97 -24.50 23.27
N THR D 966 20.18 -24.16 23.69
CA THR D 966 20.85 -24.83 24.78
C THR D 966 21.24 -23.88 25.92
N CYS D 967 20.93 -22.60 25.80
CA CYS D 967 21.21 -21.68 26.88
C CYS D 967 20.45 -22.12 28.12
N THR D 968 20.81 -21.51 29.26
CA THR D 968 20.32 -21.96 30.55
C THR D 968 19.80 -20.85 31.44
N SER D 969 20.13 -19.58 31.16
CA SER D 969 19.74 -18.49 32.05
C SER D 969 18.27 -18.62 32.44
N ALA D 970 17.96 -18.21 33.67
CA ALA D 970 16.64 -18.46 34.23
C ALA D 970 15.55 -17.83 33.36
N THR D 971 15.72 -16.56 33.00
CA THR D 971 14.76 -15.83 32.18
C THR D 971 15.46 -15.33 30.93
N GLY D 972 14.88 -15.65 29.77
CA GLY D 972 15.45 -15.27 28.50
C GLY D 972 16.68 -16.08 28.16
N VAL D 973 17.69 -15.43 27.58
CA VAL D 973 18.90 -16.09 27.14
C VAL D 973 20.09 -15.29 27.65
N CYS D 974 21.29 -15.79 27.37
CA CYS D 974 22.51 -15.10 27.70
C CYS D 974 22.99 -14.27 26.53
N ALA D 975 24.01 -13.46 26.78
CA ALA D 975 24.61 -12.62 25.74
C ALA D 975 25.80 -13.29 25.08
N MET D 976 25.99 -14.59 25.29
CA MET D 976 27.02 -15.35 24.61
C MET D 976 26.46 -16.47 23.75
N CYS D 977 25.27 -16.99 24.07
CA CYS D 977 24.64 -17.96 23.20
C CYS D 977 24.12 -17.30 21.93
N TYR D 978 23.47 -16.15 22.08
CA TYR D 978 23.04 -15.39 20.90
C TYR D 978 24.24 -15.06 20.03
N GLY D 979 25.17 -14.27 20.57
CA GLY D 979 26.40 -13.94 19.89
C GLY D 979 26.54 -12.44 19.71
N ARG D 980 26.59 -11.99 18.47
CA ARG D 980 26.66 -10.58 18.15
C ARG D 980 25.41 -10.14 17.41
N SER D 981 24.92 -8.95 17.76
CA SER D 981 23.79 -8.37 17.08
C SER D 981 24.21 -7.93 15.69
N MET D 982 23.64 -8.55 14.67
CA MET D 982 24.10 -8.32 13.30
C MET D 982 24.07 -6.85 12.92
N ALA D 983 23.21 -6.07 13.58
CA ALA D 983 23.16 -4.64 13.31
C ALA D 983 24.49 -3.98 13.65
N THR D 984 25.02 -4.27 14.85
CA THR D 984 26.24 -3.61 15.30
C THR D 984 27.49 -4.28 14.73
N GLY D 985 27.54 -5.61 14.79
CA GLY D 985 28.73 -6.36 14.48
C GLY D 985 29.52 -6.79 15.70
N LYS D 986 29.20 -6.25 16.88
CA LYS D 986 29.82 -6.60 18.13
C LYS D 986 28.85 -7.43 18.95
N LEU D 987 29.30 -7.85 20.14
CA LEU D 987 28.47 -8.69 20.98
C LEU D 987 27.20 -7.94 21.39
N VAL D 988 26.19 -8.72 21.73
CA VAL D 988 24.89 -8.14 22.07
C VAL D 988 24.96 -7.55 23.47
N ASP D 989 24.12 -6.54 23.71
CA ASP D 989 24.13 -5.82 24.97
C ASP D 989 22.98 -6.29 25.86
N ILE D 990 23.30 -6.51 27.14
CA ILE D 990 22.30 -6.95 28.09
C ILE D 990 21.10 -6.01 28.08
N GLY D 991 19.91 -6.58 28.22
CA GLY D 991 18.68 -5.83 28.18
C GLY D 991 18.08 -5.66 26.81
N GLU D 992 18.75 -6.12 25.76
CA GLU D 992 18.24 -5.98 24.41
C GLU D 992 17.06 -6.92 24.18
N ALA D 993 16.17 -6.52 23.28
CA ALA D 993 15.08 -7.37 22.82
C ALA D 993 15.50 -8.10 21.56
N VAL D 994 15.39 -9.43 21.59
CA VAL D 994 15.82 -10.27 20.49
C VAL D 994 14.76 -11.26 20.06
N GLY D 995 13.58 -11.23 20.67
CA GLY D 995 12.48 -12.07 20.24
C GLY D 995 11.59 -11.34 19.27
N ILE D 996 11.60 -10.02 19.36
CA ILE D 996 10.84 -9.20 18.41
C ILE D 996 11.63 -9.06 17.12
N VAL D 997 12.92 -8.71 17.22
CA VAL D 997 13.77 -8.59 16.05
C VAL D 997 13.63 -9.81 15.15
N ALA D 998 13.60 -11.00 15.75
CA ALA D 998 13.47 -12.22 14.97
C ALA D 998 12.15 -12.24 14.20
N ALA D 999 11.05 -11.96 14.89
CA ALA D 999 9.75 -11.99 14.24
C ALA D 999 9.69 -10.98 13.10
N GLN D 1000 10.32 -9.82 13.28
CA GLN D 1000 10.30 -8.81 12.23
C GLN D 1000 11.14 -9.25 11.04
N SER D 1001 12.38 -9.67 11.31
CA SER D 1001 13.24 -10.19 10.26
C SER D 1001 12.55 -11.27 9.46
N ILE D 1002 11.77 -12.12 10.13
CA ILE D 1002 11.11 -13.22 9.45
C ILE D 1002 9.92 -12.73 8.64
N GLY D 1003 8.97 -12.08 9.29
CA GLY D 1003 7.75 -11.66 8.63
C GLY D 1003 7.88 -10.45 7.73
N GLU D 1004 9.06 -9.88 7.58
CA GLU D 1004 9.24 -8.80 6.63
C GLU D 1004 9.30 -9.38 5.21
N PRO D 1005 10.18 -10.34 4.94
CA PRO D 1005 10.22 -10.97 3.62
C PRO D 1005 9.14 -12.01 3.38
N GLY D 1006 8.25 -12.23 4.34
CA GLY D 1006 7.15 -13.16 4.12
C GLY D 1006 6.29 -12.82 2.92
N THR D 1007 6.45 -11.61 2.38
CA THR D 1007 5.75 -11.26 1.15
C THR D 1007 6.40 -11.90 -0.07
N GLN D 1008 7.69 -12.21 0.02
CA GLN D 1008 8.46 -12.72 -1.11
C GLN D 1008 8.31 -14.22 -1.30
N LEU D 1009 7.29 -14.83 -0.70
CA LEU D 1009 7.17 -16.27 -0.65
C LEU D 1009 6.00 -16.74 -1.53
N THR D 1010 5.80 -18.06 -1.56
CA THR D 1010 4.79 -18.70 -2.39
C THR D 1010 3.68 -19.21 -1.47
N MET D 1011 2.69 -18.36 -1.24
CA MET D 1011 1.55 -18.73 -0.43
C MET D 1011 0.61 -19.63 -1.22
N ARG D 1012 -0.37 -20.20 -0.51
CA ARG D 1012 -1.41 -20.96 -1.19
C ARG D 1012 -2.27 -20.03 -2.03
N THR D 1013 -3.05 -20.62 -2.92
CA THR D 1013 -3.90 -19.83 -3.79
C THR D 1013 -5.04 -19.20 -2.99
N PHE D 1014 -5.93 -18.52 -3.70
CA PHE D 1014 -7.03 -17.79 -3.09
C PHE D 1014 -8.38 -18.06 -3.73
N HIS D 1015 -8.43 -18.77 -4.86
CA HIS D 1015 -9.68 -19.07 -5.52
C HIS D 1015 -10.68 -19.69 -4.55
N VAL D 1026 3.26 -29.76 -0.47
CA VAL D 1026 3.99 -28.68 -1.13
C VAL D 1026 4.74 -27.90 -0.06
N GLY D 1027 5.61 -26.98 -0.48
CA GLY D 1027 6.45 -26.26 0.46
C GLY D 1027 6.45 -24.76 0.29
N GLY D 1028 6.09 -24.05 1.36
CA GLY D 1028 6.08 -22.61 1.33
C GLY D 1028 5.60 -22.07 2.65
N LEU D 1029 5.07 -20.84 2.62
CA LEU D 1029 4.44 -20.26 3.80
C LEU D 1029 3.56 -21.30 4.48
N PRO D 1030 2.80 -22.10 3.71
CA PRO D 1030 2.15 -23.26 4.32
C PRO D 1030 3.10 -24.13 5.12
N ARG D 1031 4.24 -24.50 4.55
CA ARG D 1031 5.21 -25.31 5.28
C ARG D 1031 5.70 -24.57 6.53
N VAL D 1032 5.86 -23.25 6.43
CA VAL D 1032 6.38 -22.48 7.55
C VAL D 1032 5.39 -22.48 8.70
N GLN D 1033 4.11 -22.32 8.41
CA GLN D 1033 3.08 -22.34 9.44
C GLN D 1033 2.61 -23.74 9.76
N GLU D 1034 3.16 -24.75 9.10
CA GLU D 1034 3.00 -26.13 9.53
C GLU D 1034 4.12 -26.55 10.47
N LEU D 1035 5.27 -25.91 10.36
CA LEU D 1035 6.38 -26.18 11.28
C LEU D 1035 6.23 -25.36 12.56
N PHE D 1036 6.05 -24.05 12.42
CA PHE D 1036 6.00 -23.17 13.58
C PHE D 1036 4.91 -23.60 14.56
N GLU D 1037 3.74 -23.94 14.04
CA GLU D 1037 2.63 -24.40 14.88
C GLU D 1037 2.73 -25.89 15.19
N ALA D 1038 3.76 -26.57 14.71
CA ALA D 1038 4.04 -27.96 15.08
C ALA D 1038 2.80 -28.84 14.95
N ARG D 1039 2.34 -28.99 13.71
CA ARG D 1039 1.20 -29.83 13.38
C ARG D 1039 1.64 -31.03 12.57
N VAL D 1040 0.86 -32.09 12.64
CA VAL D 1040 1.11 -33.29 11.85
C VAL D 1040 0.94 -32.92 10.38
N PRO D 1041 2.00 -32.95 9.57
CA PRO D 1041 1.88 -32.45 8.19
C PRO D 1041 1.00 -33.32 7.31
N ARG D 1042 0.81 -32.91 6.06
CA ARG D 1042 0.03 -33.68 5.12
C ARG D 1042 0.81 -34.86 4.56
N ASN D 1043 2.14 -34.76 4.52
CA ASN D 1043 3.00 -35.77 3.92
C ASN D 1043 4.00 -36.22 4.98
N LYS D 1044 3.64 -37.25 5.73
CA LYS D 1044 4.47 -37.76 6.80
C LYS D 1044 5.49 -38.75 6.27
N ALA D 1045 6.73 -38.63 6.73
CA ALA D 1045 7.77 -39.58 6.40
C ALA D 1045 7.98 -40.51 7.58
N PRO D 1046 7.79 -41.82 7.43
CA PRO D 1046 7.94 -42.72 8.58
C PRO D 1046 9.38 -42.95 8.97
N ILE D 1047 9.92 -42.07 9.82
CA ILE D 1047 11.29 -42.25 10.27
C ILE D 1047 11.43 -43.59 10.98
N ALA D 1048 12.67 -44.06 11.08
CA ALA D 1048 12.97 -45.29 11.78
C ALA D 1048 13.10 -45.03 13.28
N ASP D 1049 12.74 -46.04 14.07
CA ASP D 1049 12.86 -45.95 15.51
C ASP D 1049 14.09 -46.67 16.04
N VAL D 1050 14.58 -47.67 15.32
CA VAL D 1050 15.74 -48.46 15.74
C VAL D 1050 16.85 -48.25 14.71
N ALA D 1051 18.04 -47.91 15.18
CA ALA D 1051 19.21 -47.89 14.32
C ALA D 1051 19.42 -49.26 13.70
N GLY D 1052 20.30 -49.32 12.71
CA GLY D 1052 20.73 -50.60 12.17
C GLY D 1052 20.54 -50.77 10.68
N ARG D 1053 20.03 -51.92 10.26
CA ARG D 1053 19.94 -52.28 8.86
C ARG D 1053 18.49 -52.54 8.47
N VAL D 1054 18.25 -52.64 7.16
CA VAL D 1054 16.90 -52.68 6.62
C VAL D 1054 16.72 -53.90 5.73
N ARG D 1055 15.47 -54.36 5.66
CA ARG D 1055 15.02 -55.33 4.67
C ARG D 1055 13.73 -54.79 4.05
N LEU D 1056 13.67 -54.78 2.73
CA LEU D 1056 12.50 -54.29 1.99
C LEU D 1056 11.97 -55.42 1.11
N GLU D 1057 10.68 -55.68 1.21
CA GLU D 1057 10.00 -56.65 0.35
C GLU D 1057 8.77 -55.94 -0.20
N GLU D 1058 8.95 -55.24 -1.31
CA GLU D 1058 7.86 -54.43 -1.85
C GLU D 1058 6.76 -55.32 -2.42
N SER D 1059 5.52 -54.92 -2.18
CA SER D 1059 4.35 -55.67 -2.59
C SER D 1059 3.53 -54.81 -3.57
N ASP D 1060 2.35 -55.32 -3.92
CA ASP D 1060 1.48 -54.65 -4.87
C ASP D 1060 0.81 -53.45 -4.18
N LYS D 1061 1.32 -52.25 -4.49
CA LYS D 1061 0.83 -50.97 -3.99
C LYS D 1061 1.19 -50.73 -2.52
N PHE D 1062 1.78 -51.69 -1.83
CA PHE D 1062 2.23 -51.50 -0.46
C PHE D 1062 3.59 -52.15 -0.29
N PHE D 1063 4.44 -51.52 0.53
CA PHE D 1063 5.77 -52.01 0.81
C PHE D 1063 5.84 -52.46 2.26
N LYS D 1064 6.41 -53.64 2.49
CA LYS D 1064 6.67 -54.14 3.84
C LYS D 1064 8.16 -54.07 4.10
N ILE D 1065 8.54 -53.29 5.11
CA ILE D 1065 9.93 -53.02 5.42
C ILE D 1065 10.15 -53.28 6.90
N THR D 1066 11.31 -53.85 7.21
CA THR D 1066 11.67 -54.17 8.57
C THR D 1066 13.08 -53.67 8.83
N ILE D 1067 13.37 -53.34 10.09
CA ILE D 1067 14.66 -52.81 10.48
C ILE D 1067 15.22 -53.70 11.57
N VAL D 1068 16.37 -54.32 11.29
CA VAL D 1068 17.09 -55.13 12.26
C VAL D 1068 18.01 -54.20 13.05
N PRO D 1069 17.87 -54.10 14.37
CA PRO D 1069 18.73 -53.21 15.14
C PRO D 1069 20.17 -53.71 15.19
N ASP D 1070 21.04 -52.86 15.73
CA ASP D 1070 22.46 -53.22 15.85
C ASP D 1070 22.69 -54.14 17.04
N ASP D 1071 22.08 -53.82 18.18
CA ASP D 1071 22.25 -54.58 19.42
C ASP D 1071 21.02 -55.43 19.73
N GLY D 1072 20.37 -55.95 18.69
CA GLY D 1072 19.24 -56.83 18.87
C GLY D 1072 17.99 -56.10 19.32
N GLY D 1073 16.99 -56.89 19.64
CA GLY D 1073 15.68 -56.39 20.04
C GLY D 1073 14.61 -56.83 19.05
N GLU D 1074 13.42 -56.25 19.24
CA GLU D 1074 12.28 -56.54 18.37
C GLU D 1074 12.33 -55.58 17.19
N GLU D 1075 12.73 -56.09 16.03
CA GLU D 1075 12.74 -55.31 14.80
C GLU D 1075 11.43 -54.54 14.65
N VAL D 1076 11.53 -53.33 14.09
CA VAL D 1076 10.38 -52.48 13.85
C VAL D 1076 10.05 -52.51 12.37
N VAL D 1077 8.79 -52.29 12.05
CA VAL D 1077 8.30 -52.37 10.67
C VAL D 1077 7.30 -51.25 10.43
N TYR D 1078 7.47 -50.55 9.31
CA TYR D 1078 6.51 -49.57 8.81
C TYR D 1078 6.08 -50.05 7.43
N ASP D 1079 5.07 -50.92 7.39
CA ASP D 1079 4.71 -51.63 6.18
C ASP D 1079 3.51 -51.03 5.46
N LYS D 1080 2.92 -49.97 5.99
CA LYS D 1080 1.83 -49.26 5.33
C LYS D 1080 2.41 -48.07 4.59
N LEU D 1081 3.14 -48.38 3.50
CA LEU D 1081 3.87 -47.40 2.72
C LEU D 1081 3.19 -47.24 1.38
N SER D 1082 2.49 -46.11 1.20
CA SER D 1082 1.75 -45.87 -0.03
C SER D 1082 2.67 -45.92 -1.24
N LYS D 1083 2.15 -46.48 -2.34
CA LYS D 1083 2.87 -46.46 -3.60
C LYS D 1083 3.03 -45.05 -4.15
N ARG D 1084 2.23 -44.10 -3.67
CA ARG D 1084 2.33 -42.73 -4.15
C ARG D 1084 3.72 -42.16 -3.89
N GLN D 1085 4.10 -42.07 -2.62
CA GLN D 1085 5.46 -41.69 -2.28
C GLN D 1085 6.42 -42.79 -2.68
N ARG D 1086 7.55 -42.42 -3.28
CA ARG D 1086 8.41 -43.43 -3.90
C ARG D 1086 9.32 -44.09 -2.86
N LEU D 1087 10.30 -43.35 -2.35
CA LEU D 1087 11.27 -43.82 -1.37
C LEU D 1087 12.22 -42.68 -1.02
N ARG D 1088 13.17 -42.93 -0.14
CA ARG D 1088 14.27 -42.00 0.08
C ARG D 1088 15.38 -42.30 -0.92
N VAL D 1089 15.86 -41.26 -1.60
CA VAL D 1089 17.01 -41.41 -2.49
C VAL D 1089 18.24 -41.68 -1.64
N ILE D 1090 18.91 -42.81 -1.90
CA ILE D 1090 20.01 -43.26 -1.04
C ILE D 1090 21.02 -42.13 -0.83
N THR D 1091 21.41 -41.46 -1.90
CA THR D 1091 22.40 -40.39 -1.84
C THR D 1091 23.72 -40.92 -1.25
N HIS D 1092 24.31 -41.86 -1.97
CA HIS D 1092 25.55 -42.52 -1.56
C HIS D 1092 26.48 -42.53 -2.77
N GLU D 1093 27.44 -41.62 -2.79
CA GLU D 1093 28.34 -41.46 -3.92
C GLU D 1093 29.64 -42.24 -3.70
N GLU D 1097 22.62 -42.47 -5.25
CA GLU D 1097 21.76 -41.44 -5.83
C GLU D 1097 20.43 -42.03 -6.30
N GLY D 1098 20.18 -43.29 -5.94
CA GLY D 1098 18.96 -43.98 -6.30
C GLY D 1098 18.11 -44.31 -5.09
N VAL D 1099 16.94 -44.88 -5.38
CA VAL D 1099 16.00 -45.25 -4.32
C VAL D 1099 16.72 -46.03 -3.23
N LEU D 1100 16.30 -45.79 -1.99
CA LEU D 1100 16.84 -46.50 -0.84
C LEU D 1100 16.97 -47.99 -1.13
N SER D 1101 18.13 -48.54 -0.79
CA SER D 1101 18.47 -49.92 -1.12
C SER D 1101 18.03 -50.85 0.01
N ASP D 1102 18.31 -52.14 -0.15
CA ASP D 1102 18.00 -53.15 0.85
C ASP D 1102 19.28 -53.56 1.57
N GLY D 1103 19.12 -54.07 2.79
CA GLY D 1103 20.28 -54.40 3.60
C GLY D 1103 21.22 -53.24 3.78
N ASP D 1104 20.69 -52.03 3.86
CA ASP D 1104 21.47 -50.82 4.01
C ASP D 1104 21.42 -50.33 5.46
N HIS D 1105 22.45 -49.59 5.84
CA HIS D 1105 22.53 -49.05 7.19
C HIS D 1105 21.61 -47.85 7.34
N VAL D 1106 20.79 -47.87 8.38
CA VAL D 1106 19.94 -46.73 8.72
C VAL D 1106 19.99 -46.54 10.23
N GLU D 1107 20.10 -45.29 10.65
CA GLU D 1107 20.31 -44.97 12.05
C GLU D 1107 18.97 -44.69 12.73
N VAL D 1108 19.01 -44.33 14.01
CA VAL D 1108 17.79 -44.04 14.74
C VAL D 1108 17.07 -42.86 14.10
N GLY D 1109 17.81 -41.78 13.86
CA GLY D 1109 17.24 -40.60 13.23
C GLY D 1109 17.38 -40.64 11.73
N ASP D 1110 16.64 -41.54 11.08
CA ASP D 1110 16.68 -41.71 9.65
C ASP D 1110 15.26 -41.70 9.10
N GLN D 1111 15.13 -41.24 7.86
CA GLN D 1111 13.85 -41.22 7.17
C GLN D 1111 13.77 -42.39 6.19
N LEU D 1112 12.54 -42.69 5.76
CA LEU D 1112 12.27 -43.85 4.93
C LEU D 1112 11.38 -43.53 3.75
N MET D 1113 11.08 -42.25 3.52
CA MET D 1113 10.17 -41.87 2.44
C MET D 1113 10.26 -40.36 2.25
N GLU D 1114 10.47 -39.93 1.01
CA GLU D 1114 10.76 -38.54 0.75
C GLU D 1114 9.55 -37.67 1.12
N GLY D 1115 9.78 -36.69 1.98
CA GLY D 1115 8.72 -35.79 2.41
C GLY D 1115 9.11 -35.01 3.65
N ALA D 1116 8.19 -34.94 4.62
CA ALA D 1116 8.42 -34.27 5.89
C ALA D 1116 7.98 -35.17 7.02
N ALA D 1117 8.77 -35.20 8.09
CA ALA D 1117 8.50 -36.06 9.22
C ALA D 1117 7.58 -35.35 10.21
N ASP D 1118 7.40 -35.94 11.38
CA ASP D 1118 6.56 -35.36 12.42
C ASP D 1118 7.44 -34.90 13.57
N PRO D 1119 7.55 -33.59 13.83
CA PRO D 1119 8.36 -33.11 14.95
C PRO D 1119 8.09 -33.88 16.24
N HIS D 1120 6.84 -34.28 16.46
CA HIS D 1120 6.51 -35.04 17.66
C HIS D 1120 7.14 -36.43 17.61
N GLU D 1121 7.14 -37.06 16.43
CA GLU D 1121 7.84 -38.33 16.26
C GLU D 1121 9.30 -38.18 16.66
N VAL D 1122 9.95 -37.14 16.12
CA VAL D 1122 11.37 -36.94 16.40
C VAL D 1122 11.60 -36.70 17.88
N LEU D 1123 10.66 -36.00 18.53
CA LEU D 1123 10.84 -35.72 19.95
C LEU D 1123 10.69 -36.98 20.79
N ARG D 1124 9.75 -37.86 20.42
CA ARG D 1124 9.57 -39.09 21.17
C ARG D 1124 10.68 -40.10 20.90
N VAL D 1125 11.34 -40.02 19.75
CA VAL D 1125 12.34 -41.02 19.39
C VAL D 1125 13.75 -40.45 19.33
N GLN D 1126 13.93 -39.14 19.23
CA GLN D 1126 15.25 -38.52 19.24
C GLN D 1126 15.48 -37.64 20.46
N GLY D 1127 14.60 -36.68 20.70
CA GLY D 1127 14.70 -35.83 21.86
C GLY D 1127 14.53 -34.36 21.53
N PRO D 1128 14.84 -33.50 22.50
CA PRO D 1128 14.75 -32.05 22.27
C PRO D 1128 15.97 -31.42 21.63
N ARG D 1129 16.87 -32.21 21.04
CA ARG D 1129 18.04 -31.69 20.37
C ARG D 1129 18.10 -32.04 18.89
N GLU D 1130 17.33 -33.02 18.43
CA GLU D 1130 17.23 -33.35 17.02
C GLU D 1130 15.95 -32.84 16.39
N VAL D 1131 14.98 -32.44 17.20
CA VAL D 1131 13.75 -31.86 16.66
C VAL D 1131 13.91 -30.37 16.46
N GLN D 1132 14.60 -29.71 17.38
CA GLN D 1132 14.90 -28.29 17.21
C GLN D 1132 15.75 -28.07 15.97
N ILE D 1133 16.82 -28.85 15.83
CA ILE D 1133 17.66 -28.80 14.64
C ILE D 1133 16.82 -29.06 13.39
N HIS D 1134 15.96 -30.07 13.45
CA HIS D 1134 15.10 -30.38 12.31
C HIS D 1134 14.26 -29.17 11.91
N LEU D 1135 13.58 -28.57 12.88
CA LEU D 1135 12.72 -27.43 12.60
C LEU D 1135 13.51 -26.28 12.00
N VAL D 1136 14.64 -25.94 12.61
CA VAL D 1136 15.46 -24.85 12.10
C VAL D 1136 15.90 -25.13 10.67
N LYS D 1137 16.48 -26.31 10.45
CA LYS D 1137 16.94 -26.68 9.12
C LYS D 1137 15.82 -26.55 8.09
N GLU D 1138 14.63 -27.07 8.41
CA GLU D 1138 13.54 -27.05 7.45
C GLU D 1138 13.10 -25.62 7.16
N VAL D 1139 12.86 -24.84 8.22
CA VAL D 1139 12.40 -23.47 8.01
C VAL D 1139 13.41 -22.67 7.20
N GLN D 1140 14.70 -22.87 7.48
CA GLN D 1140 15.71 -22.06 6.81
C GLN D 1140 15.92 -22.53 5.38
N GLU D 1141 15.82 -23.83 5.10
CA GLU D 1141 15.92 -24.28 3.72
C GLU D 1141 14.73 -23.79 2.91
N VAL D 1142 13.55 -23.74 3.52
CA VAL D 1142 12.40 -23.11 2.89
C VAL D 1142 12.73 -21.66 2.54
N TYR D 1143 13.14 -20.89 3.54
CA TYR D 1143 13.45 -19.48 3.31
C TYR D 1143 14.64 -19.28 2.37
N ARG D 1144 15.41 -20.33 2.09
CA ARG D 1144 16.60 -20.20 1.27
C ARG D 1144 16.33 -20.49 -0.19
N ALA D 1145 15.34 -21.33 -0.49
CA ALA D 1145 14.97 -21.65 -1.86
C ALA D 1145 13.97 -20.65 -2.44
N GLN D 1146 13.93 -19.43 -1.90
CA GLN D 1146 13.01 -18.42 -2.38
C GLN D 1146 13.67 -17.05 -2.50
N GLY D 1147 14.99 -16.97 -2.39
CA GLY D 1147 15.68 -15.72 -2.61
C GLY D 1147 15.81 -14.83 -1.39
N VAL D 1148 15.84 -15.41 -0.20
CA VAL D 1148 15.88 -14.65 1.04
C VAL D 1148 17.09 -15.10 1.85
N SER D 1149 17.57 -14.21 2.71
CA SER D 1149 18.76 -14.43 3.52
C SER D 1149 18.45 -14.07 4.96
N ILE D 1150 18.40 -15.08 5.83
CA ILE D 1150 18.17 -14.88 7.25
C ILE D 1150 19.14 -15.77 8.01
N HIS D 1151 19.49 -15.35 9.21
CA HIS D 1151 20.35 -16.14 10.07
C HIS D 1151 19.50 -17.24 10.72
N ASP D 1152 20.10 -17.97 11.66
CA ASP D 1152 19.39 -19.00 12.40
C ASP D 1152 19.15 -18.64 13.85
N LYS D 1153 19.93 -17.72 14.41
CA LYS D 1153 19.70 -17.25 15.76
C LYS D 1153 18.41 -16.44 15.88
N HIS D 1154 17.69 -16.25 14.78
CA HIS D 1154 16.36 -15.67 14.81
C HIS D 1154 15.28 -16.72 14.65
N ILE D 1155 15.63 -17.88 14.11
CA ILE D 1155 14.71 -19.01 14.10
C ILE D 1155 14.78 -19.76 15.43
N GLU D 1156 16.00 -19.90 15.97
CA GLU D 1156 16.22 -20.60 17.23
C GLU D 1156 15.77 -19.80 18.43
N VAL D 1157 15.18 -18.63 18.22
CA VAL D 1157 14.51 -17.90 19.29
C VAL D 1157 13.00 -18.16 19.26
N ILE D 1158 12.46 -18.56 18.12
CA ILE D 1158 11.06 -18.97 18.04
C ILE D 1158 10.89 -20.43 18.40
N VAL D 1159 11.97 -21.21 18.39
CA VAL D 1159 11.90 -22.63 18.76
C VAL D 1159 12.04 -22.80 20.26
N ARG D 1160 13.05 -22.15 20.86
CA ARG D 1160 13.23 -22.18 22.30
C ARG D 1160 11.91 -21.95 23.03
N GLN D 1161 11.00 -21.19 22.42
CA GLN D 1161 9.70 -20.88 23.01
C GLN D 1161 8.64 -21.88 22.59
N MET D 1162 9.03 -23.12 22.28
CA MET D 1162 8.09 -24.18 21.98
C MET D 1162 8.43 -25.48 22.69
N LEU D 1163 9.51 -25.50 23.47
CA LEU D 1163 9.88 -26.65 24.29
C LEU D 1163 10.24 -26.20 25.69
N ARG D 1164 9.45 -25.30 26.25
CA ARG D 1164 9.63 -24.81 27.61
C ARG D 1164 8.53 -25.30 28.54
N ARG D 1165 7.78 -26.32 28.12
CA ARG D 1165 6.70 -26.86 28.93
C ARG D 1165 6.66 -28.37 28.76
N VAL D 1166 6.38 -29.08 29.85
CA VAL D 1166 6.37 -30.52 29.89
C VAL D 1166 4.98 -31.00 30.30
N THR D 1167 4.45 -31.98 29.59
CA THR D 1167 3.24 -32.68 30.00
C THR D 1167 3.62 -33.80 30.97
N ILE D 1168 2.94 -33.85 32.11
CA ILE D 1168 3.38 -34.64 33.25
C ILE D 1168 2.64 -35.96 33.22
N ILE D 1169 3.37 -37.04 32.90
CA ILE D 1169 2.80 -38.38 33.00
C ILE D 1169 2.80 -38.84 34.44
N ASP D 1170 3.89 -38.60 35.15
CA ASP D 1170 4.03 -38.97 36.56
C ASP D 1170 4.26 -37.72 37.38
N SER D 1171 3.33 -37.43 38.30
CA SER D 1171 3.51 -36.30 39.19
C SER D 1171 4.84 -36.40 39.95
N GLY D 1172 5.19 -37.60 40.38
CA GLY D 1172 6.37 -37.80 41.19
C GLY D 1172 6.06 -37.74 42.67
N SER D 1173 6.99 -37.25 43.47
CA SER D 1173 6.78 -37.03 44.90
C SER D 1173 6.42 -35.58 45.19
N THR D 1174 5.67 -34.95 44.30
CA THR D 1174 5.36 -33.53 44.35
C THR D 1174 3.86 -33.31 44.49
N GLU D 1175 3.46 -32.04 44.39
CA GLU D 1175 2.07 -31.64 44.54
C GLU D 1175 1.39 -31.32 43.21
N PHE D 1176 2.17 -31.06 42.15
CA PHE D 1176 1.58 -30.73 40.87
C PHE D 1176 0.89 -31.95 40.27
N LEU D 1177 -0.19 -31.69 39.53
CA LEU D 1177 -1.07 -32.73 39.01
C LEU D 1177 -0.63 -33.16 37.61
N PRO D 1178 -0.75 -34.44 37.25
CA PRO D 1178 -0.42 -34.85 35.88
C PRO D 1178 -1.60 -34.61 34.95
N GLY D 1179 -1.35 -33.90 33.85
CA GLY D 1179 -2.40 -33.57 32.90
C GLY D 1179 -2.44 -32.10 32.56
N SER D 1180 -1.40 -31.36 32.92
CA SER D 1180 -1.37 -29.92 32.72
C SER D 1180 0.03 -29.51 32.31
N LEU D 1181 0.13 -28.88 31.13
CA LEU D 1181 1.41 -28.39 30.64
C LEU D 1181 1.97 -27.33 31.59
N THR D 1182 3.11 -27.63 32.19
CA THR D 1182 3.82 -26.68 33.02
C THR D 1182 5.24 -26.53 32.51
N GLU D 1183 5.95 -25.56 33.05
CA GLU D 1183 7.30 -25.23 32.59
C GLU D 1183 8.25 -26.36 32.98
N ARG D 1184 9.53 -26.15 32.69
CA ARG D 1184 10.58 -27.13 32.96
C ARG D 1184 11.60 -26.64 33.97
N ALA D 1185 11.87 -25.34 33.99
CA ALA D 1185 12.83 -24.79 34.94
C ALA D 1185 12.34 -24.96 36.38
N GLU D 1186 11.15 -24.46 36.67
CA GLU D 1186 10.65 -24.48 38.05
C GLU D 1186 10.05 -25.84 38.40
N PHE D 1187 9.37 -26.48 37.45
CA PHE D 1187 8.86 -27.82 37.69
C PHE D 1187 9.97 -28.79 38.04
N GLU D 1188 11.22 -28.48 37.67
CA GLU D 1188 12.37 -29.28 38.03
C GLU D 1188 13.10 -28.75 39.25
N ALA D 1189 13.20 -27.43 39.41
CA ALA D 1189 13.73 -26.86 40.64
C ALA D 1189 12.99 -27.43 41.85
N GLU D 1190 11.66 -27.52 41.75
CA GLU D 1190 10.89 -28.20 42.77
C GLU D 1190 11.41 -29.62 43.00
N ASN D 1191 11.98 -30.23 41.97
CA ASN D 1191 12.57 -31.56 42.05
C ASN D 1191 14.08 -31.53 42.28
N ARG D 1192 14.65 -30.36 42.53
CA ARG D 1192 16.11 -30.22 42.63
C ARG D 1192 16.58 -29.54 43.91
N ARG D 1193 15.73 -28.80 44.61
CA ARG D 1193 16.10 -28.25 45.91
C ARG D 1193 15.81 -29.22 47.06
N VAL D 1194 15.75 -30.52 46.77
CA VAL D 1194 15.42 -31.52 47.76
C VAL D 1194 16.65 -32.36 48.09
N GLY D 1204 7.25 -37.08 33.58
CA GLY D 1204 6.95 -36.03 32.62
C GLY D 1204 7.73 -36.16 31.33
N ARG D 1205 7.01 -36.20 30.21
CA ARG D 1205 7.65 -36.36 28.91
C ARG D 1205 7.67 -35.03 28.17
N PRO D 1206 8.78 -34.66 27.52
CA PRO D 1206 8.79 -33.42 26.75
C PRO D 1206 7.71 -33.41 25.68
N VAL D 1207 7.15 -32.23 25.44
CA VAL D 1207 6.10 -32.03 24.45
C VAL D 1207 6.48 -30.84 23.58
N LEU D 1208 5.94 -30.83 22.37
CA LEU D 1208 6.15 -29.76 21.42
C LEU D 1208 4.85 -28.98 21.25
N MET D 1209 4.92 -27.66 21.45
CA MET D 1209 3.77 -26.79 21.37
C MET D 1209 3.93 -25.79 20.23
N GLY D 1210 2.80 -25.39 19.67
CA GLY D 1210 2.80 -24.33 18.70
C GLY D 1210 2.91 -22.96 19.36
N ILE D 1211 3.52 -22.02 18.64
CA ILE D 1211 3.68 -20.67 19.15
C ILE D 1211 2.35 -20.13 19.66
N THR D 1212 1.25 -20.53 19.01
CA THR D 1212 -0.07 -20.12 19.47
C THR D 1212 -0.30 -20.52 20.92
N LYS D 1213 -0.11 -21.80 21.24
CA LYS D 1213 -0.37 -22.28 22.59
C LYS D 1213 0.58 -21.65 23.59
N ALA D 1214 1.86 -21.51 23.21
CA ALA D 1214 2.80 -20.83 24.09
C ALA D 1214 2.49 -19.35 24.25
N SER D 1215 1.62 -18.81 23.39
CA SER D 1215 1.06 -17.48 23.63
C SER D 1215 -0.13 -17.53 24.57
N LEU D 1216 -0.96 -18.57 24.47
CA LEU D 1216 -2.08 -18.74 25.38
C LEU D 1216 -1.63 -19.04 26.80
N ALA D 1217 -0.47 -19.66 26.96
CA ALA D 1217 -0.02 -20.20 28.24
C ALA D 1217 0.87 -19.24 29.01
N THR D 1218 0.65 -17.94 28.89
CA THR D 1218 1.47 -16.97 29.61
C THR D 1218 1.24 -17.10 31.11
N ASP D 1219 1.96 -16.29 31.88
CA ASP D 1219 1.81 -16.24 33.33
C ASP D 1219 1.23 -14.92 33.80
N SER D 1220 0.67 -14.12 32.90
CA SER D 1220 0.04 -12.86 33.22
C SER D 1220 -1.37 -12.83 32.66
N TRP D 1221 -2.28 -12.19 33.38
CA TRP D 1221 -3.65 -12.06 32.92
C TRP D 1221 -3.85 -10.80 32.09
N LEU D 1222 -3.06 -9.76 32.34
CA LEU D 1222 -3.12 -8.57 31.50
C LEU D 1222 -2.86 -8.89 30.04
N SER D 1223 -2.03 -9.90 29.76
CA SER D 1223 -1.68 -10.22 28.39
C SER D 1223 -2.69 -11.19 27.76
N ALA D 1224 -2.97 -12.30 28.44
CA ALA D 1224 -3.95 -13.25 27.91
C ALA D 1224 -5.35 -12.67 27.87
N ALA D 1225 -5.59 -11.58 28.61
CA ALA D 1225 -6.85 -10.86 28.48
C ALA D 1225 -6.83 -9.88 27.32
N SER D 1226 -5.72 -9.79 26.59
CA SER D 1226 -5.68 -9.18 25.28
C SER D 1226 -5.93 -10.21 24.18
N PHE D 1227 -6.28 -11.43 24.57
CA PHE D 1227 -6.60 -12.54 23.70
C PHE D 1227 -8.05 -12.93 23.96
N GLN D 1228 -8.49 -14.04 23.37
CA GLN D 1228 -9.92 -14.29 23.22
C GLN D 1228 -10.46 -15.18 24.35
N GLU D 1229 -11.77 -15.37 24.34
CA GLU D 1229 -12.52 -15.93 25.46
C GLU D 1229 -12.00 -15.35 26.77
N THR D 1230 -11.97 -14.02 26.81
CA THR D 1230 -11.41 -13.31 27.96
C THR D 1230 -12.12 -13.69 29.25
N THR D 1231 -13.45 -13.60 29.27
CA THR D 1231 -14.20 -13.85 30.50
C THR D 1231 -13.68 -15.06 31.25
N ARG D 1232 -13.37 -16.14 30.52
CA ARG D 1232 -12.76 -17.29 31.18
C ARG D 1232 -11.47 -16.91 31.87
N VAL D 1233 -10.63 -16.12 31.19
CA VAL D 1233 -9.34 -15.73 31.75
C VAL D 1233 -9.56 -14.90 33.00
N LEU D 1234 -10.42 -13.89 32.92
CA LEU D 1234 -10.64 -13.00 34.07
C LEU D 1234 -11.23 -13.78 35.24
N THR D 1235 -12.18 -14.67 34.97
CA THR D 1235 -12.75 -15.49 36.04
C THR D 1235 -11.67 -16.32 36.70
N ASP D 1236 -10.94 -17.12 35.93
CA ASP D 1236 -9.92 -17.99 36.52
C ASP D 1236 -8.85 -17.20 37.24
N ALA D 1237 -8.64 -15.94 36.83
CA ALA D 1237 -7.61 -15.12 37.47
C ALA D 1237 -8.13 -14.51 38.76
N ALA D 1238 -9.44 -14.25 38.84
CA ALA D 1238 -10.00 -13.63 40.03
C ALA D 1238 -10.02 -14.60 41.20
N ILE D 1239 -10.53 -15.81 40.97
CA ILE D 1239 -10.65 -16.79 42.06
C ILE D 1239 -9.32 -16.99 42.75
N ASN D 1240 -8.25 -17.16 41.97
CA ASN D 1240 -6.92 -17.38 42.53
C ASN D 1240 -6.25 -16.11 43.01
N CYS D 1241 -6.89 -14.95 42.86
CA CYS D 1241 -6.31 -13.68 43.25
C CYS D 1241 -4.98 -13.44 42.53
N ARG D 1242 -4.92 -13.87 41.27
CA ARG D 1242 -3.71 -13.70 40.48
C ARG D 1242 -3.22 -12.26 40.57
N SER D 1243 -1.91 -12.10 40.68
CA SER D 1243 -1.28 -10.79 40.79
C SER D 1243 -0.18 -10.68 39.75
N ASP D 1244 -0.55 -10.21 38.56
CA ASP D 1244 0.43 -10.00 37.51
C ASP D 1244 1.57 -9.12 38.03
N LYS D 1245 2.80 -9.51 37.70
CA LYS D 1245 3.99 -8.85 38.22
C LYS D 1245 4.65 -7.95 37.20
N LEU D 1246 4.11 -7.85 35.98
CA LEU D 1246 4.61 -6.92 34.98
C LEU D 1246 6.02 -7.27 34.54
N ASN D 1247 6.23 -8.51 34.12
CA ASN D 1247 7.56 -8.94 33.69
C ASN D 1247 7.74 -8.77 32.19
N GLY D 1248 6.63 -8.76 31.44
CA GLY D 1248 6.69 -8.59 30.00
C GLY D 1248 6.56 -7.14 29.58
N LEU D 1249 6.53 -6.94 28.26
CA LEU D 1249 6.35 -5.62 27.69
C LEU D 1249 5.13 -5.54 26.79
N LYS D 1250 4.38 -6.64 26.63
CA LYS D 1250 3.05 -6.58 26.06
C LYS D 1250 2.05 -5.94 27.01
N GLU D 1251 2.42 -5.73 28.27
CA GLU D 1251 1.53 -5.18 29.28
C GLU D 1251 2.04 -3.89 29.90
N ASN D 1252 3.35 -3.70 30.00
CA ASN D 1252 3.89 -2.46 30.56
C ASN D 1252 3.57 -1.25 29.69
N VAL D 1253 3.09 -1.46 28.47
CA VAL D 1253 2.63 -0.34 27.65
C VAL D 1253 1.19 0.00 28.01
N ILE D 1254 0.36 -1.02 28.21
CA ILE D 1254 -1.00 -0.80 28.69
C ILE D 1254 -0.98 0.10 29.93
N ILE D 1255 -0.10 -0.23 30.88
CA ILE D 1255 0.04 0.57 32.10
C ILE D 1255 0.77 1.88 31.86
N GLY D 1256 1.24 2.12 30.64
CA GLY D 1256 2.06 3.30 30.40
C GLY D 1256 3.37 3.29 31.16
N LYS D 1257 3.92 2.11 31.42
CA LYS D 1257 5.15 1.96 32.16
C LYS D 1257 6.31 1.65 31.21
N LEU D 1258 7.52 1.76 31.74
CA LEU D 1258 8.72 1.49 30.97
C LEU D 1258 8.89 0.00 30.77
N ILE D 1259 8.91 -0.42 29.51
CA ILE D 1259 9.12 -1.83 29.17
C ILE D 1259 10.43 -2.27 29.83
N PRO D 1260 10.57 -3.54 30.21
CA PRO D 1260 11.86 -4.02 30.72
C PRO D 1260 12.80 -4.42 29.59
N ALA D 1261 13.34 -3.41 28.91
CA ALA D 1261 14.22 -3.64 27.78
C ALA D 1261 14.88 -2.33 27.39
N GLY D 1262 16.17 -2.39 27.09
CA GLY D 1262 16.87 -1.19 26.67
C GLY D 1262 17.07 -0.23 27.82
N THR D 1263 16.65 1.02 27.64
CA THR D 1263 16.75 2.01 28.70
C THR D 1263 15.58 1.86 29.65
N GLY D 1264 15.33 0.61 30.05
CA GLY D 1264 14.28 0.20 30.94
C GLY D 1264 14.88 -0.36 32.21
N ILE D 1265 15.16 -1.66 32.13
CA ILE D 1265 15.59 -2.51 33.23
C ILE D 1265 16.55 -1.80 34.18
N SER D 1266 16.35 -2.04 35.47
CA SER D 1266 17.13 -1.42 36.54
C SER D 1266 18.60 -1.26 36.18
N ARG D 1267 19.23 -2.32 35.66
CA ARG D 1267 20.68 -2.34 35.44
C ARG D 1267 21.17 -1.06 34.81
N TYR D 1268 20.33 -0.41 34.02
CA TYR D 1268 20.67 0.84 33.34
C TYR D 1268 19.93 2.04 33.89
N ARG D 1269 18.63 1.90 34.16
CA ARG D 1269 17.82 3.03 34.61
C ARG D 1269 18.28 3.49 35.99
N ASN D 1270 18.39 2.57 36.94
CA ASN D 1270 18.79 2.93 38.30
C ASN D 1270 20.27 3.25 38.35
N ILE D 1271 20.62 4.50 38.08
CA ILE D 1271 22.00 4.96 38.05
C ILE D 1271 22.15 6.20 38.90
N GLN D 1272 23.30 6.32 39.55
CA GLN D 1272 23.76 7.59 40.11
C GLN D 1272 24.92 8.09 39.26
N VAL D 1273 25.06 9.41 39.19
CA VAL D 1273 26.09 10.03 38.38
C VAL D 1273 26.74 11.15 39.16
N GLN D 1274 28.05 11.33 38.94
CA GLN D 1274 28.81 12.36 39.62
C GLN D 1274 30.11 12.55 38.86
N PRO D 1275 30.54 13.79 38.62
CA PRO D 1275 31.84 14.00 37.99
C PRO D 1275 32.98 13.53 38.87
N THR D 1276 34.06 13.11 38.23
CA THR D 1276 35.24 12.64 38.95
C THR D 1276 35.64 13.67 40.00
N GLU D 1277 36.26 13.18 41.08
CA GLU D 1277 36.68 14.07 42.15
C GLU D 1277 37.71 15.08 41.69
N GLU D 1278 38.44 14.79 40.62
CA GLU D 1278 39.42 15.71 40.07
C GLU D 1278 38.81 16.72 39.10
N ALA D 1279 37.67 16.40 38.50
CA ALA D 1279 37.04 17.27 37.52
C ALA D 1279 36.23 18.40 38.16
N ARG D 1280 36.17 18.45 39.49
CA ARG D 1280 35.47 19.56 40.15
C ARG D 1280 36.43 20.66 40.55
N ALA D 1281 37.66 20.30 40.92
CA ALA D 1281 38.67 21.31 41.24
C ALA D 1281 38.78 22.37 40.15
N ALA D 1282 38.47 22.00 38.91
CA ALA D 1282 38.50 22.93 37.79
C ALA D 1282 37.11 23.55 37.57
N ALA D 1283 36.61 24.18 38.62
CA ALA D 1283 35.29 24.80 38.59
C ALA D 1283 35.39 26.24 38.10
N ALA E 25 41.83 6.05 11.98
CA ALA E 25 41.70 7.44 11.55
C ALA E 25 40.38 7.66 10.81
N TYR E 26 40.02 8.92 10.62
CA TYR E 26 38.77 9.30 9.97
C TYR E 26 38.78 10.82 9.80
N ASP E 27 37.72 11.33 9.18
CA ASP E 27 37.60 12.75 8.88
C ASP E 27 36.75 13.45 9.93
N THR E 28 36.73 14.77 9.87
CA THR E 28 36.08 15.55 10.91
C THR E 28 34.57 15.27 10.89
N PRO E 29 33.98 14.90 12.02
CA PRO E 29 32.53 14.69 12.05
C PRO E 29 31.76 16.00 11.93
N LEU E 30 30.45 15.87 11.80
CA LEU E 30 29.55 17.00 11.57
C LEU E 30 28.46 17.00 12.64
N GLY E 31 28.54 17.94 13.57
CA GLY E 31 27.50 18.12 14.56
C GLY E 31 27.28 16.92 15.45
N ILE E 32 26.15 16.24 15.27
CA ILE E 32 25.78 15.11 16.13
C ILE E 32 26.94 14.12 16.23
N THR E 33 27.40 13.62 15.08
CA THR E 33 28.39 12.56 15.08
C THR E 33 29.62 12.89 15.93
N ASN E 34 29.82 14.17 16.26
CA ASN E 34 30.83 14.54 17.23
C ASN E 34 30.19 14.65 18.60
N PRO E 35 30.63 13.89 19.61
CA PRO E 35 31.70 12.90 19.59
C PRO E 35 31.23 11.54 19.10
N PRO E 36 32.09 10.82 18.39
CA PRO E 36 31.66 9.55 17.78
C PRO E 36 31.25 8.52 18.82
N ILE E 37 30.29 7.68 18.41
CA ILE E 37 29.65 6.76 19.34
C ILE E 37 30.64 5.72 19.88
N ASP E 38 31.69 5.41 19.11
CA ASP E 38 32.59 4.33 19.51
C ASP E 38 33.40 4.71 20.74
N GLU E 39 34.03 5.90 20.70
CA GLU E 39 34.71 6.41 21.88
C GLU E 39 33.78 6.40 23.08
N LEU E 40 32.56 6.92 22.90
CA LEU E 40 31.60 6.97 24.00
C LEU E 40 31.40 5.59 24.61
N LEU E 41 31.14 4.58 23.78
CA LEU E 41 31.01 3.23 24.31
C LEU E 41 32.26 2.83 25.08
N SER E 42 33.43 3.10 24.51
CA SER E 42 34.67 2.84 25.25
C SER E 42 34.61 3.47 26.64
N ARG E 43 33.89 4.57 26.77
CA ARG E 43 33.71 5.23 28.06
C ARG E 43 32.54 4.68 28.87
N ALA E 44 31.93 3.59 28.42
CA ALA E 44 30.79 3.02 29.12
C ALA E 44 30.77 1.51 28.89
N SER E 45 29.65 0.88 29.25
CA SER E 45 29.47 -0.56 29.12
C SER E 45 28.67 -0.91 27.87
N SER E 46 27.45 -0.38 27.76
CA SER E 46 26.62 -0.58 26.59
C SER E 46 26.13 0.75 26.06
N LYS E 47 25.26 0.72 25.07
CA LYS E 47 24.73 1.97 24.51
C LYS E 47 23.57 2.51 25.31
N TYR E 48 22.78 1.64 25.95
CA TYR E 48 21.70 2.11 26.80
C TYR E 48 22.25 2.79 28.05
N ALA E 49 23.28 2.20 28.66
CA ALA E 49 23.94 2.84 29.79
C ALA E 49 24.47 4.19 29.39
N LEU E 50 24.93 4.34 28.15
CA LEU E 50 25.39 5.64 27.67
C LEU E 50 24.23 6.60 27.53
N VAL E 51 23.11 6.14 26.96
CA VAL E 51 21.91 6.94 26.88
C VAL E 51 21.60 7.56 28.23
N ILE E 52 21.59 6.74 29.29
CA ILE E 52 21.20 7.22 30.60
C ILE E 52 22.30 8.11 31.19
N TYR E 53 23.55 7.68 31.06
CA TYR E 53 24.72 8.41 31.54
C TYR E 53 24.84 9.78 30.92
N ALA E 54 24.18 10.01 29.78
CA ALA E 54 24.09 11.32 29.17
C ALA E 54 22.82 12.07 29.55
N ALA E 55 21.69 11.36 29.63
CA ALA E 55 20.42 12.02 29.92
C ALA E 55 20.38 12.60 31.32
N LYS E 56 20.87 11.84 32.31
CA LYS E 56 20.87 12.36 33.66
C LYS E 56 21.76 13.59 33.78
N ARG E 57 22.94 13.56 33.16
CA ARG E 57 23.78 14.74 33.13
C ARG E 57 23.08 15.91 32.44
N ALA E 58 22.29 15.62 31.43
CA ALA E 58 21.53 16.68 30.76
C ALA E 58 20.52 17.31 31.72
N ARG E 59 19.78 16.47 32.45
CA ARG E 59 18.88 16.99 33.47
C ARG E 59 19.63 17.85 34.47
N GLN E 60 20.80 17.39 34.92
CA GLN E 60 21.60 18.16 35.86
C GLN E 60 21.97 19.51 35.29
N ILE E 61 22.38 19.55 34.03
CA ILE E 61 22.83 20.79 33.42
C ILE E 61 21.67 21.77 33.26
N ASN E 62 20.51 21.26 32.85
CA ASN E 62 19.33 22.12 32.76
C ASN E 62 18.97 22.68 34.13
N ASP E 63 18.97 21.83 35.16
CA ASP E 63 18.68 22.30 36.50
C ASP E 63 19.63 23.41 36.91
N TYR E 64 20.93 23.24 36.63
CA TYR E 64 21.88 24.30 36.91
C TYR E 64 21.48 25.59 36.17
N TYR E 65 21.30 25.49 34.86
CA TYR E 65 21.00 26.67 34.05
C TYR E 65 19.74 27.37 34.55
N ASN E 66 18.85 26.65 35.23
CA ASN E 66 17.64 27.26 35.79
C ASN E 66 17.71 27.45 37.29
N GLN E 67 18.14 26.44 38.05
CA GLN E 67 18.17 26.49 39.51
C GLN E 67 19.34 27.37 39.94
N LEU E 68 19.19 28.67 39.73
CA LEU E 68 20.10 29.67 40.28
C LEU E 68 19.52 30.35 41.51
N GLY E 69 18.27 30.07 41.86
CA GLY E 69 17.65 30.65 43.03
C GLY E 69 17.97 29.90 44.30
N ASP E 70 19.23 29.50 44.45
CA ASP E 70 19.69 28.76 45.62
C ASP E 70 21.21 28.66 45.52
N GLY E 71 21.81 28.21 46.61
CA GLY E 71 23.25 28.03 46.63
C GLY E 71 23.73 27.13 45.50
N ILE E 72 25.02 27.20 45.22
CA ILE E 72 25.64 26.35 44.20
C ILE E 72 26.00 25.05 44.91
N LEU E 73 25.01 24.16 44.99
CA LEU E 73 25.18 22.88 45.67
C LEU E 73 24.12 21.92 45.15
N GLU E 74 24.50 20.65 45.07
CA GLU E 74 23.75 19.56 44.47
C GLU E 74 23.87 19.59 42.94
N TYR E 75 24.49 20.62 42.36
CA TYR E 75 24.62 20.74 40.92
C TYR E 75 25.95 21.39 40.60
N VAL E 76 26.62 20.89 39.58
CA VAL E 76 27.97 21.32 39.25
C VAL E 76 27.99 22.30 38.09
N GLY E 77 27.13 22.08 37.10
CA GLY E 77 27.14 22.87 35.89
C GLY E 77 27.92 22.17 34.80
N PRO E 78 28.09 22.84 33.67
CA PRO E 78 28.91 22.25 32.59
C PRO E 78 30.39 22.28 32.96
N LEU E 79 31.10 21.22 32.58
CA LEU E 79 32.50 21.06 32.91
C LEU E 79 33.41 21.53 31.79
N VAL E 80 32.87 22.20 30.78
CA VAL E 80 33.61 22.65 29.62
C VAL E 80 33.09 24.04 29.24
N GLU E 81 33.63 24.57 28.14
CA GLU E 81 33.23 25.88 27.64
C GLU E 81 32.27 25.72 26.47
N PRO E 82 30.96 25.71 26.71
CA PRO E 82 30.01 25.51 25.61
C PRO E 82 29.87 26.75 24.73
N GLY E 83 29.56 26.51 23.46
CA GLY E 83 29.40 27.63 22.55
C GLY E 83 27.99 28.12 22.35
N LEU E 84 27.58 29.04 23.21
CA LEU E 84 26.53 30.02 23.00
C LEU E 84 25.11 29.47 22.83
N GLN E 85 24.96 28.20 22.46
CA GLN E 85 23.71 27.49 22.73
C GLN E 85 23.99 26.12 23.33
N GLU E 86 24.69 25.30 22.55
CA GLU E 86 25.23 24.01 22.99
C GLU E 86 24.23 23.25 23.85
N LYS E 87 23.13 22.80 23.25
CA LYS E 87 22.10 22.04 23.94
C LYS E 87 22.74 21.05 24.91
N PRO E 88 22.20 20.92 26.13
CA PRO E 88 22.92 20.18 27.18
C PRO E 88 23.43 18.81 26.76
N LEU E 89 22.56 17.94 26.25
CA LEU E 89 22.98 16.59 25.92
C LEU E 89 24.28 16.57 25.14
N SER E 90 24.51 17.56 24.28
CA SER E 90 25.77 17.64 23.56
C SER E 90 26.92 17.94 24.50
N ILE E 91 26.69 18.81 25.49
CA ILE E 91 27.72 19.08 26.50
C ILE E 91 28.02 17.80 27.27
N ALA E 92 26.98 17.05 27.64
CA ALA E 92 27.17 15.80 28.36
C ALA E 92 28.05 14.85 27.57
N LEU E 93 27.76 14.70 26.27
CA LEU E 93 28.56 13.81 25.45
C LEU E 93 29.97 14.33 25.28
N ARG E 94 30.15 15.65 25.18
CA ARG E 94 31.49 16.23 25.14
C ARG E 94 32.27 15.82 26.39
N GLU E 95 31.66 16.01 27.56
CA GLU E 95 32.30 15.63 28.81
C GLU E 95 32.69 14.16 28.80
N ILE E 96 31.72 13.28 28.51
CA ILE E 96 31.98 11.85 28.49
C ILE E 96 33.18 11.53 27.60
N HIS E 97 33.13 11.97 26.34
CA HIS E 97 34.26 11.76 25.45
C HIS E 97 35.53 12.42 25.98
N GLY E 98 35.39 13.33 26.93
CA GLY E 98 36.51 13.93 27.60
C GLY E 98 36.99 13.20 28.84
N ASP E 99 36.30 12.12 29.23
CA ASP E 99 36.70 11.30 30.37
C ASP E 99 36.72 12.11 31.67
N LEU E 100 35.54 12.59 32.04
CA LEU E 100 35.38 13.40 33.25
C LEU E 100 34.39 12.83 34.25
N LEU E 101 33.44 12.01 33.82
CA LEU E 101 32.33 11.61 34.67
C LEU E 101 32.43 10.15 35.07
N GLU E 102 31.66 9.79 36.09
CA GLU E 102 31.60 8.44 36.63
C GLU E 102 30.19 7.90 36.51
N HIS E 103 30.09 6.60 36.27
CA HIS E 103 28.80 5.92 36.15
C HIS E 103 28.80 4.70 37.05
N THR E 104 27.64 4.42 37.66
CA THR E 104 27.46 3.25 38.50
C THR E 104 26.13 2.60 38.12
N GLU E 105 26.20 1.36 37.63
CA GLU E 105 25.02 0.66 37.17
C GLU E 105 24.18 0.19 38.36
N GLY E 106 23.09 -0.50 38.06
CA GLY E 106 22.21 -1.03 39.08
C GLY E 106 22.50 -2.48 39.43
N GLY F 3 12.79 -69.54 -22.33
CA GLY F 3 12.92 -69.56 -23.78
C GLY F 3 14.00 -68.63 -24.30
N ARG F 4 14.82 -69.13 -25.20
CA ARG F 4 15.89 -68.31 -25.78
C ARG F 4 15.32 -67.07 -26.45
N ASP F 5 14.25 -67.25 -27.24
CA ASP F 5 13.60 -66.11 -27.88
C ASP F 5 12.89 -65.26 -26.84
N TYR F 6 12.12 -65.90 -25.96
CA TYR F 6 11.54 -65.20 -24.82
C TYR F 6 12.60 -64.42 -24.07
N GLU F 7 13.77 -65.02 -23.88
CA GLU F 7 14.84 -64.36 -23.13
C GLU F 7 15.36 -63.13 -23.86
N ASP F 8 15.69 -63.30 -25.14
CA ASP F 8 16.20 -62.17 -25.92
C ASP F 8 15.20 -61.04 -25.95
N GLU F 9 13.92 -61.35 -26.18
CA GLU F 9 12.88 -60.32 -26.13
C GLU F 9 12.87 -59.65 -24.77
N LEU F 10 12.57 -60.41 -23.72
CA LEU F 10 12.56 -59.87 -22.36
C LEU F 10 13.71 -58.89 -22.15
N GLN F 11 14.91 -59.27 -22.59
CA GLN F 11 16.06 -58.38 -22.38
C GLN F 11 15.94 -57.11 -23.22
N SER F 12 15.45 -57.23 -24.46
CA SER F 12 15.30 -56.04 -25.30
C SER F 12 14.26 -55.09 -24.73
N GLU F 13 13.11 -55.63 -24.33
CA GLU F 13 12.08 -54.83 -23.68
C GLU F 13 12.59 -54.21 -22.40
N ARG F 14 13.43 -54.92 -21.64
CA ARG F 14 14.02 -54.35 -20.44
C ARG F 14 14.91 -53.16 -20.79
N ASP F 15 15.71 -53.29 -21.85
CA ASP F 15 16.54 -52.17 -22.29
C ASP F 15 15.66 -50.99 -22.71
N TYR F 16 14.56 -51.27 -23.42
CA TYR F 16 13.65 -50.21 -23.84
C TYR F 16 13.07 -49.48 -22.64
N VAL F 17 12.60 -50.22 -21.64
CA VAL F 17 12.02 -49.62 -20.47
C VAL F 17 13.07 -48.86 -19.67
N ALA F 18 14.31 -49.35 -19.65
CA ALA F 18 15.37 -48.64 -18.95
C ALA F 18 15.67 -47.31 -19.64
N GLY F 19 15.65 -47.31 -20.98
CA GLY F 19 15.79 -46.05 -21.70
C GLY F 19 14.66 -45.09 -21.38
N LEU F 20 13.43 -45.59 -21.36
CA LEU F 20 12.30 -44.74 -20.97
C LEU F 20 12.51 -44.16 -19.58
N TYR F 21 13.00 -44.98 -18.65
CA TYR F 21 13.18 -44.51 -17.28
C TYR F 21 14.30 -43.49 -17.18
N ALA F 22 15.35 -43.63 -18.00
CA ALA F 22 16.40 -42.62 -18.01
C ALA F 22 15.88 -41.30 -18.57
N ARG F 23 15.11 -41.37 -19.66
CA ARG F 23 14.42 -40.20 -20.18
C ARG F 23 13.59 -39.53 -19.08
N LEU F 24 12.80 -40.33 -18.37
CA LEU F 24 11.98 -39.82 -17.27
C LEU F 24 12.85 -39.12 -16.23
N ASP F 25 13.95 -39.75 -15.83
CA ASP F 25 14.83 -39.13 -14.83
C ASP F 25 15.39 -37.81 -15.33
N ALA F 26 15.73 -37.74 -16.61
CA ALA F 26 16.25 -36.49 -17.17
C ALA F 26 15.21 -35.39 -17.11
N GLU F 27 13.99 -35.70 -17.55
CA GLU F 27 12.91 -34.72 -17.45
C GLU F 27 12.64 -34.33 -16.01
N ARG F 28 12.84 -35.28 -15.08
CA ARG F 28 12.60 -35.01 -13.68
C ARG F 28 13.60 -33.99 -13.14
N ALA F 29 14.88 -34.20 -13.43
CA ALA F 29 15.88 -33.23 -13.02
C ALA F 29 15.68 -31.89 -13.70
N GLN F 30 15.28 -31.92 -14.97
CA GLN F 30 15.04 -30.67 -15.70
C GLN F 30 13.94 -29.85 -15.04
N SER F 31 12.77 -30.48 -14.85
CA SER F 31 11.66 -29.79 -14.21
C SER F 31 12.02 -29.34 -12.80
N GLN F 32 12.77 -30.17 -12.07
CA GLN F 32 13.15 -29.79 -10.72
C GLN F 32 14.01 -28.53 -10.72
N ARG F 33 15.02 -28.50 -11.58
CA ARG F 33 15.87 -27.31 -11.66
C ARG F 33 15.09 -26.09 -12.09
N ARG F 34 14.20 -26.25 -13.07
CA ARG F 34 13.41 -25.12 -13.54
C ARG F 34 12.51 -24.59 -12.45
N TYR F 35 11.85 -25.48 -11.72
CA TYR F 35 10.98 -25.08 -10.62
C TYR F 35 11.78 -24.40 -9.53
N ALA F 36 12.97 -24.91 -9.24
CA ALA F 36 13.84 -24.28 -8.24
C ALA F 36 14.17 -22.85 -8.64
N ALA F 37 14.69 -22.66 -9.85
CA ALA F 37 15.13 -21.34 -10.26
C ALA F 37 13.98 -20.40 -10.60
N ALA F 38 12.77 -20.92 -10.72
CA ALA F 38 11.59 -20.05 -10.77
C ALA F 38 11.14 -19.68 -9.38
N LEU F 39 11.31 -20.59 -8.42
CA LEU F 39 10.98 -20.30 -7.04
C LEU F 39 11.88 -19.20 -6.50
N ARG F 40 13.18 -19.30 -6.77
CA ARG F 40 14.12 -18.33 -6.22
C ARG F 40 13.87 -16.91 -6.73
N GLU F 41 14.08 -16.68 -8.03
CA GLU F 41 13.96 -15.33 -8.59
C GLU F 41 12.84 -15.21 -9.61
N HIS F 42 12.92 -15.96 -10.72
CA HIS F 42 11.93 -15.95 -11.78
C HIS F 42 11.89 -14.63 -12.54
N GLY F 43 12.60 -13.62 -12.06
CA GLY F 43 12.61 -12.33 -12.75
C GLY F 43 11.31 -11.57 -12.65
N GLY F 44 10.22 -12.19 -13.06
CA GLY F 44 8.93 -11.52 -13.18
C GLY F 44 8.25 -11.25 -11.85
N THR F 45 6.93 -11.13 -11.90
CA THR F 45 6.13 -10.77 -10.73
C THR F 45 5.48 -12.00 -10.12
N ALA F 46 4.82 -11.78 -8.98
CA ALA F 46 4.28 -12.88 -8.17
C ALA F 46 3.47 -13.87 -9.01
N VAL F 47 2.37 -13.39 -9.60
CA VAL F 47 1.36 -14.29 -10.16
C VAL F 47 2.00 -15.31 -11.09
N GLU F 48 2.86 -14.85 -12.01
CA GLU F 48 3.45 -15.77 -12.97
C GLU F 48 4.40 -16.74 -12.28
N ARG F 49 5.09 -16.27 -11.24
CA ARG F 49 6.02 -17.12 -10.50
C ARG F 49 5.27 -18.23 -9.78
N ASP F 50 4.25 -17.87 -9.00
CA ASP F 50 3.42 -18.87 -8.35
C ASP F 50 2.82 -19.84 -9.35
N ALA F 51 2.36 -19.34 -10.49
CA ALA F 51 1.72 -20.20 -11.48
C ALA F 51 2.71 -21.22 -12.03
N GLU F 52 3.85 -20.74 -12.53
CA GLU F 52 4.89 -21.64 -13.02
C GLU F 52 5.28 -22.65 -11.95
N VAL F 53 5.32 -22.23 -10.69
CA VAL F 53 5.70 -23.14 -9.61
C VAL F 53 4.67 -24.26 -9.47
N ARG F 54 3.40 -23.89 -9.32
CA ARG F 54 2.36 -24.89 -9.22
C ARG F 54 2.36 -25.83 -10.42
N ALA F 55 2.66 -25.29 -11.60
CA ALA F 55 2.64 -26.11 -12.81
C ALA F 55 3.76 -27.12 -12.80
N LEU F 56 4.98 -26.69 -12.47
CA LEU F 56 6.10 -27.62 -12.41
C LEU F 56 5.94 -28.60 -11.26
N ALA F 57 5.22 -28.21 -10.21
CA ALA F 57 4.92 -29.17 -9.14
C ALA F 57 3.99 -30.26 -9.64
N LYS F 58 2.87 -29.88 -10.25
CA LYS F 58 2.04 -30.85 -10.94
C LYS F 58 2.86 -31.76 -11.84
N ASP F 59 3.83 -31.16 -12.55
CA ASP F 59 4.65 -31.94 -13.48
C ASP F 59 5.49 -32.96 -12.74
N ILE F 60 6.19 -32.53 -11.68
CA ILE F 60 7.03 -33.45 -10.92
C ILE F 60 6.20 -34.57 -10.34
N ALA F 61 4.98 -34.26 -9.90
CA ALA F 61 4.06 -35.32 -9.48
C ALA F 61 3.79 -36.28 -10.63
N ARG F 62 3.18 -35.78 -11.69
CA ARG F 62 2.84 -36.58 -12.87
C ARG F 62 4.00 -37.48 -13.26
N LEU F 63 5.22 -37.03 -13.00
CA LEU F 63 6.40 -37.84 -13.29
C LEU F 63 6.61 -38.93 -12.24
N ASN F 64 6.74 -38.54 -10.97
CA ASN F 64 7.14 -39.49 -9.94
C ASN F 64 6.07 -40.54 -9.70
N VAL F 65 4.80 -40.15 -9.80
CA VAL F 65 3.69 -41.06 -9.54
C VAL F 65 3.87 -42.38 -10.27
N ALA F 66 4.58 -42.38 -11.40
CA ALA F 66 4.70 -43.55 -12.26
C ALA F 66 6.10 -44.15 -12.22
N ASP F 67 6.91 -43.78 -11.23
CA ASP F 67 8.29 -44.26 -11.16
C ASP F 67 8.42 -45.73 -10.77
N ASN F 68 7.31 -46.48 -10.62
CA ASN F 68 7.40 -47.91 -10.29
C ASN F 68 6.19 -48.59 -10.94
N GLY F 69 6.41 -49.14 -12.14
CA GLY F 69 5.36 -49.80 -12.87
C GLY F 69 4.84 -48.94 -14.01
N LEU F 70 5.75 -48.22 -14.66
CA LEU F 70 5.34 -47.27 -15.69
C LEU F 70 4.63 -47.97 -16.84
N CYS F 71 5.32 -48.86 -17.54
CA CYS F 71 4.74 -49.55 -18.69
C CYS F 71 3.79 -50.64 -18.23
N PHE F 72 2.61 -50.69 -18.85
CA PHE F 72 1.62 -51.72 -18.56
C PHE F 72 1.66 -52.88 -19.54
N GLY F 73 2.00 -52.64 -20.80
CA GLY F 73 2.03 -53.71 -21.77
C GLY F 73 2.16 -53.16 -23.18
N ARG F 74 1.86 -54.03 -24.15
CA ARG F 74 2.00 -53.71 -25.56
C ARG F 74 0.74 -54.12 -26.32
N LEU F 75 0.58 -53.54 -27.51
CA LEU F 75 -0.58 -53.79 -28.37
C LEU F 75 -0.15 -53.93 -29.81
N ASP F 76 0.90 -54.74 -30.06
CA ASP F 76 1.35 -54.96 -31.42
C ASP F 76 0.16 -55.25 -32.33
N THR F 77 -0.05 -54.38 -33.31
CA THR F 77 -1.26 -54.40 -34.11
C THR F 77 -1.10 -55.28 -35.35
N LEU F 78 -2.24 -55.62 -35.94
CA LEU F 78 -2.24 -56.39 -37.18
C LEU F 78 -1.42 -55.70 -38.26
N ASP F 79 -1.49 -54.37 -38.32
CA ASP F 79 -0.89 -53.63 -39.41
C ASP F 79 0.59 -53.39 -39.17
N ASP F 80 1.32 -54.46 -38.89
CA ASP F 80 2.78 -54.42 -38.68
C ASP F 80 3.20 -53.14 -37.96
N ALA F 81 2.65 -52.95 -36.77
CA ALA F 81 2.88 -51.74 -36.02
C ALA F 81 2.65 -52.01 -34.54
N ARG F 82 3.35 -51.23 -33.70
CA ARG F 82 3.27 -51.36 -32.26
C ARG F 82 2.73 -50.08 -31.64
N LEU F 83 2.15 -50.23 -30.45
CA LEU F 83 1.69 -49.08 -29.66
C LEU F 83 1.82 -49.47 -28.18
N TYR F 84 2.97 -49.15 -27.60
CA TYR F 84 3.21 -49.46 -26.20
C TYR F 84 2.23 -48.69 -25.32
N ILE F 85 2.21 -49.05 -24.04
CA ILE F 85 1.26 -48.50 -23.08
C ILE F 85 1.95 -48.31 -21.74
N GLY F 86 1.33 -47.50 -20.90
CA GLY F 86 1.84 -47.24 -19.56
C GLY F 86 0.91 -46.28 -18.85
N ARG F 87 1.34 -45.87 -17.66
CA ARG F 87 0.56 -44.96 -16.83
C ARG F 87 1.03 -43.52 -16.96
N LEU F 88 1.46 -43.12 -18.16
CA LEU F 88 1.94 -41.76 -18.41
C LEU F 88 1.97 -41.56 -19.92
N GLY F 89 2.43 -40.38 -20.34
CA GLY F 89 2.62 -40.09 -21.74
C GLY F 89 4.05 -39.69 -22.04
N ILE F 90 4.66 -40.32 -23.05
CA ILE F 90 6.04 -40.06 -23.43
C ILE F 90 6.13 -40.07 -24.94
N PHE F 91 6.71 -39.03 -25.51
CA PHE F 91 6.83 -38.90 -26.97
C PHE F 91 8.23 -38.41 -27.32
N ASP F 92 8.66 -38.77 -28.53
CA ASP F 92 9.96 -38.35 -29.03
C ASP F 92 9.82 -36.96 -29.63
N ARG F 93 10.24 -35.95 -28.87
CA ARG F 93 10.02 -34.56 -29.30
C ARG F 93 10.66 -34.29 -30.65
N ASP F 94 11.72 -35.05 -30.98
CA ASP F 94 12.40 -34.84 -32.26
C ASP F 94 11.62 -35.52 -33.39
N ASN F 95 11.43 -36.83 -33.29
CA ASN F 95 10.80 -37.61 -34.36
C ASN F 95 9.30 -37.37 -34.35
N ASP F 96 8.92 -36.12 -34.64
CA ASP F 96 7.52 -35.72 -34.78
C ASP F 96 6.61 -36.41 -33.78
N PHE F 97 7.04 -36.47 -32.52
CA PHE F 97 6.20 -36.94 -31.42
C PHE F 97 5.62 -38.32 -31.71
N GLU F 98 6.42 -39.21 -32.27
CA GLU F 98 5.99 -40.59 -32.44
C GLU F 98 5.59 -41.15 -31.08
N PRO F 99 4.46 -41.84 -30.97
CA PRO F 99 4.01 -42.30 -29.65
C PRO F 99 4.81 -43.51 -29.18
N LEU F 100 5.68 -43.29 -28.20
CA LEU F 100 6.40 -44.38 -27.56
C LEU F 100 5.63 -44.99 -26.39
N LEU F 101 4.78 -44.18 -25.74
CA LEU F 101 4.07 -44.65 -24.55
C LEU F 101 2.80 -43.81 -24.41
N LEU F 102 1.67 -44.40 -24.80
CA LEU F 102 0.39 -43.75 -24.57
C LEU F 102 0.07 -43.74 -23.09
N ASP F 103 -0.99 -43.02 -22.74
CA ASP F 103 -1.56 -43.06 -21.40
C ASP F 103 -2.72 -44.04 -21.39
N TRP F 104 -2.90 -44.73 -20.26
CA TRP F 104 -3.95 -45.73 -20.16
C TRP F 104 -5.34 -45.14 -20.39
N ARG F 105 -5.47 -43.81 -20.39
CA ARG F 105 -6.73 -43.14 -20.63
C ARG F 105 -7.01 -42.86 -22.10
N ALA F 106 -5.97 -42.82 -22.92
CA ALA F 106 -6.11 -42.29 -24.27
C ALA F 106 -7.15 -43.08 -25.07
N PRO F 107 -7.75 -42.48 -26.10
CA PRO F 107 -8.63 -43.26 -26.97
C PRO F 107 -7.89 -44.30 -27.80
N MET F 108 -6.66 -44.01 -28.21
CA MET F 108 -5.85 -44.97 -28.94
C MET F 108 -5.38 -46.12 -28.05
N ALA F 109 -5.58 -46.03 -26.74
CA ALA F 109 -5.15 -47.04 -25.79
C ALA F 109 -6.35 -47.71 -25.13
N ARG F 110 -7.51 -47.64 -25.77
CA ARG F 110 -8.68 -48.36 -25.31
C ARG F 110 -8.54 -49.84 -25.62
N PRO F 111 -7.89 -50.23 -26.73
CA PRO F 111 -7.70 -51.66 -26.99
C PRO F 111 -6.58 -52.28 -26.16
N PHE F 112 -6.54 -51.94 -24.88
CA PHE F 112 -5.78 -52.66 -23.87
C PHE F 112 -6.70 -53.41 -22.92
N TYR F 113 -8.02 -53.28 -23.11
CA TYR F 113 -9.01 -53.86 -22.20
C TYR F 113 -10.14 -54.53 -22.96
N VAL F 114 -10.05 -54.64 -24.28
CA VAL F 114 -11.00 -55.37 -25.09
C VAL F 114 -10.36 -56.71 -25.44
N ALA F 115 -10.93 -57.79 -24.91
CA ALA F 115 -10.41 -59.14 -25.12
C ALA F 115 -11.59 -60.04 -25.48
N THR F 116 -11.67 -60.42 -26.74
CA THR F 116 -12.83 -61.11 -27.28
C THR F 116 -12.42 -62.49 -27.79
N ALA F 117 -13.38 -63.19 -28.41
CA ALA F 117 -13.12 -64.45 -29.10
C ALA F 117 -12.86 -64.15 -30.58
N ALA F 118 -11.71 -63.52 -30.83
CA ALA F 118 -11.32 -63.09 -32.16
C ALA F 118 -12.25 -61.98 -32.69
N ASN F 119 -12.37 -60.91 -31.90
CA ASN F 119 -12.98 -59.66 -32.35
C ASN F 119 -12.05 -58.50 -31.99
N PRO F 120 -10.89 -58.42 -32.63
CA PRO F 120 -9.98 -57.29 -32.38
C PRO F 120 -10.19 -56.16 -33.36
N GLU F 121 -9.98 -54.94 -32.85
CA GLU F 121 -10.13 -53.76 -33.68
C GLU F 121 -9.10 -53.79 -34.80
N ASN F 122 -7.82 -53.72 -34.44
CA ASN F 122 -6.72 -53.96 -35.36
C ASN F 122 -5.58 -54.67 -34.65
N MET F 123 -5.82 -55.19 -33.46
CA MET F 123 -4.80 -55.78 -32.61
C MET F 123 -4.68 -57.27 -32.89
N ARG F 124 -3.45 -57.76 -32.97
CA ARG F 124 -3.17 -59.17 -33.15
C ARG F 124 -2.49 -59.79 -31.94
N ARG F 125 -1.40 -59.18 -31.46
CA ARG F 125 -0.69 -59.63 -30.27
C ARG F 125 -0.89 -58.61 -29.14
N ARG F 126 -0.73 -59.10 -27.92
CA ARG F 126 -0.93 -58.28 -26.73
C ARG F 126 -0.12 -58.87 -25.60
N ARG F 127 0.78 -58.07 -25.02
CA ARG F 127 1.67 -58.54 -23.96
C ARG F 127 1.51 -57.65 -22.73
N GLN F 128 0.96 -58.22 -21.66
CA GLN F 128 0.77 -57.54 -20.39
C GLN F 128 1.94 -57.90 -19.47
N PHE F 129 2.89 -56.98 -19.36
CA PHE F 129 4.15 -57.26 -18.67
C PHE F 129 3.95 -57.33 -17.16
N HIS F 130 4.61 -58.30 -16.55
CA HIS F 130 4.62 -58.44 -15.08
C HIS F 130 5.86 -57.79 -14.49
N THR F 131 6.01 -56.50 -14.76
CA THR F 131 7.10 -55.74 -14.16
C THR F 131 6.83 -55.57 -12.67
N LEU F 132 7.90 -55.62 -11.87
CA LEU F 132 7.72 -55.43 -10.42
C LEU F 132 7.63 -53.94 -10.09
N GLY F 133 8.74 -53.23 -10.23
CA GLY F 133 8.70 -51.77 -10.27
C GLY F 133 9.49 -51.18 -11.42
N ARG F 134 10.54 -51.88 -11.84
CA ARG F 134 11.47 -51.31 -12.81
C ARG F 134 12.04 -52.35 -13.78
N LYS F 135 11.61 -53.61 -13.70
CA LYS F 135 12.18 -54.67 -14.51
C LYS F 135 11.08 -55.62 -14.97
N VAL F 136 11.08 -55.93 -16.27
CA VAL F 136 10.04 -56.76 -16.87
C VAL F 136 10.33 -58.22 -16.56
N VAL F 137 9.28 -59.01 -16.35
CA VAL F 137 9.42 -60.41 -15.99
C VAL F 137 8.66 -61.30 -16.96
N ASP F 138 7.34 -61.12 -17.03
CA ASP F 138 6.47 -62.03 -17.77
C ASP F 138 6.22 -61.55 -19.19
N PHE F 139 6.03 -62.50 -20.08
CA PHE F 139 5.33 -62.28 -21.34
C PHE F 139 3.96 -62.94 -21.25
N THR F 140 2.92 -62.17 -21.56
CA THR F 140 1.54 -62.62 -21.35
C THR F 140 0.77 -62.31 -22.64
N ASP F 141 0.74 -63.29 -23.54
CA ASP F 141 0.07 -63.11 -24.82
C ASP F 141 -1.43 -63.32 -24.66
N GLU F 142 -2.22 -62.42 -25.24
CA GLU F 142 -3.66 -62.42 -25.08
C GLU F 142 -4.35 -62.16 -26.41
N ILE F 143 -3.91 -62.87 -27.45
CA ILE F 143 -4.49 -62.71 -28.78
C ILE F 143 -6.00 -62.97 -28.72
N ALA F 452 -19.89 -33.83 20.94
CA ALA F 452 -19.31 -32.70 21.66
C ALA F 452 -19.15 -31.50 20.72
N ASP F 453 -20.22 -30.73 20.57
CA ASP F 453 -20.21 -29.52 19.75
C ASP F 453 -20.11 -28.26 20.60
N GLU F 454 -19.44 -28.35 21.75
CA GLU F 454 -19.28 -27.23 22.66
C GLU F 454 -17.96 -26.50 22.41
N ALA F 455 -16.86 -27.25 22.34
CA ALA F 455 -15.56 -26.63 22.15
C ALA F 455 -15.47 -25.95 20.78
N ALA F 456 -15.80 -26.69 19.72
CA ALA F 456 -15.62 -26.17 18.36
C ALA F 456 -16.15 -24.75 18.21
N GLU F 457 -17.24 -24.42 18.89
CA GLU F 457 -17.78 -23.06 18.79
C GLU F 457 -16.77 -22.04 19.28
N ARG F 458 -16.26 -22.22 20.51
CA ARG F 458 -15.30 -21.28 21.05
C ARG F 458 -14.01 -21.29 20.25
N GLU F 459 -13.60 -22.47 19.76
CA GLU F 459 -12.42 -22.55 18.91
C GLU F 459 -12.55 -21.63 17.70
N ARG F 460 -13.63 -21.84 16.93
CA ARG F 460 -13.81 -21.07 15.71
C ARG F 460 -13.98 -19.60 15.99
N ARG F 461 -14.68 -19.26 17.08
CA ARG F 461 -14.91 -17.84 17.38
C ARG F 461 -13.61 -17.16 17.81
N GLU F 462 -12.77 -17.87 18.57
CA GLU F 462 -11.47 -17.31 18.94
C GLU F 462 -10.59 -17.14 17.71
N GLU F 463 -10.66 -18.08 16.76
CA GLU F 463 -9.86 -17.93 15.55
C GLU F 463 -10.36 -16.74 14.72
N GLU F 464 -11.69 -16.61 14.57
CA GLU F 464 -12.24 -15.44 13.91
C GLU F 464 -11.75 -14.16 14.56
N ALA F 465 -11.74 -14.11 15.88
CA ALA F 465 -11.32 -12.90 16.58
C ALA F 465 -9.82 -12.66 16.38
N TYR F 466 -9.02 -13.72 16.36
CA TYR F 466 -7.60 -13.55 16.14
C TYR F 466 -7.36 -12.94 14.76
N ALA F 467 -8.07 -13.44 13.74
CA ALA F 467 -7.86 -12.93 12.39
C ALA F 467 -8.42 -11.51 12.25
N ALA F 468 -9.51 -11.20 12.95
CA ALA F 468 -10.03 -9.83 12.93
C ALA F 468 -9.02 -8.87 13.55
N GLY F 469 -8.36 -9.31 14.63
CA GLY F 469 -7.29 -8.49 15.18
C GLY F 469 -6.13 -8.34 14.22
N VAL F 470 -5.75 -9.43 13.55
CA VAL F 470 -4.73 -9.35 12.52
C VAL F 470 -5.06 -8.26 11.51
N LEU F 471 -6.31 -8.24 11.04
CA LEU F 471 -6.71 -7.27 10.04
C LEU F 471 -6.71 -5.85 10.62
N ASP F 472 -7.32 -5.67 11.80
CA ASP F 472 -7.29 -4.38 12.46
C ASP F 472 -5.88 -3.91 12.74
N LEU F 473 -4.90 -4.81 12.70
CA LEU F 473 -3.53 -4.46 13.01
C LEU F 473 -2.84 -3.75 11.85
N MET F 474 -3.15 -4.16 10.63
CA MET F 474 -2.58 -3.52 9.44
C MET F 474 -3.07 -2.08 9.32
N VAL F 475 -2.26 -1.26 8.64
CA VAL F 475 -2.65 0.11 8.38
C VAL F 475 -3.91 0.14 7.52
N ASP F 476 -4.62 1.26 7.58
CA ASP F 476 -5.87 1.46 6.84
C ASP F 476 -5.72 2.66 5.91
N ARG F 477 -6.72 2.83 5.04
CA ARG F 477 -6.67 3.89 4.03
C ARG F 477 -6.70 5.28 4.64
N GLU F 478 -7.23 5.42 5.85
CA GLU F 478 -7.18 6.71 6.54
C GLU F 478 -5.81 7.00 7.13
N ASP F 479 -4.84 6.11 6.92
CA ASP F 479 -3.52 6.25 7.53
C ASP F 479 -2.39 5.89 6.56
N LEU F 480 -2.68 5.73 5.27
CA LEU F 480 -1.68 5.23 4.35
C LEU F 480 -0.69 6.33 3.96
N MET F 481 0.50 5.89 3.51
CA MET F 481 1.58 6.76 3.08
C MET F 481 2.12 6.22 1.76
N ASP F 482 1.21 5.91 0.83
CA ASP F 482 1.56 5.26 -0.43
C ASP F 482 1.22 6.20 -1.58
N ASP F 483 1.54 5.74 -2.78
CA ASP F 483 1.33 6.55 -3.98
C ASP F 483 -0.15 6.87 -4.16
N GLU F 484 -0.96 5.83 -4.37
CA GLU F 484 -2.40 5.98 -4.54
C GLU F 484 -3.09 4.84 -3.83
N ASP F 485 -4.32 5.09 -3.38
CA ASP F 485 -5.09 4.08 -2.67
C ASP F 485 -5.16 2.81 -3.50
N HIS F 486 -4.57 1.74 -2.99
CA HIS F 486 -4.57 0.44 -3.63
C HIS F 486 -5.43 -0.53 -2.86
N LEU F 487 -5.46 -1.78 -3.33
CA LEU F 487 -6.25 -2.81 -2.68
C LEU F 487 -5.59 -3.21 -1.36
N LEU F 488 -6.40 -3.65 -0.42
CA LEU F 488 -5.92 -3.93 0.93
C LEU F 488 -6.64 -5.14 1.51
N ALA F 489 -5.95 -5.78 2.46
CA ALA F 489 -6.46 -6.99 3.08
C ALA F 489 -7.92 -6.83 3.52
N GLN F 490 -8.27 -5.64 4.03
CA GLN F 490 -9.56 -5.44 4.65
C GLN F 490 -10.73 -5.48 3.67
N ASP F 491 -10.49 -5.61 2.36
CA ASP F 491 -11.58 -5.62 1.39
C ASP F 491 -11.36 -6.65 0.29
N LEU F 492 -10.68 -7.75 0.59
CA LEU F 492 -10.54 -8.86 -0.36
C LEU F 492 -10.90 -10.17 0.30
N ILE F 493 -10.73 -10.25 1.62
CA ILE F 493 -10.99 -11.47 2.36
C ILE F 493 -11.45 -11.10 3.76
N ASP F 494 -12.26 -11.97 4.36
CA ASP F 494 -12.81 -11.73 5.68
C ASP F 494 -12.05 -12.54 6.73
N ALA F 495 -12.10 -12.05 7.96
CA ALA F 495 -11.45 -12.75 9.07
C ALA F 495 -11.77 -14.24 9.06
N GLU F 496 -13.01 -14.60 8.73
CA GLU F 496 -13.42 -15.99 8.82
C GLU F 496 -12.71 -16.84 7.78
N GLU F 497 -12.51 -16.31 6.57
CA GLU F 497 -11.75 -17.07 5.57
C GLU F 497 -10.26 -17.05 5.89
N LEU F 498 -9.76 -15.93 6.41
CA LEU F 498 -8.38 -15.89 6.90
C LEU F 498 -8.16 -16.85 8.06
N ALA F 499 -9.22 -17.36 8.67
CA ALA F 499 -9.11 -18.42 9.65
C ALA F 499 -9.22 -19.80 9.00
N ASP F 500 -10.22 -19.98 8.14
CA ASP F 500 -10.38 -21.24 7.42
C ASP F 500 -9.08 -21.65 6.74
N ARG F 501 -8.37 -20.68 6.16
CA ARG F 501 -7.18 -20.98 5.36
C ARG F 501 -5.92 -21.09 6.21
N PHE F 502 -6.06 -21.38 7.51
CA PHE F 502 -4.94 -21.75 8.37
C PHE F 502 -5.36 -22.90 9.28
N LYS F 503 -6.04 -23.89 8.70
CA LYS F 503 -6.50 -25.06 9.46
C LYS F 503 -6.60 -26.28 8.57
ZN ZN G . 23.65 -19.00 27.07
ZN ZN H . -25.66 23.89 44.59
MG MG I . 5.15 4.04 -4.42
#